data_4HU8
#
_entry.id   4HU8
#
_cell.length_a   55.685
_cell.length_b   86.963
_cell.length_c   246.433
_cell.angle_alpha   92.96
_cell.angle_beta   90.86
_cell.angle_gamma   108.56
#
_symmetry.space_group_name_H-M   'P 1'
#
loop_
_entity.id
_entity.type
_entity.pdbx_description
1 polymer 'GH10 Xylanase'
2 non-polymer 'SULFATE ION'
3 non-polymer GLYCEROL
4 water water
#
_entity_poly.entity_id   1
_entity_poly.type   'polypeptide(L)'
_entity_poly.pdbx_seq_one_letter_code
;PPNEITLTIGQQKDLASMVPAKFAGQELSWTSSDPETASVTDKGIVTALKFSSGGANLFLKAPATGEAIITVTAGKQSHS
VKVITTVKGKEDIEKLPPLKDHFKDYFLIGNIFNNRDVSGSMMDNDWLAHHYAILTPENHMKPSNLTNNRNETTGEITYT
FSTADRMVNAAIAEGLKIHGHTLLWHQQIPPWQRSMESAAKDAALSVMKKYITEVMTHYKGKIYSWDVLNEIFPDGRGDN
WTTAMRPENPWFKSIGSDFVYEAYLAARQADPNAILYYNDYNMDQAGKAALIAAMVRDVNAKYKQAYPRETRLLIEGIGM
QSHHNMDVPASNIRNTINRYRELGVKISVSELDILCMGWSAFRGSTGQGADKDDMTIATNRNILDQAYKFNEYMKLYLEN
SDIIERVSMWGVSDRYSWRSGGLPLLFDADNKAKPAYYSFVRAREDYEAAKAAKAE
;
_entity_poly.pdbx_strand_id   A,B,C,D,E,F,G,H
#
# COMPACT_ATOMS: atom_id res chain seq x y z
N ASN A 3 -105.01 36.52 -50.62
CA ASN A 3 -105.76 35.41 -51.17
C ASN A 3 -105.13 34.79 -52.42
N GLU A 4 -103.87 35.15 -52.68
CA GLU A 4 -103.16 34.65 -53.83
C GLU A 4 -101.89 33.92 -53.47
N ILE A 5 -101.42 33.13 -54.40
CA ILE A 5 -100.23 32.32 -54.21
C ILE A 5 -99.26 32.46 -55.40
N THR A 6 -97.95 32.33 -55.13
CA THR A 6 -96.96 32.36 -56.20
C THR A 6 -96.21 31.02 -56.27
N LEU A 7 -96.11 30.47 -57.47
CA LEU A 7 -95.53 29.15 -57.66
C LEU A 7 -94.47 29.22 -58.74
N THR A 8 -93.34 28.53 -58.54
CA THR A 8 -92.32 28.44 -59.57
C THR A 8 -92.83 27.51 -60.65
N ILE A 9 -92.52 27.80 -61.91
CA ILE A 9 -92.96 26.96 -63.02
C ILE A 9 -92.37 25.54 -62.90
N GLY A 10 -93.25 24.55 -62.91
CA GLY A 10 -92.90 23.17 -62.58
C GLY A 10 -93.40 22.75 -61.20
N GLN A 11 -93.64 23.73 -60.32
CA GLN A 11 -94.06 23.44 -58.96
C GLN A 11 -95.55 23.07 -58.89
N GLN A 12 -95.87 22.06 -58.08
CA GLN A 12 -97.27 21.75 -57.79
C GLN A 12 -97.61 22.00 -56.33
N LYS A 13 -98.84 22.46 -56.08
CA LYS A 13 -99.27 22.87 -54.74
C LYS A 13 -100.69 22.40 -54.45
N ASP A 14 -100.88 21.81 -53.27
CA ASP A 14 -102.20 21.36 -52.85
C ASP A 14 -102.98 22.54 -52.29
N LEU A 15 -104.10 22.82 -52.94
CA LEU A 15 -104.88 24.00 -52.61
C LEU A 15 -105.94 23.69 -51.58
N ALA A 16 -105.96 22.45 -51.09
CA ALA A 16 -107.00 21.99 -50.18
C ALA A 16 -107.07 22.82 -48.90
N SER A 17 -105.94 23.37 -48.50
CA SER A 17 -105.84 24.12 -47.25
C SER A 17 -106.48 25.50 -47.36
N MET A 18 -106.62 25.99 -48.59
CA MET A 18 -107.24 27.29 -48.84
C MET A 18 -108.74 27.16 -49.17
N VAL A 19 -109.27 25.94 -49.08
CA VAL A 19 -110.71 25.73 -49.22
C VAL A 19 -111.42 26.38 -48.04
N PRO A 20 -112.47 27.17 -48.31
CA PRO A 20 -113.26 27.80 -47.24
C PRO A 20 -113.83 26.77 -46.28
N ALA A 21 -113.94 27.17 -45.02
CA ALA A 21 -114.38 26.29 -43.95
C ALA A 21 -115.79 25.72 -44.18
N LYS A 22 -116.65 26.51 -44.81
CA LYS A 22 -118.05 26.13 -45.01
C LYS A 22 -118.25 25.22 -46.22
N PHE A 23 -117.16 24.88 -46.91
CA PHE A 23 -117.23 23.96 -48.03
C PHE A 23 -116.96 22.54 -47.56
N ALA A 24 -116.75 22.39 -46.26
CA ALA A 24 -116.36 21.10 -45.70
C ALA A 24 -117.43 20.03 -45.91
N GLY A 25 -117.00 18.79 -46.17
CA GLY A 25 -117.90 17.66 -46.31
C GLY A 25 -118.60 17.56 -47.65
N GLN A 26 -118.59 18.64 -48.42
CA GLN A 26 -119.20 18.74 -49.75
C GLN A 26 -118.39 18.10 -50.91
N GLU A 27 -118.94 18.17 -52.12
CA GLU A 27 -118.28 17.69 -53.32
C GLU A 27 -117.58 18.82 -54.07
N LEU A 28 -116.25 18.78 -54.10
CA LEU A 28 -115.51 19.90 -54.67
C LEU A 28 -115.27 19.77 -56.19
N SER A 29 -115.42 20.87 -56.94
CA SER A 29 -115.08 20.83 -58.37
C SER A 29 -114.06 21.93 -58.68
N TRP A 30 -113.02 21.59 -59.43
CA TRP A 30 -111.90 22.51 -59.61
C TRP A 30 -111.66 22.91 -61.07
N THR A 31 -111.57 24.20 -61.32
CA THR A 31 -111.24 24.70 -62.65
C THR A 31 -110.21 25.82 -62.61
N SER A 32 -109.50 25.97 -63.73
CA SER A 32 -108.57 27.07 -63.91
C SER A 32 -109.07 27.99 -65.02
N SER A 33 -108.85 29.29 -64.86
CA SER A 33 -109.23 30.24 -65.88
C SER A 33 -108.32 30.13 -67.09
N ASP A 34 -107.10 29.64 -66.88
CA ASP A 34 -106.11 29.50 -67.95
C ASP A 34 -105.34 28.21 -67.68
N PRO A 35 -105.90 27.06 -68.10
CA PRO A 35 -105.34 25.73 -67.82
C PRO A 35 -103.97 25.52 -68.46
N GLU A 36 -103.64 26.29 -69.50
CA GLU A 36 -102.32 26.18 -70.14
C GLU A 36 -101.27 26.88 -69.29
N THR A 37 -101.68 27.90 -68.55
CA THR A 37 -100.80 28.58 -67.61
C THR A 37 -100.62 27.88 -66.27
N ALA A 38 -101.74 27.51 -65.65
CA ALA A 38 -101.73 26.65 -64.45
C ALA A 38 -102.89 25.68 -64.52
N SER A 39 -102.59 24.38 -64.46
CA SER A 39 -103.59 23.31 -64.51
C SER A 39 -103.96 22.88 -63.10
N VAL A 40 -105.21 22.47 -62.89
CA VAL A 40 -105.62 21.97 -61.57
C VAL A 40 -106.34 20.62 -61.66
N THR A 41 -105.95 19.70 -60.82
CA THR A 41 -106.61 18.40 -60.73
C THR A 41 -107.99 18.48 -60.07
N ASP A 42 -108.79 17.45 -60.29
CA ASP A 42 -110.09 17.31 -59.64
C ASP A 42 -109.95 17.12 -58.14
N LYS A 43 -108.74 16.85 -57.67
CA LYS A 43 -108.47 16.77 -56.24
C LYS A 43 -107.87 18.07 -55.71
N GLY A 44 -107.74 19.07 -56.57
CA GLY A 44 -107.29 20.40 -56.17
C GLY A 44 -105.78 20.66 -56.10
N ILE A 45 -105.01 19.87 -56.83
CA ILE A 45 -103.57 20.09 -56.90
C ILE A 45 -103.32 20.96 -58.12
N VAL A 46 -102.71 22.13 -57.91
CA VAL A 46 -102.41 23.01 -59.03
C VAL A 46 -100.94 22.88 -59.43
N THR A 47 -100.67 22.87 -60.74
CA THR A 47 -99.31 22.89 -61.24
C THR A 47 -99.06 24.16 -62.05
N ALA A 48 -98.01 24.88 -61.70
CA ALA A 48 -97.61 26.02 -62.49
C ALA A 48 -96.88 25.54 -63.75
N LEU A 49 -97.37 25.97 -64.91
CA LEU A 49 -96.92 25.49 -66.22
C LEU A 49 -96.10 26.49 -67.03
N LYS A 50 -96.66 27.67 -67.29
CA LYS A 50 -95.98 28.61 -68.17
C LYS A 50 -96.17 30.08 -67.77
N PHE A 51 -95.36 30.98 -68.35
CA PHE A 51 -95.62 32.39 -68.11
C PHE A 51 -96.32 33.05 -69.31
N SER A 52 -96.77 34.29 -69.12
CA SER A 52 -97.60 34.99 -70.10
C SER A 52 -96.83 35.71 -71.20
N SER A 53 -95.79 36.42 -70.79
CA SER A 53 -95.29 37.53 -71.60
C SER A 53 -93.83 37.46 -72.02
N GLY A 54 -92.93 37.72 -71.07
CA GLY A 54 -91.55 38.02 -71.39
C GLY A 54 -90.75 36.76 -71.67
N GLY A 55 -89.45 36.81 -71.45
CA GLY A 55 -88.66 35.63 -71.80
C GLY A 55 -87.76 35.82 -72.97
N ALA A 56 -87.99 36.88 -73.75
CA ALA A 56 -86.91 37.48 -74.52
C ALA A 56 -86.20 38.39 -73.51
N ASN A 57 -86.92 38.69 -72.43
CA ASN A 57 -86.42 39.61 -71.40
C ASN A 57 -85.38 38.95 -70.50
N LEU A 58 -84.40 39.72 -70.05
CA LEU A 58 -83.36 39.18 -69.17
C LEU A 58 -83.98 38.79 -67.84
N PHE A 59 -83.75 37.53 -67.46
CA PHE A 59 -84.23 37.00 -66.20
C PHE A 59 -83.90 37.93 -65.04
N LEU A 60 -82.68 38.45 -65.02
CA LEU A 60 -82.22 39.32 -63.93
C LEU A 60 -82.97 40.67 -63.88
N LYS A 61 -83.40 41.17 -65.02
CA LYS A 61 -84.15 42.44 -65.08
C LYS A 61 -85.63 42.31 -64.73
N ALA A 62 -86.28 41.36 -65.40
CA ALA A 62 -87.73 41.18 -65.28
C ALA A 62 -88.10 39.72 -65.40
N PRO A 63 -88.08 38.99 -64.29
CA PRO A 63 -88.48 37.57 -64.31
C PRO A 63 -89.85 37.44 -64.94
N ALA A 64 -90.05 36.55 -65.90
CA ALA A 64 -91.37 36.44 -66.54
C ALA A 64 -92.42 35.80 -65.63
N THR A 65 -93.67 36.24 -65.76
CA THR A 65 -94.77 35.69 -64.98
C THR A 65 -96.00 35.37 -65.81
N GLY A 66 -96.94 34.66 -65.17
CA GLY A 66 -98.24 34.40 -65.74
C GLY A 66 -99.18 34.26 -64.57
N GLU A 67 -100.48 34.30 -64.85
CA GLU A 67 -101.43 34.06 -63.79
C GLU A 67 -102.69 33.43 -64.31
N ALA A 68 -103.29 32.63 -63.45
CA ALA A 68 -104.56 31.99 -63.71
C ALA A 68 -105.36 32.16 -62.45
N ILE A 69 -106.66 32.34 -62.59
CA ILE A 69 -107.52 32.30 -61.43
C ILE A 69 -108.00 30.88 -61.33
N ILE A 70 -107.76 30.26 -60.19
CA ILE A 70 -108.31 28.93 -60.03
C ILE A 70 -109.49 28.92 -59.04
N THR A 71 -110.52 28.17 -59.39
CA THR A 71 -111.78 28.28 -58.67
C THR A 71 -112.25 26.93 -58.14
N VAL A 72 -112.59 26.89 -56.85
CA VAL A 72 -113.23 25.73 -56.30
C VAL A 72 -114.73 25.99 -56.09
N THR A 73 -115.54 25.06 -56.57
CA THR A 73 -116.99 25.17 -56.49
C THR A 73 -117.59 24.03 -55.69
N ALA A 74 -118.50 24.36 -54.78
CA ALA A 74 -119.32 23.35 -54.11
C ALA A 74 -120.76 23.86 -54.00
N GLY A 75 -121.72 23.15 -54.59
CA GLY A 75 -123.08 23.65 -54.62
C GLY A 75 -123.20 24.85 -55.55
N LYS A 76 -123.86 25.91 -55.09
CA LYS A 76 -123.97 27.15 -55.87
C LYS A 76 -122.93 28.18 -55.44
N GLN A 77 -122.12 27.84 -54.45
CA GLN A 77 -121.07 28.75 -53.99
C GLN A 77 -119.70 28.38 -54.56
N SER A 78 -118.87 29.37 -54.81
CA SER A 78 -117.51 29.12 -55.23
C SER A 78 -116.52 29.98 -54.46
N HIS A 79 -115.24 29.73 -54.65
CA HIS A 79 -114.17 30.56 -54.10
C HIS A 79 -112.98 30.60 -55.07
N SER A 80 -112.37 31.76 -55.23
CA SER A 80 -111.32 31.95 -56.24
C SER A 80 -109.99 32.33 -55.61
N VAL A 81 -108.91 31.70 -56.10
CA VAL A 81 -107.55 32.04 -55.69
C VAL A 81 -106.74 32.40 -56.94
N LYS A 82 -106.03 33.54 -56.88
CA LYS A 82 -105.17 33.96 -57.98
C LYS A 82 -103.79 33.31 -57.86
N VAL A 83 -103.43 32.50 -58.85
CA VAL A 83 -102.13 31.83 -58.85
C VAL A 83 -101.18 32.54 -59.81
N ILE A 84 -100.05 33.01 -59.27
CA ILE A 84 -99.01 33.67 -60.06
C ILE A 84 -97.88 32.68 -60.38
N THR A 85 -97.63 32.47 -61.66
CA THR A 85 -96.58 31.55 -62.05
C THR A 85 -95.32 32.34 -62.34
N THR A 86 -94.15 31.80 -62.01
CA THR A 86 -92.94 32.58 -62.16
C THR A 86 -91.72 31.72 -62.42
N VAL A 87 -90.78 32.30 -63.17
CA VAL A 87 -89.49 31.68 -63.44
C VAL A 87 -88.65 31.66 -62.18
N LYS A 88 -88.96 32.57 -61.25
CA LYS A 88 -88.12 32.74 -60.06
C LYS A 88 -88.38 31.63 -59.05
N GLY A 89 -87.33 31.21 -58.35
CA GLY A 89 -87.46 30.16 -57.36
C GLY A 89 -88.20 30.58 -56.10
N LYS A 90 -89.00 29.66 -55.58
CA LYS A 90 -89.83 29.86 -54.37
C LYS A 90 -89.42 28.98 -53.20
N GLU A 91 -89.33 27.66 -53.45
CA GLU A 91 -89.10 26.64 -52.42
C GLU A 91 -87.65 26.40 -52.03
N ASP A 92 -87.39 26.44 -50.72
CA ASP A 92 -86.05 26.23 -50.19
C ASP A 92 -85.61 24.78 -50.33
N ILE A 93 -84.34 24.59 -50.66
CA ILE A 93 -83.80 23.26 -50.93
C ILE A 93 -84.12 22.26 -49.81
N GLU A 94 -84.10 22.74 -48.57
CA GLU A 94 -84.26 21.90 -47.41
C GLU A 94 -85.74 21.52 -47.24
N LYS A 95 -86.61 22.27 -47.88
CA LYS A 95 -88.05 22.04 -47.80
C LYS A 95 -88.56 21.07 -48.87
N LEU A 96 -87.64 20.47 -49.61
CA LEU A 96 -88.02 19.55 -50.68
C LEU A 96 -87.64 18.12 -50.28
N PRO A 97 -88.38 17.12 -50.81
CA PRO A 97 -88.07 15.73 -50.48
C PRO A 97 -86.76 15.31 -51.13
N PRO A 98 -86.06 14.35 -50.52
CA PRO A 98 -84.71 14.00 -50.99
C PRO A 98 -84.65 13.64 -52.48
N LEU A 99 -83.76 14.26 -53.24
CA LEU A 99 -83.56 13.86 -54.64
C LEU A 99 -83.14 12.39 -54.75
N LYS A 100 -82.23 11.96 -53.89
CA LYS A 100 -81.78 10.57 -53.93
C LYS A 100 -82.91 9.55 -53.77
N ASP A 101 -83.85 9.82 -52.85
CA ASP A 101 -85.00 8.91 -52.67
C ASP A 101 -85.83 8.70 -53.93
N HIS A 102 -86.05 9.78 -54.68
CA HIS A 102 -86.89 9.72 -55.87
C HIS A 102 -86.28 8.79 -56.89
N PHE A 103 -84.95 8.87 -57.02
CA PHE A 103 -84.22 8.09 -58.01
C PHE A 103 -83.50 6.83 -57.51
N LYS A 104 -83.68 6.49 -56.24
CA LYS A 104 -82.95 5.37 -55.63
C LYS A 104 -83.07 4.03 -56.37
N ASP A 105 -84.14 3.83 -57.14
CA ASP A 105 -84.29 2.55 -57.85
C ASP A 105 -83.58 2.58 -59.19
N TYR A 106 -82.96 3.72 -59.52
CA TYR A 106 -82.34 3.95 -60.84
C TYR A 106 -80.82 4.11 -60.79
N PHE A 107 -80.34 4.92 -59.86
CA PHE A 107 -78.93 5.25 -59.77
C PHE A 107 -78.68 6.16 -58.58
N LEU A 108 -77.44 6.25 -58.15
CA LEU A 108 -77.08 7.16 -57.07
C LEU A 108 -77.22 8.59 -57.57
N ILE A 109 -77.84 9.42 -56.73
CA ILE A 109 -77.88 10.86 -56.98
C ILE A 109 -76.76 11.53 -56.20
N GLY A 110 -75.79 12.07 -56.95
CA GLY A 110 -74.66 12.75 -56.38
C GLY A 110 -74.59 14.26 -56.55
N ASN A 111 -73.64 14.83 -55.83
CA ASN A 111 -73.27 16.23 -55.99
C ASN A 111 -71.86 16.41 -55.51
N ILE A 112 -71.42 17.66 -55.36
CA ILE A 112 -70.05 17.89 -54.91
C ILE A 112 -70.04 18.62 -53.57
N PHE A 113 -68.93 18.54 -52.87
CA PHE A 113 -68.74 19.38 -51.68
C PHE A 113 -67.33 19.91 -51.47
N ASN A 114 -67.17 20.75 -50.46
CA ASN A 114 -65.94 21.50 -50.25
C ASN A 114 -65.60 21.58 -48.77
N ASN A 115 -64.37 22.01 -48.48
CA ASN A 115 -63.92 22.18 -47.10
C ASN A 115 -64.96 22.99 -46.33
N ARG A 116 -65.43 24.06 -46.99
CA ARG A 116 -66.44 24.95 -46.44
C ARG A 116 -67.64 24.19 -45.85
N ASP A 117 -67.96 23.04 -46.42
CA ASP A 117 -69.20 22.33 -46.07
C ASP A 117 -69.10 21.49 -44.79
N VAL A 118 -67.94 21.48 -44.18
CA VAL A 118 -67.69 20.63 -43.03
C VAL A 118 -67.18 21.48 -41.89
N SER A 119 -67.68 21.23 -40.68
CA SER A 119 -67.17 21.92 -39.52
C SER A 119 -66.50 20.89 -38.63
N GLY A 120 -65.18 20.99 -38.52
CA GLY A 120 -64.44 19.94 -37.86
C GLY A 120 -64.52 18.67 -38.68
N SER A 121 -65.03 17.63 -38.06
CA SER A 121 -65.25 16.38 -38.76
C SER A 121 -66.70 16.14 -39.21
N MET A 122 -67.58 17.13 -39.05
CA MET A 122 -69.01 16.95 -39.35
C MET A 122 -69.53 17.88 -40.45
N MET A 123 -70.56 17.41 -41.16
CA MET A 123 -71.18 18.21 -42.21
C MET A 123 -71.88 19.45 -41.65
N ASP A 124 -71.55 20.62 -42.21
CA ASP A 124 -71.99 21.91 -41.70
C ASP A 124 -73.25 22.46 -42.37
N ASN A 125 -73.88 21.65 -43.19
CA ASN A 125 -75.20 22.00 -43.69
C ASN A 125 -75.96 20.73 -43.93
N ASP A 126 -77.28 20.80 -43.83
CA ASP A 126 -78.02 19.57 -43.92
C ASP A 126 -78.46 19.19 -45.32
N TRP A 127 -78.44 20.13 -46.27
CA TRP A 127 -78.97 19.80 -47.60
C TRP A 127 -78.14 18.77 -48.35
N LEU A 128 -76.84 18.67 -48.06
CA LEU A 128 -76.03 17.73 -48.83
C LEU A 128 -76.42 16.29 -48.54
N ALA A 129 -76.47 15.93 -47.26
CA ALA A 129 -76.89 14.57 -46.89
C ALA A 129 -78.39 14.38 -47.12
N HIS A 130 -79.14 15.46 -47.05
CA HIS A 130 -80.58 15.33 -47.25
C HIS A 130 -80.89 14.83 -48.65
N HIS A 131 -80.31 15.51 -49.63
CA HIS A 131 -80.56 15.24 -51.05
C HIS A 131 -79.69 14.21 -51.77
N TYR A 132 -78.43 14.05 -51.36
CA TYR A 132 -77.51 13.27 -52.19
C TYR A 132 -76.91 12.06 -51.49
N ALA A 133 -76.78 10.97 -52.25
CA ALA A 133 -76.20 9.72 -51.76
C ALA A 133 -74.69 9.62 -51.88
N ILE A 134 -74.10 10.39 -52.81
CA ILE A 134 -72.64 10.30 -52.96
C ILE A 134 -72.13 11.70 -53.21
N LEU A 135 -70.96 12.03 -52.66
CA LEU A 135 -70.34 13.34 -52.87
C LEU A 135 -68.94 13.25 -53.51
N THR A 136 -68.67 14.08 -54.52
CA THR A 136 -67.33 14.23 -55.08
C THR A 136 -66.74 15.49 -54.49
N PRO A 137 -65.50 15.41 -53.95
CA PRO A 137 -64.90 16.67 -53.49
C PRO A 137 -64.55 17.54 -54.70
N GLU A 138 -65.00 18.78 -54.69
CA GLU A 138 -64.85 19.65 -55.86
C GLU A 138 -63.40 19.95 -56.15
N ASN A 139 -62.64 20.08 -55.07
CA ASN A 139 -61.27 20.59 -55.08
C ASN A 139 -60.25 19.76 -54.32
N HIS A 140 -60.61 19.43 -53.09
CA HIS A 140 -59.61 18.99 -52.12
C HIS A 140 -58.97 17.59 -52.34
N MET A 141 -59.45 16.83 -53.30
CA MET A 141 -58.69 15.66 -53.73
C MET A 141 -57.87 15.81 -55.03
N LYS A 142 -57.82 17.01 -55.61
CA LYS A 142 -56.96 17.23 -56.76
C LYS A 142 -55.51 17.11 -56.31
N PRO A 143 -54.60 16.74 -57.24
CA PRO A 143 -53.23 16.41 -56.84
C PRO A 143 -52.56 17.50 -56.03
N SER A 144 -52.69 18.75 -56.49
CA SER A 144 -52.05 19.88 -55.81
C SER A 144 -52.55 20.04 -54.37
N ASN A 145 -53.75 19.57 -54.09
CA ASN A 145 -54.28 19.69 -52.75
C ASN A 145 -53.91 18.48 -51.89
N LEU A 146 -53.44 17.41 -52.53
CA LEU A 146 -53.05 16.21 -51.78
C LEU A 146 -51.53 16.01 -51.51
N THR A 147 -50.70 16.71 -52.26
CA THR A 147 -49.26 16.64 -52.09
C THR A 147 -48.61 17.96 -52.47
N ASN A 148 -47.59 18.35 -51.73
CA ASN A 148 -46.92 19.61 -52.00
C ASN A 148 -45.42 19.51 -52.26
N ASN A 149 -44.89 18.30 -52.23
CA ASN A 149 -43.46 18.10 -52.38
C ASN A 149 -43.14 16.65 -52.65
N ARG A 150 -41.97 16.42 -53.23
CA ARG A 150 -41.37 15.09 -53.26
C ARG A 150 -39.90 15.21 -52.80
N ASN A 151 -39.43 14.28 -51.98
CA ASN A 151 -38.05 14.34 -51.49
C ASN A 151 -37.14 13.79 -52.57
N GLU A 152 -36.25 14.65 -53.08
CA GLU A 152 -35.39 14.28 -54.22
C GLU A 152 -34.38 13.19 -53.89
N THR A 153 -33.91 13.17 -52.64
CA THR A 153 -32.91 12.18 -52.26
C THR A 153 -33.49 10.79 -51.98
N THR A 154 -34.53 10.73 -51.14
CA THR A 154 -35.17 9.44 -50.84
C THR A 154 -36.29 9.03 -51.80
N GLY A 155 -36.90 9.98 -52.47
CA GLY A 155 -38.09 9.68 -53.25
C GLY A 155 -39.38 9.90 -52.46
N GLU A 156 -39.28 10.18 -51.16
CA GLU A 156 -40.48 10.27 -50.32
C GLU A 156 -41.39 11.39 -50.76
N ILE A 157 -42.65 11.07 -50.99
CA ILE A 157 -43.66 12.06 -51.38
C ILE A 157 -44.31 12.66 -50.13
N THR A 158 -44.50 13.97 -50.10
CA THR A 158 -45.09 14.62 -48.94
C THR A 158 -46.58 14.88 -49.16
N TYR A 159 -47.43 14.30 -48.32
CA TYR A 159 -48.86 14.38 -48.54
C TYR A 159 -49.53 15.38 -47.61
N THR A 160 -50.56 16.07 -48.12
CA THR A 160 -51.42 16.79 -47.21
C THR A 160 -52.81 16.17 -47.29
N PHE A 161 -53.08 15.26 -46.36
CA PHE A 161 -54.34 14.52 -46.38
C PHE A 161 -55.42 15.10 -45.48
N SER A 162 -55.05 16.00 -44.57
CA SER A 162 -55.94 16.26 -43.45
C SER A 162 -57.24 16.95 -43.85
N THR A 163 -57.19 17.89 -44.78
CA THR A 163 -58.44 18.56 -45.18
C THR A 163 -59.36 17.55 -45.85
N ALA A 164 -58.86 16.81 -46.82
CA ALA A 164 -59.66 15.75 -47.45
C ALA A 164 -60.14 14.66 -46.47
N ASP A 165 -59.30 14.28 -45.48
CA ASP A 165 -59.71 13.26 -44.52
C ASP A 165 -60.95 13.70 -43.74
N ARG A 166 -60.94 14.96 -43.31
CA ARG A 166 -62.05 15.53 -42.55
C ARG A 166 -63.32 15.49 -43.38
N MET A 167 -63.20 15.83 -44.67
CA MET A 167 -64.30 15.81 -45.62
C MET A 167 -64.86 14.40 -45.82
N VAL A 168 -63.98 13.44 -46.06
CA VAL A 168 -64.38 12.05 -46.25
C VAL A 168 -65.09 11.50 -45.01
N ASN A 169 -64.49 11.74 -43.85
CA ASN A 169 -65.02 11.20 -42.61
C ASN A 169 -66.36 11.82 -42.24
N ALA A 170 -66.50 13.12 -42.51
CA ALA A 170 -67.79 13.80 -42.33
C ALA A 170 -68.89 13.19 -43.18
N ALA A 171 -68.62 12.99 -44.47
CA ALA A 171 -69.64 12.44 -45.37
C ALA A 171 -70.04 11.03 -44.92
N ILE A 172 -69.03 10.22 -44.63
CA ILE A 172 -69.26 8.84 -44.19
C ILE A 172 -70.11 8.76 -42.94
N ALA A 173 -69.88 9.67 -42.00
CA ALA A 173 -70.64 9.68 -40.76
C ALA A 173 -72.13 9.84 -41.05
N GLU A 174 -72.46 10.56 -42.11
CA GLU A 174 -73.86 10.77 -42.50
C GLU A 174 -74.41 9.72 -43.45
N GLY A 175 -73.62 8.68 -43.72
CA GLY A 175 -74.08 7.54 -44.50
C GLY A 175 -73.90 7.76 -45.99
N LEU A 176 -73.10 8.76 -46.33
CA LEU A 176 -72.90 9.14 -47.73
C LEU A 176 -71.68 8.44 -48.29
N LYS A 177 -71.74 8.10 -49.57
CA LYS A 177 -70.55 7.57 -50.23
C LYS A 177 -69.70 8.71 -50.72
N ILE A 178 -68.52 8.34 -51.25
CA ILE A 178 -67.58 9.30 -51.82
C ILE A 178 -67.04 8.85 -53.18
N HIS A 179 -67.08 9.77 -54.12
CA HIS A 179 -66.37 9.62 -55.40
C HIS A 179 -65.04 10.37 -55.32
N GLY A 180 -63.92 9.64 -55.31
CA GLY A 180 -62.60 10.27 -55.30
C GLY A 180 -62.24 10.93 -56.62
N HIS A 181 -61.68 12.15 -56.60
CA HIS A 181 -61.37 12.91 -57.83
C HIS A 181 -60.12 13.85 -57.67
N THR A 182 -59.01 13.73 -58.40
CA THR A 182 -58.61 12.67 -59.31
C THR A 182 -57.12 12.47 -59.07
N LEU A 183 -56.58 11.31 -59.45
CA LEU A 183 -55.17 11.02 -59.23
C LEU A 183 -54.19 11.60 -60.27
N LEU A 184 -54.55 11.49 -61.55
CA LEU A 184 -53.64 11.87 -62.64
C LEU A 184 -54.29 12.88 -63.58
N TRP A 185 -53.63 14.04 -63.71
CA TRP A 185 -54.19 15.18 -64.42
C TRP A 185 -53.05 16.02 -64.98
N HIS A 186 -53.38 16.86 -65.95
CA HIS A 186 -52.40 17.78 -66.57
C HIS A 186 -52.48 19.18 -66.01
N GLN A 187 -53.39 19.40 -65.07
CA GLN A 187 -53.50 20.71 -64.45
C GLN A 187 -53.76 20.55 -62.97
N GLN A 188 -53.51 21.61 -62.23
CA GLN A 188 -53.74 21.61 -60.80
C GLN A 188 -52.94 20.49 -60.13
N ILE A 189 -51.70 20.31 -60.60
CA ILE A 189 -50.78 19.34 -60.03
C ILE A 189 -49.57 20.05 -59.38
N PRO A 190 -48.93 19.39 -58.41
CA PRO A 190 -47.80 20.05 -57.74
C PRO A 190 -46.58 20.10 -58.66
N PRO A 191 -45.71 21.13 -58.49
CA PRO A 191 -44.52 21.32 -59.31
C PRO A 191 -43.68 20.06 -59.41
N TRP A 192 -43.67 19.25 -58.35
CA TRP A 192 -42.95 17.98 -58.41
C TRP A 192 -43.56 17.02 -59.41
N GLN A 193 -44.87 17.13 -59.64
CA GLN A 193 -45.51 16.27 -60.63
C GLN A 193 -45.30 16.81 -62.06
N ARG A 194 -45.36 18.12 -62.21
CA ARG A 194 -45.08 18.77 -63.49
C ARG A 194 -43.67 18.42 -63.98
N SER A 195 -42.70 18.42 -63.06
CA SER A 195 -41.32 18.09 -63.39
C SER A 195 -41.17 16.64 -63.83
N MET A 196 -42.15 15.81 -63.49
CA MET A 196 -42.13 14.42 -63.93
C MET A 196 -42.21 14.34 -65.45
N GLU A 197 -42.58 15.44 -66.10
CA GLU A 197 -42.71 15.50 -67.57
C GLU A 197 -41.33 15.35 -68.21
N SER A 198 -40.28 15.66 -67.43
CA SER A 198 -38.91 15.59 -67.89
C SER A 198 -38.18 14.29 -67.51
N ALA A 199 -38.90 13.35 -66.91
CA ALA A 199 -38.25 12.16 -66.34
C ALA A 199 -38.13 10.97 -67.29
N ALA A 200 -37.43 9.93 -66.83
CA ALA A 200 -37.28 8.67 -67.59
C ALA A 200 -38.48 7.78 -67.37
N LYS A 201 -38.82 7.00 -68.39
CA LYS A 201 -39.99 6.12 -68.36
C LYS A 201 -40.02 5.20 -67.14
N ASP A 202 -38.91 4.52 -66.87
CA ASP A 202 -38.87 3.56 -65.76
C ASP A 202 -38.96 4.24 -64.39
N ALA A 203 -38.31 5.39 -64.24
CA ALA A 203 -38.40 6.15 -62.99
C ALA A 203 -39.83 6.66 -62.78
N ALA A 204 -40.35 7.39 -63.76
CA ALA A 204 -41.72 7.91 -63.73
C ALA A 204 -42.77 6.85 -63.41
N LEU A 205 -42.68 5.69 -64.04
CA LEU A 205 -43.58 4.61 -63.75
C LEU A 205 -43.64 4.22 -62.28
N SER A 206 -42.48 4.20 -61.64
CA SER A 206 -42.43 3.82 -60.23
C SER A 206 -42.98 4.94 -59.36
N VAL A 207 -42.69 6.19 -59.72
CA VAL A 207 -43.20 7.33 -58.97
C VAL A 207 -44.72 7.41 -59.08
N MET A 208 -45.23 7.39 -60.32
CA MET A 208 -46.67 7.32 -60.58
C MET A 208 -47.39 6.19 -59.85
N LYS A 209 -46.86 4.97 -59.94
CA LYS A 209 -47.45 3.84 -59.22
C LYS A 209 -47.44 4.09 -57.72
N LYS A 210 -46.39 4.76 -57.24
CA LYS A 210 -46.25 5.00 -55.81
C LYS A 210 -47.31 5.99 -55.34
N TYR A 211 -47.43 7.09 -56.08
CA TYR A 211 -48.42 8.14 -55.75
C TYR A 211 -49.82 7.57 -55.65
N ILE A 212 -50.18 6.75 -56.64
CA ILE A 212 -51.50 6.16 -56.73
C ILE A 212 -51.73 5.25 -55.54
N THR A 213 -50.79 4.33 -55.35
CA THR A 213 -50.86 3.38 -54.25
C THR A 213 -51.02 4.10 -52.91
N GLU A 214 -50.16 5.08 -52.66
CA GLU A 214 -50.18 5.71 -51.35
C GLU A 214 -51.47 6.48 -51.05
N VAL A 215 -51.93 7.25 -52.03
CA VAL A 215 -53.19 7.99 -51.88
C VAL A 215 -54.33 7.03 -51.59
N MET A 216 -54.46 5.97 -52.40
CA MET A 216 -55.61 5.08 -52.30
C MET A 216 -55.54 4.24 -51.05
N THR A 217 -54.32 3.93 -50.63
CA THR A 217 -54.14 3.23 -49.37
C THR A 217 -54.60 4.07 -48.19
N HIS A 218 -54.29 5.36 -48.22
CA HIS A 218 -54.74 6.26 -47.14
C HIS A 218 -56.26 6.23 -47.00
N TYR A 219 -56.95 6.21 -48.13
CA TYR A 219 -58.42 6.20 -48.20
C TYR A 219 -59.05 4.81 -48.38
N LYS A 220 -58.25 3.77 -48.23
CA LYS A 220 -58.71 2.40 -48.52
C LYS A 220 -60.03 1.96 -47.86
N GLY A 221 -60.95 1.50 -48.70
CA GLY A 221 -62.24 1.03 -48.26
C GLY A 221 -63.27 2.13 -48.08
N LYS A 222 -62.83 3.39 -48.02
CA LYS A 222 -63.74 4.51 -47.80
C LYS A 222 -64.31 5.14 -49.07
N ILE A 223 -63.74 4.79 -50.23
CA ILE A 223 -64.10 5.46 -51.47
C ILE A 223 -64.87 4.54 -52.43
N TYR A 224 -66.11 4.91 -52.75
CA TYR A 224 -66.96 4.06 -53.57
C TYR A 224 -66.37 3.87 -54.97
N SER A 225 -65.90 4.97 -55.54
CA SER A 225 -65.28 4.99 -56.86
C SER A 225 -64.21 6.09 -56.95
N TRP A 226 -63.19 5.86 -57.79
CA TRP A 226 -62.11 6.81 -58.02
C TRP A 226 -62.04 7.17 -59.50
N ASP A 227 -61.82 8.45 -59.83
CA ASP A 227 -61.38 8.78 -61.19
C ASP A 227 -59.86 8.71 -61.11
N VAL A 228 -59.29 7.69 -61.72
CA VAL A 228 -57.87 7.44 -61.62
C VAL A 228 -57.16 8.41 -62.51
N LEU A 229 -57.78 8.67 -63.65
CA LEU A 229 -57.20 9.47 -64.73
C LEU A 229 -58.27 10.42 -65.28
N ASN A 230 -57.95 11.72 -65.41
CA ASN A 230 -58.92 12.74 -65.84
C ASN A 230 -58.53 13.45 -67.14
N GLU A 231 -59.50 13.63 -68.05
CA GLU A 231 -59.37 14.50 -69.22
C GLU A 231 -58.07 14.36 -70.03
N ILE A 232 -57.86 13.19 -70.60
CA ILE A 232 -56.58 12.93 -71.21
C ILE A 232 -56.50 13.24 -72.70
N PHE A 233 -57.66 13.45 -73.32
CA PHE A 233 -57.73 13.81 -74.74
C PHE A 233 -58.10 15.26 -74.92
N PRO A 234 -57.29 16.02 -75.69
CA PRO A 234 -57.50 17.45 -75.96
C PRO A 234 -58.74 17.72 -76.80
N ASP A 235 -59.17 16.73 -77.56
CA ASP A 235 -60.22 16.91 -78.52
C ASP A 235 -60.49 15.58 -79.10
N GLY A 236 -61.25 15.55 -80.17
CA GLY A 236 -61.53 14.31 -80.86
C GLY A 236 -60.91 14.24 -82.23
N ARG A 237 -59.93 15.08 -82.49
CA ARG A 237 -59.31 15.06 -83.81
C ARG A 237 -58.50 13.82 -84.04
N GLY A 238 -57.76 13.39 -83.05
CA GLY A 238 -56.80 12.31 -83.24
C GLY A 238 -57.43 11.06 -83.81
N ASP A 239 -56.66 10.35 -84.64
CA ASP A 239 -57.04 9.02 -85.13
C ASP A 239 -56.68 7.89 -84.18
N ASN A 240 -55.71 8.12 -83.30
CA ASN A 240 -55.06 7.02 -82.57
C ASN A 240 -54.79 7.35 -81.10
N TRP A 241 -55.46 6.67 -80.18
CA TRP A 241 -55.47 7.15 -78.81
C TRP A 241 -54.07 7.20 -78.19
N THR A 242 -53.26 6.19 -78.46
CA THR A 242 -51.88 6.22 -78.01
C THR A 242 -51.13 7.48 -78.41
N THR A 243 -51.49 8.12 -79.51
CA THR A 243 -50.77 9.31 -79.90
C THR A 243 -51.54 10.58 -79.69
N ALA A 244 -52.78 10.43 -79.26
CA ALA A 244 -53.71 11.55 -79.24
C ALA A 244 -53.71 12.27 -77.90
N MET A 245 -53.09 11.67 -76.89
CA MET A 245 -53.21 12.16 -75.51
C MET A 245 -52.48 13.45 -75.21
N ARG A 246 -52.87 14.11 -74.12
CA ARG A 246 -52.34 15.46 -73.84
C ARG A 246 -50.86 15.38 -73.47
N PRO A 247 -50.01 16.09 -74.21
CA PRO A 247 -48.58 16.09 -73.90
C PRO A 247 -48.33 16.86 -72.60
N GLU A 248 -49.21 17.81 -72.28
CA GLU A 248 -49.12 18.57 -71.05
C GLU A 248 -49.44 17.73 -69.79
N ASN A 249 -49.91 16.50 -70.00
CA ASN A 249 -49.98 15.53 -68.91
C ASN A 249 -48.61 14.91 -68.71
N PRO A 250 -48.01 15.14 -67.52
CA PRO A 250 -46.63 14.76 -67.24
C PRO A 250 -46.41 13.26 -67.21
N TRP A 251 -47.47 12.48 -66.96
CA TRP A 251 -47.36 11.04 -66.99
C TRP A 251 -47.32 10.54 -68.42
N PHE A 252 -48.08 11.18 -69.30
CA PHE A 252 -48.09 10.83 -70.72
C PHE A 252 -46.74 11.13 -71.36
N LYS A 253 -46.21 12.32 -71.11
CA LYS A 253 -44.98 12.77 -71.77
C LYS A 253 -43.79 11.91 -71.38
N SER A 254 -43.76 11.48 -70.14
CA SER A 254 -42.61 10.76 -69.64
C SER A 254 -42.69 9.25 -69.90
N ILE A 255 -43.84 8.64 -69.66
CA ILE A 255 -43.98 7.19 -69.81
C ILE A 255 -44.51 6.77 -71.19
N GLY A 256 -45.06 7.72 -71.93
CA GLY A 256 -45.81 7.39 -73.13
C GLY A 256 -47.17 6.78 -72.82
N SER A 257 -47.74 6.03 -73.77
CA SER A 257 -49.13 5.61 -73.67
C SER A 257 -49.34 4.44 -72.72
N ASP A 258 -48.27 3.81 -72.26
CA ASP A 258 -48.38 2.66 -71.37
C ASP A 258 -48.88 3.02 -69.99
N PHE A 259 -48.67 4.26 -69.60
CA PHE A 259 -48.98 4.69 -68.24
C PHE A 259 -50.44 4.46 -67.85
N VAL A 260 -51.35 4.56 -68.81
CA VAL A 260 -52.77 4.35 -68.53
C VAL A 260 -53.00 2.97 -67.91
N TYR A 261 -52.60 1.92 -68.62
CA TYR A 261 -52.79 0.56 -68.11
C TYR A 261 -52.11 0.35 -66.76
N GLU A 262 -50.91 0.91 -66.62
CA GLU A 262 -50.17 0.73 -65.36
C GLU A 262 -50.82 1.47 -64.18
N ALA A 263 -51.39 2.64 -64.45
CA ALA A 263 -52.07 3.43 -63.43
C ALA A 263 -53.24 2.66 -62.84
N TYR A 264 -54.17 2.26 -63.70
CA TYR A 264 -55.33 1.52 -63.23
C TYR A 264 -54.91 0.22 -62.53
N LEU A 265 -53.87 -0.43 -63.03
CA LEU A 265 -53.43 -1.65 -62.37
C LEU A 265 -52.87 -1.38 -60.97
N ALA A 266 -52.10 -0.31 -60.81
CA ALA A 266 -51.64 0.04 -59.47
C ALA A 266 -52.84 0.29 -58.54
N ALA A 267 -53.84 0.98 -59.07
CA ALA A 267 -54.99 1.37 -58.28
C ALA A 267 -55.78 0.15 -57.80
N ARG A 268 -56.04 -0.78 -58.72
CA ARG A 268 -56.75 -2.02 -58.38
C ARG A 268 -56.04 -2.80 -57.28
N GLN A 269 -54.72 -2.78 -57.32
CA GLN A 269 -53.95 -3.52 -56.33
C GLN A 269 -53.97 -2.82 -54.98
N ALA A 270 -54.08 -1.49 -55.03
CA ALA A 270 -54.13 -0.67 -53.83
C ALA A 270 -55.47 -0.73 -53.10
N ASP A 271 -56.56 -0.50 -53.83
CA ASP A 271 -57.90 -0.58 -53.26
C ASP A 271 -58.87 -1.30 -54.19
N PRO A 272 -59.02 -2.63 -54.03
CA PRO A 272 -59.91 -3.41 -54.89
C PRO A 272 -61.37 -3.09 -54.65
N ASN A 273 -61.67 -2.54 -53.48
CA ASN A 273 -63.03 -2.15 -53.17
C ASN A 273 -63.55 -1.03 -54.08
N ALA A 274 -62.62 -0.25 -54.63
CA ALA A 274 -62.98 0.92 -55.40
C ALA A 274 -63.25 0.62 -56.86
N ILE A 275 -64.39 1.11 -57.36
CA ILE A 275 -64.63 1.03 -58.80
C ILE A 275 -63.77 2.04 -59.51
N LEU A 276 -63.00 1.57 -60.49
CA LEU A 276 -62.07 2.45 -61.20
C LEU A 276 -62.73 3.13 -62.41
N TYR A 277 -62.58 4.45 -62.49
CA TYR A 277 -63.24 5.25 -63.51
C TYR A 277 -62.25 6.00 -64.38
N TYR A 278 -62.60 6.22 -65.65
CA TYR A 278 -61.97 7.25 -66.45
C TYR A 278 -63.00 8.36 -66.64
N ASN A 279 -62.56 9.61 -66.56
CA ASN A 279 -63.45 10.79 -66.50
C ASN A 279 -63.08 11.88 -67.51
N ASP A 280 -64.03 12.32 -68.34
CA ASP A 280 -63.73 13.30 -69.37
C ASP A 280 -64.96 14.13 -69.77
N TYR A 281 -64.75 15.30 -70.36
CA TYR A 281 -65.86 16.10 -70.88
C TYR A 281 -65.94 16.03 -72.42
N ASN A 282 -66.99 16.62 -72.98
CA ASN A 282 -67.25 16.57 -74.43
C ASN A 282 -67.29 15.14 -74.99
N MET A 283 -67.77 14.20 -74.19
CA MET A 283 -67.99 12.84 -74.68
C MET A 283 -69.23 12.77 -75.57
N ASP A 284 -69.98 13.85 -75.64
CA ASP A 284 -71.12 13.95 -76.56
C ASP A 284 -70.57 14.17 -77.97
N GLN A 285 -69.27 14.46 -78.06
CA GLN A 285 -68.62 14.61 -79.36
C GLN A 285 -68.09 13.25 -79.77
N ALA A 286 -68.72 12.67 -80.80
CA ALA A 286 -68.47 11.29 -81.20
C ALA A 286 -67.00 11.00 -81.49
N GLY A 287 -66.27 11.99 -81.99
CA GLY A 287 -64.84 11.84 -82.21
C GLY A 287 -64.12 11.56 -80.90
N LYS A 288 -64.30 12.44 -79.93
CA LYS A 288 -63.65 12.28 -78.64
C LYS A 288 -64.09 10.96 -77.99
N ALA A 289 -65.36 10.63 -78.17
CA ALA A 289 -65.90 9.42 -77.57
C ALA A 289 -65.28 8.18 -78.22
N ALA A 290 -64.93 8.29 -79.50
CA ALA A 290 -64.30 7.20 -80.22
C ALA A 290 -62.94 6.93 -79.62
N LEU A 291 -62.18 8.01 -79.43
CA LEU A 291 -60.88 7.95 -78.83
C LEU A 291 -60.91 7.28 -77.46
N ILE A 292 -61.89 7.67 -76.64
CA ILE A 292 -62.05 7.14 -75.28
C ILE A 292 -62.42 5.65 -75.26
N ALA A 293 -63.34 5.25 -76.13
CA ALA A 293 -63.79 3.87 -76.20
C ALA A 293 -62.66 2.95 -76.64
N ALA A 294 -61.79 3.49 -77.48
CA ALA A 294 -60.64 2.78 -78.03
C ALA A 294 -59.59 2.55 -76.95
N MET A 295 -59.28 3.61 -76.19
CA MET A 295 -58.34 3.50 -75.09
C MET A 295 -58.84 2.47 -74.09
N VAL A 296 -60.09 2.65 -73.66
CA VAL A 296 -60.71 1.74 -72.72
C VAL A 296 -60.78 0.30 -73.23
N ARG A 297 -60.92 0.13 -74.54
CA ARG A 297 -61.00 -1.22 -75.10
C ARG A 297 -59.62 -1.88 -75.00
N ASP A 298 -58.60 -1.17 -75.48
CA ASP A 298 -57.23 -1.66 -75.53
C ASP A 298 -56.58 -1.90 -74.17
N VAL A 299 -56.87 -1.03 -73.20
CA VAL A 299 -56.32 -1.20 -71.86
C VAL A 299 -56.97 -2.41 -71.19
N ASN A 300 -58.25 -2.56 -71.43
CA ASN A 300 -58.97 -3.66 -70.83
C ASN A 300 -58.69 -4.98 -71.52
N ALA A 301 -58.24 -4.89 -72.77
CA ALA A 301 -57.84 -6.09 -73.49
C ALA A 301 -56.49 -6.50 -72.94
N LYS A 302 -55.62 -5.51 -72.77
CA LYS A 302 -54.29 -5.72 -72.20
C LYS A 302 -54.39 -6.35 -70.82
N TYR A 303 -55.30 -5.82 -70.01
CA TYR A 303 -55.55 -6.33 -68.66
C TYR A 303 -56.01 -7.76 -68.73
N LYS A 304 -56.78 -8.09 -69.75
CA LYS A 304 -57.28 -9.44 -69.92
C LYS A 304 -56.13 -10.38 -70.30
N GLN A 305 -55.28 -9.93 -71.21
CA GLN A 305 -54.12 -10.69 -71.65
C GLN A 305 -53.17 -10.94 -70.48
N ALA A 306 -53.08 -9.95 -69.59
CA ALA A 306 -52.18 -10.05 -68.44
C ALA A 306 -52.71 -10.90 -67.30
N TYR A 307 -54.00 -10.79 -67.00
CA TYR A 307 -54.59 -11.45 -65.85
C TYR A 307 -55.83 -12.22 -66.25
N PRO A 308 -55.65 -13.27 -67.07
CA PRO A 308 -56.74 -13.96 -67.78
C PRO A 308 -57.82 -14.55 -66.87
N ARG A 309 -57.50 -14.87 -65.61
CA ARG A 309 -58.50 -15.43 -64.71
C ARG A 309 -59.38 -14.36 -64.07
N GLU A 310 -58.97 -13.10 -64.21
CA GLU A 310 -59.66 -12.02 -63.53
C GLU A 310 -61.07 -11.74 -64.07
N THR A 311 -62.03 -11.66 -63.15
CA THR A 311 -63.40 -11.31 -63.50
C THR A 311 -63.46 -9.87 -63.95
N ARG A 312 -63.00 -8.98 -63.08
CA ARG A 312 -63.30 -7.57 -63.25
C ARG A 312 -62.59 -6.91 -64.40
N LEU A 313 -63.23 -5.86 -64.89
CA LEU A 313 -62.63 -4.94 -65.80
C LEU A 313 -61.55 -4.15 -65.05
N LEU A 314 -60.62 -3.57 -65.78
CA LEU A 314 -59.58 -2.73 -65.21
C LEU A 314 -60.12 -1.32 -65.09
N ILE A 315 -60.49 -0.73 -66.23
CA ILE A 315 -61.21 0.52 -66.17
C ILE A 315 -62.65 0.11 -66.11
N GLU A 316 -63.22 0.27 -64.94
CA GLU A 316 -64.56 -0.23 -64.70
C GLU A 316 -65.67 0.73 -65.13
N GLY A 317 -65.36 2.02 -65.21
CA GLY A 317 -66.43 2.95 -65.51
C GLY A 317 -65.96 4.11 -66.33
N ILE A 318 -66.91 4.74 -67.03
CA ILE A 318 -66.61 5.93 -67.79
C ILE A 318 -67.50 7.05 -67.26
N GLY A 319 -66.93 8.00 -66.53
CA GLY A 319 -67.68 9.17 -66.12
C GLY A 319 -67.81 10.16 -67.26
N MET A 320 -69.03 10.47 -67.65
CA MET A 320 -69.27 11.52 -68.64
C MET A 320 -69.53 12.77 -67.84
N GLN A 321 -68.58 13.70 -67.89
CA GLN A 321 -68.66 14.91 -67.08
C GLN A 321 -69.96 15.63 -67.32
N SER A 322 -70.40 15.66 -68.57
CA SER A 322 -71.70 16.19 -68.92
C SER A 322 -71.81 17.66 -68.58
N HIS A 323 -70.81 18.44 -69.01
CA HIS A 323 -70.92 19.87 -68.87
C HIS A 323 -71.54 20.33 -70.15
N HIS A 324 -72.84 20.53 -70.10
CA HIS A 324 -73.57 20.73 -71.32
C HIS A 324 -74.07 22.13 -71.40
N ASN A 325 -74.79 22.40 -72.49
CA ASN A 325 -75.26 23.72 -72.77
C ASN A 325 -76.37 23.63 -73.81
N MET A 326 -76.93 24.77 -74.20
CA MET A 326 -78.11 24.77 -75.08
C MET A 326 -77.91 24.08 -76.41
N ASP A 327 -76.65 23.93 -76.83
CA ASP A 327 -76.33 23.40 -78.15
C ASP A 327 -76.08 21.89 -78.15
N VAL A 328 -76.31 21.23 -77.02
CA VAL A 328 -76.05 19.79 -76.94
C VAL A 328 -77.31 18.94 -77.04
N PRO A 329 -77.44 18.17 -78.13
CA PRO A 329 -78.60 17.28 -78.35
C PRO A 329 -78.55 15.98 -77.53
N ALA A 330 -79.72 15.52 -77.08
CA ALA A 330 -79.75 14.27 -76.34
C ALA A 330 -79.32 13.13 -77.24
N SER A 331 -79.49 13.30 -78.55
CA SER A 331 -79.19 12.22 -79.48
C SER A 331 -77.70 11.91 -79.51
N ASN A 332 -76.87 12.95 -79.46
CA ASN A 332 -75.42 12.78 -79.40
C ASN A 332 -74.98 12.06 -78.13
N ILE A 333 -75.53 12.46 -76.99
CA ILE A 333 -75.31 11.75 -75.74
C ILE A 333 -75.73 10.28 -75.87
N ARG A 334 -76.93 10.05 -76.41
CA ARG A 334 -77.42 8.68 -76.57
C ARG A 334 -76.52 7.82 -77.46
N ASN A 335 -76.01 8.39 -78.54
CA ASN A 335 -75.06 7.69 -79.39
C ASN A 335 -73.83 7.27 -78.59
N THR A 336 -73.25 8.22 -77.84
CA THR A 336 -72.06 7.92 -77.03
C THR A 336 -72.36 6.81 -76.04
N ILE A 337 -73.51 6.86 -75.38
CA ILE A 337 -73.88 5.82 -74.43
C ILE A 337 -73.95 4.47 -75.16
N ASN A 338 -74.45 4.46 -76.40
CA ASN A 338 -74.53 3.21 -77.14
C ASN A 338 -73.12 2.73 -77.42
N ARG A 339 -72.22 3.66 -77.68
CA ARG A 339 -70.83 3.33 -77.92
C ARG A 339 -70.17 2.70 -76.69
N TYR A 340 -70.45 3.24 -75.50
CA TYR A 340 -69.83 2.74 -74.28
C TYR A 340 -70.53 1.48 -73.80
N ARG A 341 -71.78 1.29 -74.21
CA ARG A 341 -72.51 0.07 -73.84
C ARG A 341 -71.81 -1.17 -74.40
N GLU A 342 -71.15 -1.01 -75.55
CA GLU A 342 -70.40 -2.09 -76.18
C GLU A 342 -69.16 -2.50 -75.38
N LEU A 343 -68.73 -1.62 -74.47
CA LEU A 343 -67.54 -1.86 -73.66
C LEU A 343 -67.80 -2.74 -72.42
N GLY A 344 -69.06 -2.82 -72.00
CA GLY A 344 -69.40 -3.55 -70.80
C GLY A 344 -69.18 -2.75 -69.52
N VAL A 345 -68.77 -1.49 -69.67
CA VAL A 345 -68.47 -0.62 -68.53
C VAL A 345 -69.71 -0.14 -67.78
N LYS A 346 -69.50 0.32 -66.55
CA LYS A 346 -70.50 1.13 -65.88
C LYS A 346 -70.41 2.55 -66.40
N ILE A 347 -71.47 3.29 -66.27
CA ILE A 347 -71.45 4.67 -66.70
C ILE A 347 -71.88 5.57 -65.55
N SER A 348 -71.33 6.77 -65.52
CA SER A 348 -71.76 7.81 -64.62
C SER A 348 -71.95 9.10 -65.38
N VAL A 349 -72.99 9.83 -65.05
CA VAL A 349 -73.00 11.24 -65.32
C VAL A 349 -72.36 11.90 -64.14
N SER A 350 -71.12 12.36 -64.32
CA SER A 350 -70.23 12.64 -63.21
C SER A 350 -70.25 14.10 -62.78
N GLU A 351 -70.47 15.00 -63.73
CA GLU A 351 -70.35 16.43 -63.44
C GLU A 351 -71.47 17.30 -64.03
N LEU A 352 -72.65 16.72 -64.17
CA LEU A 352 -73.72 17.34 -64.95
C LEU A 352 -74.04 18.76 -64.51
N ASP A 353 -73.99 19.67 -65.48
CA ASP A 353 -74.62 20.96 -65.38
C ASP A 353 -74.99 21.40 -66.81
N ILE A 354 -75.87 22.38 -66.94
CA ILE A 354 -76.31 22.83 -68.26
C ILE A 354 -76.37 24.34 -68.31
N LEU A 355 -75.51 24.96 -69.12
CA LEU A 355 -75.55 26.41 -69.29
C LEU A 355 -76.85 26.79 -69.96
N CYS A 356 -77.42 27.92 -69.55
CA CYS A 356 -78.70 28.40 -70.04
C CYS A 356 -78.56 29.04 -71.41
N MET A 357 -77.40 28.87 -72.03
CA MET A 357 -77.12 29.48 -73.32
C MET A 357 -76.10 28.62 -74.05
N GLY A 358 -75.67 29.08 -75.22
CA GLY A 358 -74.62 28.38 -75.94
C GLY A 358 -73.28 28.72 -75.31
N TRP A 359 -72.29 27.88 -75.57
CA TRP A 359 -70.96 28.08 -75.01
C TRP A 359 -70.39 29.48 -75.29
N SER A 360 -70.45 29.93 -76.54
CA SER A 360 -69.91 31.24 -76.92
C SER A 360 -70.56 32.40 -76.17
N ALA A 361 -71.87 32.35 -76.02
CA ALA A 361 -72.59 33.40 -75.28
C ALA A 361 -72.13 33.45 -73.82
N PHE A 362 -71.94 32.29 -73.22
CA PHE A 362 -71.40 32.21 -71.86
C PHE A 362 -70.01 32.84 -71.84
N ARG A 363 -69.14 32.38 -72.75
CA ARG A 363 -67.76 32.86 -72.82
C ARG A 363 -67.72 34.35 -73.15
N GLY A 364 -68.67 34.79 -73.95
CA GLY A 364 -68.72 36.18 -74.36
C GLY A 364 -69.26 37.10 -73.29
N SER A 365 -69.99 36.56 -72.31
CA SER A 365 -70.62 37.45 -71.34
C SER A 365 -69.88 37.47 -70.00
N THR A 366 -70.11 36.44 -69.19
CA THR A 366 -69.44 36.32 -67.90
C THR A 366 -68.08 35.64 -67.98
N GLY A 367 -67.98 34.61 -68.79
CA GLY A 367 -66.89 33.66 -68.69
C GLY A 367 -67.03 32.85 -67.42
N GLN A 368 -66.02 32.04 -67.14
CA GLN A 368 -66.03 31.15 -65.97
C GLN A 368 -65.80 31.75 -64.58
N GLY A 369 -66.14 30.95 -63.57
CA GLY A 369 -65.93 31.30 -62.19
C GLY A 369 -67.21 31.54 -61.44
N ALA A 370 -67.11 31.53 -60.12
CA ALA A 370 -68.29 31.55 -59.28
C ALA A 370 -68.68 32.97 -58.95
N ASP A 371 -69.83 33.12 -58.28
CA ASP A 371 -70.36 34.42 -57.89
C ASP A 371 -70.64 35.34 -59.10
N LYS A 372 -70.74 34.76 -60.29
CA LYS A 372 -71.06 35.54 -61.50
C LYS A 372 -72.53 35.43 -61.95
N ASP A 373 -73.39 34.78 -61.16
CA ASP A 373 -74.79 34.56 -61.55
C ASP A 373 -75.56 35.88 -61.70
N ASP A 374 -75.14 36.88 -60.95
CA ASP A 374 -75.82 38.16 -60.96
C ASP A 374 -75.38 39.05 -62.13
N MET A 375 -74.50 38.50 -62.97
CA MET A 375 -74.14 39.06 -64.29
C MET A 375 -74.71 38.30 -65.51
N THR A 376 -75.53 37.26 -65.27
CA THR A 376 -75.98 36.41 -66.38
C THR A 376 -76.84 37.17 -67.40
N ILE A 377 -76.64 36.85 -68.68
CA ILE A 377 -77.48 37.40 -69.74
C ILE A 377 -78.61 36.44 -70.08
N ALA A 378 -78.78 35.38 -69.29
CA ALA A 378 -79.83 34.43 -69.57
C ALA A 378 -81.20 35.15 -69.59
N THR A 379 -82.07 34.70 -70.50
CA THR A 379 -83.42 35.24 -70.62
C THR A 379 -84.37 34.31 -69.90
N ASN A 380 -85.64 34.69 -69.81
CA ASN A 380 -86.60 33.81 -69.13
C ASN A 380 -86.85 32.53 -69.91
N ARG A 381 -86.94 32.66 -71.23
CA ARG A 381 -87.08 31.49 -72.10
C ARG A 381 -85.90 30.54 -71.91
N ASN A 382 -84.69 31.08 -71.75
CA ASN A 382 -83.50 30.26 -71.54
C ASN A 382 -83.70 29.32 -70.36
N ILE A 383 -84.31 29.84 -69.30
CA ILE A 383 -84.43 29.07 -68.05
C ILE A 383 -85.45 27.95 -68.17
N LEU A 384 -86.54 28.20 -68.87
CA LEU A 384 -87.46 27.10 -69.19
C LEU A 384 -86.83 26.12 -70.20
N ASP A 385 -86.10 26.65 -71.19
CA ASP A 385 -85.33 25.78 -72.11
C ASP A 385 -84.33 24.87 -71.36
N GLN A 386 -83.62 25.43 -70.40
CA GLN A 386 -82.75 24.63 -69.54
C GLN A 386 -83.50 23.50 -68.83
N ALA A 387 -84.65 23.84 -68.26
CA ALA A 387 -85.45 22.85 -67.52
C ALA A 387 -85.93 21.71 -68.42
N TYR A 388 -86.38 22.05 -69.63
CA TYR A 388 -86.73 21.01 -70.60
C TYR A 388 -85.53 20.12 -70.85
N LYS A 389 -84.34 20.72 -71.03
CA LYS A 389 -83.16 19.90 -71.32
C LYS A 389 -82.80 18.93 -70.18
N PHE A 390 -82.87 19.40 -68.93
CA PHE A 390 -82.64 18.49 -67.79
C PHE A 390 -83.61 17.33 -67.85
N ASN A 391 -84.88 17.59 -68.16
CA ASN A 391 -85.87 16.54 -68.27
C ASN A 391 -85.52 15.57 -69.42
N GLU A 392 -85.20 16.11 -70.58
CA GLU A 392 -84.86 15.25 -71.72
C GLU A 392 -83.62 14.37 -71.47
N TYR A 393 -82.55 14.97 -70.92
CA TYR A 393 -81.36 14.19 -70.58
C TYR A 393 -81.68 13.12 -69.54
N MET A 394 -82.40 13.51 -68.49
CA MET A 394 -82.65 12.56 -67.40
C MET A 394 -83.46 11.34 -67.89
N LYS A 395 -84.38 11.57 -68.82
CA LYS A 395 -85.21 10.46 -69.31
C LYS A 395 -84.31 9.49 -70.06
N LEU A 396 -83.34 10.05 -70.76
CA LEU A 396 -82.34 9.27 -71.49
C LEU A 396 -81.47 8.47 -70.53
N TYR A 397 -81.14 9.06 -69.38
CA TYR A 397 -80.31 8.37 -68.40
C TYR A 397 -81.16 7.28 -67.74
N LEU A 398 -82.44 7.57 -67.54
CA LEU A 398 -83.36 6.61 -66.95
C LEU A 398 -83.51 5.41 -67.88
N GLU A 399 -83.53 5.70 -69.18
CA GLU A 399 -83.67 4.68 -70.21
C GLU A 399 -82.44 3.78 -70.24
N ASN A 400 -81.30 4.36 -69.83
CA ASN A 400 -80.02 3.66 -69.72
C ASN A 400 -79.59 3.27 -68.30
N SER A 401 -80.52 3.26 -67.38
CA SER A 401 -80.22 3.13 -65.97
C SER A 401 -79.78 1.74 -65.58
N ASP A 402 -79.84 0.79 -66.49
CA ASP A 402 -79.22 -0.51 -66.21
C ASP A 402 -77.70 -0.35 -66.13
N ILE A 403 -77.09 0.36 -67.08
CA ILE A 403 -75.65 0.62 -67.07
C ILE A 403 -75.18 1.91 -66.35
N ILE A 404 -76.09 2.84 -66.12
CA ILE A 404 -75.72 4.07 -65.42
C ILE A 404 -75.99 3.91 -63.93
N GLU A 405 -74.92 3.86 -63.13
CA GLU A 405 -75.05 3.71 -61.67
C GLU A 405 -75.13 5.05 -60.92
N ARG A 406 -74.70 6.14 -61.57
CA ARG A 406 -74.61 7.45 -60.91
C ARG A 406 -74.92 8.66 -61.81
N VAL A 407 -75.76 9.57 -61.31
CA VAL A 407 -75.91 10.89 -61.92
C VAL A 407 -75.57 11.91 -60.85
N SER A 408 -74.42 12.56 -61.02
CA SER A 408 -73.98 13.60 -60.08
C SER A 408 -73.94 14.92 -60.78
N MET A 409 -74.31 15.98 -60.08
CA MET A 409 -74.27 17.29 -60.70
C MET A 409 -73.11 18.10 -60.13
N TRP A 410 -72.56 19.02 -60.93
CA TRP A 410 -71.40 19.81 -60.51
C TRP A 410 -71.82 21.08 -59.77
N GLY A 411 -72.76 20.90 -58.87
CA GLY A 411 -72.96 21.84 -57.78
C GLY A 411 -74.40 21.92 -57.31
N VAL A 412 -74.65 22.64 -56.23
CA VAL A 412 -76.02 22.80 -55.69
C VAL A 412 -76.67 24.10 -56.14
N SER A 413 -76.15 25.23 -55.68
CA SER A 413 -76.65 26.56 -56.08
C SER A 413 -75.87 27.22 -57.23
N ASP A 414 -76.61 27.89 -58.12
CA ASP A 414 -76.02 28.59 -59.26
C ASP A 414 -74.97 29.59 -58.82
N ARG A 415 -75.15 30.16 -57.64
CA ARG A 415 -74.20 31.18 -57.17
C ARG A 415 -72.80 30.59 -57.04
N TYR A 416 -72.73 29.37 -56.52
CA TYR A 416 -71.43 28.75 -56.23
C TYR A 416 -70.94 27.82 -57.36
N SER A 417 -71.69 27.78 -58.45
CA SER A 417 -71.27 27.03 -59.65
C SER A 417 -69.97 27.57 -60.25
N TRP A 418 -69.04 26.68 -60.59
CA TRP A 418 -67.83 27.03 -61.32
C TRP A 418 -68.12 27.76 -62.65
N ARG A 419 -69.35 27.60 -63.14
CA ARG A 419 -69.83 28.34 -64.29
C ARG A 419 -71.10 29.19 -64.02
N SER A 420 -71.17 29.76 -62.84
CA SER A 420 -72.32 30.51 -62.33
C SER A 420 -72.95 31.50 -63.32
N GLY A 421 -72.12 32.14 -64.13
CA GLY A 421 -72.61 33.06 -65.16
C GLY A 421 -73.60 32.43 -66.12
N GLY A 422 -73.59 31.11 -66.21
CA GLY A 422 -74.55 30.38 -67.03
C GLY A 422 -75.76 29.74 -66.32
N LEU A 423 -75.95 30.00 -65.03
CA LEU A 423 -77.09 29.52 -64.24
C LEU A 423 -77.31 28.03 -64.48
N PRO A 424 -76.27 27.23 -64.38
CA PRO A 424 -76.26 25.86 -64.88
C PRO A 424 -76.88 24.75 -64.03
N LEU A 425 -77.40 25.06 -62.86
CA LEU A 425 -77.77 24.04 -61.87
C LEU A 425 -79.28 23.97 -61.49
N LEU A 426 -79.65 23.13 -60.51
CA LEU A 426 -81.08 22.99 -60.12
C LEU A 426 -81.61 24.06 -59.16
N PHE A 427 -80.71 24.69 -58.42
CA PHE A 427 -81.10 25.66 -57.40
C PHE A 427 -80.48 27.02 -57.69
N ASP A 428 -81.18 28.06 -57.31
CA ASP A 428 -80.79 29.41 -57.66
C ASP A 428 -79.83 29.97 -56.62
N ALA A 429 -79.52 31.26 -56.72
CA ALA A 429 -78.55 31.86 -55.82
C ALA A 429 -78.98 31.87 -54.35
N ASP A 430 -80.29 31.76 -54.12
CA ASP A 430 -80.85 31.72 -52.78
C ASP A 430 -81.16 30.31 -52.27
N ASN A 431 -80.68 29.31 -52.99
CA ASN A 431 -80.90 27.91 -52.64
C ASN A 431 -82.37 27.56 -52.77
N LYS A 432 -83.03 28.21 -53.74
CA LYS A 432 -84.42 27.91 -54.05
C LYS A 432 -84.53 27.09 -55.35
N ALA A 433 -85.54 26.25 -55.43
CA ALA A 433 -85.74 25.37 -56.59
C ALA A 433 -86.08 26.14 -57.87
N LYS A 434 -85.30 25.91 -58.93
CA LYS A 434 -85.56 26.48 -60.24
C LYS A 434 -86.56 25.59 -60.98
N PRO A 435 -87.16 26.10 -62.07
CA PRO A 435 -87.94 25.19 -62.93
C PRO A 435 -87.16 23.91 -63.23
N ALA A 436 -85.86 24.04 -63.47
CA ALA A 436 -85.01 22.86 -63.71
C ALA A 436 -85.13 21.79 -62.64
N TYR A 437 -85.15 22.20 -61.37
CA TYR A 437 -85.38 21.24 -60.29
C TYR A 437 -86.64 20.41 -60.54
N TYR A 438 -87.74 21.08 -60.82
CA TYR A 438 -89.02 20.40 -61.00
C TYR A 438 -88.99 19.46 -62.18
N SER A 439 -88.44 19.92 -63.30
CA SER A 439 -88.31 19.13 -64.51
C SER A 439 -87.41 17.94 -64.29
N PHE A 440 -86.35 18.17 -63.51
CA PHE A 440 -85.41 17.12 -63.16
C PHE A 440 -86.14 15.98 -62.47
N VAL A 441 -86.84 16.33 -61.40
CA VAL A 441 -87.65 15.36 -60.65
C VAL A 441 -88.67 14.68 -61.55
N ARG A 442 -89.36 15.48 -62.37
CA ARG A 442 -90.48 15.00 -63.19
C ARG A 442 -90.11 13.94 -64.23
N ALA A 443 -88.84 13.86 -64.61
CA ALA A 443 -88.40 12.87 -65.59
C ALA A 443 -88.73 11.44 -65.16
N ARG A 444 -88.71 11.17 -63.86
CA ARG A 444 -89.11 9.85 -63.38
C ARG A 444 -90.59 9.59 -63.64
N GLU A 445 -91.42 10.55 -63.30
CA GLU A 445 -92.86 10.43 -63.52
C GLU A 445 -93.12 10.23 -65.03
N ASP A 446 -92.41 11.00 -65.85
CA ASP A 446 -92.59 10.92 -67.30
C ASP A 446 -92.13 9.56 -67.81
N TYR A 447 -90.96 9.12 -67.35
CA TYR A 447 -90.40 7.85 -67.80
C TYR A 447 -91.30 6.68 -67.48
N GLU A 448 -91.83 6.65 -66.27
CA GLU A 448 -92.64 5.52 -65.84
C GLU A 448 -94.01 5.58 -66.51
N ALA A 449 -94.50 6.80 -66.74
CA ALA A 449 -95.74 6.99 -67.49
C ALA A 449 -95.66 6.42 -68.89
N ALA A 450 -94.45 6.40 -69.45
CA ALA A 450 -94.25 5.79 -70.76
C ALA A 450 -94.14 4.26 -70.66
N LYS A 451 -93.72 3.76 -69.52
CA LYS A 451 -93.46 2.34 -69.33
C LYS A 451 -94.71 1.55 -68.90
N ALA A 452 -95.83 2.24 -68.81
CA ALA A 452 -97.09 1.55 -68.54
C ALA A 452 -98.19 1.99 -69.49
N ASN B 3 -69.63 29.09 -19.13
CA ASN B 3 -69.30 30.35 -18.48
C ASN B 3 -68.03 30.98 -19.05
N GLU B 4 -67.44 30.35 -20.05
CA GLU B 4 -66.37 30.99 -20.78
C GLU B 4 -66.92 31.94 -21.83
N ILE B 5 -66.01 32.69 -22.43
CA ILE B 5 -66.34 33.55 -23.55
C ILE B 5 -65.14 33.58 -24.48
N THR B 6 -65.43 33.57 -25.78
CA THR B 6 -64.39 33.56 -26.79
C THR B 6 -64.35 34.93 -27.43
N LEU B 7 -63.17 35.54 -27.47
CA LEU B 7 -62.98 36.85 -28.09
C LEU B 7 -62.02 36.79 -29.26
N THR B 8 -62.41 37.41 -30.37
CA THR B 8 -61.54 37.58 -31.53
C THR B 8 -60.38 38.52 -31.19
N ILE B 9 -59.16 38.12 -31.53
CA ILE B 9 -57.99 38.93 -31.23
C ILE B 9 -58.16 40.35 -31.77
N GLY B 10 -57.95 41.33 -30.90
CA GLY B 10 -58.30 42.71 -31.21
C GLY B 10 -59.61 43.15 -30.55
N GLN B 11 -60.47 42.20 -30.21
CA GLN B 11 -61.81 42.56 -29.71
C GLN B 11 -61.77 42.99 -28.24
N GLN B 12 -62.51 44.06 -27.93
CA GLN B 12 -62.68 44.55 -26.56
C GLN B 12 -64.09 44.20 -26.08
N LYS B 13 -64.21 43.77 -24.83
CA LYS B 13 -65.46 43.21 -24.31
C LYS B 13 -65.78 43.67 -22.88
N ASP B 14 -67.01 44.14 -22.66
CA ASP B 14 -67.46 44.45 -21.30
C ASP B 14 -67.96 43.17 -20.67
N LEU B 15 -67.34 42.77 -19.56
CA LEU B 15 -67.71 41.55 -18.85
C LEU B 15 -68.78 41.74 -17.76
N ALA B 16 -69.36 42.94 -17.67
CA ALA B 16 -70.39 43.23 -16.66
C ALA B 16 -71.63 42.35 -16.81
N SER B 17 -71.71 41.62 -17.91
CA SER B 17 -72.73 40.61 -18.10
C SER B 17 -72.47 39.43 -17.21
N MET B 18 -71.20 39.12 -17.05
CA MET B 18 -70.79 37.89 -16.41
C MET B 18 -70.56 38.03 -14.90
N VAL B 19 -70.64 39.25 -14.38
CA VAL B 19 -70.53 39.44 -12.93
C VAL B 19 -71.77 38.89 -12.24
N PRO B 20 -71.58 38.03 -11.22
CA PRO B 20 -72.73 37.47 -10.50
C PRO B 20 -73.63 38.58 -9.98
N ALA B 21 -74.93 38.46 -10.22
CA ALA B 21 -75.87 39.53 -9.88
C ALA B 21 -75.87 39.86 -8.38
N LYS B 22 -75.38 38.93 -7.54
CA LYS B 22 -75.31 39.17 -6.10
C LYS B 22 -74.16 40.12 -5.70
N PHE B 23 -73.30 40.46 -6.64
CA PHE B 23 -72.26 41.46 -6.41
C PHE B 23 -72.77 42.87 -6.64
N ALA B 24 -73.99 43.01 -7.16
CA ALA B 24 -74.50 44.31 -7.61
C ALA B 24 -74.38 45.48 -6.61
N GLY B 25 -74.38 45.17 -5.33
CA GLY B 25 -74.12 46.20 -4.35
C GLY B 25 -72.69 46.72 -4.38
N GLN B 26 -71.74 45.80 -4.36
CA GLN B 26 -70.37 46.05 -3.93
C GLN B 26 -69.43 46.69 -4.96
N GLU B 27 -68.18 46.90 -4.53
CA GLU B 27 -67.17 47.51 -5.39
C GLU B 27 -66.37 46.40 -6.07
N LEU B 28 -66.08 46.58 -7.35
CA LEU B 28 -65.47 45.51 -8.15
C LEU B 28 -64.03 45.82 -8.54
N SER B 29 -63.14 44.85 -8.31
CA SER B 29 -61.78 44.91 -8.81
C SER B 29 -61.50 43.72 -9.73
N TRP B 30 -60.68 43.94 -10.76
CA TRP B 30 -60.50 42.97 -11.84
C TRP B 30 -59.05 42.53 -12.09
N THR B 31 -58.83 41.22 -12.24
CA THR B 31 -57.51 40.68 -12.52
C THR B 31 -57.55 39.65 -13.65
N SER B 32 -56.53 39.67 -14.49
CA SER B 32 -56.34 38.66 -15.53
C SER B 32 -55.12 37.80 -15.19
N SER B 33 -55.24 36.49 -15.37
CA SER B 33 -54.16 35.57 -15.06
C SER B 33 -52.99 35.72 -16.04
N ASP B 34 -53.30 36.20 -17.24
CA ASP B 34 -52.27 36.44 -18.25
C ASP B 34 -52.57 37.71 -19.06
N PRO B 35 -52.19 38.87 -18.51
CA PRO B 35 -52.38 40.20 -19.11
C PRO B 35 -51.78 40.32 -20.52
N GLU B 36 -50.82 39.45 -20.87
CA GLU B 36 -50.23 39.47 -22.20
C GLU B 36 -51.12 38.78 -23.23
N THR B 37 -52.04 37.94 -22.74
CA THR B 37 -52.99 37.26 -23.62
C THR B 37 -54.32 38.02 -23.70
N ALA B 38 -54.97 38.19 -22.55
CA ALA B 38 -56.13 39.06 -22.44
C ALA B 38 -55.94 39.98 -21.25
N SER B 39 -56.00 41.28 -21.49
CA SER B 39 -55.86 42.24 -20.40
C SER B 39 -57.19 42.87 -20.05
N VAL B 40 -57.38 43.19 -18.77
CA VAL B 40 -58.64 43.74 -18.29
C VAL B 40 -58.42 45.08 -17.57
N THR B 41 -59.31 46.03 -17.81
CA THR B 41 -59.21 47.33 -17.13
C THR B 41 -59.89 47.26 -15.76
N ASP B 42 -59.82 48.36 -15.01
CA ASP B 42 -60.43 48.41 -13.68
C ASP B 42 -61.96 48.38 -13.77
N LYS B 43 -62.49 48.64 -14.97
CA LYS B 43 -63.93 48.62 -15.21
C LYS B 43 -64.41 47.28 -15.75
N GLY B 44 -63.48 46.34 -15.93
CA GLY B 44 -63.85 45.03 -16.43
C GLY B 44 -64.06 44.97 -17.94
N ILE B 45 -63.37 45.84 -18.67
CA ILE B 45 -63.31 45.75 -20.11
C ILE B 45 -62.08 44.93 -20.47
N VAL B 46 -62.29 43.76 -21.09
CA VAL B 46 -61.19 42.86 -21.42
C VAL B 46 -60.79 42.96 -22.91
N THR B 47 -59.49 42.99 -23.18
CA THR B 47 -59.01 43.04 -24.56
C THR B 47 -58.23 41.77 -24.93
N ALA B 48 -58.63 41.12 -26.02
CA ALA B 48 -57.95 39.94 -26.56
C ALA B 48 -56.74 40.35 -27.39
N LEU B 49 -55.57 39.83 -27.02
CA LEU B 49 -54.29 40.36 -27.50
C LEU B 49 -53.55 39.41 -28.45
N LYS B 50 -53.28 38.20 -27.96
CA LYS B 50 -52.47 37.24 -28.69
C LYS B 50 -52.96 35.82 -28.47
N PHE B 51 -52.50 34.88 -29.28
CA PHE B 51 -52.78 33.49 -28.98
C PHE B 51 -51.57 32.78 -28.38
N SER B 52 -51.76 31.56 -27.91
CA SER B 52 -50.69 30.88 -27.19
C SER B 52 -49.72 30.17 -28.10
N SER B 53 -50.27 29.46 -29.08
CA SER B 53 -49.49 28.66 -30.00
C SER B 53 -50.28 28.49 -31.29
N GLY B 54 -49.77 27.67 -32.19
CA GLY B 54 -50.40 27.50 -33.49
C GLY B 54 -49.94 28.66 -34.32
N GLY B 55 -50.53 28.83 -35.50
CA GLY B 55 -50.14 30.04 -36.21
C GLY B 55 -48.97 29.96 -37.17
N ALA B 56 -48.08 28.99 -37.00
CA ALA B 56 -47.35 28.49 -38.15
C ALA B 56 -48.30 27.48 -38.78
N ASN B 57 -49.35 27.14 -38.04
CA ASN B 57 -50.38 26.25 -38.52
C ASN B 57 -51.29 26.96 -39.52
N LEU B 58 -51.91 26.19 -40.40
CA LEU B 58 -52.82 26.73 -41.38
C LEU B 58 -54.11 27.12 -40.67
N PHE B 59 -54.60 28.32 -40.93
CA PHE B 59 -55.85 28.79 -40.33
C PHE B 59 -56.99 27.80 -40.61
N LEU B 60 -57.03 27.27 -41.83
CA LEU B 60 -58.06 26.30 -42.22
C LEU B 60 -57.99 24.96 -41.44
N LYS B 61 -56.83 24.66 -40.87
CA LYS B 61 -56.66 23.50 -40.03
C LYS B 61 -57.24 23.74 -38.64
N ALA B 62 -56.92 24.89 -38.08
CA ALA B 62 -57.46 25.31 -36.79
C ALA B 62 -57.03 26.74 -36.49
N PRO B 63 -57.99 27.56 -36.05
CA PRO B 63 -57.72 28.93 -35.59
C PRO B 63 -56.81 28.88 -34.39
N ALA B 64 -55.74 29.67 -34.34
CA ALA B 64 -54.89 29.65 -33.15
C ALA B 64 -55.62 30.35 -32.00
N THR B 65 -55.44 29.83 -30.78
CA THR B 65 -56.08 30.39 -29.61
C THR B 65 -55.14 30.57 -28.43
N GLY B 66 -55.58 31.37 -27.47
CA GLY B 66 -54.87 31.56 -26.21
C GLY B 66 -55.96 31.69 -25.18
N GLU B 67 -55.60 31.68 -23.90
CA GLU B 67 -56.60 31.79 -22.85
C GLU B 67 -56.05 32.53 -21.64
N ALA B 68 -56.95 33.18 -20.92
CA ALA B 68 -56.66 33.77 -19.61
C ALA B 68 -57.92 33.67 -18.75
N ILE B 69 -57.74 33.59 -17.42
CA ILE B 69 -58.89 33.66 -16.53
C ILE B 69 -59.04 35.10 -16.03
N ILE B 70 -60.19 35.70 -16.28
CA ILE B 70 -60.44 37.02 -15.70
C ILE B 70 -61.26 36.81 -14.43
N THR B 71 -60.81 37.44 -13.34
CA THR B 71 -61.42 37.22 -12.03
C THR B 71 -61.91 38.55 -11.50
N VAL B 72 -63.22 38.65 -11.28
CA VAL B 72 -63.80 39.82 -10.62
C VAL B 72 -63.96 39.52 -9.15
N THR B 73 -63.46 40.42 -8.31
CA THR B 73 -63.55 40.22 -6.87
C THR B 73 -64.41 41.31 -6.26
N ALA B 74 -65.41 40.91 -5.47
CA ALA B 74 -66.13 41.87 -4.64
C ALA B 74 -66.03 41.47 -3.17
N GLY B 75 -65.25 42.21 -2.40
CA GLY B 75 -65.17 42.02 -0.96
C GLY B 75 -64.87 40.61 -0.49
N LYS B 76 -63.72 40.07 -0.89
CA LYS B 76 -63.30 38.72 -0.45
C LYS B 76 -64.18 37.59 -1.00
N GLN B 77 -65.21 37.95 -1.77
CA GLN B 77 -65.86 36.99 -2.66
C GLN B 77 -65.35 37.27 -4.08
N SER B 78 -65.11 36.21 -4.84
CA SER B 78 -64.56 36.39 -6.19
C SER B 78 -65.22 35.46 -7.18
N HIS B 79 -65.16 35.83 -8.46
CA HIS B 79 -65.70 35.00 -9.54
C HIS B 79 -64.82 35.06 -10.79
N SER B 80 -64.72 33.93 -11.48
CA SER B 80 -63.81 33.79 -12.62
C SER B 80 -64.53 33.48 -13.94
N VAL B 81 -64.04 34.06 -15.03
CA VAL B 81 -64.46 33.72 -16.39
C VAL B 81 -63.22 33.28 -17.16
N LYS B 82 -63.35 32.20 -17.93
CA LYS B 82 -62.29 31.87 -18.86
C LYS B 82 -62.50 32.73 -20.09
N VAL B 83 -61.45 33.43 -20.52
CA VAL B 83 -61.54 34.17 -21.76
C VAL B 83 -60.69 33.46 -22.79
N ILE B 84 -61.32 32.99 -23.85
CA ILE B 84 -60.59 32.38 -24.96
C ILE B 84 -60.37 33.39 -26.07
N THR B 85 -59.10 33.60 -26.42
CA THR B 85 -58.77 34.49 -27.53
C THR B 85 -58.66 33.65 -28.80
N THR B 86 -59.16 34.17 -29.93
CA THR B 86 -59.04 33.43 -31.19
C THR B 86 -58.80 34.27 -32.45
N VAL B 87 -58.14 33.66 -33.43
CA VAL B 87 -58.01 34.25 -34.75
C VAL B 87 -59.39 34.27 -35.44
N LYS B 88 -60.24 33.31 -35.10
CA LYS B 88 -61.60 33.22 -35.67
C LYS B 88 -62.47 34.45 -35.33
N GLY B 89 -63.26 34.91 -36.30
CA GLY B 89 -64.14 36.06 -36.07
C GLY B 89 -65.35 35.68 -35.24
N LYS B 90 -65.63 36.45 -34.18
CA LYS B 90 -66.84 36.19 -33.41
C LYS B 90 -68.02 37.14 -33.63
N GLU B 91 -67.75 38.32 -34.20
CA GLU B 91 -68.78 39.37 -34.21
C GLU B 91 -69.33 39.68 -35.59
N ASP B 92 -70.63 39.47 -35.77
CA ASP B 92 -71.29 39.77 -37.02
C ASP B 92 -71.20 41.25 -37.38
N ILE B 93 -71.04 41.49 -38.68
CA ILE B 93 -70.89 42.81 -39.26
C ILE B 93 -72.04 43.76 -38.89
N GLU B 94 -73.22 43.23 -38.64
CA GLU B 94 -74.34 44.09 -38.31
C GLU B 94 -74.40 44.43 -36.81
N LYS B 95 -73.61 43.73 -36.02
CA LYS B 95 -73.57 43.96 -34.58
C LYS B 95 -72.53 45.01 -34.23
N LEU B 96 -71.92 45.60 -35.25
CA LEU B 96 -70.81 46.51 -35.00
C LEU B 96 -71.13 47.94 -35.44
N PRO B 97 -70.59 48.92 -34.71
CA PRO B 97 -70.74 50.34 -35.04
C PRO B 97 -70.29 50.66 -36.46
N PRO B 98 -70.93 51.65 -37.08
CA PRO B 98 -70.64 52.08 -38.46
C PRO B 98 -69.19 52.49 -38.67
N LEU B 99 -68.57 51.94 -39.71
CA LEU B 99 -67.17 52.24 -40.03
C LEU B 99 -67.05 53.69 -40.45
N LYS B 100 -68.00 54.15 -41.26
CA LYS B 100 -67.99 55.55 -41.68
C LYS B 100 -68.00 56.54 -40.50
N ASP B 101 -68.79 56.23 -39.47
CA ASP B 101 -68.90 57.10 -38.29
C ASP B 101 -67.54 57.27 -37.59
N HIS B 102 -66.71 56.23 -37.63
CA HIS B 102 -65.44 56.27 -36.93
C HIS B 102 -64.48 57.22 -37.63
N PHE B 103 -64.48 57.18 -38.95
CA PHE B 103 -63.58 57.94 -39.78
C PHE B 103 -64.17 59.21 -40.43
N LYS B 104 -65.38 59.59 -40.02
CA LYS B 104 -66.09 60.71 -40.64
C LYS B 104 -65.28 62.01 -40.74
N ASP B 105 -64.44 62.29 -39.75
CA ASP B 105 -63.70 63.54 -39.73
C ASP B 105 -62.47 63.48 -40.62
N TYR B 106 -62.23 62.31 -41.22
CA TYR B 106 -61.00 62.08 -41.97
C TYR B 106 -61.21 61.91 -43.47
N PHE B 107 -62.11 61.02 -43.85
CA PHE B 107 -62.36 60.73 -45.25
C PHE B 107 -63.58 59.83 -45.41
N LEU B 108 -64.02 59.61 -46.64
CA LEU B 108 -65.16 58.72 -46.89
C LEU B 108 -64.73 57.27 -46.72
N ILE B 109 -65.53 56.48 -46.01
CA ILE B 109 -65.27 55.05 -45.90
C ILE B 109 -66.09 54.33 -46.95
N GLY B 110 -65.41 53.76 -47.94
CA GLY B 110 -66.10 53.13 -49.05
C GLY B 110 -66.08 51.60 -49.07
N ASN B 111 -66.90 51.04 -49.96
CA ASN B 111 -66.79 49.62 -50.28
C ASN B 111 -67.35 49.39 -51.68
N ILE B 112 -67.57 48.14 -52.03
CA ILE B 112 -68.09 47.83 -53.36
C ILE B 112 -69.47 47.19 -53.24
N PHE B 113 -70.21 47.19 -54.34
CA PHE B 113 -71.45 46.46 -54.35
C PHE B 113 -71.80 45.92 -55.71
N ASN B 114 -72.75 45.01 -55.75
CA ASN B 114 -73.05 44.29 -56.97
C ASN B 114 -74.54 44.24 -57.20
N ASN B 115 -74.92 43.66 -58.33
CA ASN B 115 -76.33 43.51 -58.67
C ASN B 115 -77.12 42.73 -57.61
N ARG B 116 -76.56 41.64 -57.09
CA ARG B 116 -77.25 40.84 -56.07
C ARG B 116 -77.58 41.65 -54.80
N ASP B 117 -76.87 42.76 -54.61
CA ASP B 117 -77.02 43.56 -53.40
C ASP B 117 -78.28 44.43 -53.41
N VAL B 118 -78.96 44.45 -54.55
CA VAL B 118 -80.18 45.22 -54.68
C VAL B 118 -81.38 44.36 -55.05
N SER B 119 -82.51 44.63 -54.41
CA SER B 119 -83.78 44.04 -54.82
C SER B 119 -84.58 45.14 -55.50
N GLY B 120 -84.74 45.03 -56.82
CA GLY B 120 -85.33 46.11 -57.58
C GLY B 120 -84.49 47.37 -57.46
N SER B 121 -85.11 48.47 -57.04
CA SER B 121 -84.40 49.73 -56.79
C SER B 121 -84.05 49.97 -55.32
N MET B 122 -84.22 48.93 -54.48
CA MET B 122 -83.91 49.00 -53.05
C MET B 122 -82.59 48.30 -52.74
N MET B 123 -81.81 48.82 -51.79
CA MET B 123 -80.67 48.08 -51.25
C MET B 123 -81.23 46.84 -50.58
N ASP B 124 -80.69 45.67 -50.93
CA ASP B 124 -81.28 44.41 -50.45
C ASP B 124 -80.67 43.87 -49.15
N ASN B 125 -79.56 44.46 -48.70
CA ASN B 125 -78.97 44.12 -47.40
C ASN B 125 -78.64 45.38 -46.59
N ASP B 126 -78.60 45.25 -45.27
CA ASP B 126 -78.38 46.40 -44.38
C ASP B 126 -76.93 46.83 -44.19
N TRP B 127 -76.01 45.87 -44.22
CA TRP B 127 -74.64 46.13 -43.79
C TRP B 127 -73.90 47.13 -44.66
N LEU B 128 -74.21 47.17 -45.96
CA LEU B 128 -73.53 48.13 -46.82
C LEU B 128 -73.81 49.59 -46.39
N ALA B 129 -75.07 49.96 -46.21
CA ALA B 129 -75.38 51.36 -45.90
C ALA B 129 -74.99 51.65 -44.46
N HIS B 130 -75.17 50.67 -43.58
CA HIS B 130 -74.81 50.79 -42.17
C HIS B 130 -73.33 51.15 -42.01
N HIS B 131 -72.45 50.41 -42.67
CA HIS B 131 -71.01 50.67 -42.57
C HIS B 131 -70.39 51.70 -43.53
N TYR B 132 -70.87 51.81 -44.76
CA TYR B 132 -70.16 52.59 -45.79
C TYR B 132 -70.88 53.83 -46.29
N ALA B 133 -70.12 54.88 -46.56
CA ALA B 133 -70.70 56.13 -47.03
C ALA B 133 -70.72 56.20 -48.53
N ILE B 134 -69.94 55.35 -49.18
CA ILE B 134 -69.85 55.42 -50.62
C ILE B 134 -69.52 54.07 -51.23
N LEU B 135 -70.14 53.78 -52.37
CA LEU B 135 -70.03 52.47 -52.98
C LEU B 135 -69.58 52.58 -54.42
N THR B 136 -68.69 51.69 -54.81
CA THR B 136 -68.22 51.54 -56.16
C THR B 136 -68.77 50.24 -56.71
N PRO B 137 -69.51 50.27 -57.81
CA PRO B 137 -69.95 48.99 -58.38
C PRO B 137 -68.76 48.16 -58.83
N GLU B 138 -68.70 46.93 -58.35
CA GLU B 138 -67.54 46.08 -58.61
C GLU B 138 -67.45 45.82 -60.09
N ASN B 139 -68.63 45.71 -60.70
CA ASN B 139 -68.83 45.13 -62.01
C ASN B 139 -69.63 45.93 -63.05
N HIS B 140 -70.86 46.30 -62.68
CA HIS B 140 -71.85 46.74 -63.66
C HIS B 140 -71.69 48.12 -64.29
N MET B 141 -70.69 48.89 -63.86
CA MET B 141 -70.35 50.06 -64.66
C MET B 141 -69.15 49.86 -65.56
N LYS B 142 -68.62 48.65 -65.61
CA LYS B 142 -67.58 48.33 -66.58
C LYS B 142 -68.13 48.48 -68.00
N PRO B 143 -67.23 48.69 -68.99
CA PRO B 143 -67.70 48.97 -70.34
C PRO B 143 -68.52 47.82 -70.92
N SER B 144 -68.01 46.59 -70.79
CA SER B 144 -68.76 45.42 -71.23
C SER B 144 -70.19 45.44 -70.70
N ASN B 145 -70.36 45.87 -69.45
CA ASN B 145 -71.68 45.88 -68.85
C ASN B 145 -72.49 47.14 -69.12
N LEU B 146 -71.84 48.18 -69.60
CA LEU B 146 -72.54 49.42 -70.00
C LEU B 146 -73.13 49.40 -71.42
N THR B 147 -72.47 48.73 -72.35
CA THR B 147 -72.87 48.74 -73.74
C THR B 147 -72.54 47.40 -74.37
N ASN B 148 -73.48 46.83 -75.11
CA ASN B 148 -73.20 45.61 -75.87
C ASN B 148 -73.01 45.79 -77.38
N ASN B 149 -73.25 46.99 -77.91
CA ASN B 149 -73.20 47.18 -79.36
C ASN B 149 -72.91 48.60 -79.85
N ARG B 150 -72.30 48.70 -81.03
CA ARG B 150 -72.16 49.96 -81.74
C ARG B 150 -72.47 49.81 -83.23
N ASN B 151 -73.42 50.58 -83.71
CA ASN B 151 -73.77 50.54 -85.13
C ASN B 151 -72.63 51.12 -85.95
N GLU B 152 -72.11 50.34 -86.88
CA GLU B 152 -70.91 50.70 -87.64
C GLU B 152 -71.30 51.46 -88.91
N THR B 153 -72.60 51.70 -89.06
CA THR B 153 -73.15 52.49 -90.14
C THR B 153 -73.52 53.87 -89.61
N THR B 154 -74.46 53.92 -88.67
CA THR B 154 -74.91 55.17 -88.09
C THR B 154 -73.97 55.71 -87.01
N GLY B 155 -73.06 54.86 -86.52
CA GLY B 155 -72.17 55.25 -85.44
C GLY B 155 -72.85 55.15 -84.08
N GLU B 156 -74.12 54.75 -84.07
CA GLU B 156 -74.94 54.68 -82.86
C GLU B 156 -74.53 53.60 -81.83
N ILE B 157 -74.39 54.01 -80.58
CA ILE B 157 -73.94 53.10 -79.51
C ILE B 157 -75.12 52.52 -78.73
N THR B 158 -75.17 51.20 -78.59
CA THR B 158 -76.23 50.58 -77.81
C THR B 158 -75.78 50.39 -76.36
N TYR B 159 -76.53 50.97 -75.43
CA TYR B 159 -76.18 50.92 -74.01
C TYR B 159 -77.11 50.01 -73.22
N THR B 160 -76.57 49.37 -72.21
CA THR B 160 -77.42 48.68 -71.25
C THR B 160 -77.26 49.34 -69.91
N PHE B 161 -78.15 50.29 -69.59
CA PHE B 161 -78.00 51.10 -68.38
C PHE B 161 -78.79 50.58 -67.19
N SER B 162 -79.68 49.62 -67.45
CA SER B 162 -80.75 49.31 -66.47
C SER B 162 -80.23 48.83 -65.11
N THR B 163 -79.36 47.83 -65.13
CA THR B 163 -78.80 47.26 -63.90
C THR B 163 -78.12 48.33 -63.03
N ALA B 164 -77.17 49.02 -63.63
CA ALA B 164 -76.46 50.10 -62.94
C ALA B 164 -77.38 51.22 -62.42
N ASP B 165 -78.34 51.66 -63.25
CA ASP B 165 -79.34 52.64 -62.81
C ASP B 165 -80.04 52.18 -61.53
N ARG B 166 -80.44 50.92 -61.51
CA ARG B 166 -81.15 50.39 -60.35
C ARG B 166 -80.23 50.31 -59.14
N MET B 167 -78.93 50.09 -59.37
CA MET B 167 -77.96 50.09 -58.28
C MET B 167 -77.68 51.52 -57.78
N VAL B 168 -77.53 52.46 -58.70
CA VAL B 168 -77.32 53.86 -58.31
C VAL B 168 -78.52 54.41 -57.55
N ASN B 169 -79.72 54.18 -58.10
CA ASN B 169 -80.97 54.55 -57.46
C ASN B 169 -81.08 54.04 -56.04
N ALA B 170 -80.69 52.78 -55.84
CA ALA B 170 -80.85 52.18 -54.51
C ALA B 170 -79.88 52.81 -53.51
N ALA B 171 -78.68 53.14 -53.98
CA ALA B 171 -77.66 53.74 -53.12
C ALA B 171 -78.09 55.13 -52.65
N ILE B 172 -78.47 55.97 -53.60
CA ILE B 172 -78.88 57.34 -53.32
C ILE B 172 -80.12 57.36 -52.44
N ALA B 173 -81.02 56.42 -52.66
CA ALA B 173 -82.20 56.28 -51.81
C ALA B 173 -81.82 56.13 -50.33
N GLU B 174 -80.71 55.44 -50.09
CA GLU B 174 -80.22 55.21 -48.75
C GLU B 174 -79.25 56.31 -48.31
N GLY B 175 -79.07 57.31 -49.16
CA GLY B 175 -78.24 58.46 -48.83
C GLY B 175 -76.75 58.21 -49.01
N LEU B 176 -76.43 57.24 -49.86
CA LEU B 176 -75.03 56.85 -50.10
C LEU B 176 -74.54 57.49 -51.38
N LYS B 177 -73.24 57.79 -51.45
CA LYS B 177 -72.66 58.24 -52.71
C LYS B 177 -72.24 57.08 -53.61
N ILE B 178 -71.84 57.40 -54.84
CA ILE B 178 -71.36 56.40 -55.78
C ILE B 178 -70.06 56.84 -56.44
N HIS B 179 -69.10 55.92 -56.50
CA HIS B 179 -67.92 56.08 -57.35
C HIS B 179 -68.07 55.29 -58.65
N GLY B 180 -68.08 56.00 -59.78
CA GLY B 180 -68.18 55.38 -61.09
C GLY B 180 -66.92 54.68 -61.57
N HIS B 181 -67.05 53.43 -62.00
CA HIS B 181 -65.89 52.64 -62.41
C HIS B 181 -66.26 51.68 -63.54
N THR B 182 -65.66 51.77 -64.74
CA THR B 182 -64.76 52.82 -65.19
C THR B 182 -64.98 52.96 -66.71
N LEU B 183 -64.71 54.14 -67.28
CA LEU B 183 -65.04 54.39 -68.70
C LEU B 183 -64.09 53.77 -69.73
N LEU B 184 -62.80 53.95 -69.52
CA LEU B 184 -61.84 53.50 -70.51
C LEU B 184 -60.89 52.49 -69.90
N TRP B 185 -60.70 51.37 -70.58
CA TRP B 185 -59.91 50.27 -70.04
C TRP B 185 -59.41 49.40 -71.17
N HIS B 186 -58.38 48.59 -70.91
CA HIS B 186 -57.85 47.68 -71.93
C HIS B 186 -58.49 46.30 -71.86
N GLN B 187 -59.29 46.05 -70.82
CA GLN B 187 -59.95 44.77 -70.65
C GLN B 187 -61.39 44.96 -70.22
N GLN B 188 -62.19 43.91 -70.36
CA GLN B 188 -63.61 43.90 -69.99
C GLN B 188 -64.44 44.94 -70.73
N ILE B 189 -64.10 45.13 -72.01
CA ILE B 189 -64.79 46.05 -72.91
C ILE B 189 -65.45 45.24 -74.02
N PRO B 190 -66.56 45.76 -74.58
CA PRO B 190 -67.29 45.12 -75.69
C PRO B 190 -66.39 44.95 -76.90
N PRO B 191 -66.74 44.00 -77.78
CA PRO B 191 -65.97 43.75 -79.01
C PRO B 191 -65.88 44.97 -79.94
N TRP B 192 -66.88 45.86 -79.92
CA TRP B 192 -66.80 47.08 -80.73
C TRP B 192 -65.76 48.08 -80.21
N GLN B 193 -65.66 48.21 -78.89
CA GLN B 193 -64.64 49.06 -78.29
C GLN B 193 -63.26 48.50 -78.58
N ARG B 194 -63.15 47.18 -78.60
CA ARG B 194 -61.90 46.51 -78.94
C ARG B 194 -61.49 46.79 -80.39
N SER B 195 -62.46 46.80 -81.30
CA SER B 195 -62.19 46.99 -82.73
C SER B 195 -61.65 48.39 -83.03
N MET B 196 -61.92 49.33 -82.14
CA MET B 196 -61.45 50.70 -82.30
C MET B 196 -59.93 50.82 -82.34
N GLU B 197 -59.23 49.79 -81.89
CA GLU B 197 -57.76 49.82 -81.83
C GLU B 197 -57.12 49.94 -83.22
N SER B 198 -57.84 49.52 -84.25
CA SER B 198 -57.28 49.49 -85.59
C SER B 198 -57.74 50.67 -86.42
N ALA B 199 -58.51 51.54 -85.82
CA ALA B 199 -59.11 52.65 -86.56
C ALA B 199 -58.32 53.97 -86.50
N ALA B 200 -58.84 54.96 -87.23
CA ALA B 200 -58.17 56.24 -87.39
C ALA B 200 -58.25 57.09 -86.13
N LYS B 201 -57.25 57.96 -85.94
CA LYS B 201 -57.17 58.83 -84.77
C LYS B 201 -58.41 59.70 -84.54
N ASP B 202 -58.93 60.29 -85.59
CA ASP B 202 -59.91 61.35 -85.44
C ASP B 202 -61.28 60.82 -85.06
N ALA B 203 -61.84 59.91 -85.84
CA ALA B 203 -63.18 59.41 -85.56
C ALA B 203 -63.18 58.60 -84.27
N ALA B 204 -62.08 57.88 -84.00
CA ALA B 204 -61.89 57.22 -82.71
C ALA B 204 -61.98 58.24 -81.59
N LEU B 205 -61.27 59.35 -81.74
CA LEU B 205 -61.39 60.45 -80.81
C LEU B 205 -62.82 60.94 -80.74
N SER B 206 -63.52 60.93 -81.86
CA SER B 206 -64.94 61.29 -81.87
C SER B 206 -65.80 60.25 -81.14
N VAL B 207 -65.50 58.98 -81.35
CA VAL B 207 -66.28 57.95 -80.68
C VAL B 207 -65.95 57.81 -79.20
N MET B 208 -64.72 58.11 -78.84
CA MET B 208 -64.32 58.15 -77.44
C MET B 208 -65.16 59.17 -76.69
N LYS B 209 -65.17 60.41 -77.17
CA LYS B 209 -65.96 61.47 -76.54
C LYS B 209 -67.44 61.12 -76.57
N LYS B 210 -67.85 60.37 -77.59
CA LYS B 210 -69.24 59.94 -77.70
C LYS B 210 -69.59 59.08 -76.50
N TYR B 211 -68.82 58.02 -76.30
CA TYR B 211 -69.04 57.10 -75.19
C TYR B 211 -69.02 57.82 -73.87
N ILE B 212 -67.96 58.60 -73.64
CA ILE B 212 -67.79 59.32 -72.36
C ILE B 212 -68.98 60.23 -72.07
N THR B 213 -69.42 60.96 -73.09
CA THR B 213 -70.49 61.94 -72.91
C THR B 213 -71.79 61.26 -72.57
N GLU B 214 -72.14 60.26 -73.37
CA GLU B 214 -73.43 59.61 -73.26
C GLU B 214 -73.55 58.78 -71.98
N VAL B 215 -72.46 58.16 -71.53
CA VAL B 215 -72.47 57.49 -70.22
C VAL B 215 -72.65 58.51 -69.10
N MET B 216 -71.74 59.49 -68.99
CA MET B 216 -71.80 60.44 -67.89
C MET B 216 -73.08 61.30 -67.89
N THR B 217 -73.59 61.62 -69.07
CA THR B 217 -74.81 62.43 -69.14
C THR B 217 -75.97 61.65 -68.51
N HIS B 218 -76.01 60.34 -68.78
CA HIS B 218 -77.05 59.48 -68.23
C HIS B 218 -77.03 59.45 -66.70
N TYR B 219 -75.82 59.46 -66.12
CA TYR B 219 -75.64 59.53 -64.67
C TYR B 219 -75.38 60.92 -64.09
N LYS B 220 -75.53 61.95 -64.94
CA LYS B 220 -75.15 63.33 -64.56
C LYS B 220 -75.77 63.76 -63.24
N GLY B 221 -74.91 64.17 -62.30
CA GLY B 221 -75.35 64.62 -60.99
C GLY B 221 -75.53 63.51 -59.96
N LYS B 222 -75.52 62.26 -60.42
CA LYS B 222 -75.70 61.13 -59.51
C LYS B 222 -74.36 60.49 -59.09
N ILE B 223 -73.26 60.95 -59.67
CA ILE B 223 -71.94 60.34 -59.41
C ILE B 223 -70.98 61.30 -58.69
N TYR B 224 -70.44 60.85 -57.56
CA TYR B 224 -69.52 61.68 -56.77
C TYR B 224 -68.14 61.77 -57.42
N SER B 225 -67.61 60.62 -57.82
CA SER B 225 -66.33 60.59 -58.52
C SER B 225 -66.31 59.49 -59.57
N TRP B 226 -65.65 59.75 -60.69
CA TRP B 226 -65.55 58.80 -61.78
C TRP B 226 -64.11 58.37 -62.03
N ASP B 227 -63.92 57.08 -62.34
CA ASP B 227 -62.67 56.64 -62.95
C ASP B 227 -62.92 56.68 -64.44
N VAL B 228 -62.28 57.62 -65.12
CA VAL B 228 -62.42 57.78 -66.57
C VAL B 228 -61.50 56.80 -67.29
N LEU B 229 -60.29 56.67 -66.76
CA LEU B 229 -59.29 55.82 -67.37
C LEU B 229 -58.71 54.91 -66.30
N ASN B 230 -58.50 53.64 -66.65
CA ASN B 230 -58.08 52.66 -65.66
C ASN B 230 -56.88 51.87 -66.12
N GLU B 231 -55.82 51.88 -65.31
CA GLU B 231 -54.67 50.99 -65.50
C GLU B 231 -54.02 51.14 -66.88
N ILE B 232 -53.47 52.31 -67.17
CA ILE B 232 -52.93 52.58 -68.50
C ILE B 232 -51.44 52.21 -68.60
N PHE B 233 -50.83 51.93 -67.46
CA PHE B 233 -49.42 51.57 -67.40
C PHE B 233 -49.21 50.11 -67.01
N PRO B 234 -48.47 49.36 -67.84
CA PRO B 234 -48.21 47.94 -67.60
C PRO B 234 -47.35 47.73 -66.36
N ASP B 235 -46.36 48.58 -66.21
CA ASP B 235 -45.35 48.45 -65.16
C ASP B 235 -44.73 49.83 -64.90
N GLY B 236 -43.65 49.87 -64.12
CA GLY B 236 -42.96 51.12 -63.87
C GLY B 236 -41.78 51.38 -64.77
N ARG B 237 -41.67 50.59 -65.83
CA ARG B 237 -40.49 50.57 -66.69
C ARG B 237 -40.19 51.88 -67.44
N GLY B 238 -41.15 52.36 -68.22
CA GLY B 238 -40.92 53.48 -69.13
C GLY B 238 -40.35 54.75 -68.52
N ASP B 239 -39.56 55.48 -69.30
CA ASP B 239 -39.04 56.79 -68.87
C ASP B 239 -39.92 57.97 -69.31
N ASN B 240 -40.87 57.68 -70.21
CA ASN B 240 -41.78 58.69 -70.71
C ASN B 240 -43.20 58.15 -70.83
N TRP B 241 -44.14 58.86 -70.21
CA TRP B 241 -45.49 58.34 -70.08
C TRP B 241 -46.25 58.26 -71.42
N THR B 242 -45.78 58.99 -72.43
CA THR B 242 -46.47 58.98 -73.71
C THR B 242 -46.16 57.72 -74.52
N THR B 243 -44.96 57.17 -74.34
CA THR B 243 -44.60 55.90 -74.95
C THR B 243 -44.85 54.71 -74.02
N ALA B 244 -45.18 55.00 -72.75
CA ALA B 244 -45.20 53.95 -71.73
C ALA B 244 -46.46 53.09 -71.75
N MET B 245 -47.56 53.65 -72.22
CA MET B 245 -48.89 53.12 -71.98
C MET B 245 -49.22 51.77 -72.63
N ARG B 246 -50.25 51.11 -72.12
CA ARG B 246 -50.66 49.82 -72.67
C ARG B 246 -51.11 49.94 -74.14
N PRO B 247 -50.38 49.31 -75.05
CA PRO B 247 -50.80 49.34 -76.45
C PRO B 247 -52.08 48.51 -76.65
N GLU B 248 -52.36 47.61 -75.71
CA GLU B 248 -53.55 46.78 -75.82
C GLU B 248 -54.78 47.60 -75.41
N ASN B 249 -54.55 48.79 -74.88
CA ASN B 249 -55.63 49.75 -74.71
C ASN B 249 -56.00 50.26 -76.10
N PRO B 250 -57.29 50.10 -76.49
CA PRO B 250 -57.74 50.43 -77.84
C PRO B 250 -57.74 51.94 -78.10
N TRP B 251 -57.84 52.71 -77.03
CA TRP B 251 -57.89 54.16 -77.14
C TRP B 251 -56.51 54.74 -77.39
N PHE B 252 -55.54 54.30 -76.59
CA PHE B 252 -54.15 54.67 -76.81
C PHE B 252 -53.65 54.16 -78.15
N LYS B 253 -54.17 53.00 -78.55
CA LYS B 253 -53.75 52.36 -79.80
C LYS B 253 -54.11 53.24 -80.99
N SER B 254 -55.37 53.62 -81.07
CA SER B 254 -55.86 54.42 -82.19
C SER B 254 -55.43 55.89 -82.03
N ILE B 255 -55.92 56.54 -80.98
CA ILE B 255 -55.70 57.97 -80.77
C ILE B 255 -54.28 58.33 -80.31
N GLY B 256 -53.76 57.58 -79.35
CA GLY B 256 -52.44 57.86 -78.79
C GLY B 256 -52.51 58.78 -77.59
N SER B 257 -51.34 59.26 -77.15
CA SER B 257 -51.21 59.99 -75.89
C SER B 257 -52.05 61.27 -75.83
N ASP B 258 -52.62 61.66 -76.97
CA ASP B 258 -53.59 62.74 -77.01
C ASP B 258 -54.89 62.38 -76.29
N PHE B 259 -55.18 61.08 -76.18
CA PHE B 259 -56.49 60.63 -75.72
C PHE B 259 -56.75 60.98 -74.27
N VAL B 260 -55.70 60.87 -73.47
CA VAL B 260 -55.80 61.09 -72.03
C VAL B 260 -56.42 62.44 -71.72
N TYR B 261 -55.79 63.49 -72.25
CA TYR B 261 -56.30 64.86 -72.11
C TYR B 261 -57.72 64.97 -72.61
N GLU B 262 -57.95 64.49 -73.83
CA GLU B 262 -59.24 64.62 -74.49
C GLU B 262 -60.36 63.91 -73.75
N ALA B 263 -60.05 62.74 -73.16
CA ALA B 263 -61.04 61.99 -72.40
C ALA B 263 -61.56 62.82 -71.24
N TYR B 264 -60.65 63.22 -70.36
CA TYR B 264 -61.06 63.96 -69.18
C TYR B 264 -61.74 65.28 -69.54
N LEU B 265 -61.37 65.83 -70.69
CA LEU B 265 -61.98 67.09 -71.15
C LEU B 265 -63.43 66.88 -71.53
N ALA B 266 -63.69 65.79 -72.26
CA ALA B 266 -65.07 65.44 -72.59
C ALA B 266 -65.79 65.01 -71.33
N ALA B 267 -65.06 64.36 -70.43
CA ALA B 267 -65.60 64.00 -69.13
C ALA B 267 -65.97 65.27 -68.39
N ARG B 268 -65.09 66.28 -68.51
CA ARG B 268 -65.28 67.59 -67.87
C ARG B 268 -66.59 68.24 -68.28
N GLN B 269 -66.83 68.28 -69.60
CA GLN B 269 -68.00 68.94 -70.17
C GLN B 269 -69.29 68.15 -69.90
N ALA B 270 -69.19 66.83 -69.99
CA ALA B 270 -70.36 65.96 -69.79
C ALA B 270 -70.98 66.11 -68.41
N ASP B 271 -70.19 65.90 -67.36
CA ASP B 271 -70.70 66.07 -65.99
C ASP B 271 -69.70 66.81 -65.09
N PRO B 272 -69.79 68.14 -65.07
CA PRO B 272 -68.94 69.01 -64.26
C PRO B 272 -69.05 68.72 -62.76
N ASN B 273 -70.13 68.09 -62.31
CA ASN B 273 -70.26 67.72 -60.90
C ASN B 273 -69.32 66.58 -60.49
N ALA B 274 -68.73 65.92 -61.49
CA ALA B 274 -67.91 64.75 -61.24
C ALA B 274 -66.47 65.09 -60.91
N ILE B 275 -65.97 64.56 -59.80
CA ILE B 275 -64.53 64.60 -59.55
C ILE B 275 -63.91 63.60 -60.52
N LEU B 276 -62.82 63.96 -61.18
CA LEU B 276 -62.26 63.07 -62.21
C LEU B 276 -60.98 62.36 -61.79
N TYR B 277 -61.05 61.03 -61.72
CA TYR B 277 -59.91 60.24 -61.25
C TYR B 277 -59.12 59.50 -62.34
N TYR B 278 -57.82 59.36 -62.13
CA TYR B 278 -57.07 58.26 -62.74
C TYR B 278 -56.88 57.18 -61.69
N ASN B 279 -56.91 55.92 -62.12
CA ASN B 279 -56.95 54.80 -61.18
C ASN B 279 -56.00 53.72 -61.67
N ASP B 280 -55.11 53.26 -60.79
CA ASP B 280 -54.19 52.20 -61.18
C ASP B 280 -53.68 51.46 -59.95
N TYR B 281 -53.12 50.29 -60.18
CA TYR B 281 -52.56 49.50 -59.08
C TYR B 281 -51.02 49.57 -59.15
N ASN B 282 -50.37 48.94 -58.18
CA ASN B 282 -48.90 48.98 -58.07
C ASN B 282 -48.29 50.39 -57.93
N MET B 283 -49.06 51.33 -57.40
CA MET B 283 -48.56 52.69 -57.16
C MET B 283 -47.51 52.81 -56.06
N ASP B 284 -47.33 51.75 -55.27
CA ASP B 284 -46.23 51.71 -54.31
C ASP B 284 -44.91 51.46 -55.03
N GLN B 285 -44.98 51.16 -56.33
CA GLN B 285 -43.78 51.06 -57.15
C GLN B 285 -43.33 52.43 -57.64
N ALA B 286 -42.10 52.80 -57.30
CA ALA B 286 -41.58 54.14 -57.57
C ALA B 286 -41.61 54.49 -59.06
N GLY B 287 -41.19 53.56 -59.90
CA GLY B 287 -41.16 53.78 -61.33
C GLY B 287 -42.52 54.06 -61.93
N LYS B 288 -43.53 53.29 -61.52
CA LYS B 288 -44.88 53.44 -62.07
C LYS B 288 -45.52 54.73 -61.60
N ALA B 289 -45.38 55.03 -60.30
CA ALA B 289 -45.99 56.23 -59.73
C ALA B 289 -45.40 57.48 -60.36
N ALA B 290 -44.14 57.38 -60.79
CA ALA B 290 -43.49 58.44 -61.54
C ALA B 290 -44.25 58.71 -62.84
N LEU B 291 -44.45 57.65 -63.64
CA LEU B 291 -45.16 57.75 -64.91
C LEU B 291 -46.54 58.36 -64.72
N ILE B 292 -47.22 57.96 -63.66
CA ILE B 292 -48.52 58.51 -63.37
C ILE B 292 -48.41 60.00 -63.05
N ALA B 293 -47.45 60.35 -62.18
CA ALA B 293 -47.23 61.75 -61.80
C ALA B 293 -46.89 62.60 -63.01
N ALA B 294 -45.93 62.13 -63.79
CA ALA B 294 -45.54 62.78 -65.05
C ALA B 294 -46.77 63.00 -65.93
N MET B 295 -47.59 61.95 -66.06
CA MET B 295 -48.81 62.04 -66.88
C MET B 295 -49.81 63.03 -66.30
N VAL B 296 -50.00 62.97 -65.00
CA VAL B 296 -50.95 63.86 -64.31
C VAL B 296 -50.44 65.30 -64.37
N ARG B 297 -49.13 65.45 -64.23
CA ARG B 297 -48.49 66.74 -64.42
C ARG B 297 -48.82 67.27 -65.81
N ASP B 298 -48.31 66.59 -66.83
CA ASP B 298 -48.41 67.05 -68.22
C ASP B 298 -49.84 67.29 -68.69
N VAL B 299 -50.79 66.51 -68.19
CA VAL B 299 -52.18 66.69 -68.57
C VAL B 299 -52.80 67.91 -67.90
N ASN B 300 -52.57 68.06 -66.60
CA ASN B 300 -53.12 69.21 -65.90
C ASN B 300 -52.53 70.53 -66.40
N ALA B 301 -51.28 70.47 -66.86
CA ALA B 301 -50.60 71.66 -67.37
C ALA B 301 -51.15 72.10 -68.72
N LYS B 302 -51.44 71.13 -69.58
CA LYS B 302 -52.06 71.41 -70.88
C LYS B 302 -53.44 72.02 -70.68
N TYR B 303 -54.17 71.52 -69.68
CA TYR B 303 -55.47 72.07 -69.33
C TYR B 303 -55.31 73.49 -68.84
N LYS B 304 -54.34 73.68 -67.95
CA LYS B 304 -54.04 74.99 -67.39
C LYS B 304 -53.78 75.98 -68.52
N GLN B 305 -52.88 75.61 -69.41
CA GLN B 305 -52.54 76.43 -70.57
C GLN B 305 -53.78 76.78 -71.41
N ALA B 306 -54.54 75.75 -71.79
CA ALA B 306 -55.71 75.94 -72.64
C ALA B 306 -56.84 76.73 -71.98
N TYR B 307 -56.91 76.69 -70.65
CA TYR B 307 -58.01 77.40 -69.95
C TYR B 307 -57.53 78.08 -68.66
N PRO B 308 -56.72 79.16 -68.79
CA PRO B 308 -55.97 79.71 -67.64
C PRO B 308 -56.87 80.26 -66.50
N ARG B 309 -58.12 80.54 -66.77
CA ARG B 309 -59.02 81.01 -65.74
C ARG B 309 -59.55 79.94 -64.79
N GLU B 310 -59.35 78.67 -65.13
CA GLU B 310 -59.91 77.55 -64.37
C GLU B 310 -59.43 77.36 -62.92
N THR B 311 -60.39 77.29 -61.99
CA THR B 311 -60.12 76.90 -60.61
C THR B 311 -59.75 75.41 -60.52
N ARG B 312 -60.57 74.59 -61.16
CA ARG B 312 -60.41 73.15 -61.10
C ARG B 312 -59.23 72.63 -61.90
N LEU B 313 -58.79 71.43 -61.54
CA LEU B 313 -57.85 70.67 -62.33
C LEU B 313 -58.58 69.87 -63.41
N LEU B 314 -57.85 69.19 -64.27
CA LEU B 314 -58.48 68.31 -65.24
C LEU B 314 -58.58 66.89 -64.66
N ILE B 315 -57.45 66.26 -64.41
CA ILE B 315 -57.47 65.01 -63.66
C ILE B 315 -57.35 65.43 -62.21
N GLU B 316 -58.46 65.32 -61.50
CA GLU B 316 -58.59 65.86 -60.15
C GLU B 316 -58.04 64.95 -59.06
N GLY B 317 -58.07 63.65 -59.29
CA GLY B 317 -57.66 62.73 -58.23
C GLY B 317 -57.00 61.47 -58.74
N ILE B 318 -56.20 60.87 -57.88
CA ILE B 318 -55.52 59.62 -58.20
C ILE B 318 -55.96 58.58 -57.18
N GLY B 319 -56.74 57.61 -57.62
CA GLY B 319 -57.02 56.45 -56.80
C GLY B 319 -55.87 55.47 -56.77
N MET B 320 -55.37 55.18 -55.58
CA MET B 320 -54.34 54.15 -55.47
C MET B 320 -55.10 52.88 -55.18
N GLN B 321 -55.17 51.97 -56.16
CA GLN B 321 -55.98 50.77 -56.00
C GLN B 321 -55.62 50.09 -54.69
N SER B 322 -54.32 50.05 -54.41
CA SER B 322 -53.82 49.50 -53.16
C SER B 322 -54.21 48.06 -52.99
N HIS B 323 -53.93 47.24 -54.00
CA HIS B 323 -54.12 45.82 -53.82
C HIS B 323 -52.78 45.31 -53.34
N HIS B 324 -52.71 45.10 -52.03
CA HIS B 324 -51.42 44.97 -51.38
C HIS B 324 -51.28 43.57 -50.83
N ASN B 325 -50.18 43.31 -50.14
CA ASN B 325 -49.87 41.99 -49.63
C ASN B 325 -48.79 42.11 -48.57
N MET B 326 -48.37 40.98 -48.00
CA MET B 326 -47.51 41.05 -46.82
C MET B 326 -46.17 41.74 -47.11
N ASP B 327 -45.79 41.80 -48.38
CA ASP B 327 -44.46 42.33 -48.76
C ASP B 327 -44.41 43.81 -49.16
N VAL B 328 -45.55 44.48 -49.08
CA VAL B 328 -45.63 45.89 -49.42
C VAL B 328 -45.39 46.73 -48.17
N PRO B 329 -44.28 47.49 -48.15
CA PRO B 329 -43.91 48.38 -47.03
C PRO B 329 -44.73 49.67 -47.00
N ALA B 330 -45.14 50.11 -45.83
CA ALA B 330 -45.81 51.40 -45.70
C ALA B 330 -44.92 52.54 -46.22
N SER B 331 -43.60 52.38 -46.07
CA SER B 331 -42.66 53.40 -46.55
C SER B 331 -42.78 53.71 -48.05
N ASN B 332 -43.04 52.69 -48.87
CA ASN B 332 -43.26 52.90 -50.31
C ASN B 332 -44.57 53.61 -50.65
N ILE B 333 -45.65 53.25 -49.96
CA ILE B 333 -46.92 53.97 -50.10
C ILE B 333 -46.74 55.45 -49.71
N ARG B 334 -46.02 55.68 -48.60
CA ARG B 334 -45.76 57.01 -48.10
C ARG B 334 -45.09 57.88 -49.16
N ASN B 335 -44.06 57.33 -49.78
CA ASN B 335 -43.30 58.05 -50.81
C ASN B 335 -44.19 58.47 -51.97
N THR B 336 -45.05 57.56 -52.42
CA THR B 336 -45.99 57.86 -53.51
C THR B 336 -46.98 58.97 -53.11
N ILE B 337 -47.44 58.96 -51.86
CA ILE B 337 -48.37 59.99 -51.40
C ILE B 337 -47.67 61.35 -51.35
N ASN B 338 -46.39 61.33 -50.94
CA ASN B 338 -45.58 62.54 -50.90
C ASN B 338 -45.33 63.04 -52.33
N ARG B 339 -45.14 62.09 -53.24
CA ARG B 339 -44.98 62.38 -54.65
C ARG B 339 -46.25 63.01 -55.19
N TYR B 340 -47.39 62.43 -54.82
CA TYR B 340 -48.68 62.90 -55.33
C TYR B 340 -49.13 64.20 -54.67
N ARG B 341 -48.58 64.48 -53.48
CA ARG B 341 -48.96 65.69 -52.76
C ARG B 341 -48.61 66.94 -53.56
N GLU B 342 -47.49 66.88 -54.28
CA GLU B 342 -46.99 67.99 -55.09
C GLU B 342 -48.00 68.49 -56.11
N LEU B 343 -48.79 67.58 -56.67
CA LEU B 343 -49.66 67.91 -57.80
C LEU B 343 -50.96 68.57 -57.36
N GLY B 344 -51.22 68.56 -56.06
CA GLY B 344 -52.41 69.21 -55.52
C GLY B 344 -53.68 68.42 -55.78
N VAL B 345 -53.52 67.18 -56.24
CA VAL B 345 -54.64 66.30 -56.58
C VAL B 345 -55.31 65.78 -55.31
N LYS B 346 -56.56 65.32 -55.45
CA LYS B 346 -57.17 64.50 -54.42
C LYS B 346 -56.54 63.13 -54.47
N ILE B 347 -56.58 62.42 -53.34
CA ILE B 347 -56.11 61.04 -53.30
C ILE B 347 -57.17 60.16 -52.68
N SER B 348 -57.40 59.01 -53.30
CA SER B 348 -58.26 57.99 -52.73
C SER B 348 -57.50 56.68 -52.60
N VAL B 349 -57.76 55.96 -51.50
CA VAL B 349 -57.40 54.56 -51.47
C VAL B 349 -58.71 53.91 -51.95
N SER B 350 -58.72 53.53 -53.23
CA SER B 350 -59.94 53.12 -53.93
C SER B 350 -60.34 51.64 -53.80
N GLU B 351 -59.34 50.79 -53.95
CA GLU B 351 -59.48 49.34 -53.98
C GLU B 351 -58.90 48.49 -52.84
N LEU B 352 -58.55 49.11 -51.71
CA LEU B 352 -57.75 48.43 -50.68
C LEU B 352 -58.19 47.01 -50.28
N ASP B 353 -57.23 46.09 -50.35
CA ASP B 353 -57.29 44.80 -49.70
C ASP B 353 -55.86 44.30 -49.55
N ILE B 354 -55.65 43.36 -48.65
CA ILE B 354 -54.28 42.90 -48.38
C ILE B 354 -54.19 41.40 -48.31
N LEU B 355 -53.46 40.78 -49.24
CA LEU B 355 -53.30 39.33 -49.14
C LEU B 355 -52.56 38.99 -47.84
N CYS B 356 -52.91 37.85 -47.24
CA CYS B 356 -52.35 37.38 -45.99
C CYS B 356 -51.06 36.62 -46.28
N MET B 357 -50.52 36.79 -47.48
CA MET B 357 -49.28 36.15 -47.87
C MET B 357 -48.62 37.00 -48.94
N GLY B 358 -47.51 36.51 -49.49
CA GLY B 358 -46.88 37.16 -50.62
C GLY B 358 -47.66 36.92 -51.90
N TRP B 359 -47.45 37.80 -52.89
CA TRP B 359 -48.12 37.63 -54.19
C TRP B 359 -47.85 36.26 -54.85
N SER B 360 -46.61 35.78 -54.81
CA SER B 360 -46.32 34.54 -55.50
C SER B 360 -46.87 33.33 -54.74
N ALA B 361 -46.97 33.42 -53.42
CA ALA B 361 -47.64 32.37 -52.62
C ALA B 361 -49.14 32.27 -52.93
N PHE B 362 -49.80 33.41 -53.05
CA PHE B 362 -51.20 33.47 -53.44
C PHE B 362 -51.38 32.92 -54.86
N ARG B 363 -50.62 33.48 -55.79
CA ARG B 363 -50.72 33.09 -57.20
C ARG B 363 -50.42 31.59 -57.35
N GLY B 364 -49.44 31.13 -56.57
CA GLY B 364 -49.06 29.73 -56.61
C GLY B 364 -49.98 28.78 -55.87
N SER B 365 -50.95 29.28 -55.12
CA SER B 365 -51.87 28.34 -54.48
C SER B 365 -53.27 28.36 -55.07
N THR B 366 -54.07 29.35 -54.70
CA THR B 366 -55.43 29.41 -55.20
C THR B 366 -55.51 30.10 -56.55
N GLY B 367 -54.68 31.11 -56.73
CA GLY B 367 -54.86 32.05 -57.81
C GLY B 367 -56.09 32.88 -57.53
N GLN B 368 -56.60 33.58 -58.53
CA GLN B 368 -57.67 34.52 -58.29
C GLN B 368 -59.07 33.91 -58.40
N GLY B 369 -60.06 34.73 -58.07
CA GLY B 369 -61.45 34.32 -58.08
C GLY B 369 -62.03 34.22 -56.68
N ALA B 370 -63.35 34.41 -56.62
CA ALA B 370 -64.13 34.30 -55.39
C ALA B 370 -64.35 32.86 -54.95
N ASP B 371 -64.75 32.69 -53.69
CA ASP B 371 -65.13 31.42 -53.11
C ASP B 371 -63.95 30.47 -53.03
N LYS B 372 -62.74 31.03 -53.02
CA LYS B 372 -61.52 30.23 -52.83
C LYS B 372 -60.92 30.33 -51.42
N ASP B 373 -61.59 31.08 -50.54
CA ASP B 373 -61.13 31.24 -49.16
C ASP B 373 -60.97 29.93 -48.41
N ASP B 374 -61.75 28.91 -48.77
CA ASP B 374 -61.60 27.63 -48.05
C ASP B 374 -60.47 26.75 -48.62
N MET B 375 -59.73 27.26 -49.61
CA MET B 375 -58.44 26.69 -50.02
C MET B 375 -57.17 27.47 -49.64
N THR B 376 -57.32 28.57 -48.92
CA THR B 376 -56.19 29.42 -48.57
C THR B 376 -55.09 28.65 -47.80
N ILE B 377 -53.84 29.04 -48.03
CA ILE B 377 -52.72 28.57 -47.21
C ILE B 377 -52.28 29.58 -46.12
N ALA B 378 -53.07 30.63 -45.92
CA ALA B 378 -52.77 31.56 -44.84
C ALA B 378 -52.63 30.82 -43.51
N THR B 379 -51.62 31.20 -42.72
CA THR B 379 -51.42 30.65 -41.39
C THR B 379 -52.07 31.60 -40.37
N ASN B 380 -52.11 31.22 -39.09
CA ASN B 380 -52.76 32.10 -38.10
C ASN B 380 -51.91 33.36 -37.91
N ARG B 381 -50.58 33.19 -38.02
CA ARG B 381 -49.68 34.33 -37.88
C ARG B 381 -49.83 35.32 -39.05
N ASN B 382 -50.04 34.79 -40.26
CA ASN B 382 -50.31 35.64 -41.42
C ASN B 382 -51.50 36.54 -41.16
N ILE B 383 -52.54 35.99 -40.53
CA ILE B 383 -53.77 36.74 -40.32
C ILE B 383 -53.56 37.88 -39.33
N LEU B 384 -52.82 37.60 -38.25
CA LEU B 384 -52.42 38.64 -37.31
C LEU B 384 -51.50 39.67 -37.95
N ASP B 385 -50.55 39.21 -38.76
CA ASP B 385 -49.68 40.13 -39.51
C ASP B 385 -50.49 41.03 -40.46
N GLN B 386 -51.52 40.46 -41.09
CA GLN B 386 -52.40 41.25 -41.94
C GLN B 386 -53.09 42.35 -41.16
N ALA B 387 -53.58 42.01 -39.96
CA ALA B 387 -54.25 43.02 -39.13
C ALA B 387 -53.26 44.14 -38.84
N TYR B 388 -52.03 43.77 -38.51
CA TYR B 388 -50.99 44.76 -38.24
C TYR B 388 -50.77 45.70 -39.43
N LYS B 389 -50.82 45.14 -40.63
CA LYS B 389 -50.61 45.92 -41.85
C LYS B 389 -51.77 46.86 -42.16
N PHE B 390 -52.98 46.45 -41.80
CA PHE B 390 -54.14 47.33 -41.95
C PHE B 390 -54.00 48.55 -41.05
N ASN B 391 -53.66 48.29 -39.79
CA ASN B 391 -53.35 49.34 -38.83
C ASN B 391 -52.26 50.30 -39.35
N GLU B 392 -51.18 49.72 -39.87
CA GLU B 392 -50.03 50.46 -40.39
C GLU B 392 -50.43 51.40 -41.51
N TYR B 393 -51.05 50.82 -42.56
CA TYR B 393 -51.52 51.59 -43.71
C TYR B 393 -52.50 52.71 -43.32
N MET B 394 -53.47 52.36 -42.49
CA MET B 394 -54.51 53.33 -42.09
C MET B 394 -53.96 54.54 -41.30
N LYS B 395 -52.92 54.32 -40.47
CA LYS B 395 -52.27 55.42 -39.76
C LYS B 395 -51.57 56.32 -40.76
N LEU B 396 -51.01 55.70 -41.79
CA LEU B 396 -50.38 56.47 -42.83
C LEU B 396 -51.43 57.34 -43.53
N TYR B 397 -52.58 56.74 -43.83
CA TYR B 397 -53.66 57.44 -44.55
C TYR B 397 -54.19 58.61 -43.71
N LEU B 398 -54.32 58.37 -42.41
CA LEU B 398 -54.78 59.40 -41.50
C LEU B 398 -53.83 60.61 -41.47
N GLU B 399 -52.52 60.34 -41.45
CA GLU B 399 -51.48 61.36 -41.51
C GLU B 399 -51.67 62.21 -42.76
N ASN B 400 -52.09 61.53 -43.82
CA ASN B 400 -52.35 62.13 -45.12
C ASN B 400 -53.81 62.45 -45.47
N SER B 401 -54.68 62.36 -44.47
CA SER B 401 -56.12 62.51 -44.68
C SER B 401 -56.57 63.90 -45.09
N ASP B 402 -55.67 64.87 -45.03
CA ASP B 402 -56.03 66.20 -45.50
C ASP B 402 -56.25 66.13 -47.00
N ILE B 403 -55.35 65.42 -47.70
CA ILE B 403 -55.50 65.22 -49.12
C ILE B 403 -56.19 63.92 -49.55
N ILE B 404 -56.34 62.98 -48.62
CA ILE B 404 -57.00 61.71 -48.94
C ILE B 404 -58.48 61.82 -48.58
N GLU B 405 -59.33 61.88 -49.61
CA GLU B 405 -60.76 62.06 -49.38
C GLU B 405 -61.54 60.75 -49.24
N ARG B 406 -60.94 59.64 -49.61
CA ARG B 406 -61.68 58.36 -49.63
C ARG B 406 -60.80 57.14 -49.34
N VAL B 407 -61.26 56.25 -48.46
CA VAL B 407 -60.64 54.94 -48.30
C VAL B 407 -61.71 53.90 -48.59
N SER B 408 -61.56 53.21 -49.70
CA SER B 408 -62.56 52.23 -50.07
C SER B 408 -61.94 50.86 -50.10
N MET B 409 -62.62 49.89 -49.54
CA MET B 409 -62.08 48.55 -49.65
C MET B 409 -62.78 47.79 -50.77
N TRP B 410 -62.03 46.89 -51.40
CA TRP B 410 -62.45 46.13 -52.57
C TRP B 410 -63.30 44.92 -52.16
N GLY B 411 -64.03 45.05 -51.06
CA GLY B 411 -65.10 44.12 -50.77
C GLY B 411 -65.37 44.04 -49.29
N VAL B 412 -66.40 43.28 -48.91
CA VAL B 412 -66.79 43.16 -47.51
C VAL B 412 -66.27 41.84 -46.90
N SER B 413 -66.77 40.70 -47.38
CA SER B 413 -66.38 39.39 -46.81
C SER B 413 -65.36 38.65 -47.67
N ASP B 414 -64.39 37.99 -47.02
CA ASP B 414 -63.34 37.25 -47.70
C ASP B 414 -63.89 36.31 -48.74
N ARG B 415 -65.00 35.65 -48.43
CA ARG B 415 -65.55 34.66 -49.36
C ARG B 415 -65.80 35.23 -50.76
N TYR B 416 -66.26 36.48 -50.80
CA TYR B 416 -66.66 37.13 -52.06
C TYR B 416 -65.59 38.06 -52.63
N SER B 417 -64.44 38.09 -51.99
CA SER B 417 -63.30 38.81 -52.55
C SER B 417 -62.87 38.23 -53.89
N TRP B 418 -62.65 39.08 -54.88
CA TRP B 418 -62.02 38.71 -56.13
C TRP B 418 -60.67 38.02 -55.93
N ARG B 419 -60.07 38.25 -54.77
CA ARG B 419 -58.88 37.52 -54.36
C ARG B 419 -59.02 36.76 -53.03
N SER B 420 -60.17 36.14 -52.85
CA SER B 420 -60.51 35.36 -51.66
C SER B 420 -59.48 34.33 -51.18
N GLY B 421 -58.69 33.77 -52.09
CA GLY B 421 -57.66 32.81 -51.73
C GLY B 421 -56.63 33.39 -50.75
N GLY B 422 -56.60 34.72 -50.67
CA GLY B 422 -55.66 35.41 -49.81
C GLY B 422 -56.27 36.04 -48.56
N LEU B 423 -57.55 35.79 -48.31
CA LEU B 423 -58.24 36.29 -47.12
C LEU B 423 -58.02 37.81 -46.93
N PRO B 424 -58.19 38.57 -48.00
CA PRO B 424 -57.73 39.94 -48.11
C PRO B 424 -58.46 41.06 -47.37
N LEU B 425 -59.61 40.77 -46.79
CA LEU B 425 -60.52 41.80 -46.33
C LEU B 425 -60.66 41.84 -44.80
N LEU B 426 -61.58 42.69 -44.32
CA LEU B 426 -61.82 42.86 -42.87
C LEU B 426 -62.72 41.84 -42.22
N PHE B 427 -63.60 41.23 -43.01
CA PHE B 427 -64.57 40.30 -42.47
C PHE B 427 -64.36 38.93 -43.12
N ASP B 428 -64.70 37.87 -42.37
CA ASP B 428 -64.48 36.51 -42.84
C ASP B 428 -65.62 35.98 -43.69
N ALA B 429 -65.53 34.70 -44.08
CA ALA B 429 -66.51 34.09 -44.96
C ALA B 429 -67.93 34.12 -44.38
N ASP B 430 -67.99 34.24 -43.06
CA ASP B 430 -69.24 34.21 -42.30
C ASP B 430 -69.76 35.61 -41.94
N ASN B 431 -69.15 36.65 -42.53
CA ASN B 431 -69.47 38.06 -42.23
C ASN B 431 -69.14 38.47 -40.80
N LYS B 432 -68.20 37.74 -40.18
CA LYS B 432 -67.75 38.08 -38.84
C LYS B 432 -66.47 38.89 -38.92
N ALA B 433 -66.30 39.81 -37.98
CA ALA B 433 -65.11 40.67 -37.95
C ALA B 433 -63.80 39.88 -37.72
N LYS B 434 -62.81 40.09 -38.60
CA LYS B 434 -61.48 39.49 -38.43
C LYS B 434 -60.62 40.32 -37.47
N PRO B 435 -59.48 39.77 -36.98
CA PRO B 435 -58.61 40.67 -36.22
C PRO B 435 -58.27 41.96 -36.99
N ALA B 436 -58.30 41.89 -38.32
CA ALA B 436 -58.05 43.03 -39.20
C ALA B 436 -59.05 44.17 -39.01
N TYR B 437 -60.33 43.81 -38.84
CA TYR B 437 -61.36 44.79 -38.53
C TYR B 437 -60.95 45.62 -37.32
N TYR B 438 -60.59 44.94 -36.24
CA TYR B 438 -60.26 45.66 -35.02
C TYR B 438 -59.03 46.55 -35.16
N SER B 439 -58.01 46.05 -35.86
CA SER B 439 -56.80 46.82 -36.09
C SER B 439 -57.09 48.00 -37.01
N PHE B 440 -57.92 47.77 -38.02
CA PHE B 440 -58.39 48.84 -38.91
C PHE B 440 -59.04 49.96 -38.10
N VAL B 441 -60.02 49.61 -37.28
CA VAL B 441 -60.71 50.61 -36.45
C VAL B 441 -59.75 51.30 -35.48
N ARG B 442 -58.84 50.51 -34.88
CA ARG B 442 -57.95 51.02 -33.83
C ARG B 442 -56.91 52.01 -34.35
N ALA B 443 -56.79 52.09 -35.67
CA ALA B 443 -55.81 52.99 -36.28
C ALA B 443 -56.04 54.46 -35.91
N ARG B 444 -57.29 54.84 -35.78
CA ARG B 444 -57.66 56.20 -35.44
C ARG B 444 -57.31 56.50 -34.01
N GLU B 445 -57.53 55.56 -33.12
CA GLU B 445 -57.19 55.66 -31.71
C GLU B 445 -55.67 55.75 -31.53
N ASP B 446 -54.93 54.97 -32.31
CA ASP B 446 -53.47 54.97 -32.24
C ASP B 446 -52.90 56.27 -32.79
N TYR B 447 -53.46 56.72 -33.91
CA TYR B 447 -53.05 57.97 -34.56
C TYR B 447 -53.28 59.17 -33.65
N GLU B 448 -54.47 59.23 -33.06
CA GLU B 448 -54.88 60.36 -32.23
C GLU B 448 -54.13 60.39 -30.90
N ALA B 449 -53.59 59.26 -30.47
CA ALA B 449 -52.73 59.25 -29.29
C ALA B 449 -51.37 59.82 -29.69
N ALA B 450 -50.86 59.35 -30.82
CA ALA B 450 -49.55 59.75 -31.32
C ALA B 450 -49.52 61.20 -31.78
N LYS B 451 -50.69 61.80 -31.93
CA LYS B 451 -50.79 63.24 -32.11
C LYS B 451 -50.65 63.86 -30.75
N ALA B 452 -51.40 63.32 -29.80
CA ALA B 452 -51.52 63.90 -28.46
C ALA B 452 -50.19 63.91 -27.70
N ALA B 453 -49.20 63.19 -28.21
CA ALA B 453 -47.85 63.31 -27.70
C ALA B 453 -46.85 63.30 -28.85
N LYS B 454 -46.07 64.38 -28.97
CA LYS B 454 -45.08 64.48 -30.02
C LYS B 454 -43.70 64.00 -29.53
N ASN C 3 21.38 -26.84 56.02
CA ASN C 3 21.85 -25.67 56.76
C ASN C 3 22.82 -24.74 55.99
N GLU C 4 22.88 -24.91 54.67
CA GLU C 4 23.65 -24.03 53.82
C GLU C 4 22.82 -23.17 52.89
N ILE C 5 23.42 -22.06 52.50
CA ILE C 5 22.96 -21.28 51.34
C ILE C 5 24.05 -21.29 50.25
N THR C 6 23.61 -21.25 49.00
CA THR C 6 24.52 -21.28 47.85
C THR C 6 24.43 -19.98 47.08
N LEU C 7 25.57 -19.38 46.79
CA LEU C 7 25.60 -18.05 46.17
C LEU C 7 26.53 -18.07 44.96
N THR C 8 26.10 -17.40 43.90
CA THR C 8 26.94 -17.27 42.72
C THR C 8 28.07 -16.29 43.05
N ILE C 9 29.26 -16.55 42.53
CA ILE C 9 30.37 -15.65 42.79
C ILE C 9 30.02 -14.24 42.33
N GLY C 10 30.20 -13.26 43.22
CA GLY C 10 29.78 -11.90 42.97
C GLY C 10 28.49 -11.53 43.69
N GLN C 11 27.69 -12.53 44.05
CA GLN C 11 26.40 -12.24 44.68
C GLN C 11 26.59 -11.82 46.15
N GLN C 12 25.78 -10.85 46.59
CA GLN C 12 25.75 -10.42 47.98
C GLN C 12 24.41 -10.80 48.60
N LYS C 13 24.43 -11.26 49.85
CA LYS C 13 23.21 -11.72 50.50
C LYS C 13 23.16 -11.26 51.96
N ASP C 14 21.98 -10.84 52.40
CA ASP C 14 21.78 -10.49 53.80
C ASP C 14 21.45 -11.75 54.62
N LEU C 15 22.32 -12.11 55.57
CA LEU C 15 22.07 -13.29 56.41
C LEU C 15 21.21 -13.00 57.66
N ALA C 16 20.76 -11.75 57.83
CA ALA C 16 20.01 -11.38 59.04
C ALA C 16 18.83 -12.32 59.31
N SER C 17 18.21 -12.83 58.24
CA SER C 17 17.12 -13.77 58.39
C SER C 17 17.57 -15.12 58.95
N MET C 18 18.86 -15.39 58.94
CA MET C 18 19.41 -16.63 59.46
C MET C 18 19.85 -16.45 60.92
N VAL C 19 19.73 -15.24 61.42
CA VAL C 19 20.01 -14.97 62.83
C VAL C 19 18.84 -15.52 63.64
N PRO C 20 19.15 -16.36 64.65
CA PRO C 20 18.10 -16.91 65.51
C PRO C 20 17.38 -15.85 66.32
N ALA C 21 16.07 -16.03 66.51
CA ALA C 21 15.22 -15.00 67.09
C ALA C 21 15.59 -14.67 68.54
N LYS C 22 16.31 -15.56 69.20
CA LYS C 22 16.74 -15.33 70.58
C LYS C 22 18.00 -14.51 70.65
N PHE C 23 18.53 -14.10 69.49
CA PHE C 23 19.65 -13.17 69.46
C PHE C 23 19.15 -11.74 69.55
N ALA C 24 17.83 -11.61 69.69
CA ALA C 24 17.21 -10.54 70.46
C ALA C 24 17.73 -9.11 70.29
N GLY C 25 18.01 -8.52 71.44
CA GLY C 25 18.50 -7.16 71.55
C GLY C 25 19.99 -7.20 71.67
N GLN C 26 20.58 -8.25 71.11
CA GLN C 26 22.01 -8.51 71.23
C GLN C 26 22.86 -7.74 70.22
N GLU C 27 24.05 -7.36 70.65
CA GLU C 27 25.01 -6.79 69.73
C GLU C 27 25.65 -7.98 69.00
N LEU C 28 25.50 -8.02 67.69
CA LEU C 28 25.98 -9.16 66.90
C LEU C 28 27.33 -8.87 66.28
N SER C 29 28.20 -9.88 66.23
CA SER C 29 29.43 -9.77 65.46
C SER C 29 29.45 -10.90 64.43
N TRP C 30 30.07 -10.64 63.28
CA TRP C 30 30.07 -11.57 62.15
C TRP C 30 31.49 -11.91 61.72
N THR C 31 31.79 -13.18 61.47
CA THR C 31 33.08 -13.54 60.91
C THR C 31 32.93 -14.64 59.87
N SER C 32 33.89 -14.73 58.96
CA SER C 32 33.91 -15.81 58.00
C SER C 32 35.05 -16.74 58.35
N SER C 33 34.92 -18.04 58.08
CA SER C 33 36.06 -18.95 58.25
C SER C 33 37.11 -18.76 57.15
N ASP C 34 36.69 -18.30 55.98
CA ASP C 34 37.59 -18.01 54.87
C ASP C 34 37.11 -16.76 54.18
N PRO C 35 37.53 -15.60 54.69
CA PRO C 35 37.04 -14.32 54.17
C PRO C 35 37.51 -14.07 52.72
N GLU C 36 38.57 -14.75 52.30
CA GLU C 36 38.95 -14.66 50.89
C GLU C 36 38.01 -15.46 49.96
N THR C 37 37.35 -16.49 50.49
CA THR C 37 36.33 -17.21 49.72
C THR C 37 34.94 -16.54 49.77
N ALA C 38 34.50 -16.17 50.98
CA ALA C 38 33.25 -15.42 51.18
C ALA C 38 33.48 -14.43 52.33
N SER C 39 33.21 -13.15 52.11
CA SER C 39 33.46 -12.18 53.18
C SER C 39 32.13 -11.71 53.76
N VAL C 40 32.12 -11.34 55.04
CA VAL C 40 30.91 -10.82 55.67
C VAL C 40 31.16 -9.47 56.34
N THR C 41 30.23 -8.53 56.18
CA THR C 41 30.36 -7.25 56.87
C THR C 41 29.96 -7.40 58.33
N ASP C 42 30.07 -6.32 59.10
CA ASP C 42 29.63 -6.34 60.50
C ASP C 42 28.09 -6.26 60.59
N LYS C 43 27.44 -6.03 59.45
CA LYS C 43 25.98 -6.06 59.37
C LYS C 43 25.43 -7.38 58.84
N GLY C 44 26.32 -8.32 58.53
CA GLY C 44 25.88 -9.64 58.11
C GLY C 44 25.56 -9.79 56.62
N ILE C 45 26.07 -8.88 55.81
CA ILE C 45 25.92 -9.05 54.37
C ILE C 45 27.10 -9.87 53.87
N VAL C 46 26.83 -11.06 53.33
CA VAL C 46 27.91 -11.91 52.81
C VAL C 46 28.07 -11.71 51.28
N THR C 47 29.33 -11.73 50.81
CA THR C 47 29.65 -11.63 49.39
C THR C 47 30.45 -12.88 48.96
N ALA C 48 29.94 -13.62 47.97
CA ALA C 48 30.66 -14.77 47.45
C ALA C 48 31.79 -14.27 46.54
N LEU C 49 33.02 -14.69 46.78
CA LEU C 49 34.22 -14.12 46.15
C LEU C 49 34.95 -15.09 45.23
N LYS C 50 35.33 -16.26 45.73
CA LYS C 50 35.97 -17.19 44.81
C LYS C 50 35.57 -18.64 45.05
N PHE C 51 36.13 -19.54 44.21
CA PHE C 51 36.03 -20.95 44.47
C PHE C 51 37.46 -21.39 44.81
N SER C 52 37.65 -22.66 45.10
CA SER C 52 38.97 -23.14 45.47
C SER C 52 39.63 -23.97 44.36
N SER C 53 39.22 -25.22 44.26
CA SER C 53 39.76 -26.12 43.28
C SER C 53 38.96 -26.05 41.98
N GLY C 54 39.46 -26.69 40.95
CA GLY C 54 38.68 -26.81 39.75
C GLY C 54 38.69 -25.69 38.76
N GLY C 55 39.64 -24.78 38.91
CA GLY C 55 39.77 -23.72 37.95
C GLY C 55 40.02 -24.19 36.52
N ALA C 56 40.80 -25.25 36.31
CA ALA C 56 41.18 -25.63 34.96
C ALA C 56 40.17 -26.59 34.35
N ASN C 57 39.21 -27.04 35.17
CA ASN C 57 38.17 -27.96 34.73
C ASN C 57 37.13 -27.27 33.86
N LEU C 58 36.51 -28.05 32.99
CA LEU C 58 35.45 -27.53 32.12
C LEU C 58 34.17 -27.24 32.91
N PHE C 59 33.65 -26.03 32.75
CA PHE C 59 32.44 -25.56 33.42
C PHE C 59 31.31 -26.56 33.32
N LEU C 60 31.12 -27.09 32.12
CA LEU C 60 29.98 -27.97 31.89
C LEU C 60 30.08 -29.33 32.60
N LYS C 61 31.31 -29.80 32.81
CA LYS C 61 31.58 -31.06 33.46
C LYS C 61 31.58 -30.97 35.00
N ALA C 62 32.30 -29.96 35.51
CA ALA C 62 32.52 -29.82 36.94
C ALA C 62 32.54 -28.36 37.36
N PRO C 63 31.37 -27.73 37.52
CA PRO C 63 31.30 -26.34 37.95
C PRO C 63 32.07 -26.14 39.25
N ALA C 64 32.95 -25.15 39.31
CA ALA C 64 33.77 -24.91 40.49
C ALA C 64 32.99 -24.34 41.66
N THR C 65 33.35 -24.75 42.86
CA THR C 65 32.68 -24.26 44.05
C THR C 65 33.69 -23.93 45.14
N GLY C 66 33.21 -23.27 46.19
CA GLY C 66 34.04 -23.00 47.34
C GLY C 66 33.11 -23.01 48.53
N GLU C 67 33.68 -22.86 49.73
CA GLU C 67 32.85 -22.79 50.92
C GLU C 67 33.51 -22.05 52.06
N ALA C 68 32.69 -21.46 52.92
CA ALA C 68 33.19 -20.77 54.10
C ALA C 68 32.09 -20.88 55.12
N ILE C 69 32.45 -20.85 56.39
CA ILE C 69 31.43 -20.84 57.43
C ILE C 69 31.27 -19.42 57.96
N ILE C 70 30.07 -18.87 57.83
CA ILE C 70 29.82 -17.56 58.41
C ILE C 70 29.15 -17.74 59.77
N THR C 71 29.72 -17.10 60.79
CA THR C 71 29.27 -17.26 62.15
C THR C 71 28.83 -15.91 62.72
N VAL C 72 27.65 -15.89 63.32
CA VAL C 72 27.14 -14.69 63.96
C VAL C 72 27.16 -14.93 65.46
N THR C 73 27.76 -14.00 66.20
CA THR C 73 27.96 -14.21 67.63
C THR C 73 27.19 -13.17 68.41
N ALA C 74 26.46 -13.61 69.44
CA ALA C 74 25.91 -12.69 70.42
C ALA C 74 26.34 -13.17 71.80
N GLY C 75 27.20 -12.40 72.46
CA GLY C 75 27.75 -12.79 73.75
C GLY C 75 28.41 -14.16 73.68
N LYS C 76 27.94 -15.07 74.53
CA LYS C 76 28.44 -16.45 74.59
C LYS C 76 27.90 -17.34 73.48
N GLN C 77 26.68 -17.06 73.03
CA GLN C 77 26.02 -17.91 72.05
C GLN C 77 26.49 -17.58 70.64
N SER C 78 26.41 -18.56 69.75
CA SER C 78 26.75 -18.33 68.35
C SER C 78 25.92 -19.24 67.45
N HIS C 79 25.87 -18.89 66.16
CA HIS C 79 25.16 -19.69 65.17
C HIS C 79 25.87 -19.63 63.80
N SER C 80 26.02 -20.79 63.17
CA SER C 80 26.82 -20.87 61.94
C SER C 80 26.03 -21.30 60.71
N VAL C 81 26.30 -20.67 59.57
CA VAL C 81 25.73 -21.08 58.29
C VAL C 81 26.88 -21.46 57.38
N LYS C 82 26.78 -22.58 56.67
CA LYS C 82 27.74 -22.88 55.61
C LYS C 82 27.34 -22.16 54.32
N VAL C 83 28.25 -21.37 53.77
CA VAL C 83 27.98 -20.66 52.53
C VAL C 83 28.76 -21.34 51.41
N ILE C 84 28.03 -21.83 50.42
CA ILE C 84 28.64 -22.37 49.20
C ILE C 84 28.73 -21.29 48.12
N THR C 85 29.94 -21.06 47.62
CA THR C 85 30.13 -20.17 46.49
C THR C 85 30.17 -21.04 45.25
N THR C 86 29.60 -20.56 44.14
CA THR C 86 29.64 -21.33 42.91
C THR C 86 29.74 -20.44 41.68
N VAL C 87 30.38 -20.95 40.64
CA VAL C 87 30.38 -20.26 39.35
C VAL C 87 28.99 -20.28 38.69
N LYS C 88 28.11 -21.16 39.14
CA LYS C 88 26.84 -21.36 38.45
C LYS C 88 25.88 -20.26 38.84
N GLY C 89 24.98 -19.92 37.94
CA GLY C 89 23.96 -18.95 38.21
C GLY C 89 22.89 -19.40 39.16
N LYS C 90 22.41 -18.49 39.99
CA LYS C 90 21.41 -18.80 40.99
C LYS C 90 20.17 -17.89 40.88
N GLU C 91 20.40 -16.59 40.73
CA GLU C 91 19.30 -15.62 40.66
C GLU C 91 18.68 -15.40 39.27
N ASP C 92 17.36 -15.57 39.20
CA ASP C 92 16.62 -15.30 37.97
C ASP C 92 16.62 -13.82 37.59
N ILE C 93 16.71 -13.57 36.29
CA ILE C 93 16.80 -12.20 35.76
C ILE C 93 15.68 -11.26 36.24
N GLU C 94 14.48 -11.80 36.44
CA GLU C 94 13.33 -10.97 36.81
C GLU C 94 13.29 -10.69 38.30
N LYS C 95 14.24 -11.28 39.04
CA LYS C 95 14.42 -11.05 40.47
C LYS C 95 15.49 -10.00 40.74
N LEU C 96 16.01 -9.38 39.69
CA LEU C 96 17.13 -8.47 39.91
C LEU C 96 16.66 -7.04 39.63
N PRO C 97 17.30 -6.05 40.27
CA PRO C 97 16.86 -4.67 40.03
C PRO C 97 17.23 -4.28 38.61
N PRO C 98 16.47 -3.35 38.02
CA PRO C 98 16.74 -2.94 36.63
C PRO C 98 18.16 -2.48 36.38
N LEU C 99 18.79 -3.10 35.38
CA LEU C 99 20.12 -2.71 34.94
C LEU C 99 20.12 -1.26 34.49
N LYS C 100 19.07 -0.87 33.76
CA LYS C 100 19.00 0.53 33.28
C LYS C 100 18.98 1.55 34.39
N ASP C 101 18.32 1.24 35.51
CA ASP C 101 18.26 2.21 36.60
C ASP C 101 19.63 2.43 37.21
N HIS C 102 20.37 1.34 37.41
CA HIS C 102 21.70 1.43 38.01
C HIS C 102 22.62 2.38 37.26
N PHE C 103 22.54 2.33 35.93
CA PHE C 103 23.38 3.15 35.04
C PHE C 103 22.79 4.45 34.47
N LYS C 104 21.60 4.84 34.95
CA LYS C 104 20.84 5.90 34.27
C LYS C 104 21.50 7.29 34.22
N ASP C 105 22.48 7.57 35.08
CA ASP C 105 23.19 8.86 35.05
C ASP C 105 24.34 8.81 34.04
N TYR C 106 24.55 7.65 33.45
CA TYR C 106 25.73 7.39 32.59
C TYR C 106 25.39 7.19 31.12
N PHE C 107 24.50 6.24 30.85
CA PHE C 107 24.14 5.95 29.47
C PHE C 107 23.00 4.98 29.44
N LEU C 108 22.28 4.96 28.32
CA LEU C 108 21.20 4.03 28.10
C LEU C 108 21.75 2.62 28.25
N ILE C 109 21.05 1.76 28.96
CA ILE C 109 21.45 0.35 29.00
C ILE C 109 20.56 -0.38 28.01
N GLY C 110 21.16 -1.20 27.15
CA GLY C 110 20.40 -1.68 26.02
C GLY C 110 20.65 -3.15 25.72
N ASN C 111 19.77 -3.72 24.93
CA ASN C 111 19.90 -5.12 24.54
C ASN C 111 19.21 -5.34 23.20
N ILE C 112 19.04 -6.59 22.83
CA ILE C 112 18.41 -6.87 21.57
C ILE C 112 17.09 -7.56 21.77
N PHE C 113 16.24 -7.51 20.76
CA PHE C 113 15.05 -8.33 20.74
C PHE C 113 14.70 -8.91 19.39
N ASN C 114 13.76 -9.84 19.40
CA ASN C 114 13.38 -10.60 18.21
C ASN C 114 11.87 -10.65 18.07
N ASN C 115 11.40 -11.04 16.89
CA ASN C 115 9.96 -11.26 16.66
C ASN C 115 9.33 -12.16 17.76
N ARG C 116 10.05 -13.18 18.21
CA ARG C 116 9.47 -14.05 19.25
C ARG C 116 9.21 -13.34 20.60
N ASP C 117 9.88 -12.21 20.82
CA ASP C 117 9.73 -11.46 22.06
C ASP C 117 8.43 -10.67 22.15
N VAL C 118 7.67 -10.66 21.07
CA VAL C 118 6.44 -9.85 21.03
C VAL C 118 5.26 -10.74 20.69
N SER C 119 4.13 -10.46 21.32
CA SER C 119 2.87 -11.11 20.95
C SER C 119 1.95 -10.03 20.42
N GLY C 120 1.49 -10.19 19.20
CA GLY C 120 0.78 -9.12 18.52
C GLY C 120 1.66 -7.88 18.42
N SER C 121 1.15 -6.76 18.93
CA SER C 121 1.93 -5.56 19.11
C SER C 121 2.40 -5.34 20.55
N MET C 122 2.26 -6.36 21.41
CA MET C 122 2.67 -6.26 22.81
C MET C 122 3.93 -7.09 23.16
N MET C 123 4.73 -6.63 24.14
CA MET C 123 5.92 -7.39 24.61
C MET C 123 5.52 -8.64 25.38
N ASP C 124 6.14 -9.77 25.04
CA ASP C 124 5.75 -11.07 25.52
C ASP C 124 6.62 -11.65 26.66
N ASN C 125 7.65 -10.91 27.04
CA ASN C 125 8.34 -11.21 28.30
C ASN C 125 8.54 -9.92 29.05
N ASP C 126 8.68 -10.02 30.36
CA ASP C 126 8.84 -8.82 31.17
C ASP C 126 10.29 -8.39 31.39
N TRP C 127 11.25 -9.28 31.15
CA TRP C 127 12.62 -8.95 31.54
C TRP C 127 13.26 -7.94 30.60
N LEU C 128 12.75 -7.83 29.37
CA LEU C 128 13.36 -6.86 28.46
C LEU C 128 13.03 -5.40 28.87
N ALA C 129 11.77 -5.12 29.14
CA ALA C 129 11.41 -3.77 29.52
C ALA C 129 11.90 -3.50 30.93
N HIS C 130 12.01 -4.55 31.71
CA HIS C 130 12.41 -4.43 33.10
C HIS C 130 13.84 -3.90 33.17
N HIS C 131 14.73 -4.56 32.41
CA HIS C 131 16.15 -4.22 32.42
C HIS C 131 16.69 -3.13 31.46
N TYR C 132 16.11 -3.01 30.27
CA TYR C 132 16.73 -2.20 29.20
C TYR C 132 15.92 -1.00 28.76
N ALA C 133 16.59 0.13 28.49
CA ALA C 133 15.96 1.38 28.04
C ALA C 133 15.81 1.50 26.51
N ILE C 134 16.55 0.69 25.77
CA ILE C 134 16.52 0.77 24.32
C ILE C 134 16.83 -0.61 23.79
N LEU C 135 16.18 -0.99 22.68
CA LEU C 135 16.39 -2.31 22.07
C LEU C 135 16.76 -2.20 20.60
N THR C 136 17.71 -3.03 20.17
CA THR C 136 18.04 -3.19 18.76
C THR C 136 17.43 -4.48 18.26
N PRO C 137 16.62 -4.43 17.17
CA PRO C 137 16.15 -5.69 16.58
C PRO C 137 17.34 -6.51 16.12
N GLU C 138 17.44 -7.77 16.54
CA GLU C 138 18.65 -8.54 16.19
C GLU C 138 18.68 -8.79 14.70
N ASN C 139 17.50 -8.96 14.15
CA ASN C 139 17.26 -9.49 12.83
C ASN C 139 16.35 -8.64 11.98
N HIS C 140 15.18 -8.30 12.51
CA HIS C 140 14.06 -7.89 11.66
C HIS C 140 14.17 -6.55 10.93
N MET C 141 15.25 -5.82 11.15
CA MET C 141 15.49 -4.66 10.35
C MET C 141 16.69 -4.75 9.41
N LYS C 142 17.26 -5.95 9.26
CA LYS C 142 18.28 -6.16 8.24
C LYS C 142 17.61 -6.09 6.88
N PRO C 143 18.32 -5.62 5.84
CA PRO C 143 17.67 -5.33 4.55
C PRO C 143 16.84 -6.48 3.98
N SER C 144 17.37 -7.71 4.00
CA SER C 144 16.62 -8.89 3.54
C SER C 144 15.26 -9.01 4.24
N ASN C 145 15.22 -8.59 5.49
CA ASN C 145 13.98 -8.64 6.26
C ASN C 145 13.02 -7.47 6.05
N LEU C 146 13.55 -6.35 5.56
CA LEU C 146 12.68 -5.23 5.17
C LEU C 146 12.22 -5.16 3.71
N THR C 147 12.93 -5.85 2.80
CA THR C 147 12.57 -5.80 1.37
C THR C 147 12.86 -7.10 0.63
N ASN C 148 11.87 -7.60 -0.09
CA ASN C 148 12.05 -8.81 -0.91
C ASN C 148 12.07 -8.68 -2.44
N ASN C 149 11.89 -7.47 -2.95
CA ASN C 149 11.87 -7.31 -4.41
C ASN C 149 12.10 -5.87 -4.86
N ARG C 150 12.52 -5.73 -6.11
CA ARG C 150 12.51 -4.44 -6.76
C ARG C 150 11.97 -4.63 -8.17
N ASN C 151 10.96 -3.84 -8.51
CA ASN C 151 10.33 -3.90 -9.84
C ASN C 151 11.30 -3.37 -10.88
N GLU C 152 11.58 -4.17 -11.90
CA GLU C 152 12.53 -3.78 -12.94
C GLU C 152 11.96 -2.76 -13.92
N THR C 153 10.64 -2.78 -14.09
CA THR C 153 9.98 -1.81 -14.96
C THR C 153 9.94 -0.40 -14.34
N THR C 154 9.41 -0.29 -13.13
CA THR C 154 9.18 1.00 -12.49
C THR C 154 10.24 1.53 -11.51
N GLY C 155 11.06 0.66 -10.96
CA GLY C 155 11.89 1.02 -9.82
C GLY C 155 11.29 0.80 -8.44
N GLU C 156 9.98 0.51 -8.38
CA GLU C 156 9.31 0.35 -7.09
C GLU C 156 9.93 -0.80 -6.27
N ILE C 157 10.27 -0.48 -5.03
CA ILE C 157 10.85 -1.46 -4.11
C ILE C 157 9.73 -2.06 -3.28
N THR C 158 9.71 -3.39 -3.15
CA THR C 158 8.67 -4.04 -2.34
C THR C 158 9.19 -4.15 -0.91
N TYR C 159 8.41 -3.66 0.06
CA TYR C 159 8.83 -3.71 1.46
C TYR C 159 7.98 -4.66 2.31
N THR C 160 8.61 -5.34 3.26
CA THR C 160 7.85 -6.10 4.23
C THR C 160 8.12 -5.48 5.58
N PHE C 161 7.27 -4.54 5.97
CA PHE C 161 7.48 -3.77 7.20
C PHE C 161 6.74 -4.34 8.41
N SER C 162 5.79 -5.24 8.19
CA SER C 162 4.79 -5.55 9.24
C SER C 162 5.43 -6.09 10.52
N THR C 163 6.38 -7.02 10.37
CA THR C 163 6.98 -7.61 11.57
C THR C 163 7.76 -6.58 12.39
N ALA C 164 8.69 -5.86 11.76
CA ALA C 164 9.44 -4.84 12.49
C ALA C 164 8.49 -3.78 13.05
N ASP C 165 7.39 -3.50 12.36
CA ASP C 165 6.39 -2.54 12.84
C ASP C 165 5.83 -2.98 14.19
N ARG C 166 5.45 -4.25 14.29
CA ARG C 166 4.85 -4.75 15.53
C ARG C 166 5.85 -4.70 16.67
N MET C 167 7.11 -4.95 16.34
CA MET C 167 8.20 -4.96 17.31
C MET C 167 8.46 -3.53 17.78
N VAL C 168 8.59 -2.61 16.83
CA VAL C 168 8.77 -1.19 17.18
C VAL C 168 7.62 -0.69 18.06
N ASN C 169 6.38 -0.94 17.65
CA ASN C 169 5.24 -0.44 18.42
C ASN C 169 5.17 -1.03 19.83
N ALA C 170 5.50 -2.31 19.94
CA ALA C 170 5.51 -2.97 21.24
C ALA C 170 6.49 -2.33 22.21
N ALA C 171 7.72 -2.10 21.76
CA ALA C 171 8.73 -1.51 22.64
C ALA C 171 8.36 -0.07 23.04
N ILE C 172 7.82 0.68 22.09
CA ILE C 172 7.41 2.06 22.36
C ILE C 172 6.27 2.12 23.35
N ALA C 173 5.31 1.20 23.24
CA ALA C 173 4.25 1.03 24.25
C ALA C 173 4.75 0.79 25.68
N GLU C 174 5.92 0.16 25.83
CA GLU C 174 6.51 -0.03 27.16
C GLU C 174 7.49 1.08 27.57
N GLY C 175 7.54 2.12 26.76
CA GLY C 175 8.39 3.27 27.04
C GLY C 175 9.85 3.05 26.68
N LEU C 176 10.12 2.17 25.72
CA LEU C 176 11.49 1.80 25.39
C LEU C 176 11.89 2.47 24.08
N LYS C 177 13.15 2.79 23.89
CA LYS C 177 13.61 3.32 22.61
C LYS C 177 13.99 2.17 21.69
N ILE C 178 14.25 2.51 20.43
CA ILE C 178 14.67 1.53 19.43
C ILE C 178 15.87 2.11 18.71
N HIS C 179 16.95 1.32 18.66
CA HIS C 179 18.07 1.58 17.79
C HIS C 179 17.84 0.79 16.49
N GLY C 180 17.66 1.48 15.37
CA GLY C 180 17.45 0.79 14.09
C GLY C 180 18.71 0.16 13.51
N HIS C 181 18.62 -1.09 13.03
CA HIS C 181 19.78 -1.83 12.52
C HIS C 181 19.36 -2.79 11.40
N THR C 182 19.84 -2.66 10.16
CA THR C 182 20.76 -1.64 9.64
C THR C 182 20.39 -1.38 8.17
N LEU C 183 20.70 -0.19 7.62
CA LEU C 183 20.29 0.16 6.23
C LEU C 183 21.19 -0.35 5.06
N LEU C 184 22.49 -0.12 5.18
CA LEU C 184 23.44 -0.49 4.13
C LEU C 184 24.43 -1.51 4.67
N TRP C 185 24.59 -2.62 3.96
CA TRP C 185 25.43 -3.72 4.45
C TRP C 185 25.84 -4.61 3.28
N HIS C 186 26.86 -5.44 3.49
CA HIS C 186 27.38 -6.32 2.45
C HIS C 186 26.87 -7.74 2.57
N GLN C 187 26.02 -7.98 3.57
CA GLN C 187 25.46 -9.30 3.78
C GLN C 187 24.04 -9.15 4.30
N GLN C 188 23.28 -10.25 4.25
CA GLN C 188 21.86 -10.28 4.58
C GLN C 188 21.13 -9.14 3.83
N ILE C 189 21.44 -9.02 2.54
CA ILE C 189 20.73 -8.11 1.67
C ILE C 189 19.99 -8.95 0.64
N PRO C 190 18.91 -8.39 0.10
CA PRO C 190 18.14 -9.15 -0.90
C PRO C 190 18.90 -9.24 -2.21
N PRO C 191 18.52 -10.20 -3.07
CA PRO C 191 19.12 -10.33 -4.40
C PRO C 191 19.09 -9.01 -5.20
N TRP C 192 18.08 -8.18 -5.00
CA TRP C 192 18.03 -6.95 -5.81
C TRP C 192 19.09 -5.95 -5.37
N GLN C 193 19.41 -5.95 -4.10
CA GLN C 193 20.47 -5.07 -3.63
C GLN C 193 21.86 -5.58 -4.06
N ARG C 194 22.06 -6.90 -4.02
CA ARG C 194 23.32 -7.50 -4.45
C ARG C 194 23.58 -7.17 -5.92
N SER C 195 22.53 -7.24 -6.75
CA SER C 195 22.60 -6.91 -8.17
C SER C 195 22.96 -5.45 -8.45
N MET C 196 22.71 -4.55 -7.50
CA MET C 196 23.05 -3.12 -7.68
C MET C 196 24.55 -2.89 -7.89
N GLU C 197 25.36 -3.85 -7.44
CA GLU C 197 26.81 -3.75 -7.49
C GLU C 197 27.30 -3.50 -8.93
N SER C 198 26.51 -3.95 -9.91
CA SER C 198 26.84 -3.79 -11.33
C SER C 198 26.15 -2.59 -11.98
N ALA C 199 25.39 -1.82 -11.19
CA ALA C 199 24.70 -0.64 -11.72
C ALA C 199 25.64 0.54 -11.92
N ALA C 200 25.30 1.45 -12.83
CA ALA C 200 26.05 2.71 -12.96
C ALA C 200 25.92 3.55 -11.69
N LYS C 201 26.86 4.46 -11.49
CA LYS C 201 27.00 5.20 -10.23
C LYS C 201 25.80 6.10 -9.93
N ASP C 202 25.33 6.82 -10.95
CA ASP C 202 24.18 7.68 -10.76
C ASP C 202 22.88 6.91 -10.53
N ALA C 203 22.69 5.78 -11.20
CA ALA C 203 21.50 4.98 -10.95
C ALA C 203 21.56 4.39 -9.53
N ALA C 204 22.72 3.86 -9.16
CA ALA C 204 22.86 3.26 -7.83
C ALA C 204 22.68 4.28 -6.69
N LEU C 205 23.21 5.48 -6.88
CA LEU C 205 22.94 6.56 -5.92
C LEU C 205 21.45 6.80 -5.73
N SER C 206 20.74 6.95 -6.84
CA SER C 206 19.30 7.22 -6.80
C SER C 206 18.55 6.12 -6.02
N VAL C 207 18.84 4.89 -6.39
CA VAL C 207 18.21 3.73 -5.76
C VAL C 207 18.58 3.65 -4.28
N MET C 208 19.85 3.93 -3.98
CA MET C 208 20.31 3.89 -2.59
C MET C 208 19.62 4.94 -1.74
N LYS C 209 19.62 6.20 -2.19
CA LYS C 209 18.87 7.24 -1.49
C LYS C 209 17.40 6.89 -1.30
N LYS C 210 16.81 6.28 -2.34
CA LYS C 210 15.42 5.87 -2.30
C LYS C 210 15.17 4.83 -1.20
N TYR C 211 15.96 3.75 -1.18
CA TYR C 211 15.85 2.71 -0.17
C TYR C 211 15.95 3.34 1.21
N ILE C 212 17.01 4.11 1.42
CA ILE C 212 17.17 4.83 2.68
C ILE C 212 15.97 5.67 3.04
N THR C 213 15.53 6.49 2.08
CA THR C 213 14.44 7.43 2.37
C THR C 213 13.13 6.72 2.74
N GLU C 214 12.81 5.64 2.03
CA GLU C 214 11.54 4.95 2.25
C GLU C 214 11.51 4.16 3.55
N VAL C 215 12.56 3.42 3.85
CA VAL C 215 12.67 2.80 5.17
C VAL C 215 12.54 3.82 6.31
N MET C 216 13.29 4.91 6.23
CA MET C 216 13.31 5.83 7.36
C MET C 216 12.02 6.64 7.50
N THR C 217 11.36 6.84 6.37
CA THR C 217 10.06 7.51 6.38
C THR C 217 9.03 6.62 7.05
N HIS C 218 9.12 5.30 6.84
CA HIS C 218 8.12 4.38 7.39
C HIS C 218 8.19 4.41 8.89
N TYR C 219 9.42 4.55 9.39
CA TYR C 219 9.71 4.63 10.84
C TYR C 219 9.88 6.04 11.40
N LYS C 220 9.55 7.07 10.62
CA LYS C 220 9.92 8.45 11.01
C LYS C 220 9.46 8.79 12.42
N GLY C 221 10.41 9.27 13.23
CA GLY C 221 10.07 9.75 14.56
C GLY C 221 10.06 8.66 15.60
N LYS C 222 10.04 7.37 15.20
CA LYS C 222 10.00 6.28 16.18
C LYS C 222 11.36 5.65 16.49
N ILE C 223 12.39 6.12 15.82
CA ILE C 223 13.72 5.53 15.97
C ILE C 223 14.70 6.50 16.64
N TYR C 224 15.22 6.10 17.80
CA TYR C 224 16.21 6.92 18.51
C TYR C 224 17.50 7.12 17.71
N SER C 225 18.08 6.02 17.27
CA SER C 225 19.29 6.10 16.46
C SER C 225 19.30 4.98 15.43
N TRP C 226 20.00 5.19 14.31
CA TRP C 226 19.99 4.28 13.15
C TRP C 226 21.42 3.92 12.71
N ASP C 227 21.73 2.62 12.56
CA ASP C 227 23.01 2.29 11.93
C ASP C 227 22.72 2.35 10.46
N VAL C 228 23.15 3.44 9.85
CA VAL C 228 22.85 3.69 8.46
C VAL C 228 23.74 2.78 7.60
N LEU C 229 24.99 2.64 8.02
CA LEU C 229 25.97 1.83 7.31
C LEU C 229 26.68 0.95 8.34
N ASN C 230 26.80 -0.33 8.02
CA ASN C 230 27.35 -1.31 8.93
C ASN C 230 28.58 -1.95 8.32
N GLU C 231 29.68 -1.98 9.06
CA GLU C 231 30.80 -2.86 8.73
C GLU C 231 31.41 -2.66 7.33
N ILE C 232 31.82 -1.44 7.00
CA ILE C 232 32.27 -1.15 5.63
C ILE C 232 33.78 -1.43 5.37
N PHE C 233 34.54 -1.68 6.43
CA PHE C 233 35.97 -1.97 6.30
C PHE C 233 36.23 -3.44 6.56
N PRO C 234 36.92 -4.12 5.63
CA PRO C 234 37.16 -5.56 5.82
C PRO C 234 38.14 -5.81 6.93
N ASP C 235 39.03 -4.86 7.16
CA ASP C 235 40.03 -4.95 8.22
C ASP C 235 40.70 -3.59 8.35
N GLY C 236 41.75 -3.51 9.17
CA GLY C 236 42.48 -2.26 9.30
C GLY C 236 43.73 -2.17 8.44
N ARG C 237 43.81 -3.01 7.43
CA ARG C 237 45.00 -3.08 6.59
C ARG C 237 45.27 -1.83 5.80
N GLY C 238 44.20 -1.14 5.44
CA GLY C 238 44.26 -0.20 4.34
C GLY C 238 44.91 1.08 4.76
N ASP C 239 44.97 2.00 3.82
CA ASP C 239 45.89 3.10 3.79
C ASP C 239 45.06 4.37 3.80
N ASN C 240 44.01 4.38 3.00
CA ASN C 240 43.04 5.45 3.04
C ASN C 240 41.63 4.95 2.82
N TRP C 241 40.73 5.50 3.59
CA TRP C 241 39.43 4.89 3.77
C TRP C 241 38.63 4.77 2.47
N THR C 242 38.85 5.72 1.56
CA THR C 242 38.11 5.76 0.30
C THR C 242 38.35 4.56 -0.61
N THR C 243 39.52 3.93 -0.49
CA THR C 243 39.80 2.74 -1.28
C THR C 243 39.77 1.45 -0.49
N ALA C 244 39.63 1.57 0.83
CA ALA C 244 39.78 0.40 1.69
C ALA C 244 38.49 -0.37 1.95
N MET C 245 37.36 0.20 1.51
CA MET C 245 36.06 -0.37 1.84
C MET C 245 35.74 -1.68 1.10
N ARG C 246 34.76 -2.40 1.60
CA ARG C 246 34.45 -3.76 1.15
C ARG C 246 33.90 -3.79 -0.27
N PRO C 247 34.58 -4.43 -1.20
CA PRO C 247 34.03 -4.51 -2.55
C PRO C 247 32.77 -5.36 -2.60
N GLU C 248 32.54 -6.17 -1.57
CA GLU C 248 31.31 -6.98 -1.53
C GLU C 248 30.09 -6.16 -1.05
N ASN C 249 30.34 -4.93 -0.61
CA ASN C 249 29.24 -4.02 -0.34
C ASN C 249 28.80 -3.41 -1.66
N PRO C 250 27.59 -3.77 -2.11
CA PRO C 250 27.10 -3.37 -3.44
C PRO C 250 27.03 -1.85 -3.64
N TRP C 251 26.83 -1.09 -2.58
CA TRP C 251 26.78 0.36 -2.70
C TRP C 251 28.16 0.91 -3.02
N PHE C 252 29.16 0.49 -2.24
CA PHE C 252 30.55 0.89 -2.50
C PHE C 252 31.04 0.44 -3.89
N LYS C 253 30.69 -0.79 -4.28
CA LYS C 253 31.13 -1.35 -5.58
C LYS C 253 30.65 -0.49 -6.75
N SER C 254 29.37 -0.13 -6.73
CA SER C 254 28.78 0.65 -7.81
C SER C 254 29.09 2.14 -7.69
N ILE C 255 28.92 2.69 -6.49
CA ILE C 255 29.06 4.13 -6.29
C ILE C 255 30.48 4.59 -6.06
N GLY C 256 31.24 3.81 -5.30
CA GLY C 256 32.54 4.25 -4.82
C GLY C 256 32.40 5.05 -3.52
N SER C 257 33.49 5.68 -3.09
CA SER C 257 33.56 6.25 -1.73
C SER C 257 32.53 7.35 -1.44
N ASP C 258 32.06 8.02 -2.50
CA ASP C 258 31.05 9.06 -2.35
C ASP C 258 29.76 8.53 -1.72
N PHE C 259 29.57 7.22 -1.75
CA PHE C 259 28.29 6.69 -1.30
C PHE C 259 28.02 7.01 0.16
N VAL C 260 29.07 7.19 0.97
CA VAL C 260 28.91 7.35 2.43
C VAL C 260 28.26 8.69 2.78
N TYR C 261 28.86 9.77 2.30
CA TYR C 261 28.25 11.07 2.48
C TYR C 261 26.81 11.09 1.93
N GLU C 262 26.61 10.62 0.71
CA GLU C 262 25.26 10.66 0.13
C GLU C 262 24.24 9.87 0.97
N ALA C 263 24.69 8.76 1.56
CA ALA C 263 23.79 7.89 2.33
C ALA C 263 23.33 8.57 3.60
N TYR C 264 24.29 9.05 4.39
CA TYR C 264 23.96 9.78 5.61
C TYR C 264 23.16 11.06 5.34
N LEU C 265 23.42 11.71 4.21
CA LEU C 265 22.68 12.94 3.89
C LEU C 265 21.23 12.60 3.61
N ALA C 266 21.02 11.56 2.80
CA ALA C 266 19.65 11.11 2.55
C ALA C 266 18.94 10.72 3.87
N ALA C 267 19.67 10.08 4.78
CA ALA C 267 19.11 9.70 6.08
C ALA C 267 18.70 10.91 6.96
N ARG C 268 19.58 11.90 7.08
CA ARG C 268 19.30 13.16 7.77
C ARG C 268 18.07 13.85 7.19
N GLN C 269 17.99 13.90 5.87
CA GLN C 269 16.84 14.52 5.22
C GLN C 269 15.52 13.73 5.39
N ALA C 270 15.62 12.40 5.54
CA ALA C 270 14.42 11.58 5.66
C ALA C 270 13.84 11.67 7.07
N ASP C 271 14.71 11.61 8.09
CA ASP C 271 14.24 11.66 9.47
C ASP C 271 15.24 12.39 10.33
N PRO C 272 15.15 13.72 10.38
CA PRO C 272 16.10 14.41 11.26
C PRO C 272 15.98 14.06 12.74
N ASN C 273 14.89 13.42 13.18
CA ASN C 273 14.80 13.02 14.59
C ASN C 273 15.83 11.98 14.99
N ALA C 274 16.20 11.09 14.08
CA ALA C 274 17.16 10.03 14.41
C ALA C 274 18.64 10.46 14.48
N ILE C 275 19.39 9.91 15.44
CA ILE C 275 20.82 10.13 15.50
C ILE C 275 21.51 9.13 14.57
N LEU C 276 22.35 9.61 13.67
CA LEU C 276 22.91 8.72 12.66
C LEU C 276 24.24 8.12 13.07
N TYR C 277 24.34 6.80 12.94
CA TYR C 277 25.47 6.05 13.43
C TYR C 277 26.19 5.36 12.29
N TYR C 278 27.49 5.17 12.49
CA TYR C 278 28.25 4.18 11.76
C TYR C 278 28.61 3.09 12.77
N ASN C 279 28.57 1.83 12.34
CA ASN C 279 28.67 0.69 13.24
C ASN C 279 29.67 -0.32 12.68
N ASP C 280 30.61 -0.78 13.50
CA ASP C 280 31.61 -1.76 13.07
C ASP C 280 32.20 -2.50 14.28
N TYR C 281 32.84 -3.63 14.01
CA TYR C 281 33.54 -4.38 15.04
C TYR C 281 35.03 -4.24 14.88
N ASN C 282 35.77 -4.80 15.83
CA ASN C 282 37.23 -4.73 15.88
C ASN C 282 37.79 -3.31 15.91
N MET C 283 37.00 -2.36 16.41
CA MET C 283 37.49 -0.99 16.57
C MET C 283 38.59 -0.88 17.63
N ASP C 284 38.81 -1.94 18.42
CA ASP C 284 39.98 -1.99 19.30
C ASP C 284 41.27 -2.14 18.48
N GLN C 285 41.14 -2.42 17.19
CA GLN C 285 42.32 -2.52 16.32
C GLN C 285 42.64 -1.16 15.73
N ALA C 286 43.79 -0.61 16.11
CA ALA C 286 44.13 0.77 15.80
C ALA C 286 44.07 1.08 14.31
N GLY C 287 44.52 0.16 13.48
CA GLY C 287 44.46 0.34 12.04
C GLY C 287 43.05 0.51 11.52
N LYS C 288 42.11 -0.25 12.09
CA LYS C 288 40.72 -0.15 11.68
C LYS C 288 40.06 1.11 12.25
N ALA C 289 40.32 1.40 13.53
CA ALA C 289 39.82 2.64 14.13
C ALA C 289 40.35 3.88 13.39
N ALA C 290 41.54 3.78 12.79
CA ALA C 290 42.10 4.90 12.03
C ALA C 290 41.38 5.13 10.71
N LEU C 291 41.12 4.08 9.95
CA LEU C 291 40.29 4.21 8.76
C LEU C 291 38.93 4.81 9.13
N ILE C 292 38.31 4.24 10.16
CA ILE C 292 37.01 4.72 10.59
C ILE C 292 37.03 6.20 10.94
N ALA C 293 38.02 6.61 11.74
CA ALA C 293 38.13 8.00 12.15
C ALA C 293 38.30 8.93 10.96
N ALA C 294 39.13 8.54 9.99
CA ALA C 294 39.37 9.40 8.82
C ALA C 294 38.11 9.55 7.98
N MET C 295 37.36 8.46 7.81
CA MET C 295 36.09 8.51 7.10
C MET C 295 35.12 9.50 7.78
N VAL C 296 34.97 9.36 9.08
CA VAL C 296 34.01 10.20 9.80
C VAL C 296 34.49 11.65 9.75
N ARG C 297 35.79 11.83 9.94
CA ARG C 297 36.38 13.19 9.83
C ARG C 297 35.98 13.86 8.51
N ASP C 298 36.23 13.18 7.40
CA ASP C 298 36.04 13.72 6.05
C ASP C 298 34.57 13.91 5.65
N VAL C 299 33.72 12.93 5.98
CA VAL C 299 32.29 13.04 5.67
C VAL C 299 31.69 14.18 6.48
N ASN C 300 32.13 14.33 7.72
CA ASN C 300 31.65 15.42 8.55
C ASN C 300 32.17 16.78 8.12
N ALA C 301 33.41 16.85 7.65
CA ALA C 301 33.92 18.11 7.09
C ALA C 301 33.16 18.44 5.80
N LYS C 302 32.88 17.42 5.00
CA LYS C 302 32.09 17.60 3.79
C LYS C 302 30.68 18.15 4.06
N TYR C 303 30.05 17.67 5.14
CA TYR C 303 28.71 18.15 5.53
C TYR C 303 28.77 19.61 5.99
N LYS C 304 29.76 19.91 6.83
CA LYS C 304 29.98 21.27 7.33
C LYS C 304 30.18 22.30 6.21
N GLN C 305 31.01 21.97 5.22
CA GLN C 305 31.20 22.85 4.08
C GLN C 305 29.89 23.13 3.36
N ALA C 306 29.07 22.09 3.22
CA ALA C 306 27.83 22.18 2.45
C ALA C 306 26.71 22.87 3.23
N TYR C 307 26.72 22.70 4.54
CA TYR C 307 25.65 23.21 5.39
C TYR C 307 26.31 23.90 6.58
N PRO C 308 26.94 25.05 6.34
CA PRO C 308 27.82 25.70 7.32
C PRO C 308 27.08 26.19 8.55
N ARG C 309 25.77 26.40 8.45
CA ARG C 309 25.00 26.84 9.63
C ARG C 309 24.48 25.68 10.50
N GLU C 310 24.54 24.44 10.01
CA GLU C 310 24.08 23.29 10.80
C GLU C 310 24.99 23.07 12.01
N THR C 311 24.40 22.84 13.19
CA THR C 311 25.17 22.50 14.37
C THR C 311 25.54 21.02 14.45
N ARG C 312 24.71 20.16 13.86
CA ARG C 312 24.91 18.72 14.03
C ARG C 312 26.01 18.22 13.14
N LEU C 313 26.63 17.11 13.54
CA LEU C 313 27.45 16.40 12.60
C LEU C 313 26.51 15.65 11.65
N LEU C 314 27.07 15.00 10.64
CA LEU C 314 26.35 14.17 9.68
C LEU C 314 26.45 12.74 10.18
N ILE C 315 27.66 12.20 10.30
CA ILE C 315 27.71 10.93 11.01
C ILE C 315 27.91 11.32 12.45
N GLU C 316 26.85 11.15 13.21
CA GLU C 316 26.78 11.71 14.53
C GLU C 316 27.39 10.82 15.58
N GLY C 317 27.47 9.53 15.28
CA GLY C 317 27.91 8.57 16.28
C GLY C 317 28.64 7.37 15.71
N ILE C 318 29.54 6.79 16.52
CA ILE C 318 30.25 5.57 16.16
C ILE C 318 29.83 4.47 17.14
N GLY C 319 29.17 3.44 16.65
CA GLY C 319 28.94 2.22 17.42
C GLY C 319 30.14 1.31 17.40
N MET C 320 30.70 1.02 18.57
CA MET C 320 31.77 0.08 18.70
C MET C 320 31.02 -1.19 19.03
N GLN C 321 31.01 -2.15 18.09
CA GLN C 321 30.21 -3.37 18.27
C GLN C 321 30.68 -4.07 19.55
N SER C 322 31.97 -4.06 19.80
CA SER C 322 32.52 -4.60 21.03
C SER C 322 32.24 -6.11 21.18
N HIS C 323 32.50 -6.88 20.12
CA HIS C 323 32.38 -8.32 20.29
C HIS C 323 33.77 -8.76 20.67
N HIS C 324 33.97 -8.86 21.97
CA HIS C 324 35.32 -8.92 22.49
C HIS C 324 35.55 -10.33 23.00
N ASN C 325 36.73 -10.57 23.54
CA ASN C 325 37.13 -11.91 23.94
C ASN C 325 38.35 -11.76 24.82
N MET C 326 38.92 -12.88 25.30
CA MET C 326 39.96 -12.83 26.34
C MET C 326 41.25 -12.16 25.92
N ASP C 327 41.51 -12.11 24.62
CA ASP C 327 42.75 -11.51 24.13
C ASP C 327 42.66 -10.00 23.86
N VAL C 328 41.49 -9.40 24.08
CA VAL C 328 41.32 -7.97 23.80
C VAL C 328 41.55 -7.14 25.06
N PRO C 329 42.64 -6.35 25.09
CA PRO C 329 42.98 -5.50 26.25
C PRO C 329 42.18 -4.21 26.31
N ALA C 330 41.82 -3.80 27.51
CA ALA C 330 41.05 -2.58 27.73
C ALA C 330 41.80 -1.35 27.19
N SER C 331 43.13 -1.42 27.26
CA SER C 331 43.96 -0.32 26.79
C SER C 331 43.81 -0.04 25.29
N ASN C 332 43.58 -1.06 24.46
CA ASN C 332 43.27 -0.79 23.05
C ASN C 332 41.89 -0.11 22.85
N ILE C 333 40.91 -0.56 23.63
CA ILE C 333 39.62 0.14 23.66
C ILE C 333 39.75 1.60 24.11
N ARG C 334 40.56 1.85 25.14
CA ARG C 334 40.81 3.20 25.59
C ARG C 334 41.43 4.05 24.49
N ASN C 335 42.46 3.54 23.82
CA ASN C 335 43.06 4.31 22.72
C ASN C 335 42.03 4.65 21.64
N THR C 336 41.16 3.70 21.31
CA THR C 336 40.17 3.98 20.29
C THR C 336 39.17 5.05 20.76
N ILE C 337 38.70 4.93 21.99
CA ILE C 337 37.81 5.95 22.54
C ILE C 337 38.43 7.36 22.49
N ASN C 338 39.65 7.48 22.99
CA ASN C 338 40.44 8.72 22.86
C ASN C 338 40.52 9.25 21.43
N ARG C 339 40.80 8.34 20.49
CA ARG C 339 40.86 8.70 19.07
C ARG C 339 39.53 9.31 18.59
N TYR C 340 38.42 8.67 18.95
CA TYR C 340 37.11 9.17 18.52
C TYR C 340 36.70 10.44 19.25
N ARG C 341 37.18 10.63 20.48
CA ARG C 341 36.81 11.84 21.23
C ARG C 341 37.18 13.09 20.45
N GLU C 342 38.23 12.98 19.65
CA GLU C 342 38.68 14.11 18.84
C GLU C 342 37.71 14.46 17.72
N LEU C 343 36.85 13.51 17.33
CA LEU C 343 35.91 13.74 16.20
C LEU C 343 34.63 14.48 16.58
N GLY C 344 34.34 14.57 17.87
CA GLY C 344 33.16 15.28 18.36
C GLY C 344 31.90 14.42 18.41
N VAL C 345 32.06 13.14 18.10
CA VAL C 345 30.92 12.23 18.00
C VAL C 345 30.43 11.67 19.33
N LYS C 346 29.16 11.27 19.31
CA LYS C 346 28.65 10.36 20.31
C LYS C 346 29.27 8.97 20.09
N ILE C 347 29.43 8.22 21.17
CA ILE C 347 29.89 6.85 21.06
C ILE C 347 28.85 5.92 21.68
N SER C 348 28.58 4.81 20.99
CA SER C 348 27.83 3.74 21.64
C SER C 348 28.71 2.52 21.75
N VAL C 349 28.53 1.77 22.83
CA VAL C 349 29.01 0.40 22.83
C VAL C 349 27.80 -0.38 22.41
N SER C 350 27.79 -0.91 21.20
CA SER C 350 26.54 -1.25 20.51
C SER C 350 26.16 -2.72 20.62
N GLU C 351 27.15 -3.60 20.61
CA GLU C 351 26.89 -5.03 20.47
C GLU C 351 27.67 -5.88 21.49
N LEU C 352 27.94 -5.30 22.64
CA LEU C 352 28.87 -5.93 23.58
C LEU C 352 28.58 -7.40 23.96
N ASP C 353 29.61 -8.22 23.78
CA ASP C 353 29.65 -9.53 24.40
C ASP C 353 31.10 -9.90 24.54
N ILE C 354 31.41 -10.88 25.38
CA ILE C 354 32.82 -11.22 25.61
C ILE C 354 32.95 -12.74 25.65
N LEU C 355 33.65 -13.32 24.69
CA LEU C 355 33.81 -14.77 24.73
C LEU C 355 34.68 -15.12 25.93
N CYS C 356 34.41 -16.28 26.52
CA CYS C 356 35.05 -16.78 27.72
C CYS C 356 36.40 -17.38 27.36
N MET C 357 36.86 -17.11 26.15
CA MET C 357 38.11 -17.69 25.63
C MET C 357 38.64 -16.80 24.52
N GLY C 358 39.72 -17.23 23.87
CA GLY C 358 40.24 -16.53 22.70
C GLY C 358 39.46 -16.86 21.45
N TRP C 359 39.57 -16.02 20.43
CA TRP C 359 38.82 -16.22 19.20
C TRP C 359 39.13 -17.57 18.54
N SER C 360 40.39 -17.99 18.62
CA SER C 360 40.82 -19.21 17.97
C SER C 360 40.21 -20.43 18.67
N ALA C 361 40.24 -20.43 20.01
CA ALA C 361 39.58 -21.46 20.79
C ALA C 361 38.08 -21.59 20.49
N PHE C 362 37.39 -20.46 20.39
CA PHE C 362 35.96 -20.42 20.02
C PHE C 362 35.73 -21.00 18.65
N ARG C 363 36.46 -20.47 17.71
CA ARG C 363 36.35 -20.78 16.31
C ARG C 363 36.62 -22.29 16.11
N GLY C 364 37.56 -22.84 16.86
CA GLY C 364 37.97 -24.22 16.77
C GLY C 364 37.13 -25.18 17.60
N SER C 365 36.24 -24.67 18.45
CA SER C 365 35.40 -25.61 19.19
C SER C 365 33.97 -25.63 18.64
N THR C 366 33.16 -24.68 19.07
CA THR C 366 31.78 -24.62 18.62
C THR C 366 31.54 -23.94 17.29
N GLY C 367 32.36 -22.95 16.99
CA GLY C 367 32.01 -21.98 15.98
C GLY C 367 30.76 -21.19 16.39
N GLN C 368 30.23 -20.41 15.47
CA GLN C 368 29.05 -19.58 15.69
C GLN C 368 27.69 -20.26 15.69
N GLY C 369 26.72 -19.54 16.22
CA GLY C 369 25.35 -19.99 16.33
C GLY C 369 24.80 -20.13 17.74
N ALA C 370 23.49 -19.98 17.83
CA ALA C 370 22.75 -20.09 19.10
C ALA C 370 22.63 -21.56 19.52
N ASP C 371 22.29 -21.78 20.79
CA ASP C 371 22.02 -23.12 21.32
C ASP C 371 23.27 -24.01 21.30
N LYS C 372 24.45 -23.42 21.22
CA LYS C 372 25.70 -24.16 21.28
C LYS C 372 26.38 -24.06 22.67
N ASP C 373 25.71 -23.39 23.61
CA ASP C 373 26.23 -23.22 24.97
C ASP C 373 26.53 -24.53 25.69
N ASP C 374 25.86 -25.59 25.29
CA ASP C 374 26.07 -26.88 25.95
C ASP C 374 27.20 -27.69 25.32
N MET C 375 27.85 -27.08 24.34
CA MET C 375 29.15 -27.54 23.81
C MET C 375 30.38 -26.74 24.22
N THR C 376 30.20 -25.77 25.13
CA THR C 376 31.32 -24.90 25.47
C THR C 376 32.53 -25.60 26.12
N ILE C 377 33.73 -25.17 25.70
CA ILE C 377 34.98 -25.62 26.31
C ILE C 377 35.47 -24.67 27.39
N ALA C 378 34.63 -23.69 27.72
CA ALA C 378 34.93 -22.75 28.81
C ALA C 378 35.28 -23.48 30.11
N THR C 379 36.34 -23.05 30.78
CA THR C 379 36.68 -23.62 32.06
C THR C 379 36.14 -22.75 33.15
N ASN C 380 36.28 -23.20 34.39
CA ASN C 380 35.75 -22.45 35.52
C ASN C 380 36.51 -21.13 35.65
N ARG C 381 37.82 -21.16 35.39
CA ARG C 381 38.60 -19.93 35.47
C ARG C 381 38.17 -18.91 34.39
N ASN C 382 37.86 -19.41 33.20
CA ASN C 382 37.38 -18.54 32.12
C ASN C 382 36.14 -17.75 32.55
N ILE C 383 35.24 -18.37 33.30
CA ILE C 383 33.99 -17.69 33.67
C ILE C 383 34.26 -16.53 34.60
N LEU C 384 35.24 -16.68 35.49
CA LEU C 384 35.60 -15.58 36.38
C LEU C 384 36.45 -14.54 35.65
N ASP C 385 37.32 -14.99 34.75
CA ASP C 385 38.06 -14.03 33.94
C ASP C 385 37.08 -13.15 33.13
N GLN C 386 36.05 -13.76 32.58
CA GLN C 386 35.06 -13.01 31.82
C GLN C 386 34.43 -11.91 32.69
N ALA C 387 33.99 -12.28 33.89
CA ALA C 387 33.41 -11.31 34.81
C ALA C 387 34.40 -10.19 35.09
N TYR C 388 35.67 -10.52 35.38
CA TYR C 388 36.71 -9.48 35.53
C TYR C 388 36.76 -8.56 34.31
N LYS C 389 36.61 -9.14 33.12
CA LYS C 389 36.72 -8.33 31.91
C LYS C 389 35.52 -7.40 31.75
N PHE C 390 34.33 -7.90 32.01
CA PHE C 390 33.15 -7.05 31.95
C PHE C 390 33.30 -5.84 32.91
N ASN C 391 33.84 -6.07 34.10
CA ASN C 391 34.02 -4.98 35.08
C ASN C 391 35.08 -3.97 34.61
N GLU C 392 36.19 -4.49 34.10
CA GLU C 392 37.22 -3.65 33.53
C GLU C 392 36.73 -2.76 32.41
N TYR C 393 36.05 -3.34 31.41
CA TYR C 393 35.50 -2.54 30.33
C TYR C 393 34.43 -1.56 30.82
N MET C 394 33.59 -2.01 31.74
CA MET C 394 32.52 -1.11 32.18
C MET C 394 33.09 0.11 32.91
N LYS C 395 34.17 -0.08 33.66
CA LYS C 395 34.78 1.07 34.35
C LYS C 395 35.35 2.02 33.34
N LEU C 396 35.92 1.49 32.27
CA LEU C 396 36.44 2.32 31.19
C LEU C 396 35.35 3.13 30.50
N TYR C 397 34.22 2.47 30.22
CA TYR C 397 33.10 3.16 29.58
C TYR C 397 32.52 4.25 30.52
N LEU C 398 32.43 3.93 31.80
CA LEU C 398 31.98 4.90 32.81
C LEU C 398 32.87 6.16 32.87
N GLU C 399 34.19 5.98 32.84
CA GLU C 399 35.15 7.08 32.76
C GLU C 399 34.84 7.98 31.57
N ASN C 400 34.31 7.36 30.52
CA ASN C 400 33.98 8.02 29.27
C ASN C 400 32.51 8.33 29.02
N SER C 401 31.70 8.20 30.07
CA SER C 401 30.25 8.35 29.92
C SER C 401 29.82 9.72 29.40
N ASP C 402 30.72 10.71 29.41
CA ASP C 402 30.36 12.00 28.79
C ASP C 402 30.02 11.83 27.32
N ILE C 403 30.83 11.07 26.60
CA ILE C 403 30.58 10.88 25.17
C ILE C 403 29.92 9.56 24.77
N ILE C 404 29.93 8.59 25.69
CA ILE C 404 29.33 7.30 25.43
C ILE C 404 27.87 7.41 25.90
N GLU C 405 26.94 7.42 24.95
CA GLU C 405 25.54 7.58 25.29
C GLU C 405 24.78 6.24 25.46
N ARG C 406 25.39 5.15 25.00
CA ARG C 406 24.70 3.86 25.02
C ARG C 406 25.67 2.70 25.22
N VAL C 407 25.30 1.78 26.12
CA VAL C 407 26.01 0.51 26.24
C VAL C 407 24.97 -0.60 26.06
N SER C 408 25.01 -1.29 24.93
CA SER C 408 24.03 -2.34 24.66
C SER C 408 24.77 -3.65 24.44
N MET C 409 24.22 -4.74 24.96
CA MET C 409 24.86 -6.06 24.80
C MET C 409 24.11 -6.86 23.72
N TRP C 410 24.80 -7.77 23.05
CA TRP C 410 24.12 -8.41 21.94
C TRP C 410 23.55 -9.67 22.53
N GLY C 411 22.39 -9.56 23.17
CA GLY C 411 21.77 -10.68 23.84
C GLY C 411 21.68 -10.69 25.35
N VAL C 412 20.66 -11.42 25.82
CA VAL C 412 20.38 -11.58 27.25
C VAL C 412 20.94 -12.88 27.82
N SER C 413 20.44 -14.03 27.34
CA SER C 413 20.89 -15.37 27.80
C SER C 413 21.96 -15.98 26.88
N ASP C 414 23.01 -16.58 27.47
CA ASP C 414 24.05 -17.29 26.71
C ASP C 414 23.46 -18.28 25.71
N ARG C 415 22.34 -18.91 26.06
CA ARG C 415 21.78 -19.93 25.14
C ARG C 415 21.38 -19.33 23.77
N TYR C 416 20.91 -18.08 23.79
CA TYR C 416 20.36 -17.44 22.60
C TYR C 416 21.35 -16.49 21.92
N SER C 417 22.55 -16.46 22.46
CA SER C 417 23.63 -15.67 21.90
C SER C 417 23.98 -16.19 20.52
N TRP C 418 24.23 -15.28 19.60
CA TRP C 418 24.77 -15.62 18.30
C TRP C 418 26.09 -16.38 18.40
N ARG C 419 26.79 -16.21 19.51
CA ARG C 419 28.00 -16.95 19.79
C ARG C 419 27.94 -17.70 21.13
N SER C 420 26.81 -18.34 21.38
CA SER C 420 26.54 -19.08 22.60
C SER C 420 27.65 -20.02 23.01
N GLY C 421 28.36 -20.59 22.02
CA GLY C 421 29.48 -21.48 22.30
C GLY C 421 30.60 -20.86 23.14
N GLY C 422 30.65 -19.54 23.18
CA GLY C 422 31.60 -18.90 24.07
C GLY C 422 31.02 -18.26 25.33
N LEU C 423 29.77 -18.58 25.69
CA LEU C 423 29.10 -18.06 26.91
C LEU C 423 29.34 -16.55 27.11
N PRO C 424 29.01 -15.74 26.11
CA PRO C 424 29.45 -14.35 25.98
C PRO C 424 28.77 -13.30 26.85
N LEU C 425 27.70 -13.66 27.56
CA LEU C 425 26.77 -12.67 28.12
C LEU C 425 26.63 -12.66 29.65
N LEU C 426 25.69 -11.85 30.16
CA LEU C 426 25.54 -11.72 31.62
C LEU C 426 24.70 -12.82 32.25
N PHE C 427 23.88 -13.52 31.47
CA PHE C 427 22.99 -14.49 32.09
C PHE C 427 23.22 -15.82 31.43
N ASP C 428 22.93 -16.89 32.15
CA ASP C 428 23.21 -18.25 31.66
C ASP C 428 22.08 -18.79 30.81
N ALA C 429 22.20 -20.06 30.42
CA ALA C 429 21.19 -20.70 29.56
C ALA C 429 19.80 -20.69 30.21
N ASP C 430 19.81 -20.64 31.54
CA ASP C 430 18.59 -20.66 32.36
C ASP C 430 18.03 -19.28 32.77
N ASN C 431 18.59 -18.20 32.22
CA ASN C 431 18.22 -16.83 32.60
C ASN C 431 18.64 -16.47 34.02
N LYS C 432 19.62 -17.17 34.56
CA LYS C 432 20.16 -16.83 35.87
C LYS C 432 21.42 -15.98 35.75
N ALA C 433 21.61 -15.03 36.66
CA ALA C 433 22.78 -14.15 36.63
C ALA C 433 24.08 -14.95 36.80
N LYS C 434 25.06 -14.69 35.94
CA LYS C 434 26.39 -15.31 36.05
C LYS C 434 27.29 -14.39 36.87
N PRO C 435 28.53 -14.83 37.20
CA PRO C 435 29.45 -13.91 37.84
C PRO C 435 29.61 -12.59 37.06
N ALA C 436 29.56 -12.66 35.72
CA ALA C 436 29.63 -11.45 34.89
C ALA C 436 28.55 -10.41 35.24
N TYR C 437 27.33 -10.87 35.49
CA TYR C 437 26.26 -9.94 35.86
C TYR C 437 26.70 -9.03 37.02
N TYR C 438 27.15 -9.66 38.09
CA TYR C 438 27.49 -8.95 39.32
C TYR C 438 28.68 -8.00 39.13
N SER C 439 29.64 -8.46 38.34
CA SER C 439 30.82 -7.65 38.04
C SER C 439 30.50 -6.43 37.20
N PHE C 440 29.65 -6.65 36.21
CA PHE C 440 29.15 -5.60 35.34
C PHE C 440 28.43 -4.51 36.17
N VAL C 441 27.58 -4.95 37.10
CA VAL C 441 26.83 -4.03 37.97
C VAL C 441 27.77 -3.25 38.93
N ARG C 442 28.74 -3.97 39.48
CA ARG C 442 29.70 -3.40 40.45
C ARG C 442 30.63 -2.32 39.88
N ALA C 443 30.83 -2.30 38.57
CA ALA C 443 31.72 -1.32 37.97
C ALA C 443 31.32 0.11 38.35
N ARG C 444 30.04 0.36 38.52
CA ARG C 444 29.60 1.68 38.93
C ARG C 444 30.09 2.04 40.31
N GLU C 445 29.86 1.18 41.28
CA GLU C 445 30.39 1.33 42.63
C GLU C 445 31.88 1.55 42.59
N ASP C 446 32.58 0.66 41.88
CA ASP C 446 34.03 0.79 41.69
C ASP C 446 34.40 2.17 41.16
N TYR C 447 33.74 2.58 40.07
CA TYR C 447 34.01 3.87 39.44
C TYR C 447 33.68 5.07 40.33
N GLU C 448 32.56 4.99 41.05
CA GLU C 448 32.12 6.15 41.80
C GLU C 448 33.00 6.34 43.03
N ALA C 449 33.47 5.24 43.61
CA ALA C 449 34.31 5.35 44.80
C ALA C 449 35.64 5.97 44.42
N ALA C 450 36.18 5.52 43.30
CA ALA C 450 37.42 6.07 42.75
C ALA C 450 37.30 7.57 42.59
N LYS C 451 36.15 8.02 42.03
CA LYS C 451 35.91 9.45 41.81
C LYS C 451 35.79 10.21 43.15
N ALA C 452 34.97 9.68 44.05
CA ALA C 452 34.81 10.26 45.38
C ALA C 452 36.17 10.42 46.07
N ALA C 453 37.06 9.43 45.90
CA ALA C 453 38.35 9.51 46.56
C ALA C 453 39.22 10.62 45.95
N LYS C 454 39.00 10.87 44.66
CA LYS C 454 39.81 11.78 43.83
C LYS C 454 41.17 11.20 43.49
N ASN D 3 -16.63 -18.88 26.84
CA ASN D 3 -17.25 -20.21 26.77
C ASN D 3 -16.67 -20.99 25.58
N GLU D 4 -15.68 -20.39 24.93
CA GLU D 4 -15.02 -21.03 23.81
C GLU D 4 -14.02 -22.12 24.23
N ILE D 5 -13.67 -23.00 23.28
CA ILE D 5 -12.45 -23.79 23.38
C ILE D 5 -11.66 -23.73 22.06
N THR D 6 -10.34 -23.64 22.15
CA THR D 6 -9.52 -23.53 20.93
C THR D 6 -8.79 -24.85 20.65
N LEU D 7 -9.00 -25.40 19.47
CA LEU D 7 -8.44 -26.70 19.12
C LEU D 7 -7.49 -26.55 17.95
N THR D 8 -6.37 -27.27 17.97
CA THR D 8 -5.45 -27.23 16.81
C THR D 8 -5.99 -28.13 15.71
N ILE D 9 -5.82 -27.73 14.45
CA ILE D 9 -6.32 -28.54 13.36
C ILE D 9 -5.68 -29.93 13.38
N GLY D 10 -6.53 -30.95 13.34
CA GLY D 10 -6.13 -32.33 13.57
C GLY D 10 -6.50 -32.82 14.96
N GLN D 11 -6.63 -31.92 15.91
CA GLN D 11 -6.91 -32.32 17.29
C GLN D 11 -8.33 -32.88 17.46
N GLN D 12 -8.44 -33.92 18.29
CA GLN D 12 -9.71 -34.52 18.65
C GLN D 12 -9.97 -34.26 20.13
N LYS D 13 -11.12 -33.65 20.45
CA LYS D 13 -11.39 -33.27 21.83
C LYS D 13 -12.70 -33.82 22.39
N ASP D 14 -12.62 -34.40 23.59
CA ASP D 14 -13.82 -34.83 24.29
C ASP D 14 -14.37 -33.63 25.03
N LEU D 15 -15.58 -33.21 24.66
CA LEU D 15 -16.21 -32.03 25.25
C LEU D 15 -17.00 -32.37 26.52
N ALA D 16 -16.86 -33.60 27.00
CA ALA D 16 -17.65 -34.07 28.14
C ALA D 16 -17.65 -33.11 29.34
N SER D 17 -16.54 -32.39 29.56
CA SER D 17 -16.46 -31.44 30.65
C SER D 17 -17.06 -30.06 30.31
N MET D 18 -17.53 -29.88 29.10
CA MET D 18 -18.31 -28.71 28.78
C MET D 18 -19.80 -29.00 28.89
N VAL D 19 -20.16 -30.21 29.23
CA VAL D 19 -21.55 -30.57 29.44
C VAL D 19 -22.01 -30.07 30.83
N PRO D 20 -23.14 -29.34 30.86
CA PRO D 20 -23.69 -28.86 32.14
C PRO D 20 -23.79 -30.00 33.12
N ALA D 21 -23.34 -29.80 34.36
CA ALA D 21 -23.45 -30.85 35.38
C ALA D 21 -24.88 -31.38 35.50
N LYS D 22 -25.86 -30.50 35.27
CA LYS D 22 -27.26 -30.88 35.43
C LYS D 22 -27.76 -31.84 34.35
N PHE D 23 -26.94 -32.08 33.32
CA PHE D 23 -27.33 -33.04 32.27
C PHE D 23 -26.97 -34.46 32.65
N ALA D 24 -26.12 -34.60 33.66
CA ALA D 24 -25.67 -35.90 34.12
C ALA D 24 -26.86 -36.81 34.37
N GLY D 25 -26.74 -38.07 33.93
CA GLY D 25 -27.84 -39.02 33.98
C GLY D 25 -28.81 -38.93 32.80
N GLN D 26 -28.63 -37.94 31.94
CA GLN D 26 -29.53 -37.81 30.79
C GLN D 26 -28.84 -38.24 29.50
N GLU D 27 -29.62 -38.81 28.58
CA GLU D 27 -29.09 -39.19 27.27
C GLU D 27 -28.76 -37.92 26.48
N LEU D 28 -27.58 -37.88 25.88
CA LEU D 28 -27.13 -36.67 25.17
C LEU D 28 -27.05 -36.86 23.66
N SER D 29 -27.36 -35.79 22.93
CA SER D 29 -27.11 -35.74 21.49
C SER D 29 -26.29 -34.48 21.15
N TRP D 30 -25.42 -34.58 20.13
CA TRP D 30 -24.49 -33.51 19.77
C TRP D 30 -24.61 -33.09 18.31
N THR D 31 -24.39 -31.80 18.05
CA THR D 31 -24.38 -31.30 16.67
C THR D 31 -23.29 -30.25 16.52
N SER D 32 -22.84 -30.03 15.28
CA SER D 32 -21.96 -28.91 14.96
C SER D 32 -22.62 -28.05 13.87
N SER D 33 -22.63 -26.74 14.09
CA SER D 33 -23.14 -25.78 13.11
C SER D 33 -22.37 -25.90 11.79
N ASP D 34 -21.11 -26.27 11.86
CA ASP D 34 -20.33 -26.48 10.63
C ASP D 34 -19.44 -27.70 10.71
N PRO D 35 -19.99 -28.87 10.37
CA PRO D 35 -19.26 -30.13 10.44
C PRO D 35 -18.00 -30.11 9.55
N GLU D 36 -17.97 -29.24 8.54
CA GLU D 36 -16.83 -29.13 7.63
C GLU D 36 -15.66 -28.40 8.29
N THR D 37 -15.97 -27.68 9.33
CA THR D 37 -14.96 -26.97 10.09
C THR D 37 -14.53 -27.80 11.28
N ALA D 38 -15.50 -28.15 12.12
CA ALA D 38 -15.26 -29.06 13.24
C ALA D 38 -16.41 -30.06 13.40
N SER D 39 -16.11 -31.34 13.24
CA SER D 39 -17.15 -32.37 13.28
C SER D 39 -17.20 -32.98 14.68
N VAL D 40 -18.38 -33.41 15.11
CA VAL D 40 -18.52 -33.98 16.45
C VAL D 40 -19.24 -35.34 16.39
N THR D 41 -18.83 -36.29 17.23
CA THR D 41 -19.46 -37.61 17.24
C THR D 41 -20.66 -37.64 18.18
N ASP D 42 -21.37 -38.78 18.22
CA ASP D 42 -22.50 -38.93 19.13
C ASP D 42 -22.02 -39.08 20.57
N LYS D 43 -20.71 -39.26 20.73
CA LYS D 43 -20.07 -39.37 22.04
C LYS D 43 -19.48 -38.01 22.47
N GLY D 44 -19.71 -36.97 21.67
CA GLY D 44 -19.19 -35.65 22.01
C GLY D 44 -17.69 -35.48 21.86
N ILE D 45 -17.10 -36.23 20.92
CA ILE D 45 -15.72 -36.03 20.50
C ILE D 45 -15.68 -35.11 19.27
N VAL D 46 -15.03 -33.96 19.39
CA VAL D 46 -14.96 -33.00 18.29
C VAL D 46 -13.59 -33.01 17.62
N THR D 47 -13.58 -33.03 16.29
CA THR D 47 -12.33 -32.95 15.55
C THR D 47 -12.22 -31.60 14.85
N ALA D 48 -11.10 -30.91 15.08
CA ALA D 48 -10.83 -29.66 14.36
C ALA D 48 -10.33 -30.02 12.97
N LEU D 49 -10.99 -29.49 11.95
CA LEU D 49 -10.80 -29.91 10.56
C LEU D 49 -10.06 -28.90 9.67
N LYS D 50 -10.50 -27.65 9.66
CA LYS D 50 -9.94 -26.65 8.74
C LYS D 50 -10.05 -25.22 9.27
N PHE D 51 -9.34 -24.28 8.66
CA PHE D 51 -9.60 -22.87 8.95
C PHE D 51 -10.50 -22.23 7.86
N SER D 52 -10.98 -21.00 8.09
CA SER D 52 -11.89 -20.37 7.13
C SER D 52 -11.21 -19.63 5.97
N SER D 53 -10.13 -18.93 6.29
CA SER D 53 -9.38 -18.15 5.31
C SER D 53 -7.97 -17.94 5.84
N GLY D 54 -7.10 -17.31 5.04
CA GLY D 54 -5.76 -16.99 5.50
C GLY D 54 -4.72 -18.05 5.21
N GLY D 55 -5.01 -18.94 4.27
CA GLY D 55 -4.07 -19.97 3.92
C GLY D 55 -2.83 -19.41 3.28
N ALA D 56 -3.01 -18.43 2.39
CA ALA D 56 -1.90 -17.78 1.71
C ALA D 56 -1.12 -16.84 2.65
N ASN D 57 -1.68 -16.54 3.82
CA ASN D 57 -1.03 -15.58 4.73
C ASN D 57 0.12 -16.21 5.53
N LEU D 58 1.15 -15.42 5.83
CA LEU D 58 2.27 -15.90 6.63
C LEU D 58 1.77 -16.27 8.04
N PHE D 59 2.13 -17.47 8.47
CA PHE D 59 1.81 -17.96 9.81
C PHE D 59 2.27 -16.98 10.90
N LEU D 60 3.39 -16.31 10.66
CA LEU D 60 3.92 -15.35 11.64
C LEU D 60 3.12 -14.04 11.77
N LYS D 61 2.41 -13.66 10.70
CA LYS D 61 1.50 -12.52 10.78
C LYS D 61 0.22 -12.85 11.54
N ALA D 62 -0.33 -14.04 11.32
CA ALA D 62 -1.46 -14.53 12.09
C ALA D 62 -1.80 -15.97 11.74
N PRO D 63 -1.98 -16.79 12.76
CA PRO D 63 -2.42 -18.17 12.49
C PRO D 63 -3.79 -18.15 11.86
N ALA D 64 -4.01 -18.97 10.84
CA ALA D 64 -5.32 -19.05 10.22
C ALA D 64 -6.25 -19.83 11.14
N THR D 65 -7.48 -19.34 11.28
CA THR D 65 -8.46 -19.97 12.16
C THR D 65 -9.82 -20.23 11.50
N GLY D 66 -10.65 -21.00 12.20
CA GLY D 66 -11.99 -21.30 11.77
C GLY D 66 -12.89 -21.39 13.00
N GLU D 67 -14.19 -21.53 12.80
CA GLU D 67 -15.07 -21.69 13.95
C GLU D 67 -16.32 -22.49 13.70
N ALA D 68 -16.75 -23.21 14.73
CA ALA D 68 -18.00 -23.94 14.71
C ALA D 68 -18.63 -23.91 16.10
N ILE D 69 -19.96 -23.85 16.14
CA ILE D 69 -20.69 -23.95 17.41
C ILE D 69 -21.13 -25.38 17.61
N ILE D 70 -20.71 -25.97 18.72
CA ILE D 70 -21.08 -27.35 19.04
C ILE D 70 -22.17 -27.30 20.11
N THR D 71 -23.28 -28.00 19.88
CA THR D 71 -24.38 -27.97 20.83
C THR D 71 -24.70 -29.34 21.41
N VAL D 72 -24.81 -29.39 22.73
CA VAL D 72 -25.18 -30.62 23.39
C VAL D 72 -26.60 -30.49 23.96
N THR D 73 -27.41 -31.50 23.68
CA THR D 73 -28.81 -31.50 24.08
C THR D 73 -29.12 -32.67 25.02
N ALA D 74 -29.77 -32.34 26.13
CA ALA D 74 -30.38 -33.33 27.01
C ALA D 74 -31.87 -33.01 27.01
N GLY D 75 -32.67 -33.89 26.42
CA GLY D 75 -34.09 -33.64 26.35
C GLY D 75 -34.46 -32.33 25.67
N LYS D 76 -35.16 -31.47 26.41
CA LYS D 76 -35.62 -30.18 25.91
C LYS D 76 -34.64 -29.05 26.18
N GLN D 77 -33.46 -29.38 26.70
CA GLN D 77 -32.48 -28.35 27.05
C GLN D 77 -31.24 -28.44 26.16
N SER D 78 -30.52 -27.32 26.02
CA SER D 78 -29.31 -27.30 25.19
C SER D 78 -28.22 -26.37 25.72
N HIS D 79 -26.98 -26.75 25.44
CA HIS D 79 -25.85 -25.90 25.74
C HIS D 79 -24.88 -25.88 24.58
N SER D 80 -24.39 -24.68 24.25
CA SER D 80 -23.56 -24.50 23.07
C SER D 80 -22.16 -24.07 23.46
N VAL D 81 -21.19 -24.69 22.79
CA VAL D 81 -19.78 -24.36 22.99
C VAL D 81 -19.21 -23.86 21.68
N LYS D 82 -18.51 -22.72 21.71
CA LYS D 82 -17.83 -22.24 20.50
C LYS D 82 -16.44 -22.85 20.35
N VAL D 83 -16.25 -23.56 19.23
CA VAL D 83 -14.98 -24.21 18.93
C VAL D 83 -14.22 -23.39 17.88
N ILE D 84 -13.09 -22.85 18.30
CA ILE D 84 -12.21 -22.17 17.35
C ILE D 84 -11.17 -23.16 16.88
N THR D 85 -11.05 -23.33 15.57
CA THR D 85 -10.00 -24.20 15.02
C THR D 85 -8.85 -23.32 14.59
N THR D 86 -7.62 -23.81 14.77
CA THR D 86 -6.47 -22.97 14.51
C THR D 86 -5.26 -23.78 14.06
N VAL D 87 -4.42 -23.16 13.25
CA VAL D 87 -3.15 -23.81 12.93
C VAL D 87 -2.16 -23.70 14.10
N LYS D 88 -2.43 -22.81 15.05
CA LYS D 88 -1.50 -22.65 16.16
C LYS D 88 -1.59 -23.87 17.08
N GLY D 89 -0.45 -24.26 17.66
CA GLY D 89 -0.40 -25.40 18.56
C GLY D 89 -1.04 -25.09 19.92
N LYS D 90 -1.97 -25.91 20.38
CA LYS D 90 -2.49 -25.74 21.74
C LYS D 90 -2.09 -26.73 22.88
N GLU D 91 -1.60 -27.93 22.53
CA GLU D 91 -1.46 -29.00 23.53
C GLU D 91 0.01 -29.24 23.86
N ASP D 92 0.33 -29.19 25.14
CA ASP D 92 1.70 -29.39 25.53
C ASP D 92 2.14 -30.83 25.31
N ILE D 93 3.40 -30.99 24.91
CA ILE D 93 3.95 -32.28 24.57
C ILE D 93 3.83 -33.30 25.71
N GLU D 94 3.95 -32.84 26.95
CA GLU D 94 3.83 -33.76 28.10
C GLU D 94 2.39 -34.19 28.42
N LYS D 95 1.43 -33.57 27.75
CA LYS D 95 0.02 -33.91 27.95
C LYS D 95 -0.46 -34.94 26.93
N LEU D 96 0.45 -35.42 26.11
CA LEU D 96 0.04 -36.24 24.98
C LEU D 96 0.50 -37.66 25.23
N PRO D 97 -0.25 -38.65 24.72
CA PRO D 97 0.10 -40.05 24.98
C PRO D 97 1.43 -40.33 24.29
N PRO D 98 2.19 -41.32 24.80
CA PRO D 98 3.53 -41.55 24.26
C PRO D 98 3.48 -41.85 22.76
N LEU D 99 4.32 -41.15 22.01
CA LEU D 99 4.44 -41.43 20.59
C LEU D 99 4.86 -42.88 20.39
N LYS D 100 5.86 -43.34 21.14
CA LYS D 100 6.37 -44.69 20.94
C LYS D 100 5.33 -45.81 21.11
N ASP D 101 4.44 -45.67 22.08
CA ASP D 101 3.38 -46.64 22.34
C ASP D 101 2.43 -46.78 21.16
N HIS D 102 2.10 -45.67 20.51
CA HIS D 102 1.19 -45.70 19.35
C HIS D 102 1.78 -46.55 18.21
N PHE D 103 3.10 -46.49 18.07
CA PHE D 103 3.81 -47.20 17.01
C PHE D 103 4.55 -48.51 17.40
N LYS D 104 4.32 -48.97 18.62
CA LYS D 104 5.16 -50.06 19.15
C LYS D 104 5.20 -51.34 18.30
N ASP D 105 4.19 -51.59 17.48
CA ASP D 105 4.12 -52.80 16.66
C ASP D 105 4.84 -52.62 15.32
N TYR D 106 5.25 -51.41 15.04
CA TYR D 106 5.75 -51.07 13.70
C TYR D 106 7.26 -50.85 13.73
N PHE D 107 7.73 -50.05 14.65
CA PHE D 107 9.13 -49.66 14.69
C PHE D 107 9.41 -48.78 15.89
N LEU D 108 10.67 -48.68 16.29
CA LEU D 108 11.05 -47.76 17.35
C LEU D 108 10.77 -46.35 16.89
N ILE D 109 10.21 -45.52 17.77
CA ILE D 109 10.05 -44.11 17.49
C ILE D 109 11.16 -43.37 18.26
N GLY D 110 12.07 -42.73 17.52
CA GLY D 110 13.21 -42.05 18.09
C GLY D 110 13.19 -40.54 18.00
N ASN D 111 14.15 -39.92 18.67
CA ASN D 111 14.43 -38.51 18.49
C ASN D 111 15.87 -38.24 18.93
N ILE D 112 16.24 -36.98 19.10
CA ILE D 112 17.61 -36.64 19.45
C ILE D 112 17.69 -35.99 20.82
N PHE D 113 18.87 -36.01 21.41
CA PHE D 113 19.13 -35.24 22.62
C PHE D 113 20.52 -34.68 22.73
N ASN D 114 20.69 -33.79 23.69
CA ASN D 114 21.87 -32.96 23.82
C ASN D 114 22.33 -32.90 25.28
N ASN D 115 23.54 -32.38 25.49
CA ASN D 115 24.10 -32.24 26.84
C ASN D 115 23.16 -31.47 27.78
N ARG D 116 22.51 -30.45 27.24
CA ARG D 116 21.44 -29.71 27.88
C ARG D 116 20.38 -30.58 28.54
N ASP D 117 20.01 -31.66 27.86
CA ASP D 117 18.91 -32.52 28.29
C ASP D 117 19.22 -33.41 29.50
N VAL D 118 20.46 -33.39 29.97
CA VAL D 118 20.80 -34.24 31.11
C VAL D 118 21.40 -33.45 32.28
N SER D 119 21.16 -33.92 33.50
CA SER D 119 21.74 -33.29 34.68
C SER D 119 22.54 -34.34 35.43
N GLY D 120 23.85 -34.14 35.52
CA GLY D 120 24.72 -35.20 36.01
C GLY D 120 24.62 -36.37 35.04
N SER D 121 24.27 -37.54 35.57
CA SER D 121 23.97 -38.75 34.81
C SER D 121 22.48 -39.06 34.59
N MET D 122 21.60 -38.10 34.86
CA MET D 122 20.17 -38.38 34.72
C MET D 122 19.45 -37.44 33.74
N MET D 123 18.34 -37.91 33.17
CA MET D 123 17.56 -37.10 32.24
C MET D 123 16.90 -35.92 32.94
N ASP D 124 17.05 -34.73 32.33
CA ASP D 124 16.62 -33.48 32.93
C ASP D 124 15.29 -32.95 32.39
N ASN D 125 14.70 -33.66 31.42
CA ASN D 125 13.37 -33.33 30.97
C ASN D 125 12.55 -34.59 30.69
N ASP D 126 11.31 -34.56 31.10
CA ASP D 126 10.51 -35.78 31.10
C ASP D 126 9.95 -36.12 29.71
N TRP D 127 9.85 -35.11 28.83
CA TRP D 127 9.25 -35.38 27.54
C TRP D 127 10.02 -36.38 26.66
N LEU D 128 11.34 -36.45 26.79
CA LEU D 128 12.09 -37.35 25.89
C LEU D 128 11.80 -38.84 26.18
N ALA D 129 11.94 -39.27 27.43
CA ALA D 129 11.60 -40.66 27.77
C ALA D 129 10.10 -40.95 27.63
N HIS D 130 9.27 -39.94 27.88
CA HIS D 130 7.84 -40.10 27.67
C HIS D 130 7.50 -40.56 26.24
N HIS D 131 7.98 -39.81 25.25
CA HIS D 131 7.65 -40.08 23.84
C HIS D 131 8.51 -41.06 23.04
N TYR D 132 9.79 -41.18 23.39
CA TYR D 132 10.77 -41.84 22.52
C TYR D 132 11.47 -43.04 23.15
N ALA D 133 11.66 -44.08 22.36
CA ALA D 133 12.27 -45.34 22.82
C ALA D 133 13.75 -45.41 22.55
N ILE D 134 14.23 -44.49 21.71
CA ILE D 134 15.64 -44.48 21.34
C ILE D 134 16.03 -43.04 21.05
N LEU D 135 17.26 -42.68 21.41
CA LEU D 135 17.73 -41.32 21.21
C LEU D 135 19.09 -41.35 20.52
N THR D 136 19.26 -40.43 19.57
CA THR D 136 20.55 -40.17 18.95
C THR D 136 21.12 -38.88 19.48
N PRO D 137 22.36 -38.89 19.99
CA PRO D 137 22.93 -37.62 20.45
C PRO D 137 23.09 -36.72 19.24
N GLU D 138 22.62 -35.48 19.29
CA GLU D 138 22.63 -34.67 18.08
C GLU D 138 24.08 -34.36 17.70
N ASN D 139 24.90 -34.22 18.74
CA ASN D 139 26.21 -33.63 18.66
C ASN D 139 27.34 -34.42 19.30
N HIS D 140 27.14 -34.96 20.49
CA HIS D 140 28.26 -35.33 21.35
C HIS D 140 28.93 -36.68 21.11
N MET D 141 28.45 -37.42 20.13
CA MET D 141 29.23 -38.54 19.61
C MET D 141 29.93 -38.26 18.26
N LYS D 142 29.81 -37.01 17.79
CA LYS D 142 30.56 -36.57 16.61
C LYS D 142 32.06 -36.62 16.89
N PRO D 143 32.88 -36.87 15.85
CA PRO D 143 34.31 -37.10 16.13
C PRO D 143 34.95 -35.97 16.91
N SER D 144 34.73 -34.72 16.48
CA SER D 144 35.27 -33.56 17.19
C SER D 144 34.91 -33.56 18.67
N ASN D 145 33.75 -34.11 18.99
CA ASN D 145 33.36 -34.18 20.39
C ASN D 145 33.84 -35.44 21.13
N LEU D 146 34.33 -36.45 20.41
CA LEU D 146 34.84 -37.64 21.11
C LEU D 146 36.34 -37.65 21.26
N THR D 147 37.02 -36.83 20.47
CA THR D 147 38.46 -36.78 20.51
C THR D 147 38.98 -35.39 20.11
N ASN D 148 39.96 -34.88 20.86
CA ASN D 148 40.61 -33.60 20.56
C ASN D 148 42.07 -33.60 20.11
N ASN D 149 42.69 -34.77 19.96
CA ASN D 149 44.13 -34.80 19.75
C ASN D 149 44.66 -36.19 19.52
N ARG D 150 45.81 -36.26 18.86
CA ARG D 150 46.51 -37.51 18.71
C ARG D 150 48.02 -37.26 18.76
N ASN D 151 48.71 -38.04 19.59
CA ASN D 151 50.15 -37.93 19.64
C ASN D 151 50.74 -38.45 18.35
N GLU D 152 51.46 -37.60 17.64
CA GLU D 152 51.99 -38.00 16.33
C GLU D 152 53.13 -39.03 16.41
N THR D 153 53.94 -38.96 17.46
CA THR D 153 55.04 -39.90 17.58
C THR D 153 54.57 -41.28 18.03
N THR D 154 53.84 -41.32 19.14
CA THR D 154 53.37 -42.58 19.74
C THR D 154 52.09 -43.14 19.12
N GLY D 155 51.27 -42.27 18.54
CA GLY D 155 50.02 -42.70 17.96
C GLY D 155 48.88 -42.71 18.95
N GLU D 156 49.14 -42.22 20.15
CA GLU D 156 48.15 -42.17 21.21
C GLU D 156 47.03 -41.14 20.95
N ILE D 157 45.78 -41.57 21.03
CA ILE D 157 44.63 -40.70 20.76
C ILE D 157 44.01 -40.20 22.07
N THR D 158 43.81 -38.89 22.20
CA THR D 158 43.13 -38.36 23.37
C THR D 158 41.63 -38.36 23.14
N TYR D 159 40.89 -38.99 24.06
CA TYR D 159 39.43 -39.03 23.90
C TYR D 159 38.74 -38.15 24.90
N THR D 160 37.63 -37.55 24.48
CA THR D 160 36.77 -36.88 25.42
C THR D 160 35.42 -37.57 25.44
N PHE D 161 35.31 -38.60 26.30
CA PHE D 161 34.13 -39.46 26.46
C PHE D 161 33.08 -38.92 27.44
N SER D 162 33.54 -38.13 28.42
CA SER D 162 32.74 -37.81 29.60
C SER D 162 31.34 -37.31 29.32
N THR D 163 31.19 -36.31 28.46
CA THR D 163 29.85 -35.79 28.21
C THR D 163 28.93 -36.87 27.64
N ALA D 164 29.39 -37.53 26.59
CA ALA D 164 28.61 -38.62 26.01
C ALA D 164 28.37 -39.78 27.01
N ASP D 165 29.35 -40.06 27.90
CA ASP D 165 29.13 -41.08 28.92
C ASP D 165 27.93 -40.76 29.83
N ARG D 166 27.85 -39.52 30.30
CA ARG D 166 26.74 -39.11 31.16
C ARG D 166 25.39 -39.20 30.42
N MET D 167 25.38 -38.79 29.14
CA MET D 167 24.16 -38.85 28.31
C MET D 167 23.69 -40.28 28.06
N VAL D 168 24.59 -41.13 27.59
CA VAL D 168 24.32 -42.56 27.40
C VAL D 168 23.77 -43.19 28.70
N ASN D 169 24.45 -42.96 29.82
CA ASN D 169 24.00 -43.51 31.09
C ASN D 169 22.63 -42.99 31.53
N ALA D 170 22.35 -41.71 31.32
CA ALA D 170 21.02 -41.18 31.66
C ALA D 170 19.91 -41.86 30.87
N ALA D 171 20.12 -42.03 29.56
CA ALA D 171 19.14 -42.65 28.69
C ALA D 171 18.88 -44.10 29.05
N ILE D 172 19.96 -44.82 29.36
CA ILE D 172 19.82 -46.22 29.74
C ILE D 172 19.07 -46.38 31.08
N ALA D 173 19.32 -45.48 32.03
CA ALA D 173 18.63 -45.58 33.33
C ALA D 173 17.15 -45.30 33.15
N GLU D 174 16.81 -44.59 32.07
CA GLU D 174 15.39 -44.39 31.72
C GLU D 174 14.84 -45.56 30.90
N GLY D 175 15.70 -46.51 30.57
CA GLY D 175 15.27 -47.65 29.77
C GLY D 175 15.16 -47.29 28.31
N LEU D 176 15.99 -46.35 27.87
CA LEU D 176 15.97 -45.94 26.48
C LEU D 176 17.15 -46.55 25.75
N LYS D 177 17.02 -46.78 24.45
CA LYS D 177 18.18 -47.18 23.68
C LYS D 177 18.89 -45.94 23.17
N ILE D 178 20.08 -46.17 22.62
CA ILE D 178 20.93 -45.09 22.10
C ILE D 178 21.37 -45.53 20.73
N HIS D 179 21.29 -44.63 19.75
CA HIS D 179 21.85 -44.83 18.41
C HIS D 179 23.10 -43.98 18.35
N GLY D 180 24.27 -44.61 18.24
CA GLY D 180 25.51 -43.87 18.14
C GLY D 180 25.66 -43.14 16.81
N HIS D 181 26.07 -41.86 16.85
CA HIS D 181 26.28 -41.04 15.64
C HIS D 181 27.43 -40.03 15.89
N THR D 182 28.56 -40.03 15.16
CA THR D 182 28.94 -40.94 14.07
C THR D 182 30.48 -41.10 14.04
N LEU D 183 30.98 -42.28 13.66
CA LEU D 183 32.42 -42.57 13.71
C LEU D 183 33.28 -41.93 12.60
N LEU D 184 32.88 -42.11 11.34
CA LEU D 184 33.65 -41.62 10.21
C LEU D 184 32.86 -40.60 9.40
N TRP D 185 33.46 -39.44 9.16
CA TRP D 185 32.76 -38.34 8.51
C TRP D 185 33.78 -37.36 7.91
N HIS D 186 33.31 -36.52 6.99
CA HIS D 186 34.17 -35.58 6.27
C HIS D 186 34.16 -34.16 6.85
N GLN D 187 33.39 -33.93 7.91
CA GLN D 187 33.28 -32.60 8.53
C GLN D 187 33.07 -32.82 10.01
N GLN D 188 33.23 -31.76 10.80
CA GLN D 188 33.07 -31.86 12.25
C GLN D 188 33.95 -32.97 12.78
N ILE D 189 35.18 -32.99 12.27
CA ILE D 189 36.21 -33.91 12.72
C ILE D 189 37.36 -33.06 13.23
N PRO D 190 38.17 -33.59 14.15
CA PRO D 190 39.28 -32.84 14.74
C PRO D 190 40.45 -32.74 13.76
N PRO D 191 41.29 -31.71 13.92
CA PRO D 191 42.44 -31.48 13.03
C PRO D 191 43.28 -32.74 12.80
N TRP D 192 43.48 -33.58 13.80
CA TRP D 192 44.29 -34.78 13.60
C TRP D 192 43.63 -35.76 12.63
N GLN D 193 42.30 -35.81 12.63
CA GLN D 193 41.63 -36.71 11.70
C GLN D 193 41.71 -36.12 10.31
N ARG D 194 41.57 -34.80 10.23
CA ARG D 194 41.71 -34.10 8.96
C ARG D 194 43.10 -34.36 8.38
N SER D 195 44.13 -34.34 9.24
CA SER D 195 45.49 -34.56 8.77
C SER D 195 45.77 -35.98 8.28
N MET D 196 44.93 -36.93 8.64
CA MET D 196 45.08 -38.30 8.13
C MET D 196 44.94 -38.37 6.61
N GLU D 197 44.39 -37.33 5.99
CA GLU D 197 44.09 -37.37 4.56
C GLU D 197 45.35 -37.53 3.71
N SER D 198 46.48 -37.11 4.25
CA SER D 198 47.74 -37.22 3.53
C SER D 198 48.55 -38.48 3.89
N ALA D 199 48.04 -39.28 4.82
CA ALA D 199 48.78 -40.43 5.32
C ALA D 199 48.83 -41.56 4.30
N ALA D 200 49.82 -42.45 4.46
CA ALA D 200 49.89 -43.69 3.69
C ALA D 200 48.72 -44.61 4.03
N LYS D 201 48.35 -45.44 3.05
CA LYS D 201 47.19 -46.31 3.19
C LYS D 201 47.22 -47.28 4.39
N ASP D 202 48.31 -48.04 4.54
CA ASP D 202 48.40 -48.97 5.66
C ASP D 202 48.41 -48.22 7.00
N ALA D 203 49.13 -47.12 7.07
CA ALA D 203 49.20 -46.36 8.31
C ALA D 203 47.85 -45.70 8.63
N ALA D 204 47.18 -45.16 7.62
CA ALA D 204 45.83 -44.61 7.83
C ALA D 204 44.84 -45.70 8.27
N LEU D 205 44.94 -46.87 7.65
CA LEU D 205 44.11 -48.01 8.04
C LEU D 205 44.28 -48.39 9.50
N SER D 206 45.53 -48.53 9.94
CA SER D 206 45.80 -48.83 11.35
C SER D 206 45.17 -47.82 12.33
N VAL D 207 45.33 -46.53 12.06
CA VAL D 207 44.75 -45.50 12.92
C VAL D 207 43.21 -45.57 12.93
N MET D 208 42.61 -45.66 11.75
CA MET D 208 41.16 -45.78 11.59
C MET D 208 40.57 -46.95 12.40
N LYS D 209 41.14 -48.14 12.20
CA LYS D 209 40.72 -49.28 13.00
C LYS D 209 40.93 -49.03 14.49
N LYS D 210 42.07 -48.42 14.82
CA LYS D 210 42.34 -48.08 16.22
C LYS D 210 41.24 -47.19 16.82
N TYR D 211 40.92 -46.10 16.12
CA TYR D 211 39.90 -45.14 16.54
C TYR D 211 38.56 -45.84 16.75
N ILE D 212 38.10 -46.51 15.71
CA ILE D 212 36.83 -47.21 15.79
C ILE D 212 36.81 -48.19 16.97
N THR D 213 37.89 -48.95 17.11
CA THR D 213 37.93 -49.94 18.17
C THR D 213 37.85 -49.29 19.55
N GLU D 214 38.65 -48.24 19.78
CA GLU D 214 38.68 -47.61 21.11
C GLU D 214 37.34 -46.93 21.47
N VAL D 215 36.77 -46.18 20.53
CA VAL D 215 35.43 -45.61 20.77
C VAL D 215 34.39 -46.70 21.03
N MET D 216 34.36 -47.74 20.20
CA MET D 216 33.30 -48.73 20.38
C MET D 216 33.48 -49.61 21.61
N THR D 217 34.74 -49.89 21.92
CA THR D 217 35.05 -50.60 23.16
C THR D 217 34.57 -49.79 24.36
N HIS D 218 34.73 -48.46 24.29
CA HIS D 218 34.35 -47.63 25.43
C HIS D 218 32.84 -47.74 25.68
N TYR D 219 32.07 -47.84 24.60
CA TYR D 219 30.60 -47.95 24.69
C TYR D 219 30.03 -49.36 24.59
N LYS D 220 30.89 -50.37 24.58
CA LYS D 220 30.49 -51.73 24.24
C LYS D 220 29.28 -52.19 25.05
N GLY D 221 28.24 -52.59 24.33
CA GLY D 221 27.08 -53.21 24.96
C GLY D 221 25.98 -52.22 25.29
N LYS D 222 26.35 -50.93 25.29
CA LYS D 222 25.41 -49.87 25.64
C LYS D 222 24.70 -49.24 24.44
N ILE D 223 25.17 -49.53 23.23
CA ILE D 223 24.65 -48.89 22.05
C ILE D 223 23.86 -49.85 21.16
N TYR D 224 22.61 -49.50 20.84
CA TYR D 224 21.74 -50.37 20.03
C TYR D 224 22.20 -50.46 18.58
N SER D 225 22.55 -49.31 18.02
CA SER D 225 23.02 -49.23 16.65
C SER D 225 24.00 -48.06 16.49
N TRP D 226 24.97 -48.20 15.59
CA TRP D 226 25.98 -47.17 15.36
C TRP D 226 25.93 -46.69 13.91
N ASP D 227 26.06 -45.39 13.64
CA ASP D 227 26.37 -44.97 12.27
C ASP D 227 27.88 -44.96 12.16
N VAL D 228 28.42 -45.96 11.50
CA VAL D 228 29.86 -46.14 11.43
C VAL D 228 30.41 -45.13 10.45
N LEU D 229 29.68 -44.95 9.35
CA LEU D 229 30.11 -44.06 8.29
C LEU D 229 28.90 -43.22 7.89
N ASN D 230 29.14 -41.92 7.72
CA ASN D 230 28.07 -40.97 7.46
C ASN D 230 28.34 -40.22 6.16
N GLU D 231 27.34 -40.14 5.28
CA GLU D 231 27.37 -39.23 4.13
C GLU D 231 28.63 -39.37 3.28
N ILE D 232 28.93 -40.57 2.80
CA ILE D 232 30.19 -40.76 2.07
C ILE D 232 30.09 -40.35 0.61
N PHE D 233 28.86 -40.12 0.14
CA PHE D 233 28.62 -39.72 -1.24
C PHE D 233 28.22 -38.25 -1.37
N PRO D 234 28.90 -37.50 -2.25
CA PRO D 234 28.62 -36.08 -2.44
C PRO D 234 27.28 -35.82 -3.13
N ASP D 235 26.85 -36.78 -3.96
CA ASP D 235 25.62 -36.65 -4.75
C ASP D 235 25.34 -37.97 -5.47
N GLY D 236 24.32 -38.00 -6.33
CA GLY D 236 24.02 -39.19 -7.12
C GLY D 236 24.58 -39.23 -8.55
N ARG D 237 25.64 -38.47 -8.82
CA ARG D 237 26.16 -38.33 -10.19
C ARG D 237 27.07 -39.46 -10.71
N GLY D 238 27.82 -40.10 -9.81
CA GLY D 238 28.79 -41.10 -10.22
C GLY D 238 28.18 -42.41 -10.69
N ASP D 239 28.92 -43.15 -11.50
CA ASP D 239 28.51 -44.51 -11.90
C ASP D 239 29.13 -45.63 -11.06
N ASN D 240 30.16 -45.30 -10.27
CA ASN D 240 30.91 -46.33 -9.55
C ASN D 240 31.14 -45.94 -8.10
N TRP D 241 30.59 -46.71 -7.17
CA TRP D 241 30.68 -46.31 -5.77
C TRP D 241 32.10 -46.16 -5.27
N THR D 242 33.01 -47.02 -5.76
CA THR D 242 34.38 -47.05 -5.26
C THR D 242 35.12 -45.78 -5.63
N THR D 243 34.73 -45.20 -6.76
CA THR D 243 35.32 -43.93 -7.17
C THR D 243 34.50 -42.68 -6.84
N ALA D 244 33.26 -42.85 -6.39
CA ALA D 244 32.38 -41.68 -6.31
C ALA D 244 32.40 -40.97 -4.96
N MET D 245 33.07 -41.56 -3.98
CA MET D 245 33.06 -41.05 -2.61
C MET D 245 33.74 -39.69 -2.43
N ARG D 246 33.42 -39.02 -1.33
CA ARG D 246 33.95 -37.69 -1.03
C ARG D 246 35.47 -37.66 -0.74
N PRO D 247 36.22 -36.97 -1.61
CA PRO D 247 37.65 -36.78 -1.38
C PRO D 247 37.95 -36.00 -0.10
N GLU D 248 36.99 -35.19 0.37
CA GLU D 248 37.19 -34.49 1.64
C GLU D 248 36.98 -35.38 2.88
N ASN D 249 36.52 -36.61 2.67
CA ASN D 249 36.55 -37.58 3.75
C ASN D 249 37.97 -38.16 3.82
N PRO D 250 38.67 -37.89 4.92
CA PRO D 250 40.10 -38.16 5.04
C PRO D 250 40.44 -39.64 5.01
N TRP D 251 39.54 -40.46 5.52
CA TRP D 251 39.73 -41.89 5.47
C TRP D 251 39.68 -42.38 4.04
N PHE D 252 38.69 -41.93 3.28
CA PHE D 252 38.65 -42.30 1.86
C PHE D 252 39.88 -41.75 1.16
N LYS D 253 40.28 -40.52 1.49
CA LYS D 253 41.36 -39.87 0.75
C LYS D 253 42.67 -40.63 0.88
N SER D 254 42.99 -41.05 2.10
CA SER D 254 44.24 -41.79 2.33
C SER D 254 44.16 -43.29 1.99
N ILE D 255 43.08 -43.94 2.38
CA ILE D 255 42.93 -45.40 2.24
C ILE D 255 42.36 -45.88 0.89
N GLY D 256 41.44 -45.09 0.34
CA GLY D 256 40.66 -45.51 -0.81
C GLY D 256 39.45 -46.37 -0.43
N SER D 257 38.75 -46.87 -1.45
CA SER D 257 37.48 -47.58 -1.25
C SER D 257 37.55 -48.74 -0.27
N ASP D 258 38.73 -49.31 -0.08
CA ASP D 258 38.89 -50.43 0.85
C ASP D 258 38.51 -50.08 2.29
N PHE D 259 38.51 -48.80 2.60
CA PHE D 259 38.25 -48.34 3.95
C PHE D 259 36.87 -48.69 4.46
N VAL D 260 35.90 -48.84 3.58
CA VAL D 260 34.52 -49.09 4.04
C VAL D 260 34.39 -50.47 4.70
N TYR D 261 34.86 -51.51 4.01
CA TYR D 261 34.83 -52.86 4.56
C TYR D 261 35.57 -52.95 5.88
N GLU D 262 36.79 -52.44 5.85
CA GLU D 262 37.66 -52.49 7.01
C GLU D 262 37.08 -51.74 8.19
N ALA D 263 36.38 -50.63 7.93
CA ALA D 263 35.72 -49.88 9.00
C ALA D 263 34.64 -50.70 9.68
N TYR D 264 33.68 -51.20 8.91
CA TYR D 264 32.60 -52.02 9.47
C TYR D 264 33.14 -53.30 10.12
N LEU D 265 34.19 -53.87 9.52
CA LEU D 265 34.83 -55.06 10.11
C LEU D 265 35.36 -54.81 11.53
N ALA D 266 36.12 -53.73 11.69
CA ALA D 266 36.68 -53.40 12.99
C ALA D 266 35.57 -53.13 14.01
N ALA D 267 34.49 -52.52 13.53
CA ALA D 267 33.35 -52.18 14.37
C ALA D 267 32.69 -53.46 14.88
N ARG D 268 32.43 -54.38 13.95
CA ARG D 268 31.86 -55.68 14.28
C ARG D 268 32.70 -56.42 15.33
N GLN D 269 34.01 -56.40 15.17
CA GLN D 269 34.88 -57.05 16.15
C GLN D 269 34.91 -56.29 17.50
N ALA D 270 34.74 -54.96 17.47
CA ALA D 270 34.87 -54.20 18.71
C ALA D 270 33.63 -54.36 19.59
N ASP D 271 32.47 -54.33 18.96
CA ASP D 271 31.18 -54.49 19.65
C ASP D 271 30.16 -55.25 18.80
N PRO D 272 30.16 -56.60 18.89
CA PRO D 272 29.16 -57.39 18.15
C PRO D 272 27.70 -57.08 18.52
N ASN D 273 27.43 -56.56 19.70
CA ASN D 273 26.05 -56.26 20.09
C ASN D 273 25.39 -55.17 19.23
N ALA D 274 26.21 -54.28 18.68
CA ALA D 274 25.68 -53.13 17.95
C ALA D 274 25.33 -53.43 16.51
N ILE D 275 24.15 -52.97 16.11
CA ILE D 275 23.73 -53.06 14.72
C ILE D 275 24.41 -51.93 13.94
N LEU D 276 25.16 -52.30 12.90
CA LEU D 276 26.04 -51.34 12.20
C LEU D 276 25.34 -50.70 11.01
N TYR D 277 25.32 -49.37 10.97
CA TYR D 277 24.58 -48.62 9.95
C TYR D 277 25.46 -47.81 9.00
N TYR D 278 24.95 -47.61 7.79
CA TYR D 278 25.38 -46.54 6.93
C TYR D 278 24.25 -45.51 6.88
N ASN D 279 24.61 -44.24 6.99
CA ASN D 279 23.64 -43.16 7.16
C ASN D 279 23.93 -42.07 6.14
N ASP D 280 22.90 -41.58 5.46
CA ASP D 280 23.10 -40.55 4.44
C ASP D 280 21.79 -39.85 4.14
N TYR D 281 21.87 -38.70 3.47
CA TYR D 281 20.65 -37.96 3.14
C TYR D 281 20.44 -38.01 1.64
N ASN D 282 19.30 -37.46 1.19
CA ASN D 282 18.96 -37.45 -0.23
C ASN D 282 18.89 -38.84 -0.84
N MET D 283 18.53 -39.83 -0.02
CA MET D 283 18.36 -41.20 -0.51
C MET D 283 17.09 -41.36 -1.34
N ASP D 284 16.28 -40.32 -1.40
CA ASP D 284 15.10 -40.28 -2.26
C ASP D 284 15.55 -40.01 -3.70
N GLN D 285 16.82 -39.67 -3.87
CA GLN D 285 17.40 -39.49 -5.20
C GLN D 285 17.94 -40.83 -5.71
N ALA D 286 17.37 -41.29 -6.83
CA ALA D 286 17.59 -42.65 -7.33
C ALA D 286 19.07 -42.87 -7.68
N GLY D 287 19.69 -41.89 -8.31
CA GLY D 287 21.11 -41.94 -8.59
C GLY D 287 21.99 -42.12 -7.35
N LYS D 288 21.60 -41.52 -6.22
CA LYS D 288 22.40 -41.63 -4.99
C LYS D 288 22.13 -42.95 -4.27
N ALA D 289 20.85 -43.32 -4.19
CA ALA D 289 20.46 -44.59 -3.58
C ALA D 289 21.14 -45.74 -4.32
N ALA D 290 21.31 -45.57 -5.63
CA ALA D 290 21.91 -46.60 -6.45
C ALA D 290 23.35 -46.83 -6.01
N LEU D 291 24.09 -45.75 -5.85
CA LEU D 291 25.48 -45.83 -5.40
C LEU D 291 25.59 -46.46 -4.02
N ILE D 292 24.62 -46.16 -3.17
CA ILE D 292 24.59 -46.67 -1.81
C ILE D 292 24.31 -48.19 -1.77
N ALA D 293 23.33 -48.63 -2.56
CA ALA D 293 22.98 -50.04 -2.63
C ALA D 293 24.15 -50.86 -3.18
N ALA D 294 24.85 -50.30 -4.16
CA ALA D 294 26.01 -50.95 -4.77
C ALA D 294 27.15 -51.12 -3.77
N MET D 295 27.39 -50.09 -2.96
CA MET D 295 28.40 -50.18 -1.92
C MET D 295 28.03 -51.20 -0.85
N VAL D 296 26.77 -51.17 -0.41
CA VAL D 296 26.31 -52.12 0.61
C VAL D 296 26.33 -53.56 0.07
N ARG D 297 25.93 -53.71 -1.19
CA ARG D 297 25.92 -55.04 -1.82
C ARG D 297 27.33 -55.64 -1.84
N ASP D 298 28.32 -54.84 -2.26
CA ASP D 298 29.70 -55.31 -2.42
C ASP D 298 30.42 -55.50 -1.10
N VAL D 299 30.21 -54.58 -0.16
CA VAL D 299 30.79 -54.75 1.17
C VAL D 299 30.24 -56.02 1.85
N ASN D 300 28.94 -56.25 1.72
CA ASN D 300 28.38 -57.46 2.31
C ASN D 300 28.80 -58.76 1.62
N ALA D 301 28.91 -58.74 0.29
CA ALA D 301 29.38 -59.94 -0.42
C ALA D 301 30.82 -60.27 -0.02
N LYS D 302 31.64 -59.24 0.15
CA LYS D 302 32.99 -59.44 0.66
C LYS D 302 32.96 -60.11 2.03
N TYR D 303 32.12 -59.60 2.93
CA TYR D 303 32.05 -60.14 4.28
C TYR D 303 31.64 -61.61 4.32
N LYS D 304 30.56 -61.93 3.61
CA LYS D 304 30.04 -63.28 3.50
C LYS D 304 31.14 -64.25 3.01
N GLN D 305 31.79 -63.86 1.92
CA GLN D 305 32.91 -64.59 1.34
C GLN D 305 34.02 -64.84 2.35
N ALA D 306 34.31 -63.84 3.19
CA ALA D 306 35.40 -63.95 4.17
C ALA D 306 35.04 -64.74 5.42
N TYR D 307 33.77 -64.70 5.79
CA TYR D 307 33.30 -65.34 7.00
C TYR D 307 32.02 -66.13 6.71
N PRO D 308 32.14 -67.21 5.91
CA PRO D 308 30.97 -67.96 5.42
C PRO D 308 30.02 -68.45 6.52
N ARG D 309 30.49 -68.66 7.74
CA ARG D 309 29.59 -69.18 8.78
C ARG D 309 28.78 -68.09 9.50
N GLU D 310 29.08 -66.83 9.23
CA GLU D 310 28.31 -65.75 9.83
C GLU D 310 26.95 -65.57 9.14
N THR D 311 25.90 -65.45 9.95
CA THR D 311 24.56 -65.13 9.43
C THR D 311 24.28 -63.63 9.26
N ARG D 312 24.92 -62.80 10.09
CA ARG D 312 24.68 -61.36 10.00
C ARG D 312 25.35 -60.75 8.77
N LEU D 313 24.77 -59.67 8.26
CA LEU D 313 25.46 -58.85 7.27
C LEU D 313 26.54 -58.04 7.98
N LEU D 314 27.31 -57.28 7.20
CA LEU D 314 28.31 -56.37 7.75
C LEU D 314 27.71 -54.98 7.91
N ILE D 315 27.28 -54.36 6.81
CA ILE D 315 26.52 -53.13 6.98
C ILE D 315 25.13 -53.69 7.13
N GLU D 316 24.59 -53.62 8.33
CA GLU D 316 23.33 -54.28 8.62
C GLU D 316 22.12 -53.41 8.30
N GLY D 317 22.34 -52.11 8.21
CA GLY D 317 21.22 -51.22 8.06
C GLY D 317 21.59 -49.99 7.27
N ILE D 318 20.58 -49.40 6.64
CA ILE D 318 20.75 -48.15 5.94
C ILE D 318 19.84 -47.16 6.67
N GLY D 319 20.44 -46.15 7.32
CA GLY D 319 19.67 -45.03 7.81
C GLY D 319 19.32 -44.05 6.71
N MET D 320 18.03 -43.83 6.43
CA MET D 320 17.66 -42.81 5.47
C MET D 320 17.47 -41.55 6.31
N GLN D 321 18.37 -40.57 6.15
CA GLN D 321 18.27 -39.35 6.96
C GLN D 321 16.87 -38.72 6.82
N SER D 322 16.35 -38.66 5.59
CA SER D 322 15.00 -38.15 5.37
C SER D 322 14.90 -36.69 5.84
N HIS D 323 15.80 -35.83 5.36
CA HIS D 323 15.61 -34.43 5.63
C HIS D 323 14.92 -33.94 4.39
N HIS D 324 13.59 -33.92 4.48
CA HIS D 324 12.76 -33.71 3.31
C HIS D 324 12.15 -32.30 3.33
N ASN D 325 11.31 -32.03 2.35
CA ASN D 325 10.71 -30.71 2.15
C ASN D 325 9.45 -30.88 1.31
N MET D 326 8.74 -29.79 1.07
CA MET D 326 7.42 -29.86 0.43
C MET D 326 7.47 -30.53 -0.92
N ASP D 327 8.64 -30.50 -1.56
CA ASP D 327 8.76 -30.99 -2.93
C ASP D 327 9.23 -32.45 -3.08
N VAL D 328 9.53 -33.11 -1.97
CA VAL D 328 9.96 -34.49 -2.05
C VAL D 328 8.75 -35.42 -2.12
N PRO D 329 8.57 -36.10 -3.27
CA PRO D 329 7.43 -37.00 -3.46
C PRO D 329 7.62 -38.33 -2.73
N ALA D 330 6.56 -38.83 -2.08
CA ALA D 330 6.58 -40.15 -1.43
C ALA D 330 6.99 -41.25 -2.41
N SER D 331 6.57 -41.12 -3.66
CA SER D 331 6.94 -42.13 -4.68
C SER D 331 8.46 -42.29 -4.86
N ASN D 332 9.24 -41.25 -4.62
CA ASN D 332 10.70 -41.44 -4.71
C ASN D 332 11.27 -42.19 -3.52
N ILE D 333 10.66 -41.95 -2.36
CA ILE D 333 11.01 -42.65 -1.14
C ILE D 333 10.60 -44.14 -1.25
N ARG D 334 9.40 -44.38 -1.74
CA ARG D 334 8.94 -45.73 -2.00
C ARG D 334 9.93 -46.47 -2.91
N ASN D 335 10.29 -45.84 -4.04
CA ASN D 335 11.28 -46.42 -4.96
C ASN D 335 12.59 -46.83 -4.28
N THR D 336 13.09 -45.99 -3.37
CA THR D 336 14.34 -46.26 -2.66
C THR D 336 14.15 -47.37 -1.64
N ILE D 337 13.02 -47.36 -0.93
CA ILE D 337 12.72 -48.47 0.01
C ILE D 337 12.73 -49.82 -0.73
N ASN D 338 12.14 -49.86 -1.92
CA ASN D 338 12.05 -51.07 -2.75
C ASN D 338 13.41 -51.59 -3.19
N ARG D 339 14.28 -50.66 -3.58
CA ARG D 339 15.64 -50.98 -3.96
C ARG D 339 16.36 -51.62 -2.77
N TYR D 340 16.23 -51.01 -1.60
CA TYR D 340 16.95 -51.47 -0.41
C TYR D 340 16.44 -52.81 0.12
N ARG D 341 15.14 -53.06 -0.06
CA ARG D 341 14.54 -54.34 0.32
C ARG D 341 15.32 -55.50 -0.32
N GLU D 342 15.80 -55.30 -1.55
CA GLU D 342 16.60 -56.32 -2.23
C GLU D 342 17.92 -56.70 -1.53
N LEU D 343 18.41 -55.82 -0.65
CA LEU D 343 19.68 -56.05 0.03
C LEU D 343 19.54 -56.82 1.33
N GLY D 344 18.31 -56.98 1.80
CA GLY D 344 18.06 -57.68 3.05
C GLY D 344 18.57 -56.96 4.29
N VAL D 345 18.85 -55.66 4.13
CA VAL D 345 19.24 -54.80 5.24
C VAL D 345 18.04 -54.37 6.09
N LYS D 346 18.30 -54.01 7.34
CA LYS D 346 17.38 -53.21 8.12
C LYS D 346 17.38 -51.78 7.57
N ILE D 347 16.31 -51.03 7.81
CA ILE D 347 16.22 -49.66 7.32
C ILE D 347 15.75 -48.80 8.48
N SER D 348 16.39 -47.67 8.71
CA SER D 348 15.84 -46.67 9.59
C SER D 348 15.52 -45.45 8.77
N VAL D 349 14.46 -44.79 9.17
CA VAL D 349 14.30 -43.38 8.89
C VAL D 349 14.98 -42.66 10.04
N SER D 350 16.15 -42.10 9.77
CA SER D 350 17.10 -41.74 10.81
C SER D 350 17.02 -40.30 11.33
N GLU D 351 16.59 -39.36 10.51
CA GLU D 351 16.70 -37.96 10.85
C GLU D 351 15.51 -37.14 10.33
N LEU D 352 14.38 -37.80 10.22
CA LEU D 352 13.21 -37.19 9.56
C LEU D 352 12.87 -35.78 10.05
N ASP D 353 12.76 -34.86 9.10
CA ASP D 353 12.13 -33.57 9.34
C ASP D 353 11.64 -33.10 8.00
N ILE D 354 10.66 -32.20 8.00
CA ILE D 354 10.12 -31.76 6.72
C ILE D 354 9.94 -30.26 6.68
N LEU D 355 10.68 -29.58 5.82
CA LEU D 355 10.55 -28.12 5.71
C LEU D 355 9.19 -27.82 5.10
N CYS D 356 8.63 -26.70 5.54
CA CYS D 356 7.27 -26.24 5.29
C CYS D 356 7.22 -25.53 3.96
N MET D 357 8.28 -25.72 3.20
CA MET D 357 8.46 -25.04 1.93
C MET D 357 9.46 -25.86 1.15
N GLY D 358 9.86 -25.36 -0.01
CA GLY D 358 10.92 -25.96 -0.80
C GLY D 358 12.31 -25.61 -0.30
N TRP D 359 13.31 -26.39 -0.70
CA TRP D 359 14.67 -26.18 -0.24
C TRP D 359 15.20 -24.78 -0.60
N SER D 360 14.98 -24.35 -1.84
CA SER D 360 15.48 -23.05 -2.25
C SER D 360 14.83 -21.87 -1.48
N ALA D 361 13.53 -21.97 -1.18
CA ALA D 361 12.88 -20.93 -0.41
C ALA D 361 13.34 -20.89 1.04
N PHE D 362 13.59 -22.06 1.64
CA PHE D 362 14.25 -22.14 2.93
C PHE D 362 15.61 -21.48 2.87
N ARG D 363 16.40 -21.81 1.85
CA ARG D 363 17.75 -21.28 1.74
C ARG D 363 17.76 -19.76 1.56
N GLY D 364 16.80 -19.29 0.77
CA GLY D 364 16.75 -17.88 0.43
C GLY D 364 16.11 -17.06 1.52
N SER D 365 15.50 -17.72 2.50
CA SER D 365 14.86 -16.94 3.56
C SER D 365 15.73 -16.91 4.80
N THR D 366 15.64 -17.94 5.63
CA THR D 366 16.47 -18.03 6.84
C THR D 366 17.82 -18.71 6.68
N GLY D 367 17.86 -19.71 5.82
CA GLY D 367 19.00 -20.61 5.83
C GLY D 367 19.07 -21.39 7.14
N GLN D 368 20.19 -22.03 7.37
CA GLN D 368 20.31 -23.00 8.46
C GLN D 368 20.56 -22.43 9.85
N GLY D 369 20.23 -23.25 10.85
CA GLY D 369 20.49 -22.97 12.24
C GLY D 369 19.25 -22.91 13.11
N ALA D 370 19.51 -23.07 14.39
CA ALA D 370 18.51 -23.04 15.46
C ALA D 370 18.03 -21.62 15.71
N ASP D 371 16.86 -21.50 16.34
CA ASP D 371 16.30 -20.22 16.75
C ASP D 371 15.90 -19.28 15.61
N LYS D 372 15.72 -19.82 14.42
CA LYS D 372 15.28 -18.97 13.29
C LYS D 372 13.79 -19.10 12.96
N ASP D 373 13.06 -19.90 13.72
CA ASP D 373 11.62 -20.11 13.49
C ASP D 373 10.80 -18.81 13.44
N ASP D 374 11.25 -17.77 14.14
CA ASP D 374 10.45 -16.52 14.21
C ASP D 374 10.77 -15.63 13.02
N MET D 375 11.63 -16.14 12.14
CA MET D 375 11.88 -15.54 10.83
C MET D 375 11.24 -16.28 9.65
N THR D 376 10.49 -17.35 9.91
CA THR D 376 10.03 -18.22 8.83
C THR D 376 9.05 -17.53 7.90
N ILE D 377 9.14 -17.86 6.61
CA ILE D 377 8.18 -17.37 5.62
C ILE D 377 7.06 -18.37 5.37
N ALA D 378 7.00 -19.41 6.18
CA ALA D 378 5.93 -20.39 6.06
C ALA D 378 4.52 -19.76 6.15
N THR D 379 3.63 -20.18 5.25
CA THR D 379 2.24 -19.74 5.31
C THR D 379 1.39 -20.72 6.13
N ASN D 380 0.14 -20.34 6.35
CA ASN D 380 -0.75 -21.21 7.09
C ASN D 380 -1.05 -22.46 6.29
N ARG D 381 -1.17 -22.35 4.97
CA ARG D 381 -1.41 -23.55 4.15
C ARG D 381 -0.17 -24.47 4.11
N ASN D 382 1.03 -23.86 4.06
CA ASN D 382 2.28 -24.62 4.13
C ASN D 382 2.29 -25.55 5.35
N ILE D 383 1.84 -25.00 6.47
CA ILE D 383 1.77 -25.78 7.71
C ILE D 383 0.76 -26.95 7.60
N LEU D 384 -0.41 -26.74 7.02
CA LEU D 384 -1.31 -27.87 6.82
C LEU D 384 -0.77 -28.87 5.80
N ASP D 385 -0.09 -28.37 4.79
CA ASP D 385 0.51 -29.24 3.78
C ASP D 385 1.66 -30.06 4.33
N GLN D 386 2.43 -29.46 5.24
CA GLN D 386 3.46 -30.23 5.96
C GLN D 386 2.87 -31.40 6.75
N ALA D 387 1.71 -31.18 7.38
CA ALA D 387 1.04 -32.24 8.14
C ALA D 387 0.64 -33.37 7.19
N TYR D 388 0.20 -32.98 5.99
CA TYR D 388 -0.22 -33.95 4.98
C TYR D 388 0.93 -34.84 4.57
N LYS D 389 2.11 -34.22 4.38
CA LYS D 389 3.31 -34.96 4.04
C LYS D 389 3.75 -35.94 5.12
N PHE D 390 3.73 -35.52 6.39
CA PHE D 390 4.10 -36.42 7.48
C PHE D 390 3.21 -37.67 7.47
N ASN D 391 1.90 -37.48 7.34
CA ASN D 391 0.96 -38.59 7.23
C ASN D 391 1.26 -39.47 6.04
N GLU D 392 1.51 -38.84 4.89
CA GLU D 392 1.80 -39.57 3.65
C GLU D 392 3.06 -40.42 3.83
N TYR D 393 4.13 -39.81 4.34
CA TYR D 393 5.39 -40.53 4.57
C TYR D 393 5.19 -41.64 5.59
N MET D 394 4.46 -41.38 6.69
CA MET D 394 4.32 -42.37 7.74
C MET D 394 3.51 -43.57 7.29
N LYS D 395 2.54 -43.34 6.42
CA LYS D 395 1.77 -44.44 5.87
C LYS D 395 2.69 -45.28 5.00
N LEU D 396 3.58 -44.65 4.27
CA LEU D 396 4.55 -45.38 3.46
C LEU D 396 5.49 -46.21 4.33
N TYR D 397 5.98 -45.63 5.43
CA TYR D 397 6.86 -46.36 6.37
C TYR D 397 6.17 -47.58 6.99
N LEU D 398 4.91 -47.37 7.38
CA LEU D 398 4.11 -48.42 8.00
C LEU D 398 3.92 -49.62 7.05
N GLU D 399 3.59 -49.33 5.80
CA GLU D 399 3.47 -50.35 4.76
C GLU D 399 4.75 -51.17 4.71
N ASN D 400 5.86 -50.53 5.01
CA ASN D 400 7.16 -51.15 4.99
C ASN D 400 7.74 -51.51 6.36
N SER D 401 6.89 -51.50 7.38
CA SER D 401 7.35 -51.72 8.74
C SER D 401 8.06 -53.06 8.97
N ASP D 402 7.93 -54.00 8.04
CA ASP D 402 8.63 -55.26 8.22
C ASP D 402 10.14 -55.06 8.18
N ILE D 403 10.61 -54.23 7.23
CA ILE D 403 12.04 -53.93 7.20
C ILE D 403 12.44 -52.61 7.86
N ILE D 404 11.49 -51.74 8.18
CA ILE D 404 11.84 -50.48 8.85
C ILE D 404 11.77 -50.69 10.34
N GLU D 405 12.94 -50.68 10.98
CA GLU D 405 13.00 -50.96 12.42
C GLU D 405 12.86 -49.70 13.28
N ARG D 406 13.02 -48.53 12.69
CA ARG D 406 13.03 -47.30 13.46
C ARG D 406 12.63 -46.08 12.65
N VAL D 407 11.84 -45.19 13.26
CA VAL D 407 11.56 -43.89 12.66
C VAL D 407 11.95 -42.87 13.71
N SER D 408 13.00 -42.12 13.41
CA SER D 408 13.52 -41.17 14.37
C SER D 408 13.49 -39.78 13.72
N MET D 409 13.12 -38.75 14.49
CA MET D 409 13.02 -37.41 13.95
C MET D 409 14.17 -36.57 14.45
N TRP D 410 14.59 -35.60 13.64
CA TRP D 410 15.74 -34.75 13.96
C TRP D 410 15.32 -33.52 14.79
N GLY D 411 14.49 -33.77 15.77
CA GLY D 411 14.40 -32.86 16.90
C GLY D 411 13.01 -32.86 17.48
N VAL D 412 12.83 -32.15 18.57
CA VAL D 412 11.51 -32.13 19.20
C VAL D 412 10.73 -30.89 18.80
N SER D 413 11.26 -29.72 19.17
CA SER D 413 10.60 -28.43 18.95
C SER D 413 11.22 -27.71 17.77
N ASP D 414 10.40 -27.02 16.98
CA ASP D 414 10.87 -26.27 15.81
C ASP D 414 11.93 -25.25 16.19
N ARG D 415 11.81 -24.66 17.36
CA ARG D 415 12.76 -23.62 17.77
C ARG D 415 14.20 -24.16 17.88
N TYR D 416 14.32 -25.42 18.28
CA TYR D 416 15.64 -26.03 18.41
C TYR D 416 16.07 -26.88 17.23
N SER D 417 15.25 -26.95 16.18
CA SER D 417 15.64 -27.66 14.97
C SER D 417 16.86 -27.02 14.32
N TRP D 418 17.77 -27.83 13.80
CA TRP D 418 18.93 -27.36 13.09
C TRP D 418 18.53 -26.58 11.85
N ARG D 419 17.32 -26.84 11.37
CA ARG D 419 16.68 -26.02 10.35
C ARG D 419 15.38 -25.28 10.77
N SER D 420 15.38 -24.75 11.97
CA SER D 420 14.21 -24.10 12.58
C SER D 420 13.45 -23.17 11.66
N GLY D 421 14.17 -22.55 10.72
CA GLY D 421 13.59 -21.58 9.79
C GLY D 421 12.54 -22.14 8.87
N GLY D 422 12.55 -23.46 8.71
CA GLY D 422 11.48 -24.10 7.95
C GLY D 422 10.44 -24.86 8.76
N LEU D 423 10.37 -24.64 10.07
CA LEU D 423 9.32 -25.23 10.92
C LEU D 423 9.16 -26.74 10.66
N PRO D 424 10.25 -27.49 10.73
CA PRO D 424 10.35 -28.87 10.23
C PRO D 424 9.82 -30.06 11.05
N LEU D 425 9.40 -29.83 12.28
CA LEU D 425 9.09 -30.87 13.26
C LEU D 425 7.62 -30.99 13.70
N LEU D 426 7.31 -31.91 14.62
CA LEU D 426 5.93 -32.10 15.12
C LEU D 426 5.45 -31.07 16.15
N PHE D 427 6.37 -30.41 16.83
CA PHE D 427 5.98 -29.49 17.91
C PHE D 427 6.51 -28.10 17.63
N ASP D 428 5.78 -27.08 18.11
CA ASP D 428 6.14 -25.69 17.81
C ASP D 428 7.19 -25.14 18.79
N ALA D 429 7.44 -23.82 18.71
CA ALA D 429 8.49 -23.18 19.50
C ALA D 429 8.19 -23.25 21.01
N ASP D 430 6.92 -23.39 21.33
CA ASP D 430 6.44 -23.50 22.69
C ASP D 430 6.24 -24.96 23.20
N ASN D 431 6.72 -25.94 22.44
CA ASN D 431 6.53 -27.36 22.76
C ASN D 431 5.08 -27.83 22.65
N LYS D 432 4.30 -27.18 21.78
CA LYS D 432 2.89 -27.52 21.61
C LYS D 432 2.73 -28.34 20.34
N ALA D 433 1.79 -29.28 20.32
CA ALA D 433 1.61 -30.09 19.13
C ALA D 433 1.09 -29.29 17.92
N LYS D 434 1.79 -29.39 16.79
CA LYS D 434 1.36 -28.71 15.57
C LYS D 434 0.36 -29.61 14.85
N PRO D 435 -0.25 -29.11 13.76
CA PRO D 435 -1.06 -30.03 12.95
C PRO D 435 -0.32 -31.30 12.54
N ALA D 436 0.98 -31.16 12.24
CA ALA D 436 1.79 -32.32 11.86
C ALA D 436 1.74 -33.47 12.89
N TYR D 437 1.76 -33.11 14.18
CA TYR D 437 1.71 -34.11 15.23
C TYR D 437 0.49 -35.01 15.03
N TYR D 438 -0.67 -34.39 14.87
CA TYR D 438 -1.92 -35.12 14.74
C TYR D 438 -1.93 -35.99 13.49
N SER D 439 -1.39 -35.47 12.40
CA SER D 439 -1.40 -36.20 11.15
C SER D 439 -0.39 -37.35 11.18
N PHE D 440 0.70 -37.17 11.94
CA PHE D 440 1.74 -38.19 12.12
C PHE D 440 1.15 -39.40 12.87
N VAL D 441 0.53 -39.10 14.02
CA VAL D 441 -0.16 -40.12 14.82
C VAL D 441 -1.26 -40.80 14.01
N ARG D 442 -2.07 -40.00 13.30
CA ARG D 442 -3.23 -40.52 12.57
C ARG D 442 -2.83 -41.42 11.41
N ALA D 443 -1.57 -41.39 11.02
CA ALA D 443 -1.12 -42.25 9.93
C ALA D 443 -1.34 -43.73 10.28
N ARG D 444 -1.16 -44.13 11.51
CA ARG D 444 -1.46 -45.50 11.87
C ARG D 444 -2.95 -45.85 11.67
N GLU D 445 -3.84 -44.98 12.11
CA GLU D 445 -5.28 -45.18 11.92
C GLU D 445 -5.63 -45.33 10.44
N ASP D 446 -5.15 -44.39 9.64
CA ASP D 446 -5.36 -44.40 8.19
C ASP D 446 -4.83 -45.68 7.55
N TYR D 447 -3.63 -46.08 7.97
CA TYR D 447 -3.02 -47.30 7.44
C TYR D 447 -3.81 -48.54 7.87
N GLU D 448 -4.18 -48.61 9.14
CA GLU D 448 -4.91 -49.79 9.62
C GLU D 448 -6.31 -49.87 9.03
N ALA D 449 -6.98 -48.73 8.91
CA ALA D 449 -8.30 -48.67 8.29
C ALA D 449 -8.25 -49.14 6.83
N ALA D 450 -7.22 -48.73 6.09
CA ALA D 450 -7.10 -49.16 4.69
C ALA D 450 -6.82 -50.66 4.59
N LYS D 451 -6.03 -51.21 5.52
CA LYS D 451 -5.79 -52.65 5.58
C LYS D 451 -7.08 -53.42 5.89
N ALA D 452 -7.84 -52.95 6.89
CA ALA D 452 -9.02 -53.65 7.39
C ALA D 452 -10.12 -53.82 6.35
N ALA D 453 -10.48 -52.73 5.65
CA ALA D 453 -11.32 -52.86 4.46
C ALA D 453 -10.32 -52.76 3.32
N LYS D 454 -10.05 -53.92 2.73
CA LYS D 454 -8.71 -54.29 2.24
C LYS D 454 -8.30 -53.81 0.86
N ASN E 3 66.36 -4.39 105.81
CA ASN E 3 65.61 -4.77 104.64
C ASN E 3 66.00 -3.91 103.43
N GLU E 4 65.98 -4.50 102.25
CA GLU E 4 66.61 -3.83 101.14
C GLU E 4 65.72 -3.67 99.94
N ILE E 5 66.15 -2.79 99.04
CA ILE E 5 65.44 -2.50 97.83
C ILE E 5 66.38 -2.64 96.65
N THR E 6 65.85 -3.13 95.55
CA THR E 6 66.61 -3.36 94.32
C THR E 6 65.99 -2.63 93.12
N LEU E 7 66.73 -1.66 92.58
CA LEU E 7 66.25 -0.85 91.48
C LEU E 7 67.07 -1.09 90.22
N THR E 8 66.39 -1.15 89.08
CA THR E 8 67.06 -1.19 87.79
C THR E 8 67.71 0.17 87.55
N ILE E 9 68.91 0.19 86.99
CA ILE E 9 69.58 1.47 86.77
C ILE E 9 68.73 2.40 85.91
N GLY E 10 68.52 3.62 86.41
CA GLY E 10 67.63 4.58 85.80
C GLY E 10 66.30 4.66 86.52
N GLN E 11 65.93 3.60 87.23
CA GLN E 11 64.65 3.57 87.94
C GLN E 11 64.69 4.52 89.11
N GLN E 12 63.52 5.00 89.50
CA GLN E 12 63.35 5.89 90.63
C GLN E 12 62.31 5.24 91.53
N LYS E 13 62.43 5.48 92.83
CA LYS E 13 61.43 4.95 93.75
C LYS E 13 61.15 5.97 94.85
N ASP E 14 59.87 6.22 95.10
CA ASP E 14 59.49 7.07 96.21
C ASP E 14 59.67 6.25 97.48
N LEU E 15 60.52 6.74 98.37
CA LEU E 15 60.95 5.97 99.53
C LEU E 15 60.09 6.21 100.77
N ALA E 16 59.08 7.08 100.65
CA ALA E 16 58.27 7.50 101.79
C ALA E 16 57.56 6.37 102.52
N SER E 17 57.38 5.25 101.84
CA SER E 17 56.78 4.07 102.48
C SER E 17 57.76 3.43 103.46
N MET E 18 59.05 3.75 103.31
CA MET E 18 60.09 3.13 104.12
C MET E 18 60.49 3.93 105.35
N VAL E 19 59.91 5.12 105.51
CA VAL E 19 60.16 5.91 106.72
C VAL E 19 59.39 5.26 107.86
N PRO E 20 60.10 4.69 108.85
CA PRO E 20 59.51 3.78 109.84
C PRO E 20 58.39 4.42 110.66
N ALA E 21 57.34 3.63 110.94
CA ALA E 21 56.10 4.11 111.53
C ALA E 21 56.22 4.87 112.85
N LYS E 22 57.24 4.54 113.64
CA LYS E 22 57.43 5.19 114.94
C LYS E 22 57.95 6.61 114.72
N PHE E 23 57.18 7.59 115.17
CA PHE E 23 57.37 9.01 114.86
C PHE E 23 57.90 9.37 113.48
N ALA E 24 58.86 10.30 113.44
CA ALA E 24 59.29 10.94 112.20
C ALA E 24 58.13 11.69 111.54
N GLY E 25 57.20 12.14 112.37
CA GLY E 25 56.09 12.95 111.91
C GLY E 25 56.62 14.22 111.34
N GLN E 26 57.41 14.95 112.12
CA GLN E 26 58.04 16.18 111.63
C GLN E 26 59.40 15.95 110.96
N GLU E 27 60.08 17.05 110.64
CA GLU E 27 60.94 17.16 109.46
C GLU E 27 62.02 16.11 109.18
N LEU E 28 62.04 15.69 107.90
CA LEU E 28 62.90 14.63 107.39
C LEU E 28 64.05 15.18 106.56
N SER E 29 65.19 14.48 106.60
CA SER E 29 66.35 14.85 105.81
C SER E 29 66.99 13.59 105.21
N TRP E 30 67.24 13.62 103.90
CA TRP E 30 67.72 12.44 103.18
C TRP E 30 69.14 12.61 102.61
N THR E 31 69.99 11.62 102.86
CA THR E 31 71.29 11.54 102.21
C THR E 31 71.60 10.11 101.78
N SER E 32 72.53 9.99 100.83
CA SER E 32 72.99 8.68 100.39
C SER E 32 74.47 8.53 100.66
N SER E 33 74.89 7.30 100.95
CA SER E 33 76.30 7.01 101.17
C SER E 33 77.14 7.23 99.91
N ASP E 34 76.67 6.71 98.79
CA ASP E 34 77.36 6.86 97.51
C ASP E 34 76.41 7.47 96.51
N PRO E 35 76.39 8.81 96.43
CA PRO E 35 75.49 9.54 95.53
C PRO E 35 75.80 9.27 94.07
N GLU E 36 77.00 8.76 93.79
CA GLU E 36 77.40 8.43 92.42
C GLU E 36 76.68 7.17 91.94
N THR E 37 76.54 6.20 92.84
CA THR E 37 75.81 4.98 92.55
C THR E 37 74.30 5.15 92.71
N ALA E 38 73.89 5.79 93.80
CA ALA E 38 72.47 6.13 93.98
C ALA E 38 72.29 7.52 94.58
N SER E 39 71.67 8.43 93.82
CA SER E 39 71.32 9.75 94.32
C SER E 39 70.01 9.73 95.10
N VAL E 40 69.84 10.68 96.01
CA VAL E 40 68.52 10.91 96.59
C VAL E 40 68.28 12.35 96.99
N THR E 41 67.02 12.75 97.02
CA THR E 41 66.68 14.15 97.14
C THR E 41 66.06 14.49 98.50
N ASP E 42 65.76 15.77 98.68
CA ASP E 42 65.23 16.29 99.95
C ASP E 42 63.84 15.73 100.30
N LYS E 43 63.12 15.26 99.29
CA LYS E 43 61.83 14.58 99.53
C LYS E 43 62.04 13.07 99.54
N GLY E 44 63.29 12.65 99.32
CA GLY E 44 63.65 11.25 99.39
C GLY E 44 63.21 10.35 98.25
N ILE E 45 63.45 10.80 97.01
CA ILE E 45 63.27 9.91 95.85
C ILE E 45 64.62 9.42 95.37
N VAL E 46 64.86 8.11 95.46
CA VAL E 46 66.14 7.54 95.04
C VAL E 46 66.15 7.15 93.57
N THR E 47 67.19 7.58 92.86
CA THR E 47 67.41 7.16 91.48
C THR E 47 68.65 6.30 91.36
N ALA E 48 68.50 5.11 90.78
CA ALA E 48 69.61 4.19 90.61
C ALA E 48 70.47 4.58 89.41
N LEU E 49 71.75 4.88 89.66
CA LEU E 49 72.63 5.56 88.69
C LEU E 49 73.62 4.68 87.91
N LYS E 50 74.49 3.99 88.62
CA LYS E 50 75.48 3.14 87.98
C LYS E 50 75.76 1.89 88.81
N PHE E 51 76.74 1.11 88.37
CA PHE E 51 77.11 -0.09 89.09
C PHE E 51 78.57 -0.02 89.53
N SER E 52 78.93 -0.90 90.46
CA SER E 52 80.23 -0.85 91.12
C SER E 52 81.37 -1.29 90.21
N SER E 53 81.35 -2.57 89.82
CA SER E 53 82.55 -3.25 89.34
C SER E 53 82.68 -3.54 87.84
N GLY E 54 81.91 -4.53 87.36
CA GLY E 54 82.22 -5.21 86.11
C GLY E 54 81.80 -4.44 84.88
N GLY E 55 81.43 -5.13 83.81
CA GLY E 55 80.97 -4.41 82.64
C GLY E 55 81.85 -4.48 81.41
N ALA E 56 83.04 -5.01 81.56
CA ALA E 56 83.74 -5.58 80.41
C ALA E 56 83.26 -6.99 80.43
N ASN E 57 82.54 -7.29 81.52
CA ASN E 57 81.91 -8.56 81.76
C ASN E 57 80.64 -8.70 80.95
N LEU E 58 80.22 -9.94 80.71
CA LEU E 58 79.03 -10.23 79.92
C LEU E 58 77.77 -9.95 80.69
N PHE E 59 76.86 -9.19 80.12
CA PHE E 59 75.59 -8.90 80.77
C PHE E 59 74.87 -10.17 81.22
N LEU E 60 74.96 -11.21 80.39
CA LEU E 60 74.23 -12.45 80.65
C LEU E 60 74.83 -13.32 81.76
N LYS E 61 76.14 -13.56 81.69
CA LYS E 61 76.76 -14.47 82.64
C LYS E 61 77.28 -13.79 83.91
N ALA E 62 77.44 -12.47 83.84
CA ALA E 62 77.91 -11.70 85.01
C ALA E 62 77.29 -10.31 85.14
N PRO E 63 75.97 -10.23 85.36
CA PRO E 63 75.33 -8.91 85.50
C PRO E 63 75.92 -8.03 86.61
N ALA E 64 76.08 -6.74 86.31
CA ALA E 64 76.76 -5.81 87.20
C ALA E 64 75.82 -5.09 88.16
N THR E 65 76.30 -4.89 89.38
CA THR E 65 75.52 -4.23 90.43
C THR E 65 76.35 -3.18 91.17
N GLY E 66 75.68 -2.10 91.59
CA GLY E 66 76.22 -1.20 92.58
C GLY E 66 75.43 -1.37 93.87
N GLU E 67 75.78 -0.62 94.90
CA GLU E 67 74.95 -0.58 96.10
C GLU E 67 75.13 0.73 96.84
N ALA E 68 74.10 1.13 97.58
CA ALA E 68 74.15 2.36 98.33
C ALA E 68 73.28 2.22 99.56
N ILE E 69 73.66 2.92 100.62
CA ILE E 69 72.81 3.01 101.79
C ILE E 69 72.23 4.42 101.81
N ILE E 70 70.92 4.51 101.81
CA ILE E 70 70.24 5.81 101.84
C ILE E 70 69.68 6.02 103.25
N THR E 71 69.94 7.21 103.80
CA THR E 71 69.58 7.50 105.19
C THR E 71 68.57 8.65 105.32
N VAL E 72 67.54 8.44 106.15
CA VAL E 72 66.68 9.53 106.61
C VAL E 72 66.97 9.89 108.08
N THR E 73 67.17 11.17 108.36
CA THR E 73 67.50 11.61 109.73
C THR E 73 66.49 12.62 110.23
N ALA E 74 65.95 12.41 111.44
CA ALA E 74 65.12 13.37 112.16
C ALA E 74 65.43 13.32 113.65
N GLY E 75 65.63 14.48 114.26
CA GLY E 75 66.10 14.55 115.63
C GLY E 75 67.53 14.04 115.62
N LYS E 76 67.87 13.07 116.46
CA LYS E 76 69.05 12.29 116.16
C LYS E 76 68.68 11.07 115.39
N GLN E 77 67.52 10.53 115.68
CA GLN E 77 67.15 9.21 115.21
C GLN E 77 67.13 9.05 113.68
N SER E 78 67.36 7.83 113.22
CA SER E 78 67.60 7.55 111.81
C SER E 78 66.96 6.25 111.32
N HIS E 79 66.77 6.16 110.01
CA HIS E 79 66.52 4.88 109.36
C HIS E 79 67.25 4.82 108.02
N SER E 80 67.91 3.70 107.78
CA SER E 80 68.67 3.52 106.55
C SER E 80 68.21 2.27 105.84
N VAL E 81 68.29 2.30 104.52
CA VAL E 81 67.92 1.17 103.71
C VAL E 81 68.97 1.01 102.62
N LYS E 82 69.29 -0.24 102.31
CA LYS E 82 70.29 -0.58 101.31
C LYS E 82 69.68 -0.64 99.94
N VAL E 83 70.20 0.19 99.04
CA VAL E 83 69.74 0.18 97.66
C VAL E 83 70.73 -0.55 96.76
N ILE E 84 70.25 -1.67 96.21
CA ILE E 84 70.99 -2.41 95.21
C ILE E 84 70.59 -1.90 93.83
N THR E 85 71.58 -1.43 93.05
CA THR E 85 71.37 -1.00 91.66
C THR E 85 71.85 -2.11 90.74
N THR E 86 71.19 -2.27 89.60
CA THR E 86 71.46 -3.43 88.77
C THR E 86 71.16 -3.16 87.30
N VAL E 87 71.84 -3.88 86.42
CA VAL E 87 71.56 -3.75 85.00
C VAL E 87 70.34 -4.59 84.62
N LYS E 88 69.86 -5.39 85.57
CA LYS E 88 68.76 -6.32 85.31
C LYS E 88 67.40 -5.64 85.41
N GLY E 89 66.50 -5.99 84.49
CA GLY E 89 65.14 -5.48 84.48
C GLY E 89 64.23 -6.05 85.56
N LYS E 90 63.46 -5.16 86.19
CA LYS E 90 62.62 -5.44 87.35
C LYS E 90 61.12 -5.30 87.05
N GLU E 91 60.74 -4.13 86.55
CA GLU E 91 59.34 -3.77 86.34
C GLU E 91 58.77 -4.30 85.02
N ASP E 92 57.69 -5.06 85.11
CA ASP E 92 57.04 -5.59 83.92
C ASP E 92 56.34 -4.48 83.14
N ILE E 93 56.32 -4.65 81.83
CA ILE E 93 55.81 -3.66 80.88
C ILE E 93 54.36 -3.21 81.19
N GLU E 94 53.53 -4.13 81.68
CA GLU E 94 52.13 -3.80 81.91
C GLU E 94 51.92 -2.99 83.21
N LYS E 95 52.91 -3.03 84.09
CA LYS E 95 52.86 -2.32 85.37
C LYS E 95 53.46 -0.92 85.27
N LEU E 96 53.77 -0.49 84.04
CA LEU E 96 54.36 0.84 83.84
C LEU E 96 53.35 1.75 83.17
N PRO E 97 53.52 3.07 83.34
CA PRO E 97 52.61 4.02 82.73
C PRO E 97 52.82 4.10 81.22
N PRO E 98 51.74 4.35 80.48
CA PRO E 98 51.75 4.31 79.01
C PRO E 98 52.79 5.24 78.43
N LEU E 99 53.68 4.70 77.60
CA LEU E 99 54.71 5.51 76.93
C LEU E 99 54.07 6.59 76.08
N LYS E 100 52.96 6.26 75.43
CA LYS E 100 52.29 7.21 74.54
C LYS E 100 51.83 8.47 75.28
N ASP E 101 51.32 8.27 76.50
CA ASP E 101 50.84 9.38 77.33
C ASP E 101 51.96 10.36 77.67
N HIS E 102 53.16 9.86 77.93
CA HIS E 102 54.32 10.69 78.28
C HIS E 102 54.70 11.68 77.18
N PHE E 103 54.71 11.17 75.95
CA PHE E 103 55.14 11.95 74.79
C PHE E 103 54.05 12.54 73.91
N LYS E 104 52.79 12.41 74.34
CA LYS E 104 51.64 12.85 73.54
C LYS E 104 51.71 14.27 72.92
N ASP E 105 52.14 15.25 73.69
CA ASP E 105 52.21 16.61 73.19
C ASP E 105 53.40 16.81 72.26
N TYR E 106 54.25 15.81 72.13
CA TYR E 106 55.36 15.86 71.19
C TYR E 106 55.15 15.03 69.93
N PHE E 107 54.69 13.80 70.07
CA PHE E 107 54.54 12.92 68.93
C PHE E 107 53.89 11.59 69.26
N LEU E 108 53.37 10.92 68.24
CA LEU E 108 52.86 9.58 68.40
C LEU E 108 53.98 8.65 68.84
N ILE E 109 53.66 7.79 69.80
CA ILE E 109 54.56 6.73 70.22
C ILE E 109 54.07 5.41 69.60
N GLY E 110 54.83 4.89 68.64
CA GLY E 110 54.51 3.63 67.99
C GLY E 110 55.41 2.43 68.21
N ASN E 111 54.99 1.30 67.66
CA ASN E 111 55.74 0.05 67.71
C ASN E 111 55.18 -0.88 66.64
N ILE E 112 55.57 -2.15 66.67
CA ILE E 112 55.10 -3.09 65.66
C ILE E 112 54.20 -4.19 66.19
N PHE E 113 53.36 -4.72 65.33
CA PHE E 113 52.65 -5.96 65.61
C PHE E 113 52.64 -6.98 64.46
N ASN E 114 52.14 -8.17 64.76
CA ASN E 114 52.11 -9.30 63.84
C ASN E 114 50.81 -10.08 63.99
N ASN E 115 50.56 -10.99 63.05
CA ASN E 115 49.41 -11.90 63.09
C ASN E 115 49.28 -12.60 64.45
N ARG E 116 50.40 -13.02 65.03
CA ARG E 116 50.36 -13.72 66.30
C ARG E 116 49.80 -12.86 67.43
N ASP E 117 49.95 -11.54 67.31
CA ASP E 117 49.50 -10.62 68.35
C ASP E 117 47.98 -10.50 68.40
N VAL E 118 47.31 -11.13 67.44
CA VAL E 118 45.86 -10.95 67.32
C VAL E 118 45.15 -12.30 67.37
N SER E 119 44.03 -12.35 68.09
CA SER E 119 43.21 -13.56 68.12
C SER E 119 41.88 -13.26 67.42
N GLY E 120 41.67 -13.87 66.26
CA GLY E 120 40.54 -13.49 65.44
C GLY E 120 40.70 -12.04 64.99
N SER E 121 39.72 -11.21 65.34
CA SER E 121 39.82 -9.76 65.21
C SER E 121 40.16 -9.00 66.50
N MET E 122 40.57 -9.70 67.56
CA MET E 122 40.85 -9.03 68.83
C MET E 122 42.35 -8.95 69.13
N MET E 123 42.80 -7.90 69.80
CA MET E 123 44.17 -7.87 70.29
C MET E 123 44.40 -8.99 71.31
N ASP E 124 45.48 -9.75 71.16
CA ASP E 124 45.72 -10.89 72.03
C ASP E 124 46.67 -10.57 73.19
N ASN E 125 47.14 -9.33 73.24
CA ASN E 125 48.00 -8.90 74.34
C ASN E 125 47.71 -7.45 74.74
N ASP E 126 47.77 -7.16 76.02
CA ASP E 126 47.32 -5.87 76.51
C ASP E 126 48.31 -4.73 76.32
N TRP E 127 49.61 -5.04 76.28
CA TRP E 127 50.63 -3.99 76.39
C TRP E 127 50.74 -3.11 75.16
N LEU E 128 50.50 -3.69 73.97
CA LEU E 128 50.49 -2.92 72.73
C LEU E 128 49.59 -1.68 72.80
N ALA E 129 48.31 -1.90 73.13
CA ALA E 129 47.38 -0.79 73.24
C ALA E 129 47.75 0.10 74.42
N HIS E 130 48.22 -0.54 75.50
CA HIS E 130 48.57 0.19 76.70
C HIS E 130 49.64 1.23 76.41
N HIS E 131 50.74 0.81 75.80
CA HIS E 131 51.82 1.76 75.52
C HIS E 131 51.83 2.51 74.19
N TYR E 132 51.13 2.02 73.16
CA TYR E 132 51.34 2.64 71.84
C TYR E 132 50.07 3.18 71.20
N ALA E 133 50.17 4.33 70.56
CA ALA E 133 49.02 4.94 69.89
C ALA E 133 48.93 4.50 68.42
N ILE E 134 50.03 3.95 67.89
CA ILE E 134 50.06 3.52 66.50
C ILE E 134 50.95 2.28 66.25
N LEU E 135 50.48 1.37 65.40
CA LEU E 135 51.23 0.14 65.12
C LEU E 135 51.52 -0.01 63.61
N THR E 136 52.73 -0.48 63.33
CA THR E 136 53.18 -0.85 61.99
C THR E 136 53.22 -2.38 61.88
N PRO E 137 52.54 -2.95 60.86
CA PRO E 137 52.71 -4.41 60.72
C PRO E 137 54.14 -4.73 60.39
N GLU E 138 54.80 -5.59 61.18
CA GLU E 138 56.20 -5.87 60.94
C GLU E 138 56.41 -6.58 59.60
N ASN E 139 55.44 -7.42 59.25
CA ASN E 139 55.53 -8.39 58.16
C ASN E 139 54.32 -8.38 57.19
N HIS E 140 53.14 -8.45 57.78
CA HIS E 140 51.92 -8.87 57.08
C HIS E 140 51.28 -7.89 56.06
N MET E 141 51.82 -6.69 55.93
CA MET E 141 51.50 -5.81 54.79
C MET E 141 52.59 -5.72 53.71
N LYS E 142 53.66 -6.49 53.86
CA LYS E 142 54.67 -6.59 52.81
C LYS E 142 54.04 -7.16 51.52
N PRO E 143 54.57 -6.77 50.35
CA PRO E 143 53.91 -7.14 49.09
C PRO E 143 53.65 -8.63 48.91
N SER E 144 54.59 -9.50 49.29
CA SER E 144 54.36 -10.92 49.06
C SER E 144 53.29 -11.46 50.02
N ASN E 145 53.06 -10.73 51.10
CA ASN E 145 51.95 -11.04 52.02
C ASN E 145 50.59 -10.55 51.57
N LEU E 146 50.56 -9.47 50.79
CA LEU E 146 49.30 -8.96 50.25
C LEU E 146 48.88 -9.50 48.87
N THR E 147 49.82 -10.04 48.11
CA THR E 147 49.50 -10.58 46.78
C THR E 147 50.38 -11.77 46.40
N ASN E 148 49.75 -12.87 45.99
CA ASN E 148 50.48 -14.06 45.54
C ASN E 148 50.46 -14.38 44.03
N ASN E 149 49.75 -13.60 43.24
CA ASN E 149 49.62 -13.93 41.83
C ASN E 149 49.16 -12.75 40.97
N ARG E 150 49.43 -12.86 39.67
CA ARG E 150 48.83 -11.97 38.67
C ARG E 150 48.42 -12.85 37.51
N ASN E 151 47.20 -12.62 37.02
CA ASN E 151 46.63 -13.39 35.92
C ASN E 151 47.30 -12.96 34.63
N GLU E 152 47.94 -13.87 33.92
CA GLU E 152 48.71 -13.46 32.74
C GLU E 152 47.83 -13.17 31.53
N THR E 153 46.58 -13.64 31.59
CA THR E 153 45.63 -13.36 30.53
C THR E 153 44.94 -11.99 30.65
N THR E 154 44.38 -11.72 31.83
CA THR E 154 43.57 -10.50 32.06
C THR E 154 44.29 -9.34 32.77
N GLY E 155 45.42 -9.62 33.41
CA GLY E 155 46.05 -8.63 34.26
C GLY E 155 45.49 -8.56 35.67
N GLU E 156 44.47 -9.37 35.97
CA GLU E 156 43.91 -9.38 37.31
C GLU E 156 44.95 -9.78 38.32
N ILE E 157 45.07 -8.98 39.38
CA ILE E 157 46.00 -9.30 40.46
C ILE E 157 45.25 -10.02 41.57
N THR E 158 45.81 -11.10 42.10
CA THR E 158 45.19 -11.82 43.22
C THR E 158 45.72 -11.25 44.52
N TYR E 159 44.81 -10.82 45.40
CA TYR E 159 45.22 -10.28 46.70
C TYR E 159 44.88 -11.22 47.86
N THR E 160 45.74 -11.22 48.87
CA THR E 160 45.44 -11.93 50.10
C THR E 160 45.37 -10.98 51.29
N PHE E 161 44.17 -10.48 51.55
CA PHE E 161 44.01 -9.40 52.50
C PHE E 161 43.61 -9.81 53.90
N SER E 162 43.15 -11.04 54.08
CA SER E 162 42.37 -11.39 55.28
C SER E 162 43.14 -11.32 56.61
N THR E 163 44.37 -11.83 56.61
CA THR E 163 45.22 -11.71 57.79
C THR E 163 45.46 -10.27 58.14
N ALA E 164 45.89 -9.47 57.17
CA ALA E 164 46.12 -8.05 57.43
C ALA E 164 44.83 -7.34 57.84
N ASP E 165 43.71 -7.71 57.23
CA ASP E 165 42.44 -7.06 57.57
C ASP E 165 42.11 -7.26 59.04
N ARG E 166 42.30 -8.48 59.53
CA ARG E 166 42.00 -8.81 60.92
C ARG E 166 42.90 -8.05 61.88
N MET E 167 44.16 -7.88 61.49
CA MET E 167 45.12 -7.10 62.28
C MET E 167 44.74 -5.61 62.37
N VAL E 168 44.43 -5.02 61.22
CA VAL E 168 44.10 -3.61 61.12
C VAL E 168 42.82 -3.34 61.89
N ASN E 169 41.89 -4.28 61.83
CA ASN E 169 40.61 -4.08 62.51
C ASN E 169 40.75 -4.25 64.04
N ALA E 170 41.56 -5.20 64.48
CA ALA E 170 41.81 -5.36 65.91
C ALA E 170 42.42 -4.08 66.49
N ALA E 171 43.35 -3.48 65.75
CA ALA E 171 44.02 -2.26 66.19
C ALA E 171 43.04 -1.10 66.37
N ILE E 172 42.34 -0.80 65.29
CA ILE E 172 41.34 0.25 65.30
C ILE E 172 40.31 0.07 66.43
N ALA E 173 39.84 -1.16 66.62
CA ALA E 173 38.93 -1.50 67.71
C ALA E 173 39.48 -1.15 69.09
N GLU E 174 40.81 -1.07 69.21
CA GLU E 174 41.47 -0.62 70.43
C GLU E 174 41.77 0.88 70.41
N GLY E 175 41.24 1.57 69.40
CA GLY E 175 41.48 2.99 69.23
C GLY E 175 42.85 3.30 68.66
N LEU E 176 43.55 2.28 68.16
CA LEU E 176 44.91 2.50 67.64
C LEU E 176 44.94 2.89 66.15
N LYS E 177 45.89 3.75 65.81
CA LYS E 177 46.21 4.04 64.40
C LYS E 177 47.06 2.92 63.80
N ILE E 178 47.09 2.85 62.47
CA ILE E 178 47.95 1.91 61.76
C ILE E 178 48.87 2.72 60.86
N HIS E 179 50.16 2.39 60.88
CA HIS E 179 51.06 2.84 59.81
C HIS E 179 51.24 1.67 58.86
N GLY E 180 50.83 1.82 57.59
CA GLY E 180 50.98 0.77 56.58
C GLY E 180 52.38 0.61 56.01
N HIS E 181 52.87 -0.63 55.91
CA HIS E 181 54.24 -0.90 55.45
C HIS E 181 54.29 -2.20 54.63
N THR E 182 54.65 -2.22 53.33
CA THR E 182 54.99 -1.10 52.45
C THR E 182 54.63 -1.49 50.98
N LEU E 183 54.27 -0.52 50.12
CA LEU E 183 53.76 -0.89 48.78
C LEU E 183 54.84 -1.34 47.77
N LEU E 184 55.88 -0.53 47.63
CA LEU E 184 56.89 -0.78 46.61
C LEU E 184 58.24 -1.02 47.27
N TRP E 185 58.85 -2.16 46.93
CA TRP E 185 60.06 -2.58 47.60
C TRP E 185 60.81 -3.48 46.63
N HIS E 186 62.09 -3.75 46.91
CA HIS E 186 62.93 -4.59 46.05
C HIS E 186 63.07 -6.00 46.59
N GLN E 187 62.46 -6.26 47.75
CA GLN E 187 62.59 -7.55 48.37
C GLN E 187 61.28 -7.90 49.05
N GLN E 188 61.09 -9.18 49.33
CA GLN E 188 59.84 -9.67 49.92
C GLN E 188 58.64 -9.27 49.06
N ILE E 189 58.81 -9.41 47.74
CA ILE E 189 57.76 -9.23 46.75
C ILE E 189 57.49 -10.59 46.08
N PRO E 190 56.26 -10.82 45.60
CA PRO E 190 55.89 -12.09 44.96
C PRO E 190 56.58 -12.21 43.60
N PRO E 191 56.66 -13.43 43.04
CA PRO E 191 57.30 -13.58 41.72
C PRO E 191 56.80 -12.61 40.65
N TRP E 192 55.49 -12.32 40.61
CA TRP E 192 54.94 -11.49 39.53
C TRP E 192 55.45 -10.06 39.55
N GLN E 193 55.65 -9.54 40.75
CA GLN E 193 56.30 -8.24 40.88
C GLN E 193 57.78 -8.29 40.46
N ARG E 194 58.49 -9.35 40.81
CA ARG E 194 59.88 -9.48 40.36
C ARG E 194 59.95 -9.52 38.85
N SER E 195 59.00 -10.20 38.22
CA SER E 195 58.89 -10.24 36.77
C SER E 195 58.65 -8.86 36.12
N MET E 196 58.13 -7.91 36.90
CA MET E 196 57.86 -6.56 36.36
C MET E 196 59.14 -5.85 35.95
N GLU E 197 60.28 -6.34 36.43
CA GLU E 197 61.58 -5.73 36.14
C GLU E 197 61.87 -5.69 34.63
N SER E 198 61.31 -6.65 33.87
CA SER E 198 61.49 -6.70 32.42
C SER E 198 60.33 -6.11 31.59
N ALA E 199 59.30 -5.62 32.27
CA ALA E 199 58.15 -5.01 31.59
C ALA E 199 58.52 -3.67 30.96
N ALA E 200 57.79 -3.32 29.89
CA ALA E 200 57.96 -2.02 29.24
C ALA E 200 57.51 -0.91 30.18
N LYS E 201 58.01 0.32 29.98
CA LYS E 201 57.66 1.43 30.85
C LYS E 201 56.15 1.72 30.98
N ASP E 202 55.47 1.88 29.84
CA ASP E 202 54.03 2.18 29.83
C ASP E 202 53.22 1.12 30.59
N ALA E 203 53.56 -0.14 30.31
CA ALA E 203 52.90 -1.28 30.92
C ALA E 203 53.17 -1.34 32.42
N ALA E 204 54.41 -1.14 32.80
CA ALA E 204 54.78 -1.18 34.22
C ALA E 204 54.06 -0.09 35.02
N LEU E 205 53.90 1.08 34.42
CA LEU E 205 53.23 2.21 35.07
C LEU E 205 51.79 1.87 35.41
N SER E 206 51.10 1.27 34.45
CA SER E 206 49.71 0.93 34.58
C SER E 206 49.57 -0.08 35.71
N VAL E 207 50.43 -1.09 35.71
CA VAL E 207 50.39 -2.14 36.72
C VAL E 207 50.72 -1.57 38.09
N MET E 208 51.78 -0.77 38.16
CA MET E 208 52.14 -0.12 39.42
C MET E 208 50.97 0.67 40.05
N LYS E 209 50.34 1.55 39.28
CA LYS E 209 49.25 2.36 39.80
C LYS E 209 48.10 1.47 40.21
N LYS E 210 47.87 0.43 39.42
CA LYS E 210 46.84 -0.55 39.71
C LYS E 210 47.06 -1.20 41.04
N TYR E 211 48.29 -1.66 41.26
CA TYR E 211 48.62 -2.31 42.52
C TYR E 211 48.43 -1.36 43.72
N ILE E 212 49.07 -0.21 43.65
CA ILE E 212 48.96 0.82 44.70
C ILE E 212 47.51 1.16 44.96
N THR E 213 46.74 1.38 43.89
CA THR E 213 45.32 1.74 44.04
C THR E 213 44.50 0.66 44.71
N GLU E 214 44.64 -0.58 44.23
CA GLU E 214 43.81 -1.64 44.78
C GLU E 214 44.15 -1.92 46.26
N VAL E 215 45.43 -1.87 46.63
CA VAL E 215 45.76 -2.06 48.04
C VAL E 215 45.19 -0.93 48.91
N MET E 216 45.48 0.30 48.54
CA MET E 216 45.05 1.44 49.35
C MET E 216 43.52 1.54 49.41
N THR E 217 42.84 1.21 48.31
CA THR E 217 41.38 1.19 48.32
C THR E 217 40.85 0.15 49.30
N HIS E 218 41.47 -1.03 49.37
CA HIS E 218 41.04 -2.03 50.35
C HIS E 218 41.09 -1.52 51.80
N TYR E 219 42.07 -0.67 52.08
CA TYR E 219 42.30 -0.11 53.42
C TYR E 219 41.77 1.31 53.63
N LYS E 220 40.97 1.80 52.70
CA LYS E 220 40.71 3.22 52.58
C LYS E 220 40.11 3.77 53.87
N GLY E 221 40.69 4.85 54.38
CA GLY E 221 40.20 5.51 55.57
C GLY E 221 40.70 4.91 56.88
N LYS E 222 41.27 3.70 56.80
CA LYS E 222 41.67 3.00 58.01
C LYS E 222 43.15 3.19 58.36
N ILE E 223 43.87 3.91 57.50
CA ILE E 223 45.33 3.95 57.57
C ILE E 223 45.89 5.37 57.76
N TYR E 224 46.51 5.59 58.92
CA TYR E 224 47.03 6.92 59.26
C TYR E 224 48.11 7.39 58.29
N SER E 225 49.08 6.53 58.01
CA SER E 225 50.12 6.86 57.05
C SER E 225 50.57 5.59 56.35
N TRP E 226 51.13 5.73 55.15
CA TRP E 226 51.58 4.60 54.33
C TRP E 226 53.06 4.74 53.97
N ASP E 227 53.85 3.67 54.07
CA ASP E 227 55.16 3.74 53.41
C ASP E 227 54.92 3.27 51.98
N VAL E 228 54.87 4.23 51.05
CA VAL E 228 54.53 3.90 49.66
C VAL E 228 55.75 3.29 48.99
N LEU E 229 56.91 3.87 49.26
CA LEU E 229 58.13 3.35 48.71
C LEU E 229 59.13 3.16 49.84
N ASN E 230 59.81 2.01 49.84
CA ASN E 230 60.76 1.67 50.90
C ASN E 230 62.16 1.46 50.30
N GLU E 231 63.18 2.03 50.93
CA GLU E 231 64.57 1.65 50.66
C GLU E 231 65.01 1.70 49.18
N ILE E 232 64.79 2.82 48.51
CA ILE E 232 65.09 2.90 47.07
C ILE E 232 66.56 3.19 46.74
N PHE E 233 67.33 3.68 47.72
CA PHE E 233 68.77 3.88 47.53
C PHE E 233 69.62 2.83 48.23
N PRO E 234 70.57 2.21 47.49
CA PRO E 234 71.43 1.18 48.06
C PRO E 234 72.41 1.71 49.09
N ASP E 235 72.85 2.96 48.90
CA ASP E 235 73.88 3.59 49.74
C ASP E 235 73.91 5.10 49.45
N GLY E 236 74.91 5.81 49.97
CA GLY E 236 75.03 7.24 49.77
C GLY E 236 75.99 7.66 48.66
N ARG E 237 76.41 6.70 47.84
CA ARG E 237 77.43 6.91 46.81
C ARG E 237 76.88 7.47 45.50
N GLY E 238 75.57 7.74 45.48
CA GLY E 238 74.89 8.16 44.27
C GLY E 238 75.25 9.54 43.73
N ASP E 239 75.47 9.56 42.42
CA ASP E 239 75.68 10.78 41.67
C ASP E 239 74.48 11.69 41.88
N ASN E 240 73.35 11.25 41.33
CA ASN E 240 72.10 12.00 41.35
C ASN E 240 70.94 11.02 41.45
N TRP E 241 69.91 11.39 42.20
CA TRP E 241 68.89 10.43 42.63
C TRP E 241 68.19 9.66 41.51
N THR E 242 68.07 10.26 40.34
CA THR E 242 67.38 9.62 39.22
C THR E 242 68.16 8.43 38.68
N THR E 243 69.48 8.51 38.79
CA THR E 243 70.35 7.41 38.39
C THR E 243 70.76 6.53 39.56
N ALA E 244 70.49 6.98 40.78
CA ALA E 244 71.03 6.31 41.97
C ALA E 244 70.29 5.05 42.41
N MET E 245 69.01 4.95 42.07
CA MET E 245 68.14 3.96 42.72
C MET E 245 68.50 2.48 42.47
N ARG E 246 68.05 1.61 43.37
CA ARG E 246 68.32 0.17 43.28
C ARG E 246 67.79 -0.46 42.00
N PRO E 247 68.67 -1.10 41.22
CA PRO E 247 68.28 -1.83 40.01
C PRO E 247 67.38 -3.00 40.37
N GLU E 248 67.55 -3.52 41.59
CA GLU E 248 66.79 -4.67 42.07
C GLU E 248 65.35 -4.31 42.44
N ASN E 249 65.01 -3.01 42.39
CA ASN E 249 63.60 -2.62 42.53
C ASN E 249 62.94 -2.60 41.17
N PRO E 250 62.02 -3.56 40.93
CA PRO E 250 61.58 -3.82 39.57
C PRO E 250 60.78 -2.65 38.99
N TRP E 251 60.19 -1.83 39.85
CA TRP E 251 59.50 -0.63 39.38
C TRP E 251 60.51 0.38 38.80
N PHE E 252 61.63 0.59 39.46
CA PHE E 252 62.65 1.49 38.92
C PHE E 252 63.29 0.89 37.67
N LYS E 253 63.54 -0.42 37.70
CA LYS E 253 64.18 -1.11 36.59
C LYS E 253 63.35 -0.99 35.31
N SER E 254 62.05 -1.21 35.42
CA SER E 254 61.16 -1.10 34.27
C SER E 254 60.81 0.34 33.90
N ILE E 255 60.43 1.14 34.90
CA ILE E 255 59.97 2.52 34.65
C ILE E 255 61.05 3.62 34.56
N GLY E 256 62.08 3.53 35.40
CA GLY E 256 63.03 4.64 35.54
C GLY E 256 62.53 5.61 36.58
N SER E 257 63.24 6.71 36.80
CA SER E 257 62.95 7.59 37.93
C SER E 257 61.54 8.22 37.95
N ASP E 258 60.83 8.18 36.82
CA ASP E 258 59.44 8.66 36.78
C ASP E 258 58.50 7.90 37.75
N PHE E 259 58.88 6.67 38.12
CA PHE E 259 57.97 5.85 38.93
C PHE E 259 57.61 6.49 40.28
N VAL E 260 58.53 7.27 40.85
CA VAL E 260 58.32 7.77 42.21
C VAL E 260 57.14 8.73 42.30
N TYR E 261 57.17 9.80 41.53
CA TYR E 261 56.05 10.75 41.48
C TYR E 261 54.74 10.03 41.15
N GLU E 262 54.78 9.20 40.12
CA GLU E 262 53.57 8.49 39.70
C GLU E 262 53.02 7.60 40.82
N ALA E 263 53.93 6.93 41.52
CA ALA E 263 53.56 6.10 42.67
C ALA E 263 52.82 6.91 43.72
N TYR E 264 53.40 8.03 44.15
CA TYR E 264 52.75 8.82 45.19
C TYR E 264 51.47 9.48 44.67
N LEU E 265 51.49 9.93 43.42
CA LEU E 265 50.26 10.48 42.82
C LEU E 265 49.14 9.44 42.89
N ALA E 266 49.43 8.22 42.45
CA ALA E 266 48.43 7.15 42.51
C ALA E 266 47.94 6.93 43.94
N ALA E 267 48.85 6.97 44.90
CA ALA E 267 48.49 6.77 46.31
C ALA E 267 47.58 7.88 46.75
N ARG E 268 47.98 9.11 46.45
CA ARG E 268 47.24 10.30 46.86
C ARG E 268 45.81 10.20 46.33
N GLN E 269 45.69 9.70 45.11
CA GLN E 269 44.38 9.61 44.45
C GLN E 269 43.53 8.47 44.99
N ALA E 270 44.19 7.45 45.51
CA ALA E 270 43.48 6.29 46.05
C ALA E 270 42.88 6.50 47.46
N ASP E 271 43.69 7.02 48.38
CA ASP E 271 43.27 7.31 49.76
C ASP E 271 43.85 8.64 50.24
N PRO E 272 43.12 9.74 50.05
CA PRO E 272 43.65 11.04 50.47
C PRO E 272 43.76 11.18 51.98
N ASN E 273 43.09 10.33 52.74
CA ASN E 273 43.15 10.42 54.19
C ASN E 273 44.54 10.09 54.68
N ALA E 274 45.25 9.27 53.91
CA ALA E 274 46.56 8.79 54.30
C ALA E 274 47.69 9.80 54.08
N ILE E 275 48.53 9.96 55.11
CA ILE E 275 49.77 10.70 54.95
C ILE E 275 50.83 9.84 54.24
N LEU E 276 51.45 10.36 53.19
CA LEU E 276 52.30 9.54 52.35
C LEU E 276 53.77 9.68 52.70
N TYR E 277 54.39 8.54 53.01
CA TYR E 277 55.80 8.49 53.40
C TYR E 277 56.73 7.82 52.39
N TYR E 278 57.98 8.29 52.42
CA TYR E 278 59.10 7.53 51.94
C TYR E 278 59.88 7.05 53.18
N ASN E 279 60.28 5.78 53.18
CA ASN E 279 60.92 5.17 54.37
C ASN E 279 62.28 4.60 53.98
N ASP E 280 63.32 4.80 54.80
CA ASP E 280 64.64 4.24 54.49
C ASP E 280 65.54 4.18 55.73
N TYR E 281 66.65 3.44 55.66
CA TYR E 281 67.55 3.36 56.81
C TYR E 281 68.86 4.07 56.49
N ASN E 282 69.74 4.11 57.49
CA ASN E 282 71.04 4.74 57.36
C ASN E 282 70.93 6.18 56.90
N MET E 283 69.85 6.85 57.30
CA MET E 283 69.61 8.24 56.90
C MET E 283 70.58 9.18 57.62
N ASP E 284 71.27 8.66 58.63
CA ASP E 284 72.27 9.39 59.39
C ASP E 284 73.52 9.66 58.54
N GLN E 285 73.66 8.94 57.43
CA GLN E 285 74.78 9.15 56.49
C GLN E 285 74.44 10.24 55.49
N ALA E 286 75.22 11.32 55.54
CA ALA E 286 74.88 12.55 54.80
C ALA E 286 74.69 12.33 53.30
N GLY E 287 75.53 11.48 52.71
CA GLY E 287 75.36 11.09 51.33
C GLY E 287 73.98 10.53 50.99
N LYS E 288 73.51 9.57 51.79
CA LYS E 288 72.20 8.98 51.54
C LYS E 288 71.09 10.01 51.74
N ALA E 289 71.22 10.79 52.80
CA ALA E 289 70.25 11.83 53.14
C ALA E 289 70.07 12.82 52.00
N ALA E 290 71.19 13.17 51.35
CA ALA E 290 71.18 14.18 50.28
C ALA E 290 70.38 13.69 49.07
N LEU E 291 70.58 12.42 48.72
CA LEU E 291 69.85 11.81 47.60
C LEU E 291 68.36 11.79 47.88
N ILE E 292 68.01 11.26 49.03
CA ILE E 292 66.64 11.23 49.51
C ILE E 292 66.03 12.63 49.47
N ALA E 293 66.77 13.62 49.97
CA ALA E 293 66.27 14.99 50.01
C ALA E 293 66.10 15.55 48.60
N ALA E 294 67.08 15.27 47.74
CA ALA E 294 66.98 15.67 46.34
C ALA E 294 65.72 15.06 45.70
N MET E 295 65.51 13.76 45.93
CA MET E 295 64.33 13.07 45.42
C MET E 295 63.04 13.73 45.90
N VAL E 296 62.90 13.86 47.22
CA VAL E 296 61.70 14.46 47.78
C VAL E 296 61.47 15.88 47.24
N ARG E 297 62.55 16.63 47.05
CA ARG E 297 62.43 17.98 46.57
C ARG E 297 61.85 18.03 45.15
N ASP E 298 62.45 17.29 44.23
CA ASP E 298 62.02 17.32 42.83
C ASP E 298 60.61 16.77 42.62
N VAL E 299 60.27 15.70 43.35
CA VAL E 299 58.92 15.13 43.27
C VAL E 299 57.84 16.13 43.70
N ASN E 300 58.00 16.71 44.90
CA ASN E 300 57.04 17.68 45.41
C ASN E 300 56.98 18.94 44.54
N ALA E 301 58.13 19.35 44.00
CA ALA E 301 58.17 20.41 43.00
C ALA E 301 57.28 20.04 41.80
N LYS E 302 57.48 18.83 41.27
CA LYS E 302 56.70 18.39 40.11
C LYS E 302 55.21 18.38 40.42
N TYR E 303 54.84 17.93 41.62
CA TYR E 303 53.45 17.91 42.05
C TYR E 303 52.89 19.33 42.15
N LYS E 304 53.66 20.21 42.77
CA LYS E 304 53.28 21.62 42.91
C LYS E 304 52.99 22.25 41.56
N GLN E 305 53.92 22.10 40.62
CA GLN E 305 53.71 22.62 39.30
C GLN E 305 52.46 22.05 38.69
N ALA E 306 52.32 20.74 38.73
CA ALA E 306 51.18 20.06 38.14
C ALA E 306 49.85 20.38 38.82
N TYR E 307 49.85 20.46 40.14
CA TYR E 307 48.62 20.78 40.87
C TYR E 307 48.84 21.96 41.82
N PRO E 308 48.88 23.19 41.27
CA PRO E 308 49.29 24.40 41.98
C PRO E 308 48.33 24.83 43.09
N ARG E 309 47.11 24.32 43.06
CA ARG E 309 46.09 24.71 44.03
C ARG E 309 46.11 23.86 45.32
N GLU E 310 46.88 22.77 45.31
CA GLU E 310 46.97 21.88 46.46
C GLU E 310 47.92 22.41 47.55
N THR E 311 47.49 22.29 48.80
CA THR E 311 48.30 22.70 49.95
C THR E 311 49.15 21.55 50.53
N ARG E 312 48.84 20.32 50.14
CA ARG E 312 49.61 19.16 50.61
C ARG E 312 50.85 18.93 49.76
N LEU E 313 51.91 18.44 50.39
CA LEU E 313 53.04 17.88 49.66
C LEU E 313 52.61 16.57 48.96
N LEU E 314 53.40 16.11 47.98
CA LEU E 314 53.17 14.78 47.41
C LEU E 314 53.79 13.69 48.29
N ILE E 315 55.11 13.77 48.48
CA ILE E 315 55.71 12.96 49.52
C ILE E 315 55.64 13.84 50.76
N GLU E 316 54.74 13.47 51.66
CA GLU E 316 54.44 14.29 52.83
C GLU E 316 55.41 14.08 54.00
N GLY E 317 55.97 12.89 54.10
CA GLY E 317 56.84 12.59 55.22
C GLY E 317 58.00 11.68 54.89
N ILE E 318 59.01 11.71 55.77
CA ILE E 318 60.17 10.86 55.62
C ILE E 318 60.32 10.04 56.90
N GLY E 319 60.15 8.72 56.77
CA GLY E 319 60.49 7.82 57.85
C GLY E 319 61.97 7.58 57.94
N MET E 320 62.58 7.95 59.06
CA MET E 320 63.98 7.62 59.30
C MET E 320 63.93 6.31 60.03
N GLN E 321 64.40 5.23 59.39
CA GLN E 321 64.23 3.90 60.01
C GLN E 321 64.89 3.88 61.37
N SER E 322 66.06 4.48 61.44
CA SER E 322 66.82 4.61 62.67
C SER E 322 67.20 3.24 63.21
N HIS E 323 67.76 2.37 62.37
CA HIS E 323 68.23 1.13 62.92
C HIS E 323 69.68 1.35 63.26
N HIS E 324 69.90 1.68 64.53
CA HIS E 324 71.17 2.27 64.92
C HIS E 324 71.99 1.33 65.76
N ASN E 325 73.17 1.81 66.15
CA ASN E 325 74.16 1.04 66.90
C ASN E 325 75.07 2.01 67.68
N MET E 326 76.08 1.48 68.38
CA MET E 326 76.94 2.30 69.24
C MET E 326 77.70 3.37 68.49
N ASP E 327 78.00 3.11 67.22
CA ASP E 327 78.90 3.98 66.46
C ASP E 327 78.20 5.15 65.78
N VAL E 328 76.89 5.28 66.02
CA VAL E 328 76.09 6.32 65.39
C VAL E 328 75.89 7.53 66.29
N PRO E 329 76.54 8.67 65.95
CA PRO E 329 76.41 9.90 66.75
C PRO E 329 75.09 10.62 66.49
N ALA E 330 74.54 11.20 67.53
CA ALA E 330 73.30 11.95 67.37
C ALA E 330 73.50 13.21 66.51
N SER E 331 74.75 13.64 66.37
CA SER E 331 75.10 14.80 65.56
C SER E 331 74.84 14.55 64.06
N ASN E 332 75.10 13.33 63.60
CA ASN E 332 74.77 12.95 62.23
C ASN E 332 73.25 13.00 62.01
N ILE E 333 72.52 12.46 62.96
CA ILE E 333 71.07 12.43 62.89
C ILE E 333 70.54 13.85 62.87
N ARG E 334 71.13 14.69 63.72
CA ARG E 334 70.80 16.11 63.76
C ARG E 334 70.95 16.84 62.42
N ASN E 335 72.09 16.65 61.73
CA ASN E 335 72.31 17.32 60.44
C ASN E 335 71.23 16.94 59.42
N THR E 336 70.80 15.70 59.51
CA THR E 336 69.83 15.15 58.57
C THR E 336 68.44 15.69 58.87
N ILE E 337 68.07 15.76 60.15
CA ILE E 337 66.80 16.38 60.54
C ILE E 337 66.80 17.84 60.09
N ASN E 338 67.98 18.43 60.14
CA ASN E 338 68.17 19.81 59.70
C ASN E 338 68.00 19.89 58.20
N ARG E 339 68.60 18.92 57.51
CA ARG E 339 68.45 18.83 56.07
C ARG E 339 66.96 18.71 55.71
N TYR E 340 66.28 17.71 56.28
CA TYR E 340 64.87 17.48 55.97
C TYR E 340 63.97 18.65 56.37
N ARG E 341 64.45 19.51 57.26
CA ARG E 341 63.67 20.67 57.68
C ARG E 341 63.40 21.61 56.51
N GLU E 342 64.39 21.75 55.64
CA GLU E 342 64.28 22.53 54.43
C GLU E 342 63.08 22.14 53.57
N LEU E 343 62.80 20.85 53.48
CA LEU E 343 61.78 20.31 52.59
C LEU E 343 60.37 20.64 53.07
N GLY E 344 60.22 20.84 54.38
CA GLY E 344 58.90 21.08 54.95
C GLY E 344 58.07 19.81 55.08
N VAL E 345 58.73 18.66 54.97
CA VAL E 345 58.08 17.37 55.21
C VAL E 345 57.79 17.10 56.67
N LYS E 346 56.82 16.24 56.95
CA LYS E 346 56.70 15.67 58.28
C LYS E 346 57.84 14.67 58.44
N ILE E 347 58.19 14.35 59.67
CA ILE E 347 59.21 13.34 59.90
C ILE E 347 58.78 12.29 60.91
N SER E 348 59.12 11.05 60.63
CA SER E 348 58.92 9.96 61.55
C SER E 348 60.24 9.26 61.80
N VAL E 349 60.46 8.89 63.04
CA VAL E 349 61.43 7.89 63.37
C VAL E 349 60.65 6.59 63.39
N SER E 350 60.84 5.77 62.37
CA SER E 350 59.87 4.76 62.02
C SER E 350 60.17 3.39 62.63
N GLU E 351 61.44 3.05 62.75
CA GLU E 351 61.85 1.70 63.08
C GLU E 351 62.94 1.64 64.17
N LEU E 352 62.91 2.59 65.09
CA LEU E 352 64.02 2.77 66.03
C LEU E 352 64.39 1.54 66.83
N ASP E 353 65.65 1.15 66.73
CA ASP E 353 66.27 0.24 67.69
C ASP E 353 67.75 0.56 67.78
N ILE E 354 68.37 0.23 68.90
CA ILE E 354 69.80 0.50 69.04
C ILE E 354 70.53 -0.76 69.48
N LEU E 355 71.37 -1.29 68.59
CA LEU E 355 72.24 -2.41 68.95
C LEU E 355 73.16 -1.98 70.10
N CYS E 356 73.38 -2.89 71.04
CA CYS E 356 74.27 -2.68 72.19
C CYS E 356 75.74 -2.50 71.80
N MET E 357 76.04 -2.74 70.54
CA MET E 357 77.43 -2.82 70.09
C MET E 357 77.57 -2.13 68.74
N GLY E 358 78.73 -2.31 68.12
CA GLY E 358 78.93 -1.88 66.74
C GLY E 358 78.43 -2.95 65.81
N TRP E 359 78.15 -2.58 64.56
CA TRP E 359 77.53 -3.51 63.61
C TRP E 359 78.37 -4.77 63.37
N SER E 360 79.67 -4.61 63.18
CA SER E 360 80.59 -5.73 62.97
C SER E 360 80.53 -6.73 64.11
N ALA E 361 80.53 -6.21 65.34
CA ALA E 361 80.43 -7.03 66.55
C ALA E 361 79.15 -7.87 66.57
N PHE E 362 78.03 -7.26 66.20
CA PHE E 362 76.75 -7.95 66.16
C PHE E 362 76.76 -9.04 65.10
N ARG E 363 77.15 -8.67 63.90
CA ARG E 363 77.13 -9.57 62.77
C ARG E 363 78.02 -10.80 63.01
N GLY E 364 79.13 -10.57 63.69
CA GLY E 364 80.12 -11.62 63.91
C GLY E 364 79.92 -12.33 65.23
N SER E 365 78.79 -12.08 65.90
CA SER E 365 78.52 -12.84 67.10
C SER E 365 77.26 -13.68 66.94
N THR E 366 76.11 -13.03 67.07
CA THR E 366 74.83 -13.71 66.88
C THR E 366 74.39 -13.77 65.43
N GLY E 367 74.57 -12.66 64.72
CA GLY E 367 73.94 -12.47 63.43
C GLY E 367 72.48 -12.07 63.63
N GLN E 368 71.76 -11.91 62.53
CA GLN E 368 70.35 -11.51 62.56
C GLN E 368 69.40 -12.62 62.97
N GLY E 369 68.17 -12.23 63.29
CA GLY E 369 67.16 -13.17 63.73
C GLY E 369 66.71 -13.00 65.17
N ALA E 370 65.55 -13.57 65.47
CA ALA E 370 64.99 -13.46 66.80
C ALA E 370 65.38 -14.68 67.62
N ASP E 371 65.07 -14.62 68.91
CA ASP E 371 65.49 -15.62 69.86
C ASP E 371 66.98 -15.86 69.94
N LYS E 372 67.78 -14.89 69.54
CA LYS E 372 69.23 -14.99 69.71
C LYS E 372 69.70 -14.21 70.93
N ASP E 373 68.76 -13.62 71.67
CA ASP E 373 69.09 -12.73 72.78
C ASP E 373 70.01 -13.38 73.81
N ASP E 374 69.81 -14.67 74.06
CA ASP E 374 70.63 -15.39 75.05
C ASP E 374 72.03 -15.74 74.53
N MET E 375 72.29 -15.44 73.26
CA MET E 375 73.63 -15.61 72.73
C MET E 375 74.42 -14.30 72.67
N THR E 376 73.84 -13.20 73.14
CA THR E 376 74.50 -11.89 72.96
C THR E 376 75.84 -11.79 73.69
N ILE E 377 76.74 -10.99 73.12
CA ILE E 377 78.03 -10.70 73.71
C ILE E 377 78.00 -9.37 74.42
N ALA E 378 76.80 -8.76 74.47
CA ALA E 378 76.64 -7.46 75.09
C ALA E 378 77.26 -7.45 76.49
N THR E 379 77.92 -6.35 76.84
CA THR E 379 78.45 -6.22 78.19
C THR E 379 77.57 -5.32 79.03
N ASN E 380 77.94 -5.21 80.31
CA ASN E 380 77.21 -4.35 81.24
C ASN E 380 77.39 -2.88 80.90
N ARG E 381 78.61 -2.53 80.47
CA ARG E 381 78.83 -1.19 79.93
C ARG E 381 77.98 -0.97 78.65
N ASN E 382 77.84 -2.01 77.85
CA ASN E 382 77.03 -1.88 76.62
C ASN E 382 75.60 -1.47 76.99
N ILE E 383 75.06 -2.14 78.00
CA ILE E 383 73.72 -1.86 78.46
C ILE E 383 73.54 -0.39 78.86
N LEU E 384 74.44 0.14 79.68
CA LEU E 384 74.32 1.53 80.11
C LEU E 384 74.58 2.55 78.99
N ASP E 385 75.50 2.21 78.08
CA ASP E 385 75.76 3.10 76.95
C ASP E 385 74.61 3.09 75.94
N GLN E 386 73.90 1.98 75.88
CA GLN E 386 72.71 1.89 75.04
C GLN E 386 71.68 2.85 75.60
N ALA E 387 71.45 2.76 76.91
CA ALA E 387 70.49 3.64 77.57
C ALA E 387 70.84 5.11 77.34
N TYR E 388 72.12 5.44 77.48
CA TYR E 388 72.58 6.81 77.22
C TYR E 388 72.24 7.23 75.77
N LYS E 389 72.42 6.32 74.83
CA LYS E 389 72.10 6.61 73.44
C LYS E 389 70.62 6.92 73.26
N PHE E 390 69.77 6.07 73.82
CA PHE E 390 68.33 6.26 73.70
C PHE E 390 67.96 7.64 74.22
N ASN E 391 68.55 8.02 75.35
CA ASN E 391 68.29 9.33 75.94
C ASN E 391 68.76 10.46 75.01
N GLU E 392 69.99 10.32 74.52
CA GLU E 392 70.57 11.30 73.62
C GLU E 392 69.66 11.48 72.39
N TYR E 393 69.32 10.38 71.74
CA TYR E 393 68.45 10.41 70.56
C TYR E 393 67.10 11.09 70.84
N MET E 394 66.38 10.63 71.86
CA MET E 394 65.06 11.18 72.18
C MET E 394 65.09 12.69 72.43
N LYS E 395 66.11 13.16 73.15
CA LYS E 395 66.25 14.59 73.36
C LYS E 395 66.35 15.30 71.99
N LEU E 396 67.17 14.76 71.10
CA LEU E 396 67.28 15.27 69.74
C LEU E 396 65.93 15.29 69.01
N TYR E 397 65.17 14.20 69.15
CA TYR E 397 63.85 14.13 68.53
C TYR E 397 62.89 15.12 69.20
N LEU E 398 63.00 15.24 70.51
CA LEU E 398 62.14 16.15 71.27
C LEU E 398 62.33 17.61 70.84
N GLU E 399 63.59 18.00 70.59
CA GLU E 399 63.93 19.33 70.06
C GLU E 399 63.11 19.60 68.81
N ASN E 400 63.05 18.58 67.96
CA ASN E 400 62.45 18.66 66.63
C ASN E 400 61.01 18.20 66.53
N SER E 401 60.36 18.04 67.68
CA SER E 401 58.98 17.52 67.70
C SER E 401 57.97 18.41 66.99
N ASP E 402 58.37 19.61 66.62
CA ASP E 402 57.54 20.45 65.74
C ASP E 402 57.30 19.77 64.38
N ILE E 403 58.37 19.23 63.79
CA ILE E 403 58.29 18.50 62.52
C ILE E 403 58.19 16.96 62.64
N ILE E 404 58.46 16.42 63.83
CA ILE E 404 58.49 14.96 63.99
C ILE E 404 57.18 14.48 64.58
N GLU E 405 56.38 13.80 63.76
CA GLU E 405 55.04 13.43 64.21
C GLU E 405 54.95 12.09 64.93
N ARG E 406 55.94 11.23 64.74
CA ARG E 406 55.86 9.88 65.27
C ARG E 406 57.23 9.33 65.62
N VAL E 407 57.29 8.61 66.74
CA VAL E 407 58.51 7.90 67.08
C VAL E 407 58.10 6.48 67.36
N SER E 408 58.52 5.58 66.48
CA SER E 408 58.10 4.18 66.53
C SER E 408 59.31 3.28 66.64
N MET E 409 59.25 2.31 67.51
CA MET E 409 60.33 1.36 67.65
C MET E 409 60.02 0.02 67.00
N TRP E 410 61.06 -0.66 66.57
CA TRP E 410 60.91 -1.89 65.80
C TRP E 410 60.91 -3.13 66.72
N GLY E 411 60.06 -3.06 67.74
CA GLY E 411 59.61 -4.19 68.51
C GLY E 411 59.48 -3.88 70.00
N VAL E 412 58.95 -4.81 70.77
CA VAL E 412 58.74 -4.56 72.19
C VAL E 412 59.87 -5.21 73.03
N SER E 413 59.94 -6.55 72.99
CA SER E 413 60.95 -7.31 73.76
C SER E 413 62.17 -7.72 72.94
N ASP E 414 63.36 -7.57 73.53
CA ASP E 414 64.61 -7.98 72.89
C ASP E 414 64.51 -9.40 72.35
N ARG E 415 63.74 -10.26 73.00
CA ARG E 415 63.68 -11.66 72.60
C ARG E 415 63.14 -11.83 71.19
N TYR E 416 62.13 -11.02 70.87
CA TYR E 416 61.46 -11.11 69.59
C TYR E 416 61.92 -10.07 68.56
N SER E 417 62.93 -9.29 68.92
CA SER E 417 63.54 -8.33 68.00
C SER E 417 64.06 -9.07 66.79
N TRP E 418 63.93 -8.46 65.63
CA TRP E 418 64.59 -8.95 64.44
C TRP E 418 66.10 -9.04 64.59
N ARG E 419 66.66 -8.24 65.49
CA ARG E 419 68.07 -8.27 65.77
C ARG E 419 68.38 -8.56 67.25
N SER E 420 67.70 -9.56 67.78
CA SER E 420 67.68 -9.88 69.19
C SER E 420 69.06 -10.13 69.81
N GLY E 421 70.03 -10.47 68.98
CA GLY E 421 71.39 -10.71 69.44
C GLY E 421 72.07 -9.43 69.84
N GLY E 422 71.46 -8.31 69.50
CA GLY E 422 72.04 -7.01 69.85
C GLY E 422 71.33 -6.30 70.98
N LEU E 423 70.35 -6.96 71.61
CA LEU E 423 69.60 -6.39 72.72
C LEU E 423 69.14 -4.96 72.41
N PRO E 424 68.49 -4.76 71.28
CA PRO E 424 68.20 -3.44 70.73
C PRO E 424 67.02 -2.60 71.25
N LEU E 425 66.16 -3.15 72.09
CA LEU E 425 64.91 -2.52 72.47
C LEU E 425 64.83 -2.02 73.94
N LEU E 426 63.64 -1.55 74.34
CA LEU E 426 63.47 -1.02 75.71
C LEU E 426 63.20 -2.08 76.79
N PHE E 427 62.70 -3.24 76.39
CA PHE E 427 62.32 -4.31 77.32
C PHE E 427 63.15 -5.57 77.08
N ASP E 428 63.47 -6.28 78.15
CA ASP E 428 64.31 -7.47 78.01
C ASP E 428 63.50 -8.67 77.53
N ALA E 429 64.11 -9.85 77.59
CA ALA E 429 63.46 -11.10 77.18
C ALA E 429 62.19 -11.44 77.94
N ASP E 430 62.08 -10.95 79.17
CA ASP E 430 60.94 -11.25 80.01
C ASP E 430 60.05 -10.02 80.18
N ASN E 431 60.08 -9.12 79.20
CA ASN E 431 59.15 -7.99 79.15
C ASN E 431 59.31 -7.03 80.33
N LYS E 432 60.51 -6.99 80.89
CA LYS E 432 60.80 -6.13 82.03
C LYS E 432 61.60 -4.94 81.54
N ALA E 433 61.43 -3.78 82.16
CA ALA E 433 62.06 -2.58 81.67
C ALA E 433 63.57 -2.57 81.85
N LYS E 434 64.30 -2.37 80.75
CA LYS E 434 65.73 -2.19 80.75
C LYS E 434 66.11 -0.75 81.14
N PRO E 435 67.38 -0.53 81.53
CA PRO E 435 67.86 0.84 81.76
C PRO E 435 67.46 1.74 80.59
N ALA E 436 67.51 1.20 79.37
CA ALA E 436 67.00 1.87 78.17
C ALA E 436 65.60 2.48 78.35
N TYR E 437 64.68 1.74 78.95
CA TYR E 437 63.32 2.26 79.15
C TYR E 437 63.33 3.57 79.95
N TYR E 438 64.01 3.57 81.08
CA TYR E 438 63.99 4.73 81.98
C TYR E 438 64.64 5.93 81.33
N SER E 439 65.72 5.67 80.59
CA SER E 439 66.45 6.68 79.83
C SER E 439 65.60 7.29 78.71
N PHE E 440 64.84 6.43 78.03
CA PHE E 440 63.94 6.82 76.95
C PHE E 440 62.91 7.83 77.44
N VAL E 441 62.26 7.45 78.54
CA VAL E 441 61.24 8.26 79.20
C VAL E 441 61.80 9.55 79.81
N ARG E 442 62.89 9.40 80.57
CA ARG E 442 63.55 10.54 81.22
C ARG E 442 63.96 11.64 80.24
N ALA E 443 64.18 11.28 78.98
CA ALA E 443 64.58 12.26 77.97
C ALA E 443 63.62 13.46 77.87
N ARG E 444 62.35 13.24 78.20
CA ARG E 444 61.38 14.33 78.19
C ARG E 444 61.72 15.32 79.31
N GLU E 445 61.95 14.78 80.52
CA GLU E 445 62.34 15.59 81.67
C GLU E 445 63.68 16.29 81.41
N ASP E 446 64.65 15.57 80.83
CA ASP E 446 65.92 16.16 80.45
C ASP E 446 65.74 17.33 79.47
N TYR E 447 64.94 17.08 78.43
CA TYR E 447 64.68 18.07 77.38
C TYR E 447 64.12 19.38 77.93
N GLU E 448 63.00 19.26 78.64
CA GLU E 448 62.34 20.42 79.22
C GLU E 448 63.29 21.17 80.18
N ALA E 449 64.07 20.41 80.95
CA ALA E 449 65.04 20.98 81.87
C ALA E 449 66.05 21.86 81.13
N ALA E 450 66.69 21.27 80.13
CA ALA E 450 67.73 21.96 79.39
C ALA E 450 67.15 23.07 78.51
N LYS E 451 65.87 22.96 78.22
CA LYS E 451 65.17 24.02 77.48
C LYS E 451 64.97 25.21 78.39
N ALA E 452 64.67 24.93 79.66
CA ALA E 452 64.42 25.97 80.66
C ALA E 452 65.66 26.79 81.00
N ALA E 453 66.82 26.32 80.55
CA ALA E 453 68.00 27.17 80.52
C ALA E 453 68.09 27.74 79.12
N LYS E 454 67.79 29.02 78.98
CA LYS E 454 67.62 29.63 77.69
C LYS E 454 68.71 30.67 77.50
N ASN F 3 -48.00 20.78 -19.07
CA ASN F 3 -49.06 19.88 -19.55
C ASN F 3 -48.88 19.40 -20.99
N GLU F 4 -47.78 19.77 -21.63
CA GLU F 4 -47.40 19.20 -22.91
C GLU F 4 -46.93 17.77 -22.72
N ILE F 5 -46.95 17.01 -23.79
CA ILE F 5 -46.20 15.77 -23.86
C ILE F 5 -45.31 15.85 -25.10
N THR F 6 -44.11 15.28 -25.00
CA THR F 6 -43.19 15.28 -26.12
C THR F 6 -43.09 13.85 -26.66
N LEU F 7 -43.24 13.69 -27.96
CA LEU F 7 -43.18 12.37 -28.60
C LEU F 7 -42.14 12.39 -29.72
N THR F 8 -41.34 11.34 -29.81
CA THR F 8 -40.39 11.17 -30.91
C THR F 8 -41.17 10.92 -32.20
N ILE F 9 -40.67 11.43 -33.33
CA ILE F 9 -41.40 11.22 -34.58
C ILE F 9 -41.49 9.74 -34.94
N GLY F 10 -42.73 9.26 -35.07
CA GLY F 10 -42.99 7.84 -35.23
C GLY F 10 -43.58 7.16 -33.99
N GLN F 11 -43.43 7.78 -32.84
CA GLN F 11 -43.94 7.24 -31.58
C GLN F 11 -45.47 7.37 -31.50
N GLN F 12 -46.10 6.41 -30.86
CA GLN F 12 -47.53 6.46 -30.58
C GLN F 12 -47.72 6.53 -29.08
N LYS F 13 -48.78 7.19 -28.64
CA LYS F 13 -49.11 7.18 -27.21
C LYS F 13 -50.61 7.13 -26.95
N ASP F 14 -51.02 6.28 -26.01
CA ASP F 14 -52.44 6.17 -25.65
C ASP F 14 -52.77 7.36 -24.79
N LEU F 15 -53.72 8.16 -25.25
CA LEU F 15 -54.17 9.34 -24.52
C LEU F 15 -55.38 9.03 -23.63
N ALA F 16 -55.68 7.75 -23.44
CA ALA F 16 -56.78 7.33 -22.56
C ALA F 16 -56.74 7.98 -21.17
N SER F 17 -55.55 8.15 -20.61
CA SER F 17 -55.42 8.97 -19.40
C SER F 17 -55.50 10.42 -19.84
N MET F 18 -55.48 11.37 -18.92
CA MET F 18 -55.66 12.78 -19.27
C MET F 18 -57.10 13.09 -19.75
N VAL F 19 -57.89 12.06 -20.05
CA VAL F 19 -59.33 12.24 -20.28
C VAL F 19 -59.98 12.49 -18.92
N PRO F 20 -60.74 13.58 -18.79
CA PRO F 20 -61.36 13.94 -17.51
C PRO F 20 -62.20 12.80 -16.96
N ALA F 21 -62.08 12.54 -15.67
CA ALA F 21 -62.93 11.56 -15.02
C ALA F 21 -64.35 12.07 -15.09
N LYS F 22 -64.49 13.39 -15.07
CA LYS F 22 -65.79 14.01 -15.14
C LYS F 22 -66.49 13.45 -16.36
N PHE F 23 -65.86 13.61 -17.51
CA PHE F 23 -66.47 13.14 -18.75
C PHE F 23 -67.05 11.75 -18.53
N ALA F 24 -66.17 10.78 -18.37
CA ALA F 24 -66.55 9.39 -18.13
C ALA F 24 -67.46 8.85 -19.23
N GLY F 25 -68.68 8.49 -18.85
CA GLY F 25 -69.57 7.71 -19.70
C GLY F 25 -70.22 8.46 -20.85
N GLN F 26 -69.72 9.67 -21.12
CA GLN F 26 -70.07 10.39 -22.33
C GLN F 26 -69.40 9.73 -23.52
N GLU F 27 -69.91 9.97 -24.73
CA GLU F 27 -69.22 9.50 -25.94
C GLU F 27 -68.16 10.50 -26.38
N LEU F 28 -66.98 9.99 -26.71
CA LEU F 28 -65.81 10.84 -26.92
C LEU F 28 -65.50 11.07 -28.39
N SER F 29 -65.14 12.31 -28.70
CA SER F 29 -64.55 12.61 -30.01
C SER F 29 -63.15 13.21 -29.83
N TRP F 30 -62.22 12.79 -30.70
CA TRP F 30 -60.83 13.21 -30.64
C TRP F 30 -60.45 14.01 -31.87
N THR F 31 -59.77 15.14 -31.69
CA THR F 31 -59.34 15.97 -32.80
C THR F 31 -57.91 16.43 -32.60
N SER F 32 -57.17 16.59 -33.70
CA SER F 32 -55.87 17.23 -33.65
C SER F 32 -55.93 18.57 -34.36
N SER F 33 -55.23 19.57 -33.80
CA SER F 33 -55.18 20.90 -34.42
C SER F 33 -54.40 20.88 -35.74
N ASP F 34 -53.43 19.97 -35.84
CA ASP F 34 -52.68 19.80 -37.08
C ASP F 34 -52.40 18.31 -37.28
N PRO F 35 -53.36 17.60 -37.90
CA PRO F 35 -53.28 16.14 -38.14
C PRO F 35 -52.07 15.70 -38.96
N GLU F 36 -51.51 16.60 -39.77
CA GLU F 36 -50.30 16.27 -40.54
C GLU F 36 -49.04 16.31 -39.68
N THR F 37 -49.09 17.06 -38.57
CA THR F 37 -48.04 17.03 -37.55
C THR F 37 -48.20 15.90 -36.54
N ALA F 38 -49.42 15.76 -36.01
CA ALA F 38 -49.72 14.61 -35.17
C ALA F 38 -51.17 14.23 -35.39
N SER F 39 -51.41 12.96 -35.68
CA SER F 39 -52.76 12.49 -35.93
C SER F 39 -53.26 11.70 -34.74
N VAL F 40 -54.56 11.74 -34.53
CA VAL F 40 -55.16 11.05 -33.39
C VAL F 40 -56.29 10.14 -33.89
N THR F 41 -56.40 8.93 -33.32
CA THR F 41 -57.49 8.04 -33.71
C THR F 41 -58.74 8.36 -32.91
N ASP F 42 -59.84 7.69 -33.24
CA ASP F 42 -61.08 7.89 -32.50
C ASP F 42 -60.99 7.31 -31.09
N LYS F 43 -59.93 6.54 -30.82
CA LYS F 43 -59.69 5.98 -29.49
C LYS F 43 -58.71 6.83 -28.69
N GLY F 44 -58.19 7.88 -29.31
CA GLY F 44 -57.22 8.73 -28.65
C GLY F 44 -55.80 8.19 -28.65
N ILE F 45 -55.43 7.48 -29.72
CA ILE F 45 -54.04 7.16 -29.97
C ILE F 45 -53.45 8.23 -30.89
N VAL F 46 -52.38 8.90 -30.44
CA VAL F 46 -51.72 9.92 -31.25
C VAL F 46 -50.37 9.41 -31.79
N THR F 47 -50.04 9.78 -33.01
CA THR F 47 -48.76 9.44 -33.60
C THR F 47 -48.05 10.71 -33.98
N ALA F 48 -46.79 10.85 -33.58
CA ALA F 48 -45.98 11.97 -34.08
C ALA F 48 -45.56 11.71 -35.52
N LEU F 49 -45.85 12.66 -36.40
CA LEU F 49 -45.63 12.52 -37.83
C LEU F 49 -44.48 13.34 -38.44
N LYS F 50 -44.39 14.64 -38.15
CA LYS F 50 -43.35 15.49 -38.74
C LYS F 50 -42.92 16.60 -37.77
N PHE F 51 -41.96 17.42 -38.19
CA PHE F 51 -41.68 18.67 -37.49
C PHE F 51 -42.08 19.83 -38.39
N SER F 52 -41.99 21.05 -37.86
CA SER F 52 -42.44 22.23 -38.61
C SER F 52 -41.31 22.83 -39.44
N SER F 53 -40.39 23.49 -38.76
CA SER F 53 -39.32 24.20 -39.43
C SER F 53 -37.98 23.57 -39.10
N GLY F 54 -36.90 24.19 -39.57
CA GLY F 54 -35.57 23.63 -39.39
C GLY F 54 -35.47 22.42 -40.31
N GLY F 55 -34.51 21.57 -40.06
CA GLY F 55 -34.39 20.39 -40.88
C GLY F 55 -33.31 20.51 -41.91
N ALA F 56 -33.01 21.74 -42.33
CA ALA F 56 -31.76 22.00 -43.03
C ALA F 56 -30.71 22.31 -41.96
N ASN F 57 -31.20 22.55 -40.75
CA ASN F 57 -30.32 22.81 -39.61
C ASN F 57 -29.62 21.54 -39.12
N LEU F 58 -28.45 21.72 -38.50
CA LEU F 58 -27.73 20.63 -37.85
C LEU F 58 -28.50 20.06 -36.67
N PHE F 59 -28.67 18.74 -36.68
CA PHE F 59 -29.33 18.04 -35.58
C PHE F 59 -28.76 18.43 -34.21
N LEU F 60 -27.44 18.43 -34.09
CA LEU F 60 -26.79 18.72 -32.82
C LEU F 60 -26.99 20.18 -32.37
N LYS F 61 -27.12 21.07 -33.34
CA LYS F 61 -27.28 22.49 -33.08
C LYS F 61 -28.71 22.88 -32.75
N ALA F 62 -29.65 22.44 -33.58
CA ALA F 62 -31.05 22.80 -33.41
C ALA F 62 -31.98 21.65 -33.82
N PRO F 63 -32.15 20.65 -32.94
CA PRO F 63 -33.08 19.55 -33.18
C PRO F 63 -34.43 20.10 -33.59
N ALA F 64 -35.03 19.58 -34.66
CA ALA F 64 -36.29 20.15 -35.17
C ALA F 64 -37.46 19.68 -34.31
N THR F 65 -38.54 20.47 -34.31
CA THR F 65 -39.72 20.19 -33.51
C THR F 65 -40.98 20.68 -34.22
N GLY F 66 -42.13 20.17 -33.77
CA GLY F 66 -43.43 20.54 -34.31
C GLY F 66 -44.39 20.50 -33.15
N GLU F 67 -45.63 20.89 -33.38
CA GLU F 67 -46.61 21.00 -32.29
C GLU F 67 -48.02 20.72 -32.80
N ALA F 68 -48.83 20.10 -31.95
CA ALA F 68 -50.25 19.95 -32.19
C ALA F 68 -50.99 19.94 -30.87
N ILE F 69 -52.18 20.53 -30.84
CA ILE F 69 -53.06 20.46 -29.69
C ILE F 69 -54.04 19.32 -29.93
N ILE F 70 -53.97 18.27 -29.12
CA ILE F 70 -54.97 17.21 -29.19
C ILE F 70 -56.10 17.51 -28.21
N THR F 71 -57.33 17.44 -28.69
CA THR F 71 -58.48 17.78 -27.86
C THR F 71 -59.47 16.62 -27.84
N VAL F 72 -59.83 16.18 -26.64
CA VAL F 72 -60.92 15.23 -26.47
C VAL F 72 -62.17 16.02 -26.08
N THR F 73 -63.24 15.79 -26.82
CA THR F 73 -64.48 16.51 -26.61
C THR F 73 -65.59 15.60 -26.09
N ALA F 74 -66.30 16.07 -25.08
CA ALA F 74 -67.57 15.44 -24.71
C ALA F 74 -68.64 16.48 -24.41
N GLY F 75 -69.67 16.57 -25.26
CA GLY F 75 -70.89 17.28 -24.91
C GLY F 75 -70.83 18.73 -24.44
N LYS F 76 -70.33 19.65 -25.26
CA LYS F 76 -70.11 21.06 -24.87
C LYS F 76 -69.06 21.18 -23.78
N GLN F 77 -68.19 20.18 -23.69
CA GLN F 77 -67.04 20.24 -22.81
C GLN F 77 -65.85 19.58 -23.49
N SER F 78 -64.68 20.21 -23.39
CA SER F 78 -63.49 19.65 -24.00
C SER F 78 -62.27 19.73 -23.07
N HIS F 79 -61.26 18.92 -23.37
CA HIS F 79 -60.00 18.95 -22.64
C HIS F 79 -58.85 18.78 -23.63
N SER F 80 -57.79 19.55 -23.43
CA SER F 80 -56.71 19.59 -24.41
C SER F 80 -55.35 19.31 -23.82
N VAL F 81 -54.47 18.75 -24.63
CA VAL F 81 -53.06 18.60 -24.28
C VAL F 81 -52.22 18.98 -25.49
N LYS F 82 -51.20 19.80 -25.26
CA LYS F 82 -50.24 20.12 -26.30
C LYS F 82 -49.31 18.93 -26.54
N VAL F 83 -49.06 18.62 -27.81
CA VAL F 83 -48.13 17.55 -28.15
C VAL F 83 -46.97 18.16 -28.92
N ILE F 84 -45.77 17.96 -28.43
CA ILE F 84 -44.58 18.39 -29.14
C ILE F 84 -44.00 17.18 -29.87
N THR F 85 -43.78 17.32 -31.17
CA THR F 85 -43.13 16.24 -31.94
C THR F 85 -41.68 16.62 -32.09
N THR F 86 -40.77 15.64 -31.97
CA THR F 86 -39.33 15.95 -32.08
C THR F 86 -38.54 14.90 -32.86
N VAL F 87 -37.35 15.29 -33.30
CA VAL F 87 -36.43 14.36 -33.93
C VAL F 87 -35.67 13.52 -32.89
N LYS F 88 -35.63 14.03 -31.65
CA LYS F 88 -34.85 13.39 -30.59
C LYS F 88 -35.54 12.17 -30.01
N GLY F 89 -34.74 11.25 -29.47
CA GLY F 89 -35.27 10.04 -28.85
C GLY F 89 -35.86 10.32 -27.48
N LYS F 90 -36.96 9.63 -27.19
CA LYS F 90 -37.68 9.76 -25.93
C LYS F 90 -37.73 8.44 -25.14
N GLU F 91 -38.20 7.38 -25.79
CA GLU F 91 -38.37 6.09 -25.14
C GLU F 91 -37.06 5.30 -24.98
N ASP F 92 -36.78 4.87 -23.75
CA ASP F 92 -35.61 4.03 -23.50
C ASP F 92 -35.78 2.65 -24.10
N ILE F 93 -34.67 2.04 -24.49
CA ILE F 93 -34.70 0.79 -25.24
C ILE F 93 -35.34 -0.36 -24.44
N GLU F 94 -35.19 -0.33 -23.12
CA GLU F 94 -35.72 -1.38 -22.25
C GLU F 94 -37.24 -1.24 -22.03
N LYS F 95 -37.78 -0.08 -22.37
CA LYS F 95 -39.23 0.14 -22.28
C LYS F 95 -39.96 -0.33 -23.53
N LEU F 96 -39.21 -0.68 -24.57
CA LEU F 96 -39.79 -1.09 -25.85
C LEU F 96 -40.02 -2.59 -25.98
N PRO F 97 -41.16 -2.96 -26.59
CA PRO F 97 -41.43 -4.38 -26.84
C PRO F 97 -40.33 -4.97 -27.72
N PRO F 98 -40.01 -6.24 -27.50
CA PRO F 98 -38.90 -6.94 -28.17
C PRO F 98 -38.98 -6.84 -29.69
N LEU F 99 -37.87 -6.45 -30.34
CA LEU F 99 -37.82 -6.36 -31.80
C LEU F 99 -37.92 -7.73 -32.49
N LYS F 100 -37.33 -8.74 -31.86
CA LYS F 100 -37.40 -10.11 -32.39
C LYS F 100 -38.85 -10.66 -32.36
N ASP F 101 -39.63 -10.30 -31.35
CA ASP F 101 -41.01 -10.80 -31.23
C ASP F 101 -41.90 -10.27 -32.36
N HIS F 102 -41.52 -9.12 -32.91
CA HIS F 102 -42.28 -8.50 -33.98
C HIS F 102 -42.06 -9.24 -35.29
N PHE F 103 -40.80 -9.58 -35.52
CA PHE F 103 -40.34 -10.16 -36.79
C PHE F 103 -40.16 -11.69 -36.82
N LYS F 104 -40.57 -12.36 -35.77
CA LYS F 104 -40.30 -13.78 -35.62
C LYS F 104 -40.89 -14.66 -36.71
N ASP F 105 -42.00 -14.24 -37.31
CA ASP F 105 -42.62 -14.99 -38.40
C ASP F 105 -41.83 -14.87 -39.71
N TYR F 106 -40.82 -14.00 -39.71
CA TYR F 106 -40.12 -13.62 -40.93
C TYR F 106 -38.67 -14.07 -40.92
N PHE F 107 -37.92 -13.63 -39.94
CA PHE F 107 -36.48 -13.88 -39.86
C PHE F 107 -35.96 -13.57 -38.47
N LEU F 108 -34.72 -13.95 -38.21
CA LEU F 108 -34.09 -13.66 -36.92
C LEU F 108 -33.75 -12.18 -36.88
N ILE F 109 -34.01 -11.53 -35.75
CA ILE F 109 -33.53 -10.17 -35.53
C ILE F 109 -32.23 -10.22 -34.74
N GLY F 110 -31.13 -9.90 -35.40
CA GLY F 110 -29.83 -9.92 -34.78
C GLY F 110 -29.21 -8.57 -34.45
N ASN F 111 -28.14 -8.63 -33.65
CA ASN F 111 -27.29 -7.48 -33.38
C ASN F 111 -25.91 -7.96 -32.96
N ILE F 112 -25.09 -7.04 -32.47
CA ILE F 112 -23.73 -7.41 -32.05
C ILE F 112 -23.49 -7.22 -30.56
N PHE F 113 -22.56 -7.97 -30.00
CA PHE F 113 -22.05 -7.66 -28.67
C PHE F 113 -20.54 -7.73 -28.49
N ASN F 114 -20.10 -7.30 -27.33
CA ASN F 114 -18.69 -7.20 -27.01
C ASN F 114 -18.40 -7.68 -25.60
N ASN F 115 -17.11 -7.89 -25.34
CA ASN F 115 -16.62 -8.36 -24.06
C ASN F 115 -17.22 -7.57 -22.90
N ARG F 116 -17.44 -6.28 -23.11
CA ARG F 116 -17.94 -5.45 -22.02
C ARG F 116 -19.39 -5.79 -21.66
N ASP F 117 -20.08 -6.49 -22.55
CA ASP F 117 -21.48 -6.79 -22.36
C ASP F 117 -21.71 -8.00 -21.46
N VAL F 118 -20.63 -8.66 -21.05
CA VAL F 118 -20.77 -9.82 -20.17
C VAL F 118 -19.92 -9.70 -18.91
N SER F 119 -20.53 -10.04 -17.78
CA SER F 119 -19.81 -10.28 -16.56
C SER F 119 -19.60 -11.77 -16.39
N GLY F 120 -18.34 -12.17 -16.34
CA GLY F 120 -18.02 -13.58 -16.28
C GLY F 120 -18.60 -14.32 -17.48
N SER F 121 -19.40 -15.34 -17.18
CA SER F 121 -20.12 -16.08 -18.21
C SER F 121 -21.58 -15.67 -18.39
N MET F 122 -22.00 -14.58 -17.74
CA MET F 122 -23.38 -14.11 -17.90
C MET F 122 -23.51 -12.73 -18.58
N MET F 123 -24.64 -12.46 -19.24
CA MET F 123 -24.85 -11.17 -19.91
C MET F 123 -24.99 -10.03 -18.90
N ASP F 124 -24.35 -8.90 -19.21
CA ASP F 124 -24.27 -7.76 -18.31
C ASP F 124 -25.27 -6.61 -18.58
N ASN F 125 -26.12 -6.77 -19.59
CA ASN F 125 -27.23 -5.85 -19.82
C ASN F 125 -28.47 -6.55 -20.37
N ASP F 126 -29.65 -6.04 -20.02
CA ASP F 126 -30.90 -6.68 -20.39
C ASP F 126 -31.15 -6.58 -21.89
N TRP F 127 -31.02 -5.36 -22.42
CA TRP F 127 -31.57 -5.04 -23.75
C TRP F 127 -31.12 -6.00 -24.88
N LEU F 128 -29.92 -6.55 -24.76
CA LEU F 128 -29.40 -7.42 -25.80
C LEU F 128 -30.23 -8.70 -25.97
N ALA F 129 -30.50 -9.40 -24.86
CA ALA F 129 -31.33 -10.60 -24.90
C ALA F 129 -32.80 -10.24 -25.10
N HIS F 130 -33.17 -9.05 -24.65
CA HIS F 130 -34.57 -8.63 -24.71
C HIS F 130 -35.02 -8.43 -26.13
N HIS F 131 -34.23 -7.66 -26.88
CA HIS F 131 -34.53 -7.35 -28.27
C HIS F 131 -34.09 -8.36 -29.32
N TYR F 132 -32.96 -9.03 -29.08
CA TYR F 132 -32.38 -9.84 -30.15
C TYR F 132 -32.36 -11.35 -29.89
N ALA F 133 -32.63 -12.08 -30.96
CA ALA F 133 -32.60 -13.53 -30.94
C ALA F 133 -31.19 -14.05 -31.16
N ILE F 134 -30.42 -13.34 -31.97
CA ILE F 134 -29.06 -13.78 -32.30
C ILE F 134 -28.04 -12.67 -32.13
N LEU F 135 -26.82 -13.02 -31.73
CA LEU F 135 -25.76 -12.02 -31.55
C LEU F 135 -24.50 -12.36 -32.36
N THR F 136 -23.89 -11.31 -32.91
CA THR F 136 -22.60 -11.46 -33.58
C THR F 136 -21.52 -10.79 -32.73
N PRO F 137 -20.51 -11.55 -32.29
CA PRO F 137 -19.46 -10.85 -31.56
C PRO F 137 -18.83 -9.84 -32.50
N GLU F 138 -18.75 -8.57 -32.09
CA GLU F 138 -18.26 -7.54 -33.00
C GLU F 138 -16.76 -7.75 -33.29
N ASN F 139 -16.05 -8.24 -32.28
CA ASN F 139 -14.59 -8.23 -32.23
C ASN F 139 -13.91 -9.56 -31.92
N HIS F 140 -14.32 -10.17 -30.81
CA HIS F 140 -13.55 -11.26 -30.21
C HIS F 140 -13.52 -12.63 -30.94
N MET F 141 -14.25 -12.74 -32.05
CA MET F 141 -14.06 -13.88 -32.96
C MET F 141 -13.24 -13.57 -34.23
N LYS F 142 -12.73 -12.35 -34.33
CA LYS F 142 -11.76 -12.02 -35.38
C LYS F 142 -10.47 -12.82 -35.14
N PRO F 143 -9.80 -13.25 -36.22
CA PRO F 143 -8.63 -14.13 -36.08
C PRO F 143 -7.60 -13.58 -35.08
N SER F 144 -7.28 -12.29 -35.18
CA SER F 144 -6.35 -11.66 -34.24
C SER F 144 -6.76 -11.93 -32.79
N ASN F 145 -8.06 -11.91 -32.54
CA ASN F 145 -8.56 -12.17 -31.20
C ASN F 145 -8.73 -13.64 -30.86
N LEU F 146 -8.75 -14.48 -31.90
CA LEU F 146 -8.77 -15.94 -31.75
C LEU F 146 -7.41 -16.64 -31.60
N THR F 147 -6.36 -16.09 -32.21
CA THR F 147 -5.03 -16.71 -32.14
C THR F 147 -3.96 -15.64 -32.15
N ASN F 148 -3.00 -15.72 -31.22
CA ASN F 148 -1.86 -14.81 -31.23
C ASN F 148 -0.50 -15.37 -31.68
N ASN F 149 -0.43 -16.67 -31.98
CA ASN F 149 0.86 -17.29 -32.32
C ASN F 149 0.76 -18.63 -33.06
N ARG F 150 1.83 -18.98 -33.76
CA ARG F 150 1.98 -20.32 -34.31
C ARG F 150 3.46 -20.77 -34.28
N ASN F 151 3.66 -22.03 -33.93
CA ASN F 151 5.00 -22.62 -33.92
C ASN F 151 5.47 -22.92 -35.33
N GLU F 152 6.60 -22.33 -35.72
CA GLU F 152 7.16 -22.57 -37.04
C GLU F 152 7.60 -24.02 -37.30
N THR F 153 8.11 -24.70 -36.29
CA THR F 153 8.57 -26.07 -36.46
C THR F 153 7.52 -27.16 -36.25
N THR F 154 6.66 -26.99 -35.25
CA THR F 154 5.62 -27.98 -34.93
C THR F 154 4.25 -27.70 -35.56
N GLY F 155 4.07 -26.49 -36.10
CA GLY F 155 2.79 -26.09 -36.67
C GLY F 155 1.74 -25.69 -35.64
N GLU F 156 2.03 -25.93 -34.36
CA GLU F 156 1.08 -25.68 -33.28
C GLU F 156 0.58 -24.24 -33.22
N ILE F 157 -0.74 -24.08 -33.19
CA ILE F 157 -1.37 -22.78 -33.16
C ILE F 157 -1.82 -22.45 -31.74
N THR F 158 -1.43 -21.28 -31.25
CA THR F 158 -1.87 -20.81 -29.94
C THR F 158 -3.15 -20.00 -30.08
N TYR F 159 -4.23 -20.49 -29.47
CA TYR F 159 -5.53 -19.83 -29.54
C TYR F 159 -5.86 -19.09 -28.25
N THR F 160 -6.54 -17.95 -28.41
CA THR F 160 -7.10 -17.27 -27.25
C THR F 160 -8.63 -17.32 -27.34
N PHE F 161 -9.20 -18.33 -26.67
CA PHE F 161 -10.62 -18.65 -26.79
C PHE F 161 -11.43 -18.07 -25.65
N SER F 162 -10.74 -17.65 -24.60
CA SER F 162 -11.37 -17.47 -23.29
C SER F 162 -12.48 -16.43 -23.33
N THR F 163 -12.17 -15.29 -23.93
CA THR F 163 -13.12 -14.18 -23.95
C THR F 163 -14.34 -14.58 -24.78
N ALA F 164 -14.10 -15.08 -25.98
CA ALA F 164 -15.20 -15.55 -26.83
C ALA F 164 -15.99 -16.68 -26.17
N ASP F 165 -15.30 -17.57 -25.46
CA ASP F 165 -15.97 -18.68 -24.82
C ASP F 165 -16.99 -18.14 -23.85
N ARG F 166 -16.57 -17.12 -23.09
CA ARG F 166 -17.42 -16.54 -22.06
C ARG F 166 -18.59 -15.81 -22.71
N MET F 167 -18.31 -15.05 -23.77
CA MET F 167 -19.40 -14.40 -24.52
C MET F 167 -20.41 -15.40 -25.08
N VAL F 168 -19.91 -16.42 -25.79
CA VAL F 168 -20.75 -17.46 -26.33
C VAL F 168 -21.63 -18.11 -25.26
N ASN F 169 -20.99 -18.55 -24.18
CA ASN F 169 -21.72 -19.17 -23.08
C ASN F 169 -22.77 -18.22 -22.51
N ALA F 170 -22.43 -16.94 -22.37
CA ALA F 170 -23.36 -15.96 -21.84
C ALA F 170 -24.64 -15.82 -22.68
N ALA F 171 -24.48 -15.85 -24.00
CA ALA F 171 -25.63 -15.71 -24.90
C ALA F 171 -26.50 -16.96 -24.88
N ILE F 172 -25.86 -18.12 -24.94
CA ILE F 172 -26.57 -19.39 -24.93
C ILE F 172 -27.41 -19.56 -23.66
N ALA F 173 -26.88 -19.12 -22.51
CA ALA F 173 -27.59 -19.24 -21.25
C ALA F 173 -28.91 -18.47 -21.20
N GLU F 174 -29.05 -17.47 -22.07
CA GLU F 174 -30.24 -16.65 -22.09
C GLU F 174 -31.15 -17.01 -23.27
N GLY F 175 -30.79 -18.04 -24.01
CA GLY F 175 -31.61 -18.52 -25.11
C GLY F 175 -31.17 -18.03 -26.49
N LEU F 176 -30.06 -17.31 -26.54
CA LEU F 176 -29.68 -16.58 -27.75
C LEU F 176 -28.78 -17.42 -28.63
N LYS F 177 -28.90 -17.25 -29.94
CA LYS F 177 -28.00 -17.89 -30.87
C LYS F 177 -26.76 -17.03 -31.05
N ILE F 178 -25.77 -17.56 -31.77
CA ILE F 178 -24.53 -16.84 -32.05
C ILE F 178 -24.19 -16.99 -33.52
N HIS F 179 -23.82 -15.90 -34.16
CA HIS F 179 -23.26 -15.95 -35.49
C HIS F 179 -21.75 -15.71 -35.43
N GLY F 180 -20.95 -16.71 -35.80
CA GLY F 180 -19.50 -16.61 -35.74
C GLY F 180 -18.94 -15.64 -36.77
N HIS F 181 -18.10 -14.70 -36.34
CA HIS F 181 -17.47 -13.76 -37.28
C HIS F 181 -16.04 -13.39 -36.82
N THR F 182 -15.00 -13.71 -37.59
CA THR F 182 -15.07 -14.52 -38.80
C THR F 182 -13.78 -15.34 -38.88
N LEU F 183 -13.77 -16.38 -39.71
CA LEU F 183 -12.61 -17.27 -39.84
C LEU F 183 -11.52 -16.73 -40.78
N LEU F 184 -11.85 -16.53 -42.05
CA LEU F 184 -10.85 -16.09 -43.01
C LEU F 184 -11.05 -14.62 -43.41
N TRP F 185 -9.94 -13.88 -43.44
CA TRP F 185 -10.00 -12.45 -43.73
C TRP F 185 -8.63 -11.93 -44.18
N HIS F 186 -8.62 -10.74 -44.79
CA HIS F 186 -7.38 -10.10 -45.23
C HIS F 186 -6.91 -9.03 -44.25
N GLN F 187 -7.64 -8.83 -43.15
CA GLN F 187 -7.27 -7.81 -42.16
C GLN F 187 -7.56 -8.29 -40.74
N GLN F 188 -6.96 -7.61 -39.77
CA GLN F 188 -7.18 -7.96 -38.36
C GLN F 188 -6.90 -9.45 -38.13
N ILE F 189 -5.76 -9.89 -38.66
CA ILE F 189 -5.28 -11.25 -38.52
C ILE F 189 -3.91 -11.21 -37.86
N PRO F 190 -3.53 -12.29 -37.17
CA PRO F 190 -2.24 -12.34 -36.47
C PRO F 190 -1.06 -12.36 -37.44
N PRO F 191 0.10 -11.88 -36.97
CA PRO F 191 1.33 -11.85 -37.78
C PRO F 191 1.62 -13.19 -38.47
N TRP F 192 1.35 -14.31 -37.80
CA TRP F 192 1.60 -15.63 -38.38
C TRP F 192 0.68 -15.94 -39.54
N GLN F 193 -0.51 -15.35 -39.56
CA GLN F 193 -1.43 -15.53 -40.68
C GLN F 193 -1.05 -14.66 -41.87
N ARG F 194 -0.60 -13.45 -41.60
CA ARG F 194 -0.08 -12.53 -42.61
C ARG F 194 1.16 -13.13 -43.28
N SER F 195 1.93 -13.91 -42.53
CA SER F 195 3.14 -14.55 -43.05
C SER F 195 2.85 -15.74 -43.95
N MET F 196 1.59 -16.15 -43.97
CA MET F 196 1.17 -17.30 -44.77
C MET F 196 1.11 -16.95 -46.27
N GLU F 197 1.14 -15.65 -46.57
CA GLU F 197 1.00 -15.18 -47.95
C GLU F 197 2.19 -15.59 -48.80
N SER F 198 3.32 -15.80 -48.14
CA SER F 198 4.55 -16.18 -48.82
C SER F 198 4.80 -17.68 -48.81
N ALA F 199 3.86 -18.44 -48.24
CA ALA F 199 4.08 -19.88 -48.07
C ALA F 199 3.67 -20.68 -49.30
N ALA F 200 3.95 -21.98 -49.24
CA ALA F 200 3.63 -22.89 -50.33
C ALA F 200 2.13 -23.14 -50.37
N LYS F 201 1.63 -23.58 -51.51
CA LYS F 201 0.22 -23.84 -51.63
C LYS F 201 -0.19 -25.08 -50.87
N ASP F 202 0.64 -26.10 -50.91
CA ASP F 202 0.38 -27.33 -50.15
C ASP F 202 0.48 -27.11 -48.64
N ALA F 203 1.49 -26.37 -48.22
CA ALA F 203 1.74 -26.16 -46.80
C ALA F 203 0.63 -25.33 -46.18
N ALA F 204 0.35 -24.16 -46.78
CA ALA F 204 -0.69 -23.27 -46.28
C ALA F 204 -2.07 -23.93 -46.26
N LEU F 205 -2.28 -24.88 -47.16
CA LEU F 205 -3.57 -25.52 -47.28
C LEU F 205 -3.82 -26.44 -46.10
N SER F 206 -2.77 -27.10 -45.62
CA SER F 206 -2.88 -27.93 -44.44
C SER F 206 -3.12 -27.02 -43.23
N VAL F 207 -2.39 -25.90 -43.21
CA VAL F 207 -2.48 -24.90 -42.14
C VAL F 207 -3.84 -24.20 -42.12
N MET F 208 -4.33 -23.85 -43.31
CA MET F 208 -5.65 -23.24 -43.41
C MET F 208 -6.76 -24.15 -42.90
N LYS F 209 -6.71 -25.42 -43.27
CA LYS F 209 -7.73 -26.34 -42.82
C LYS F 209 -7.57 -26.64 -41.33
N LYS F 210 -6.33 -26.63 -40.90
CA LYS F 210 -6.01 -26.83 -39.49
C LYS F 210 -6.64 -25.74 -38.63
N TYR F 211 -6.47 -24.49 -39.06
CA TYR F 211 -7.02 -23.34 -38.33
C TYR F 211 -8.55 -23.43 -38.23
N ILE F 212 -9.21 -23.57 -39.39
CA ILE F 212 -10.66 -23.67 -39.44
C ILE F 212 -11.20 -24.79 -38.54
N THR F 213 -10.58 -25.95 -38.64
CA THR F 213 -11.03 -27.15 -37.92
C THR F 213 -11.00 -26.99 -36.41
N GLU F 214 -9.86 -26.57 -35.89
CA GLU F 214 -9.68 -26.45 -34.45
C GLU F 214 -10.57 -25.36 -33.84
N VAL F 215 -10.64 -24.21 -34.50
CA VAL F 215 -11.57 -23.15 -34.06
C VAL F 215 -13.01 -23.69 -34.00
N MET F 216 -13.48 -24.25 -35.12
CA MET F 216 -14.85 -24.75 -35.19
C MET F 216 -15.12 -25.94 -34.28
N THR F 217 -14.13 -26.80 -34.09
CA THR F 217 -14.27 -27.92 -33.17
C THR F 217 -14.41 -27.40 -31.74
N HIS F 218 -13.71 -26.30 -31.46
CA HIS F 218 -13.76 -25.70 -30.13
C HIS F 218 -15.16 -25.17 -29.81
N TYR F 219 -15.80 -24.64 -30.85
CA TYR F 219 -17.14 -24.08 -30.75
C TYR F 219 -18.25 -25.05 -31.21
N LYS F 220 -17.86 -26.30 -31.49
CA LYS F 220 -18.73 -27.23 -32.21
C LYS F 220 -20.12 -27.37 -31.60
N GLY F 221 -21.14 -27.12 -32.43
CA GLY F 221 -22.52 -27.24 -32.01
C GLY F 221 -23.07 -26.00 -31.34
N LYS F 222 -22.21 -25.08 -30.94
CA LYS F 222 -22.69 -23.90 -30.24
C LYS F 222 -23.06 -22.76 -31.19
N ILE F 223 -22.63 -22.86 -32.44
CA ILE F 223 -22.76 -21.76 -33.39
C ILE F 223 -23.85 -21.98 -34.44
N TYR F 224 -24.87 -21.13 -34.47
CA TYR F 224 -25.93 -21.22 -35.48
C TYR F 224 -25.39 -21.02 -36.89
N SER F 225 -24.59 -19.97 -37.07
CA SER F 225 -24.01 -19.64 -38.39
C SER F 225 -22.58 -19.05 -38.30
N TRP F 226 -21.72 -19.41 -39.26
CA TRP F 226 -20.32 -18.93 -39.31
C TRP F 226 -20.01 -18.17 -40.61
N ASP F 227 -19.29 -17.06 -40.51
CA ASP F 227 -18.72 -16.48 -41.73
C ASP F 227 -17.33 -17.08 -41.88
N VAL F 228 -17.21 -18.06 -42.77
CA VAL F 228 -15.92 -18.74 -42.95
C VAL F 228 -15.00 -17.83 -43.74
N LEU F 229 -15.56 -17.17 -44.75
CA LEU F 229 -14.81 -16.23 -45.56
C LEU F 229 -15.50 -14.87 -45.54
N ASN F 230 -14.71 -13.80 -45.45
CA ASN F 230 -15.26 -12.46 -45.35
C ASN F 230 -14.53 -11.50 -46.28
N GLU F 231 -15.28 -10.76 -47.09
CA GLU F 231 -14.73 -9.65 -47.90
C GLU F 231 -13.58 -10.03 -48.83
N ILE F 232 -13.79 -11.04 -49.67
CA ILE F 232 -12.72 -11.53 -50.54
C ILE F 232 -12.53 -10.68 -51.82
N PHE F 233 -13.50 -9.81 -52.10
CA PHE F 233 -13.46 -8.96 -53.29
C PHE F 233 -13.24 -7.48 -52.96
N PRO F 234 -12.19 -6.86 -53.53
CA PRO F 234 -11.87 -5.44 -53.32
C PRO F 234 -12.97 -4.54 -53.86
N ASP F 235 -13.53 -4.96 -54.99
CA ASP F 235 -14.58 -4.21 -55.68
C ASP F 235 -15.26 -5.16 -56.66
N GLY F 236 -16.10 -4.62 -57.54
CA GLY F 236 -16.76 -5.42 -58.56
C GLY F 236 -16.18 -5.29 -59.96
N ARG F 237 -14.93 -4.86 -60.05
CA ARG F 237 -14.30 -4.58 -61.34
C ARG F 237 -14.08 -5.79 -62.26
N GLY F 238 -13.35 -6.80 -61.77
CA GLY F 238 -12.71 -7.81 -62.60
C GLY F 238 -13.53 -8.88 -63.32
N ASP F 239 -12.84 -9.60 -64.22
CA ASP F 239 -13.43 -10.54 -65.20
C ASP F 239 -14.11 -11.78 -64.62
N ASN F 240 -13.40 -12.52 -63.78
CA ASN F 240 -14.07 -13.59 -63.06
C ASN F 240 -13.48 -13.81 -61.66
N TRP F 241 -14.30 -14.38 -60.78
CA TRP F 241 -13.98 -14.48 -59.36
C TRP F 241 -12.70 -15.26 -59.06
N THR F 242 -12.31 -16.18 -59.94
CA THR F 242 -11.09 -16.95 -59.77
C THR F 242 -9.85 -16.05 -59.80
N THR F 243 -9.98 -14.90 -60.47
CA THR F 243 -9.01 -13.82 -60.32
C THR F 243 -9.64 -12.70 -59.50
N ALA F 244 -8.87 -11.64 -59.25
CA ALA F 244 -9.40 -10.44 -58.59
C ALA F 244 -10.01 -10.70 -57.20
N MET F 245 -9.63 -11.80 -56.57
CA MET F 245 -9.78 -11.93 -55.12
C MET F 245 -8.63 -11.12 -54.53
N ARG F 246 -8.75 -10.71 -53.28
CA ARG F 246 -7.75 -9.81 -52.69
C ARG F 246 -6.36 -10.47 -52.59
N PRO F 247 -5.35 -9.81 -53.20
CA PRO F 247 -3.95 -10.22 -52.97
C PRO F 247 -3.58 -10.00 -51.52
N GLU F 248 -4.20 -9.01 -50.87
CA GLU F 248 -3.99 -8.75 -49.44
C GLU F 248 -4.48 -9.90 -48.57
N ASN F 249 -5.33 -10.75 -49.12
CA ASN F 249 -5.76 -11.95 -48.42
C ASN F 249 -4.71 -13.06 -48.55
N PRO F 250 -4.08 -13.42 -47.43
CA PRO F 250 -2.94 -14.32 -47.41
C PRO F 250 -3.28 -15.74 -47.87
N TRP F 251 -4.54 -16.15 -47.70
CA TRP F 251 -4.94 -17.48 -48.13
C TRP F 251 -5.03 -17.55 -49.66
N PHE F 252 -5.69 -16.58 -50.27
CA PHE F 252 -5.78 -16.52 -51.73
C PHE F 252 -4.40 -16.32 -52.35
N LYS F 253 -3.56 -15.52 -51.68
CA LYS F 253 -2.24 -15.18 -52.20
C LYS F 253 -1.35 -16.42 -52.40
N SER F 254 -1.30 -17.29 -51.40
CA SER F 254 -0.49 -18.50 -51.52
C SER F 254 -1.21 -19.60 -52.32
N ILE F 255 -2.47 -19.82 -52.00
CA ILE F 255 -3.19 -21.01 -52.45
C ILE F 255 -3.96 -20.83 -53.78
N GLY F 256 -4.13 -19.58 -54.21
CA GLY F 256 -4.93 -19.33 -55.40
C GLY F 256 -6.41 -19.57 -55.13
N SER F 257 -7.21 -19.66 -56.18
CA SER F 257 -8.66 -19.67 -56.03
C SER F 257 -9.21 -20.95 -55.42
N ASP F 258 -8.33 -21.91 -55.19
CA ASP F 258 -8.74 -23.23 -54.71
C ASP F 258 -9.16 -23.22 -53.25
N PHE F 259 -8.71 -22.21 -52.53
CA PHE F 259 -8.81 -22.20 -51.07
C PHE F 259 -10.24 -22.05 -50.57
N VAL F 260 -11.07 -21.38 -51.37
CA VAL F 260 -12.47 -21.15 -51.01
C VAL F 260 -13.20 -22.47 -50.81
N TYR F 261 -13.16 -23.31 -51.84
CA TYR F 261 -13.79 -24.62 -51.76
C TYR F 261 -13.24 -25.41 -50.57
N GLU F 262 -11.92 -25.42 -50.45
CA GLU F 262 -11.26 -26.18 -49.39
C GLU F 262 -11.58 -25.64 -48.00
N ALA F 263 -11.73 -24.33 -47.90
CA ALA F 263 -12.10 -23.71 -46.62
C ALA F 263 -13.45 -24.23 -46.16
N TYR F 264 -14.47 -24.02 -46.97
CA TYR F 264 -15.82 -24.41 -46.60
C TYR F 264 -15.96 -25.92 -46.38
N LEU F 265 -15.14 -26.70 -47.07
CA LEU F 265 -15.21 -28.15 -46.94
C LEU F 265 -14.59 -28.59 -45.63
N ALA F 266 -13.48 -27.96 -45.26
CA ALA F 266 -12.88 -28.17 -43.95
C ALA F 266 -13.89 -27.75 -42.86
N ALA F 267 -14.55 -26.62 -43.07
CA ALA F 267 -15.56 -26.12 -42.13
C ALA F 267 -16.74 -27.08 -41.99
N ARG F 268 -17.31 -27.48 -43.14
CA ARG F 268 -18.45 -28.40 -43.14
C ARG F 268 -18.12 -29.69 -42.39
N GLN F 269 -16.89 -30.18 -42.56
CA GLN F 269 -16.45 -31.38 -41.86
C GLN F 269 -16.30 -31.16 -40.35
N ALA F 270 -15.75 -30.00 -39.98
CA ALA F 270 -15.52 -29.64 -38.58
C ALA F 270 -16.81 -29.53 -37.76
N ASP F 271 -17.76 -28.71 -38.25
CA ASP F 271 -19.04 -28.54 -37.57
C ASP F 271 -20.21 -28.58 -38.55
N PRO F 272 -20.71 -29.80 -38.85
CA PRO F 272 -21.84 -30.00 -39.77
C PRO F 272 -23.12 -29.32 -39.28
N ASN F 273 -23.20 -28.98 -37.99
CA ASN F 273 -24.37 -28.25 -37.47
C ASN F 273 -24.39 -26.79 -37.91
N ALA F 274 -23.22 -26.27 -38.31
CA ALA F 274 -23.10 -24.83 -38.62
C ALA F 274 -23.49 -24.48 -40.05
N ILE F 275 -24.34 -23.47 -40.21
CA ILE F 275 -24.65 -22.94 -41.53
C ILE F 275 -23.49 -22.06 -41.99
N LEU F 276 -22.97 -22.33 -43.19
CA LEU F 276 -21.74 -21.71 -43.65
C LEU F 276 -22.00 -20.51 -44.57
N TYR F 277 -21.53 -19.34 -44.15
CA TYR F 277 -21.81 -18.10 -44.88
C TYR F 277 -20.58 -17.56 -45.60
N TYR F 278 -20.81 -16.86 -46.71
CA TYR F 278 -19.85 -15.87 -47.20
C TYR F 278 -20.46 -14.50 -46.96
N ASN F 279 -19.61 -13.54 -46.62
CA ASN F 279 -20.07 -12.25 -46.13
C ASN F 279 -19.25 -11.13 -46.73
N ASP F 280 -19.91 -10.09 -47.25
CA ASP F 280 -19.22 -8.95 -47.87
C ASP F 280 -20.16 -7.75 -47.89
N TYR F 281 -19.59 -6.55 -48.03
CA TYR F 281 -20.37 -5.32 -48.17
C TYR F 281 -20.50 -4.88 -49.63
N ASN F 282 -21.26 -3.81 -49.88
CA ASN F 282 -21.49 -3.31 -51.23
C ASN F 282 -22.02 -4.32 -52.24
N MET F 283 -22.85 -5.25 -51.75
CA MET F 283 -23.46 -6.24 -52.62
C MET F 283 -24.60 -5.60 -53.41
N ASP F 284 -24.90 -4.34 -53.10
CA ASP F 284 -25.86 -3.58 -53.89
C ASP F 284 -25.30 -3.23 -55.26
N GLN F 285 -23.98 -3.07 -55.36
CA GLN F 285 -23.33 -2.84 -56.64
C GLN F 285 -23.34 -4.10 -57.49
N ALA F 286 -23.92 -4.00 -58.68
CA ALA F 286 -24.08 -5.16 -59.58
C ALA F 286 -22.78 -5.88 -59.98
N GLY F 287 -21.67 -5.14 -60.06
CA GLY F 287 -20.40 -5.73 -60.45
C GLY F 287 -19.88 -6.77 -59.46
N LYS F 288 -19.87 -6.39 -58.18
CA LYS F 288 -19.40 -7.26 -57.12
C LYS F 288 -20.35 -8.45 -56.97
N ALA F 289 -21.65 -8.14 -56.93
CA ALA F 289 -22.69 -9.17 -56.80
C ALA F 289 -22.56 -10.30 -57.84
N ALA F 290 -22.12 -9.95 -59.05
CA ALA F 290 -21.96 -10.95 -60.10
C ALA F 290 -20.75 -11.83 -59.82
N LEU F 291 -19.72 -11.23 -59.25
CA LEU F 291 -18.52 -11.97 -58.86
C LEU F 291 -18.84 -12.96 -57.75
N ILE F 292 -19.60 -12.52 -56.75
CA ILE F 292 -19.92 -13.34 -55.59
C ILE F 292 -20.76 -14.55 -55.98
N ALA F 293 -21.86 -14.29 -56.68
CA ALA F 293 -22.76 -15.36 -57.11
C ALA F 293 -22.06 -16.40 -57.95
N ALA F 294 -21.17 -15.94 -58.84
CA ALA F 294 -20.42 -16.86 -59.70
C ALA F 294 -19.48 -17.73 -58.88
N MET F 295 -18.85 -17.13 -57.87
CA MET F 295 -17.98 -17.87 -56.96
C MET F 295 -18.79 -18.93 -56.24
N VAL F 296 -19.89 -18.49 -55.64
CA VAL F 296 -20.77 -19.38 -54.89
C VAL F 296 -21.30 -20.50 -55.78
N ARG F 297 -21.75 -20.14 -56.99
CA ARG F 297 -22.28 -21.11 -57.94
C ARG F 297 -21.28 -22.22 -58.25
N ASP F 298 -20.06 -21.82 -58.61
CA ASP F 298 -19.01 -22.75 -58.98
C ASP F 298 -18.66 -23.70 -57.82
N VAL F 299 -18.38 -23.11 -56.65
CA VAL F 299 -18.00 -23.87 -55.48
C VAL F 299 -19.08 -24.88 -55.08
N ASN F 300 -20.32 -24.42 -55.04
CA ASN F 300 -21.45 -25.31 -54.73
C ASN F 300 -21.64 -26.41 -55.77
N ALA F 301 -21.50 -26.07 -57.05
CA ALA F 301 -21.57 -27.09 -58.10
C ALA F 301 -20.44 -28.10 -57.95
N LYS F 302 -19.24 -27.59 -57.69
CA LYS F 302 -18.06 -28.41 -57.40
C LYS F 302 -18.35 -29.36 -56.24
N TYR F 303 -19.11 -28.86 -55.27
CA TYR F 303 -19.51 -29.66 -54.11
C TYR F 303 -20.50 -30.73 -54.52
N LYS F 304 -21.53 -30.32 -55.27
CA LYS F 304 -22.55 -31.24 -55.78
C LYS F 304 -21.94 -32.39 -56.58
N GLN F 305 -20.94 -32.06 -57.39
CA GLN F 305 -20.27 -33.07 -58.19
C GLN F 305 -19.48 -34.04 -57.32
N ALA F 306 -18.71 -33.48 -56.39
CA ALA F 306 -17.87 -34.27 -55.49
C ALA F 306 -18.67 -34.89 -54.32
N TYR F 307 -19.88 -34.40 -54.08
CA TYR F 307 -20.69 -34.96 -53.03
C TYR F 307 -22.17 -35.05 -53.42
N PRO F 308 -22.49 -36.07 -54.19
CA PRO F 308 -23.83 -36.29 -54.75
C PRO F 308 -24.95 -36.50 -53.75
N ARG F 309 -24.70 -37.26 -52.71
CA ARG F 309 -25.72 -37.58 -51.71
C ARG F 309 -26.27 -36.39 -50.92
N GLU F 310 -25.41 -35.46 -50.52
CA GLU F 310 -25.83 -34.32 -49.72
C GLU F 310 -26.88 -33.46 -50.42
N THR F 311 -27.90 -33.09 -49.67
CA THR F 311 -28.81 -32.07 -50.12
C THR F 311 -28.24 -30.69 -49.87
N ARG F 312 -27.51 -30.54 -48.77
CA ARG F 312 -26.94 -29.27 -48.35
C ARG F 312 -25.91 -28.74 -49.34
N LEU F 313 -25.91 -27.43 -49.54
CA LEU F 313 -24.88 -26.78 -50.37
C LEU F 313 -23.56 -26.74 -49.60
N LEU F 314 -22.52 -26.19 -50.21
CA LEU F 314 -21.29 -25.99 -49.47
C LEU F 314 -21.37 -24.65 -48.76
N ILE F 315 -21.35 -23.57 -49.53
CA ILE F 315 -21.68 -22.28 -48.97
C ILE F 315 -23.19 -22.26 -48.89
N GLU F 316 -23.72 -22.21 -47.67
CA GLU F 316 -25.16 -22.36 -47.48
C GLU F 316 -25.88 -21.03 -47.51
N GLY F 317 -25.14 -19.94 -47.42
CA GLY F 317 -25.75 -18.63 -47.34
C GLY F 317 -24.84 -17.47 -47.69
N ILE F 318 -25.45 -16.35 -48.07
CA ILE F 318 -24.71 -15.12 -48.37
C ILE F 318 -25.15 -13.99 -47.46
N GLY F 319 -24.28 -13.58 -46.54
CA GLY F 319 -24.57 -12.42 -45.71
C GLY F 319 -24.42 -11.14 -46.49
N MET F 320 -25.47 -10.32 -46.56
CA MET F 320 -25.30 -9.00 -47.15
C MET F 320 -25.05 -8.04 -46.00
N GLN F 321 -23.82 -7.55 -45.90
CA GLN F 321 -23.44 -6.68 -44.79
C GLN F 321 -24.36 -5.47 -44.71
N SER F 322 -24.66 -4.89 -45.87
CA SER F 322 -25.65 -3.83 -45.94
C SER F 322 -25.24 -2.63 -45.09
N HIS F 323 -24.00 -2.16 -45.30
CA HIS F 323 -23.67 -0.88 -44.74
C HIS F 323 -24.05 0.12 -45.81
N HIS F 324 -25.15 0.82 -45.57
CA HIS F 324 -25.76 1.66 -46.59
C HIS F 324 -25.70 3.12 -46.19
N ASN F 325 -26.30 3.98 -47.00
CA ASN F 325 -26.23 5.43 -46.83
C ASN F 325 -27.31 6.09 -47.71
N MET F 326 -27.34 7.42 -47.76
CA MET F 326 -28.40 8.12 -48.51
C MET F 326 -28.41 7.84 -50.01
N ASP F 327 -27.27 7.42 -50.54
CA ASP F 327 -27.18 7.21 -51.98
C ASP F 327 -27.43 5.77 -52.43
N VAL F 328 -27.86 4.89 -51.52
CA VAL F 328 -28.15 3.50 -51.92
C VAL F 328 -29.64 3.18 -52.11
N PRO F 329 -30.09 3.06 -53.38
CA PRO F 329 -31.50 2.79 -53.68
C PRO F 329 -31.89 1.34 -53.42
N ALA F 330 -33.12 1.11 -53.01
CA ALA F 330 -33.60 -0.22 -52.70
C ALA F 330 -33.61 -1.14 -53.92
N SER F 331 -33.70 -0.55 -55.11
CA SER F 331 -33.75 -1.35 -56.34
C SER F 331 -32.48 -2.15 -56.57
N ASN F 332 -31.32 -1.54 -56.31
CA ASN F 332 -30.06 -2.26 -56.45
C ASN F 332 -29.95 -3.41 -55.48
N ILE F 333 -30.39 -3.17 -54.25
CA ILE F 333 -30.48 -4.25 -53.26
C ILE F 333 -31.45 -5.32 -53.75
N ARG F 334 -32.59 -4.86 -54.28
CA ARG F 334 -33.60 -5.72 -54.87
C ARG F 334 -33.05 -6.62 -55.98
N ASN F 335 -32.31 -6.03 -56.92
CA ASN F 335 -31.73 -6.79 -58.02
C ASN F 335 -30.76 -7.86 -57.52
N THR F 336 -29.88 -7.44 -56.64
CA THR F 336 -28.93 -8.32 -55.98
C THR F 336 -29.61 -9.52 -55.29
N ILE F 337 -30.69 -9.25 -54.56
CA ILE F 337 -31.44 -10.31 -53.89
C ILE F 337 -32.02 -11.28 -54.91
N ASN F 338 -32.57 -10.74 -56.00
CA ASN F 338 -33.11 -11.58 -57.07
C ASN F 338 -32.03 -12.46 -57.65
N ARG F 339 -30.84 -11.88 -57.82
CA ARG F 339 -29.70 -12.62 -58.36
C ARG F 339 -29.38 -13.85 -57.52
N TYR F 340 -29.31 -13.66 -56.21
CA TYR F 340 -28.88 -14.71 -55.29
C TYR F 340 -29.93 -15.80 -55.11
N ARG F 341 -31.20 -15.43 -55.29
CA ARG F 341 -32.31 -16.37 -55.17
C ARG F 341 -32.11 -17.54 -56.12
N GLU F 342 -31.52 -17.25 -57.27
CA GLU F 342 -31.22 -18.26 -58.27
C GLU F 342 -30.22 -19.30 -57.75
N LEU F 343 -29.41 -18.91 -56.77
CA LEU F 343 -28.39 -19.78 -56.20
C LEU F 343 -28.96 -20.83 -55.25
N GLY F 344 -30.15 -20.57 -54.72
CA GLY F 344 -30.78 -21.49 -53.80
C GLY F 344 -30.24 -21.37 -52.38
N VAL F 345 -29.33 -20.41 -52.19
CA VAL F 345 -28.69 -20.14 -50.90
C VAL F 345 -29.61 -19.38 -49.93
N LYS F 346 -29.36 -19.56 -48.65
CA LYS F 346 -29.99 -18.73 -47.64
C LYS F 346 -29.41 -17.31 -47.72
N ILE F 347 -30.18 -16.33 -47.27
CA ILE F 347 -29.72 -14.94 -47.33
C ILE F 347 -29.82 -14.31 -45.94
N SER F 348 -28.87 -13.45 -45.62
CA SER F 348 -28.94 -12.73 -44.36
C SER F 348 -28.51 -11.26 -44.53
N VAL F 349 -29.21 -10.34 -43.88
CA VAL F 349 -28.66 -9.00 -43.76
C VAL F 349 -27.87 -9.04 -42.45
N SER F 350 -26.54 -9.10 -42.56
CA SER F 350 -25.67 -9.39 -41.42
C SER F 350 -25.22 -8.19 -40.58
N GLU F 351 -24.99 -7.06 -41.24
CA GLU F 351 -24.35 -5.91 -40.62
C GLU F 351 -25.04 -4.57 -40.93
N LEU F 352 -26.34 -4.63 -41.13
CA LEU F 352 -27.08 -3.42 -41.53
C LEU F 352 -26.87 -2.19 -40.63
N ASP F 353 -26.52 -1.09 -41.28
CA ASP F 353 -26.59 0.25 -40.72
C ASP F 353 -26.72 1.24 -41.89
N ILE F 354 -27.25 2.43 -41.62
CA ILE F 354 -27.47 3.41 -42.67
C ILE F 354 -26.97 4.77 -42.24
N LEU F 355 -25.92 5.25 -42.89
CA LEU F 355 -25.37 6.57 -42.59
C LEU F 355 -26.44 7.62 -42.89
N CYS F 356 -26.44 8.70 -42.13
CA CYS F 356 -27.43 9.77 -42.27
C CYS F 356 -27.05 10.74 -43.38
N MET F 357 -26.04 10.37 -44.16
CA MET F 357 -25.59 11.20 -45.26
C MET F 357 -25.04 10.28 -46.36
N GLY F 358 -24.47 10.87 -47.42
CA GLY F 358 -23.78 10.10 -48.43
C GLY F 358 -22.43 9.68 -47.89
N TRP F 359 -21.82 8.66 -48.51
CA TRP F 359 -20.50 8.18 -48.10
C TRP F 359 -19.46 9.30 -47.96
N SER F 360 -19.31 10.10 -49.01
CA SER F 360 -18.25 11.11 -49.09
C SER F 360 -18.39 12.25 -48.09
N ALA F 361 -19.62 12.57 -47.69
CA ALA F 361 -19.81 13.56 -46.65
C ALA F 361 -19.44 12.96 -45.30
N PHE F 362 -19.68 11.65 -45.14
CA PHE F 362 -19.31 10.95 -43.92
C PHE F 362 -17.79 10.97 -43.68
N ARG F 363 -17.05 10.42 -44.63
CA ARG F 363 -15.60 10.34 -44.53
C ARG F 363 -14.96 11.71 -44.45
N GLY F 364 -15.59 12.69 -45.09
CA GLY F 364 -15.10 14.06 -45.12
C GLY F 364 -15.41 14.86 -43.87
N SER F 365 -16.24 14.32 -42.98
CA SER F 365 -16.45 15.04 -41.73
C SER F 365 -15.78 14.31 -40.54
N THR F 366 -16.47 13.29 -40.02
CA THR F 366 -16.00 12.54 -38.85
C THR F 366 -15.04 11.44 -39.20
N GLY F 367 -15.32 10.80 -40.33
CA GLY F 367 -14.70 9.54 -40.62
C GLY F 367 -15.18 8.48 -39.65
N GLN F 368 -14.52 7.33 -39.73
CA GLN F 368 -14.88 6.17 -38.92
C GLN F 368 -14.48 6.29 -37.47
N GLY F 369 -15.06 5.40 -36.68
CA GLY F 369 -14.78 5.29 -35.27
C GLY F 369 -15.94 5.64 -34.36
N ALA F 370 -15.91 5.02 -33.18
CA ALA F 370 -16.95 5.11 -32.16
C ALA F 370 -16.84 6.44 -31.45
N ASP F 371 -17.92 6.86 -30.81
CA ASP F 371 -17.92 8.06 -29.96
C ASP F 371 -17.68 9.35 -30.74
N LYS F 372 -17.91 9.31 -32.05
CA LYS F 372 -17.87 10.53 -32.89
C LYS F 372 -19.25 11.13 -33.24
N ASP F 373 -20.33 10.55 -32.69
CA ASP F 373 -21.71 11.05 -32.89
C ASP F 373 -21.95 12.50 -32.46
N ASP F 374 -21.11 13.03 -31.58
CA ASP F 374 -21.32 14.41 -31.14
C ASP F 374 -20.55 15.39 -32.05
N MET F 375 -19.92 14.84 -33.08
CA MET F 375 -19.40 15.61 -34.22
C MET F 375 -20.22 15.53 -35.52
N THR F 376 -21.37 14.87 -35.47
CA THR F 376 -22.05 14.59 -36.72
C THR F 376 -22.56 15.86 -37.41
N ILE F 377 -22.49 15.88 -38.72
CA ILE F 377 -23.05 16.97 -39.50
C ILE F 377 -24.46 16.67 -39.98
N ALA F 378 -25.04 15.56 -39.52
CA ALA F 378 -26.39 15.18 -39.93
C ALA F 378 -27.38 16.30 -39.62
N THR F 379 -28.35 16.51 -40.51
CA THR F 379 -29.37 17.49 -40.22
C THR F 379 -30.66 16.80 -39.81
N ASN F 380 -31.64 17.59 -39.40
CA ASN F 380 -32.92 17.05 -38.99
C ASN F 380 -33.59 16.30 -40.14
N ARG F 381 -33.53 16.86 -41.35
CA ARG F 381 -34.06 16.16 -42.52
C ARG F 381 -33.36 14.80 -42.71
N ASN F 382 -32.04 14.77 -42.61
CA ASN F 382 -31.30 13.50 -42.68
C ASN F 382 -31.87 12.46 -41.73
N ILE F 383 -32.17 12.89 -40.51
CA ILE F 383 -32.71 11.99 -39.49
C ILE F 383 -33.98 11.29 -40.01
N LEU F 384 -34.96 12.09 -40.44
CA LEU F 384 -36.20 11.53 -40.98
C LEU F 384 -36.01 10.75 -42.28
N ASP F 385 -35.16 11.24 -43.18
CA ASP F 385 -34.81 10.50 -44.39
C ASP F 385 -34.27 9.10 -44.07
N GLN F 386 -33.42 9.02 -43.06
CA GLN F 386 -32.89 7.72 -42.59
C GLN F 386 -34.00 6.75 -42.21
N ALA F 387 -34.97 7.23 -41.43
CA ALA F 387 -36.10 6.41 -41.01
C ALA F 387 -36.87 5.84 -42.21
N TYR F 388 -37.10 6.70 -43.20
CA TYR F 388 -37.79 6.28 -44.41
C TYR F 388 -37.01 5.16 -45.10
N LYS F 389 -35.69 5.25 -45.07
CA LYS F 389 -34.84 4.26 -45.75
C LYS F 389 -34.92 2.90 -45.05
N PHE F 390 -34.76 2.91 -43.72
CA PHE F 390 -34.94 1.68 -42.95
C PHE F 390 -36.28 1.01 -43.28
N ASN F 391 -37.36 1.79 -43.22
CA ASN F 391 -38.67 1.28 -43.63
C ASN F 391 -38.65 0.62 -45.00
N GLU F 392 -38.16 1.36 -45.99
CA GLU F 392 -38.08 0.87 -47.36
C GLU F 392 -37.21 -0.38 -47.53
N TYR F 393 -36.05 -0.40 -46.89
CA TYR F 393 -35.19 -1.58 -46.94
C TYR F 393 -35.88 -2.78 -46.30
N MET F 394 -36.53 -2.54 -45.16
CA MET F 394 -37.20 -3.61 -44.42
C MET F 394 -38.35 -4.22 -45.21
N LYS F 395 -39.16 -3.39 -45.86
CA LYS F 395 -40.25 -3.91 -46.69
C LYS F 395 -39.69 -4.82 -47.77
N LEU F 396 -38.58 -4.41 -48.37
CA LEU F 396 -37.88 -5.25 -49.34
C LEU F 396 -37.45 -6.59 -48.73
N TYR F 397 -37.01 -6.57 -47.48
CA TYR F 397 -36.50 -7.78 -46.82
C TYR F 397 -37.67 -8.70 -46.46
N LEU F 398 -38.76 -8.09 -46.02
CA LEU F 398 -40.00 -8.80 -45.73
C LEU F 398 -40.62 -9.49 -46.95
N GLU F 399 -40.57 -8.84 -48.12
CA GLU F 399 -41.14 -9.40 -49.33
C GLU F 399 -40.29 -10.60 -49.74
N ASN F 400 -39.02 -10.55 -49.35
CA ASN F 400 -38.07 -11.63 -49.56
C ASN F 400 -37.87 -12.59 -48.38
N SER F 401 -38.72 -12.47 -47.36
CA SER F 401 -38.56 -13.20 -46.09
C SER F 401 -38.53 -14.72 -46.22
N ASP F 402 -38.89 -15.25 -47.38
CA ASP F 402 -38.81 -16.70 -47.58
C ASP F 402 -37.35 -17.19 -47.56
N ILE F 403 -36.47 -16.50 -48.28
CA ILE F 403 -35.06 -16.88 -48.31
C ILE F 403 -34.12 -16.07 -47.37
N ILE F 404 -34.64 -15.04 -46.71
CA ILE F 404 -33.80 -14.34 -45.74
C ILE F 404 -34.14 -14.73 -44.29
N GLU F 405 -33.22 -15.44 -43.66
CA GLU F 405 -33.41 -15.97 -42.33
C GLU F 405 -32.97 -15.00 -41.22
N ARG F 406 -32.21 -13.98 -41.60
CA ARG F 406 -31.66 -13.07 -40.59
C ARG F 406 -31.55 -11.61 -41.02
N VAL F 407 -31.96 -10.69 -40.14
CA VAL F 407 -31.63 -9.27 -40.28
C VAL F 407 -30.95 -8.80 -39.00
N SER F 408 -29.65 -8.51 -39.11
CA SER F 408 -28.84 -8.12 -37.97
C SER F 408 -28.29 -6.74 -38.26
N MET F 409 -28.29 -5.89 -37.25
CA MET F 409 -27.74 -4.57 -37.43
C MET F 409 -26.41 -4.48 -36.71
N TRP F 410 -25.52 -3.60 -37.16
CA TRP F 410 -24.21 -3.59 -36.55
C TRP F 410 -24.14 -2.47 -35.52
N GLY F 411 -24.51 -2.82 -34.29
CA GLY F 411 -24.63 -1.87 -33.20
C GLY F 411 -26.04 -1.54 -32.74
N VAL F 412 -26.16 -1.23 -31.45
CA VAL F 412 -27.43 -0.82 -30.87
C VAL F 412 -27.52 0.70 -30.86
N SER F 413 -26.61 1.34 -30.13
CA SER F 413 -26.57 2.80 -29.96
C SER F 413 -25.63 3.49 -30.96
N ASP F 414 -26.03 4.66 -31.46
CA ASP F 414 -25.21 5.44 -32.39
C ASP F 414 -23.82 5.71 -31.87
N ARG F 415 -23.72 5.98 -30.57
CA ARG F 415 -22.47 6.36 -29.95
C ARG F 415 -21.43 5.26 -30.07
N TYR F 416 -21.89 4.01 -30.06
CA TYR F 416 -20.98 2.87 -30.10
C TYR F 416 -20.85 2.23 -31.49
N SER F 417 -21.57 2.78 -32.47
CA SER F 417 -21.36 2.38 -33.86
C SER F 417 -19.91 2.63 -34.27
N TRP F 418 -19.33 1.73 -35.05
CA TRP F 418 -18.05 1.95 -35.73
C TRP F 418 -18.08 3.13 -36.68
N ARG F 419 -19.28 3.49 -37.08
CA ARG F 419 -19.64 4.59 -37.97
C ARG F 419 -20.31 5.80 -37.27
N SER F 420 -20.11 5.93 -35.96
CA SER F 420 -20.92 6.83 -35.11
C SER F 420 -21.19 8.22 -35.70
N GLY F 421 -20.20 8.78 -36.39
CA GLY F 421 -20.35 10.09 -37.01
C GLY F 421 -21.49 10.20 -38.01
N GLY F 422 -22.02 9.07 -38.46
CA GLY F 422 -23.12 9.06 -39.42
C GLY F 422 -24.47 8.66 -38.84
N LEU F 423 -24.55 8.53 -37.51
CA LEU F 423 -25.80 8.23 -36.78
C LEU F 423 -26.55 7.07 -37.45
N PRO F 424 -25.85 5.96 -37.66
CA PRO F 424 -26.29 4.84 -38.49
C PRO F 424 -27.37 3.90 -37.98
N LEU F 425 -27.74 4.03 -36.72
CA LEU F 425 -28.55 3.03 -36.03
C LEU F 425 -29.94 3.44 -35.52
N LEU F 426 -30.63 2.48 -34.96
CA LEU F 426 -32.01 2.67 -34.50
C LEU F 426 -32.15 3.46 -33.21
N PHE F 427 -31.10 3.45 -32.40
CA PHE F 427 -31.12 4.16 -31.12
C PHE F 427 -30.02 5.19 -31.06
N ASP F 428 -30.27 6.24 -30.30
CA ASP F 428 -29.30 7.33 -30.17
C ASP F 428 -28.26 7.09 -29.08
N ALA F 429 -27.42 8.09 -28.84
CA ALA F 429 -26.31 7.96 -27.89
C ALA F 429 -26.77 7.73 -26.46
N ASP F 430 -28.00 8.07 -26.13
CA ASP F 430 -28.56 7.76 -24.82
C ASP F 430 -29.46 6.54 -24.79
N ASN F 431 -29.31 5.66 -25.76
CA ASN F 431 -30.11 4.43 -25.82
C ASN F 431 -31.63 4.64 -25.98
N LYS F 432 -32.02 5.80 -26.52
CA LYS F 432 -33.44 6.08 -26.74
C LYS F 432 -33.80 5.86 -28.19
N ALA F 433 -35.04 5.41 -28.42
CA ALA F 433 -35.51 5.11 -29.78
C ALA F 433 -35.53 6.35 -30.69
N LYS F 434 -34.87 6.25 -31.83
CA LYS F 434 -34.85 7.30 -32.86
C LYS F 434 -36.06 7.16 -33.79
N PRO F 435 -36.39 8.20 -34.58
CA PRO F 435 -37.46 7.99 -35.56
C PRO F 435 -37.27 6.73 -36.41
N ALA F 436 -36.01 6.35 -36.66
CA ALA F 436 -35.67 5.15 -37.42
C ALA F 436 -36.20 3.88 -36.77
N TYR F 437 -36.23 3.84 -35.45
CA TYR F 437 -36.73 2.67 -34.75
C TYR F 437 -38.18 2.39 -35.14
N TYR F 438 -39.02 3.41 -35.07
CA TYR F 438 -40.46 3.25 -35.30
C TYR F 438 -40.76 2.89 -36.77
N SER F 439 -39.92 3.39 -37.66
CA SER F 439 -40.08 3.15 -39.09
C SER F 439 -39.62 1.75 -39.41
N PHE F 440 -38.59 1.31 -38.69
CA PHE F 440 -38.09 -0.05 -38.82
C PHE F 440 -39.21 -1.05 -38.48
N VAL F 441 -39.83 -0.88 -37.33
CA VAL F 441 -40.87 -1.78 -36.88
C VAL F 441 -42.15 -1.74 -37.73
N ARG F 442 -42.52 -0.55 -38.18
CA ARG F 442 -43.76 -0.33 -38.90
C ARG F 442 -43.75 -0.99 -40.28
N ALA F 443 -42.57 -1.31 -40.77
CA ALA F 443 -42.45 -1.97 -42.07
C ALA F 443 -43.22 -3.30 -42.14
N ARG F 444 -43.31 -3.98 -40.99
CA ARG F 444 -44.08 -5.22 -40.93
C ARG F 444 -45.57 -4.96 -41.16
N GLU F 445 -46.11 -3.94 -40.50
CA GLU F 445 -47.50 -3.56 -40.69
C GLU F 445 -47.73 -3.17 -42.14
N ASP F 446 -46.76 -2.43 -42.68
CA ASP F 446 -46.82 -1.89 -44.03
C ASP F 446 -46.82 -3.01 -45.06
N TYR F 447 -45.92 -3.97 -44.89
CA TYR F 447 -45.79 -5.12 -45.79
C TYR F 447 -47.01 -6.03 -45.73
N GLU F 448 -47.55 -6.21 -44.53
CA GLU F 448 -48.74 -7.03 -44.36
C GLU F 448 -49.99 -6.40 -44.99
N ALA F 449 -50.26 -5.13 -44.70
CA ALA F 449 -51.37 -4.42 -45.35
C ALA F 449 -51.27 -4.46 -46.89
N ALA F 450 -50.09 -4.17 -47.42
CA ALA F 450 -49.88 -4.16 -48.87
C ALA F 450 -50.22 -5.51 -49.51
N LYS F 451 -49.89 -6.58 -48.80
CA LYS F 451 -50.23 -7.93 -49.24
C LYS F 451 -51.73 -8.20 -49.12
N ALA F 452 -52.34 -7.67 -48.05
CA ALA F 452 -53.73 -7.95 -47.70
C ALA F 452 -54.75 -7.62 -48.81
N ALA F 453 -54.35 -6.76 -49.74
CA ALA F 453 -55.11 -6.60 -50.98
C ALA F 453 -54.31 -7.29 -52.09
N LYS F 454 -54.95 -8.22 -52.78
CA LYS F 454 -54.26 -9.22 -53.56
C LYS F 454 -54.84 -9.36 -54.98
N ASN G 3 26.45 -28.46 71.57
CA ASN G 3 26.54 -29.90 71.84
C ASN G 3 27.60 -30.59 70.97
N GLU G 4 28.42 -29.76 70.33
CA GLU G 4 29.50 -30.15 69.46
C GLU G 4 30.72 -30.58 70.25
N ILE G 5 31.55 -31.44 69.65
CA ILE G 5 32.91 -31.55 70.11
C ILE G 5 33.90 -31.24 68.99
N THR G 6 35.04 -30.68 69.34
CA THR G 6 36.03 -30.32 68.35
C THR G 6 37.33 -31.08 68.62
N LEU G 7 37.81 -31.79 67.61
CA LEU G 7 38.95 -32.67 67.75
C LEU G 7 40.01 -32.38 66.70
N THR G 8 41.25 -32.25 67.15
CA THR G 8 42.35 -32.12 66.22
C THR G 8 42.42 -33.40 65.38
N ILE G 9 42.67 -33.26 64.08
CA ILE G 9 42.72 -34.42 63.22
C ILE G 9 43.78 -35.38 63.78
N GLY G 10 43.39 -36.64 63.98
CA GLY G 10 44.23 -37.63 64.61
C GLY G 10 43.87 -37.88 66.07
N GLN G 11 43.22 -36.92 66.71
CA GLN G 11 42.80 -37.07 68.10
C GLN G 11 41.65 -38.05 68.25
N GLN G 12 41.72 -38.86 69.30
CA GLN G 12 40.66 -39.82 69.61
C GLN G 12 39.98 -39.42 70.90
N LYS G 13 38.66 -39.67 70.97
CA LYS G 13 37.90 -39.32 72.16
C LYS G 13 36.90 -40.42 72.50
N ASP G 14 36.76 -40.69 73.80
CA ASP G 14 35.71 -41.54 74.28
C ASP G 14 34.45 -40.70 74.37
N LEU G 15 33.40 -41.10 73.65
CA LEU G 15 32.13 -40.40 73.62
C LEU G 15 31.26 -40.76 74.82
N ALA G 16 31.71 -41.73 75.61
CA ALA G 16 30.88 -42.36 76.65
C ALA G 16 30.24 -41.40 77.66
N SER G 17 30.81 -40.22 77.85
CA SER G 17 30.23 -39.23 78.74
C SER G 17 28.94 -38.68 78.19
N MET G 18 28.82 -38.72 76.87
CA MET G 18 27.68 -38.10 76.20
C MET G 18 26.52 -39.06 75.94
N VAL G 19 26.66 -40.31 76.39
CA VAL G 19 25.54 -41.25 76.35
C VAL G 19 24.67 -41.01 77.59
N PRO G 20 23.39 -40.66 77.38
CA PRO G 20 22.53 -40.18 78.47
C PRO G 20 22.27 -41.26 79.51
N ALA G 21 22.02 -40.84 80.75
CA ALA G 21 21.83 -41.75 81.88
C ALA G 21 20.67 -42.72 81.68
N LYS G 22 19.66 -42.28 80.95
CA LYS G 22 18.46 -43.08 80.74
C LYS G 22 18.80 -44.31 79.93
N PHE G 23 19.73 -44.16 79.00
CA PHE G 23 20.12 -45.21 78.07
C PHE G 23 20.62 -46.51 78.74
N ALA G 24 21.72 -46.34 79.42
CA ALA G 24 22.62 -47.37 79.86
C ALA G 24 22.04 -48.36 80.85
N GLY G 25 22.42 -49.60 80.64
CA GLY G 25 21.78 -50.78 81.14
C GLY G 25 21.41 -51.40 79.81
N GLN G 26 21.44 -50.56 78.79
CA GLN G 26 21.04 -50.95 77.46
C GLN G 26 22.31 -51.13 76.67
N GLU G 27 22.26 -51.98 75.64
CA GLU G 27 23.43 -52.36 74.85
C GLU G 27 23.59 -51.45 73.63
N LEU G 28 24.68 -50.70 73.58
CA LEU G 28 24.82 -49.59 72.64
C LEU G 28 25.14 -50.02 71.21
N SER G 29 24.77 -49.16 70.26
CA SER G 29 25.17 -49.30 68.87
C SER G 29 25.71 -47.97 68.33
N TRP G 30 26.93 -48.00 67.79
CA TRP G 30 27.61 -46.78 67.39
C TRP G 30 27.82 -46.66 65.88
N THR G 31 27.33 -45.59 65.28
CA THR G 31 27.58 -45.31 63.87
C THR G 31 27.92 -43.84 63.62
N SER G 32 28.58 -43.56 62.49
CA SER G 32 28.92 -42.20 62.12
C SER G 32 28.28 -41.80 60.78
N SER G 33 27.91 -40.53 60.67
CA SER G 33 27.37 -40.03 59.41
C SER G 33 28.40 -40.10 58.28
N ASP G 34 29.67 -39.86 58.60
CA ASP G 34 30.75 -39.90 57.60
C ASP G 34 32.00 -40.56 58.18
N PRO G 35 32.06 -41.90 58.12
CA PRO G 35 33.16 -42.70 58.68
C PRO G 35 34.55 -42.27 58.19
N GLU G 36 34.62 -41.64 57.02
CA GLU G 36 35.90 -41.19 56.49
C GLU G 36 36.32 -39.85 57.09
N THR G 37 35.36 -39.13 57.65
CA THR G 37 35.63 -37.83 58.26
C THR G 37 35.93 -38.01 59.73
N ALA G 38 34.98 -38.60 60.45
CA ALA G 38 35.22 -39.11 61.80
C ALA G 38 34.69 -40.53 61.89
N SER G 39 35.47 -41.42 62.49
CA SER G 39 35.09 -42.83 62.59
C SER G 39 34.80 -43.18 64.03
N VAL G 40 33.99 -44.21 64.24
CA VAL G 40 33.60 -44.61 65.59
C VAL G 40 33.70 -46.12 65.83
N THR G 41 33.79 -46.50 67.10
CA THR G 41 33.94 -47.90 67.51
C THR G 41 32.72 -48.36 68.28
N ASP G 42 32.51 -49.67 68.33
CA ASP G 42 31.40 -50.27 69.08
C ASP G 42 31.46 -49.89 70.56
N LYS G 43 32.63 -49.45 71.02
CA LYS G 43 32.78 -48.96 72.38
C LYS G 43 32.62 -47.44 72.45
N GLY G 44 32.27 -46.82 71.32
CA GLY G 44 32.01 -45.39 71.30
C GLY G 44 33.21 -44.47 71.35
N ILE G 45 34.28 -44.84 70.63
CA ILE G 45 35.45 -43.98 70.56
C ILE G 45 35.59 -43.38 69.17
N VAL G 46 35.58 -42.04 69.12
CA VAL G 46 35.58 -41.32 67.85
C VAL G 46 37.00 -40.86 67.45
N THR G 47 37.35 -41.06 66.18
CA THR G 47 38.65 -40.60 65.69
C THR G 47 38.48 -39.61 64.55
N ALA G 48 39.03 -38.39 64.74
CA ALA G 48 39.04 -37.42 63.64
C ALA G 48 40.09 -37.80 62.60
N LEU G 49 39.68 -37.79 61.33
CA LEU G 49 40.48 -38.32 60.23
C LEU G 49 40.83 -37.25 59.19
N LYS G 50 39.79 -36.64 58.61
CA LYS G 50 39.98 -35.69 57.53
C LYS G 50 39.24 -34.36 57.74
N PHE G 51 39.54 -33.39 56.87
CA PHE G 51 38.65 -32.25 56.69
C PHE G 51 37.91 -32.49 55.37
N SER G 52 36.92 -31.65 55.06
CA SER G 52 36.18 -31.74 53.80
C SER G 52 36.59 -30.70 52.77
N SER G 53 37.32 -29.69 53.23
CA SER G 53 37.37 -28.41 52.54
C SER G 53 38.74 -27.76 52.34
N GLY G 54 39.40 -27.39 53.43
CA GLY G 54 40.45 -26.39 53.36
C GLY G 54 41.82 -26.73 52.75
N GLY G 55 41.93 -27.89 52.11
CA GLY G 55 43.14 -28.25 51.41
C GLY G 55 43.52 -27.12 50.48
N ALA G 56 44.81 -26.83 50.38
CA ALA G 56 45.33 -25.73 49.56
C ALA G 56 45.14 -24.32 50.16
N ASN G 57 44.29 -24.18 51.18
CA ASN G 57 44.25 -22.93 51.95
C ASN G 57 45.51 -22.81 52.82
N LEU G 58 46.07 -21.61 52.94
CA LEU G 58 47.15 -21.41 53.89
C LEU G 58 46.64 -21.57 55.32
N PHE G 59 47.34 -22.37 56.10
CA PHE G 59 46.91 -22.75 57.44
C PHE G 59 46.68 -21.56 58.36
N LEU G 60 47.56 -20.56 58.28
CA LEU G 60 47.43 -19.37 59.13
C LEU G 60 46.21 -18.54 58.75
N LYS G 61 45.75 -18.74 57.53
CA LYS G 61 44.69 -17.93 56.96
C LYS G 61 43.36 -18.55 57.31
N ALA G 62 43.15 -19.76 56.83
CA ALA G 62 41.93 -20.53 57.11
C ALA G 62 42.20 -21.99 57.44
N PRO G 63 42.36 -22.31 58.73
CA PRO G 63 42.52 -23.71 59.14
C PRO G 63 41.38 -24.56 58.61
N ALA G 64 41.69 -25.68 57.96
CA ALA G 64 40.65 -26.58 57.44
C ALA G 64 39.87 -27.29 58.54
N THR G 65 38.57 -27.45 58.31
CA THR G 65 37.72 -28.22 59.23
C THR G 65 36.84 -29.20 58.47
N GLY G 66 36.24 -30.12 59.22
CA GLY G 66 35.30 -31.09 58.71
C GLY G 66 34.28 -31.31 59.80
N GLU G 67 33.25 -32.10 59.53
CA GLU G 67 32.24 -32.39 60.55
C GLU G 67 31.58 -33.74 60.33
N ALA G 68 31.18 -34.37 61.43
CA ALA G 68 30.52 -35.67 61.38
C ALA G 68 29.49 -35.80 62.48
N ILE G 69 28.41 -36.52 62.20
CA ILE G 69 27.38 -36.80 63.21
C ILE G 69 27.59 -38.19 63.75
N ILE G 70 27.80 -38.28 65.06
CA ILE G 70 27.99 -39.58 65.67
C ILE G 70 26.69 -39.97 66.36
N THR G 71 26.23 -41.19 66.13
CA THR G 71 24.99 -41.68 66.74
C THR G 71 25.19 -42.93 67.60
N VAL G 72 24.73 -42.86 68.85
CA VAL G 72 24.61 -44.04 69.70
C VAL G 72 23.14 -44.47 69.81
N THR G 73 22.84 -45.65 69.29
CA THR G 73 21.51 -46.21 69.47
C THR G 73 21.57 -47.34 70.49
N ALA G 74 20.53 -47.42 71.30
CA ALA G 74 20.22 -48.64 72.02
C ALA G 74 18.70 -48.75 72.13
N GLY G 75 18.16 -49.91 71.76
CA GLY G 75 16.75 -50.18 71.96
C GLY G 75 15.77 -49.18 71.34
N LYS G 76 15.82 -49.03 70.02
CA LYS G 76 14.86 -48.21 69.29
C LYS G 76 14.97 -46.72 69.61
N GLN G 77 15.83 -46.37 70.56
CA GLN G 77 16.11 -44.98 70.84
C GLN G 77 17.58 -44.64 70.62
N SER G 78 17.86 -43.36 70.39
CA SER G 78 19.19 -42.94 69.97
C SER G 78 19.55 -41.55 70.46
N HIS G 79 20.85 -41.26 70.48
CA HIS G 79 21.34 -39.92 70.77
C HIS G 79 22.39 -39.53 69.72
N SER G 80 22.60 -38.23 69.52
CA SER G 80 23.47 -37.76 68.44
C SER G 80 24.49 -36.73 68.91
N VAL G 81 25.71 -36.86 68.43
CA VAL G 81 26.78 -35.91 68.76
C VAL G 81 27.48 -35.41 67.49
N LYS G 82 27.63 -34.09 67.40
CA LYS G 82 28.36 -33.42 66.32
C LYS G 82 29.86 -33.31 66.58
N VAL G 83 30.65 -33.93 65.73
CA VAL G 83 32.11 -33.83 65.84
C VAL G 83 32.65 -32.91 64.77
N ILE G 84 33.32 -31.84 65.20
CA ILE G 84 34.01 -30.97 64.26
C ILE G 84 35.50 -31.29 64.26
N THR G 85 36.02 -31.74 63.11
CA THR G 85 37.43 -32.12 62.97
C THR G 85 38.24 -30.94 62.46
N THR G 86 39.48 -30.77 62.96
CA THR G 86 40.28 -29.63 62.55
C THR G 86 41.78 -29.88 62.53
N VAL G 87 42.47 -29.17 61.62
CA VAL G 87 43.92 -29.25 61.57
C VAL G 87 44.53 -28.44 62.71
N LYS G 88 43.75 -27.50 63.26
CA LYS G 88 44.19 -26.66 64.37
C LYS G 88 44.45 -27.52 65.59
N GLY G 89 45.51 -27.19 66.34
CA GLY G 89 45.82 -27.91 67.57
C GLY G 89 44.84 -27.55 68.70
N LYS G 90 44.49 -28.57 69.49
CA LYS G 90 43.60 -28.44 70.64
C LYS G 90 44.25 -28.69 72.01
N GLU G 91 44.80 -29.88 72.19
CA GLU G 91 45.30 -30.32 73.50
C GLU G 91 46.70 -29.82 73.85
N ASP G 92 46.82 -29.12 74.98
CA ASP G 92 48.12 -28.62 75.43
C ASP G 92 49.10 -29.76 75.71
N ILE G 93 50.38 -29.48 75.52
CA ILE G 93 51.42 -30.48 75.68
C ILE G 93 51.43 -31.18 77.05
N GLU G 94 51.19 -30.41 78.10
CA GLU G 94 51.28 -30.93 79.46
C GLU G 94 50.16 -31.94 79.75
N LYS G 95 49.00 -31.71 79.13
CA LYS G 95 47.83 -32.54 79.37
C LYS G 95 47.94 -33.89 78.68
N LEU G 96 48.98 -34.04 77.88
CA LEU G 96 49.19 -35.30 77.17
C LEU G 96 50.05 -36.29 77.97
N PRO G 97 49.85 -37.58 77.75
CA PRO G 97 50.65 -38.60 78.42
C PRO G 97 52.09 -38.58 77.91
N PRO G 98 53.07 -38.97 78.77
CA PRO G 98 54.51 -38.87 78.42
C PRO G 98 54.86 -39.59 77.10
N LEU G 99 55.50 -38.88 76.19
CA LEU G 99 55.97 -39.43 74.95
C LEU G 99 56.99 -40.57 75.15
N LYS G 100 57.82 -40.45 76.18
CA LYS G 100 58.85 -41.45 76.44
C LYS G 100 58.28 -42.83 76.84
N ASP G 101 57.16 -42.82 77.57
CA ASP G 101 56.50 -44.05 78.02
C ASP G 101 55.99 -44.91 76.86
N HIS G 102 55.43 -44.25 75.86
CA HIS G 102 54.80 -44.92 74.73
C HIS G 102 55.84 -45.72 73.93
N PHE G 103 57.03 -45.16 73.80
CA PHE G 103 58.10 -45.82 73.05
C PHE G 103 59.16 -46.55 73.90
N LYS G 104 58.93 -46.69 75.21
CA LYS G 104 59.94 -47.21 76.14
C LYS G 104 60.69 -48.49 75.71
N ASP G 105 59.99 -49.44 75.10
CA ASP G 105 60.59 -50.73 74.79
C ASP G 105 61.23 -50.70 73.43
N TYR G 106 61.20 -49.53 72.83
CA TYR G 106 61.78 -49.32 71.51
C TYR G 106 63.10 -48.54 71.59
N PHE G 107 63.05 -47.34 72.18
CA PHE G 107 64.18 -46.42 72.19
C PHE G 107 63.93 -45.21 73.08
N LEU G 108 64.99 -44.49 73.42
CA LEU G 108 64.86 -43.28 74.22
C LEU G 108 64.17 -42.23 73.36
N ILE G 109 63.22 -41.51 73.96
CA ILE G 109 62.60 -40.40 73.26
C ILE G 109 63.22 -39.11 73.78
N GLY G 110 63.64 -38.24 72.89
CA GLY G 110 64.39 -37.10 73.33
C GLY G 110 64.11 -35.82 72.57
N ASN G 111 64.64 -34.73 73.11
CA ASN G 111 64.39 -33.44 72.54
C ASN G 111 65.54 -32.53 72.94
N ILE G 112 65.37 -31.23 72.73
CA ILE G 112 66.46 -30.30 73.01
C ILE G 112 66.07 -29.34 74.12
N PHE G 113 67.06 -28.71 74.74
CA PHE G 113 66.80 -27.59 75.67
C PHE G 113 67.87 -26.51 75.61
N ASN G 114 67.56 -25.37 76.21
CA ASN G 114 68.49 -24.23 76.24
C ASN G 114 68.62 -23.70 77.68
N ASN G 115 69.49 -22.71 77.88
CA ASN G 115 69.63 -22.07 79.19
C ASN G 115 68.31 -21.46 79.65
N ARG G 116 67.57 -20.90 78.70
CA ARG G 116 66.21 -20.41 78.89
C ARG G 116 65.25 -21.38 79.58
N ASP G 117 65.43 -22.66 79.31
CA ASP G 117 64.60 -23.70 79.90
C ASP G 117 64.93 -23.96 81.38
N VAL G 118 65.98 -23.31 81.87
CA VAL G 118 66.48 -23.60 83.21
C VAL G 118 66.52 -22.35 84.07
N SER G 119 66.00 -22.47 85.29
CA SER G 119 66.09 -21.40 86.27
C SER G 119 66.84 -21.94 87.50
N GLY G 120 68.01 -21.39 87.76
CA GLY G 120 68.84 -21.90 88.85
C GLY G 120 69.34 -23.30 88.60
N SER G 121 69.03 -24.20 89.52
CA SER G 121 69.44 -25.59 89.40
C SER G 121 68.35 -26.47 88.80
N MET G 122 67.22 -25.87 88.44
CA MET G 122 66.07 -26.66 87.99
C MET G 122 65.36 -26.12 86.74
N MET G 123 64.70 -27.01 86.00
CA MET G 123 63.93 -26.66 84.81
C MET G 123 62.78 -25.67 85.11
N ASP G 124 62.55 -24.75 84.18
CA ASP G 124 61.51 -23.74 84.29
C ASP G 124 60.16 -24.22 83.71
N ASN G 125 60.16 -25.35 83.00
CA ASN G 125 58.92 -25.90 82.48
C ASN G 125 58.87 -27.41 82.68
N ASP G 126 57.67 -27.93 82.89
CA ASP G 126 57.52 -29.35 83.20
C ASP G 126 57.48 -30.27 81.97
N TRP G 127 57.14 -29.72 80.81
CA TRP G 127 56.90 -30.58 79.64
C TRP G 127 58.14 -31.34 79.17
N LEU G 128 59.33 -30.77 79.39
CA LEU G 128 60.56 -31.42 78.95
C LEU G 128 60.80 -32.74 79.70
N ALA G 129 60.73 -32.67 81.02
CA ALA G 129 60.98 -33.85 81.84
C ALA G 129 59.79 -34.82 81.77
N HIS G 130 58.61 -34.26 81.53
CA HIS G 130 57.39 -35.05 81.36
C HIS G 130 57.53 -35.98 80.15
N HIS G 131 57.80 -35.39 79.00
CA HIS G 131 57.82 -36.14 77.73
C HIS G 131 59.12 -36.85 77.34
N TYR G 132 60.27 -36.31 77.73
CA TYR G 132 61.53 -36.77 77.13
C TYR G 132 62.49 -37.42 78.12
N ALA G 133 63.15 -38.48 77.63
CA ALA G 133 64.11 -39.25 78.41
C ALA G 133 65.48 -38.58 78.43
N ILE G 134 65.87 -38.08 77.26
CA ILE G 134 67.20 -37.55 77.08
C ILE G 134 67.13 -36.21 76.34
N LEU G 135 68.04 -35.30 76.67
CA LEU G 135 68.00 -33.96 76.10
C LEU G 135 69.35 -33.60 75.50
N THR G 136 69.32 -33.01 74.29
CA THR G 136 70.52 -32.46 73.68
C THR G 136 70.49 -30.96 73.88
N PRO G 137 71.54 -30.36 74.46
CA PRO G 137 71.55 -28.90 74.48
C PRO G 137 71.61 -28.39 73.02
N GLU G 138 70.68 -27.51 72.64
CA GLU G 138 70.68 -27.00 71.27
C GLU G 138 71.97 -26.26 70.93
N ASN G 139 72.50 -25.55 71.93
CA ASN G 139 73.50 -24.50 71.75
C ASN G 139 74.73 -24.53 72.65
N HIS G 140 74.46 -24.62 73.95
CA HIS G 140 75.44 -24.32 75.00
C HIS G 140 76.58 -25.32 75.21
N MET G 141 76.52 -26.46 74.53
CA MET G 141 77.71 -27.29 74.44
C MET G 141 78.52 -27.21 73.15
N LYS G 142 78.14 -26.30 72.25
CA LYS G 142 78.95 -26.03 71.08
C LYS G 142 80.28 -25.41 71.51
N PRO G 143 81.32 -25.58 70.70
CA PRO G 143 82.67 -25.12 71.08
C PRO G 143 82.76 -23.64 71.47
N SER G 144 82.13 -22.76 70.71
CA SER G 144 82.18 -21.32 71.00
C SER G 144 81.57 -21.00 72.35
N ASN G 145 80.59 -21.81 72.74
CA ASN G 145 79.93 -21.62 74.02
C ASN G 145 80.63 -22.35 75.18
N LEU G 146 81.53 -23.28 74.84
CA LEU G 146 82.45 -23.93 75.79
C LEU G 146 83.80 -23.25 76.06
N THR G 147 84.35 -22.61 75.04
CA THR G 147 85.69 -22.00 75.15
C THR G 147 85.78 -20.71 74.36
N ASN G 148 86.30 -19.65 74.98
CA ASN G 148 86.51 -18.35 74.35
C ASN G 148 87.95 -17.90 74.07
N ASN G 149 88.96 -18.70 74.43
CA ASN G 149 90.34 -18.28 74.33
C ASN G 149 91.32 -19.42 74.54
N ARG G 150 92.55 -19.22 74.10
CA ARG G 150 93.65 -20.12 74.40
C ARG G 150 94.92 -19.31 74.57
N ASN G 151 95.64 -19.60 75.64
CA ASN G 151 96.80 -18.82 76.01
C ASN G 151 97.95 -19.22 75.09
N GLU G 152 98.46 -18.27 74.30
CA GLU G 152 99.49 -18.58 73.31
C GLU G 152 100.82 -18.94 73.95
N THR G 153 101.00 -18.48 75.19
CA THR G 153 102.23 -18.71 75.94
C THR G 153 102.23 -20.09 76.63
N THR G 154 101.27 -20.33 77.53
CA THR G 154 101.24 -21.59 78.28
C THR G 154 100.57 -22.76 77.56
N GLY G 155 99.62 -22.45 76.65
CA GLY G 155 98.77 -23.47 76.09
C GLY G 155 97.43 -23.61 76.81
N GLU G 156 97.28 -22.94 77.95
CA GLU G 156 96.02 -23.03 78.69
C GLU G 156 94.80 -22.60 77.86
N ILE G 157 93.84 -23.50 77.75
CA ILE G 157 92.59 -23.17 77.09
C ILE G 157 91.64 -22.60 78.13
N THR G 158 90.98 -21.49 77.82
CA THR G 158 89.99 -20.94 78.74
C THR G 158 88.62 -21.53 78.46
N TYR G 159 87.98 -22.10 79.48
CA TYR G 159 86.67 -22.69 79.29
C TYR G 159 85.61 -21.81 79.92
N THR G 160 84.42 -21.79 79.30
CA THR G 160 83.26 -21.25 79.99
C THR G 160 82.22 -22.35 80.21
N PHE G 161 82.29 -22.99 81.38
CA PHE G 161 81.48 -24.16 81.68
C PHE G 161 80.21 -23.85 82.43
N SER G 162 80.06 -22.63 82.93
CA SER G 162 79.04 -22.31 83.93
C SER G 162 77.59 -22.61 83.49
N THR G 163 77.23 -22.17 82.29
CA THR G 163 75.85 -22.33 81.81
C THR G 163 75.49 -23.78 81.52
N ALA G 164 76.35 -24.46 80.76
CA ALA G 164 76.12 -25.85 80.42
C ALA G 164 76.13 -26.72 81.69
N ASP G 165 76.88 -26.26 82.71
CA ASP G 165 76.90 -26.94 84.00
C ASP G 165 75.53 -26.89 84.65
N ARG G 166 74.93 -25.70 84.64
CA ARG G 166 73.61 -25.49 85.22
C ARG G 166 72.60 -26.37 84.49
N MET G 167 72.72 -26.41 83.17
CA MET G 167 71.80 -27.19 82.36
C MET G 167 71.89 -28.67 82.66
N VAL G 168 73.11 -29.21 82.62
CA VAL G 168 73.34 -30.63 82.85
C VAL G 168 72.81 -31.08 84.21
N ASN G 169 73.16 -30.34 85.26
CA ASN G 169 72.71 -30.68 86.61
C ASN G 169 71.20 -30.58 86.82
N ALA G 170 70.54 -29.74 86.03
CA ALA G 170 69.09 -29.62 86.11
C ALA G 170 68.42 -30.78 85.39
N ALA G 171 69.04 -31.24 84.30
CA ALA G 171 68.54 -32.40 83.58
C ALA G 171 68.72 -33.69 84.40
N ILE G 172 69.85 -33.81 85.10
CA ILE G 172 70.06 -35.01 85.93
C ILE G 172 69.18 -35.00 87.18
N ALA G 173 68.79 -33.81 87.62
CA ALA G 173 67.94 -33.64 88.79
C ALA G 173 66.47 -33.93 88.49
N GLU G 174 66.11 -33.94 87.22
CA GLU G 174 64.78 -34.40 86.83
C GLU G 174 64.83 -35.86 86.36
N GLY G 175 66.02 -36.44 86.41
CA GLY G 175 66.20 -37.85 86.09
C GLY G 175 66.50 -38.09 84.63
N LEU G 176 66.92 -37.04 83.92
CA LEU G 176 67.09 -37.12 82.48
C LEU G 176 68.53 -37.31 82.06
N LYS G 177 68.71 -38.01 80.95
CA LYS G 177 70.04 -38.21 80.40
C LYS G 177 70.45 -36.98 79.60
N ILE G 178 71.68 -36.98 79.09
CA ILE G 178 72.17 -35.85 78.32
C ILE G 178 72.93 -36.35 77.13
N HIS G 179 72.64 -35.82 75.96
CA HIS G 179 73.45 -36.11 74.79
C HIS G 179 74.30 -34.88 74.48
N GLY G 180 75.63 -35.04 74.51
CA GLY G 180 76.58 -33.97 74.28
C GLY G 180 76.70 -33.53 72.83
N HIS G 181 76.62 -32.23 72.59
CA HIS G 181 76.69 -31.68 71.24
C HIS G 181 77.45 -30.35 71.27
N THR G 182 78.62 -30.19 70.63
CA THR G 182 79.45 -31.21 70.01
C THR G 182 80.92 -30.74 70.19
N LEU G 183 81.90 -31.64 70.02
CA LEU G 183 83.30 -31.28 70.31
C LEU G 183 84.02 -30.66 69.11
N LEU G 184 84.09 -31.41 68.03
CA LEU G 184 84.75 -30.95 66.81
C LEU G 184 83.73 -30.56 65.74
N TRP G 185 83.91 -29.38 65.17
CA TRP G 185 82.98 -28.88 64.15
C TRP G 185 83.67 -27.81 63.31
N HIS G 186 83.10 -27.52 62.15
CA HIS G 186 83.65 -26.52 61.26
C HIS G 186 83.00 -25.16 61.44
N GLN G 187 82.00 -25.08 62.30
CA GLN G 187 81.37 -23.79 62.54
C GLN G 187 81.01 -23.65 63.99
N GLN G 188 80.75 -22.41 64.41
CA GLN G 188 80.39 -22.08 65.79
C GLN G 188 81.53 -22.50 66.70
N ILE G 189 82.75 -22.18 66.27
CA ILE G 189 83.95 -22.49 67.02
C ILE G 189 84.65 -21.18 67.36
N PRO G 190 85.48 -21.19 68.40
CA PRO G 190 86.16 -19.95 68.79
C PRO G 190 87.31 -19.63 67.84
N PRO G 191 87.72 -18.35 67.79
CA PRO G 191 88.80 -17.93 66.89
C PRO G 191 90.04 -18.81 67.07
N TRP G 192 90.34 -19.18 68.31
CA TRP G 192 91.52 -19.98 68.56
C TRP G 192 91.42 -21.34 67.90
N GLN G 193 90.20 -21.88 67.80
CA GLN G 193 90.03 -23.17 67.15
C GLN G 193 90.11 -23.00 65.63
N ARG G 194 89.56 -21.89 65.13
CA ARG G 194 89.68 -21.54 63.72
C ARG G 194 91.16 -21.40 63.34
N SER G 195 91.93 -20.72 64.19
CA SER G 195 93.35 -20.54 63.97
C SER G 195 94.14 -21.85 63.96
N MET G 196 93.51 -22.95 64.38
CA MET G 196 94.17 -24.24 64.36
C MET G 196 94.24 -24.85 62.96
N GLU G 197 93.52 -24.30 62.00
CA GLU G 197 93.54 -24.91 60.67
C GLU G 197 94.90 -24.76 60.01
N SER G 198 95.59 -23.67 60.36
CA SER G 198 96.95 -23.40 59.87
C SER G 198 98.02 -23.92 60.83
N ALA G 199 97.60 -24.68 61.84
CA ALA G 199 98.54 -25.29 62.77
C ALA G 199 99.27 -26.47 62.15
N ALA G 200 100.53 -26.66 62.54
CA ALA G 200 101.30 -27.81 62.11
C ALA G 200 100.67 -29.07 62.71
N LYS G 201 100.73 -30.18 61.98
CA LYS G 201 100.00 -31.40 62.32
C LYS G 201 100.12 -31.90 63.78
N ASP G 202 101.35 -32.04 64.28
CA ASP G 202 101.54 -32.67 65.58
C ASP G 202 101.09 -31.83 66.77
N ALA G 203 101.29 -30.53 66.67
CA ALA G 203 100.84 -29.63 67.73
C ALA G 203 99.32 -29.55 67.72
N ALA G 204 98.72 -29.61 66.52
CA ALA G 204 97.27 -29.53 66.39
C ALA G 204 96.64 -30.75 67.05
N LEU G 205 97.22 -31.90 66.74
CA LEU G 205 96.82 -33.17 67.35
C LEU G 205 96.78 -33.10 68.87
N SER G 206 97.85 -32.61 69.47
CA SER G 206 97.96 -32.57 70.92
C SER G 206 96.94 -31.59 71.50
N VAL G 207 96.77 -30.47 70.82
CA VAL G 207 95.79 -29.46 71.21
C VAL G 207 94.40 -30.09 71.14
N MET G 208 94.11 -30.77 70.03
CA MET G 208 92.83 -31.44 69.84
C MET G 208 92.53 -32.40 70.99
N LYS G 209 93.44 -33.29 71.30
CA LYS G 209 93.22 -34.25 72.36
C LYS G 209 93.04 -33.57 73.69
N LYS G 210 93.83 -32.54 73.94
CA LYS G 210 93.69 -31.74 75.15
C LYS G 210 92.28 -31.19 75.31
N TYR G 211 91.78 -30.53 74.25
CA TYR G 211 90.44 -29.96 74.28
C TYR G 211 89.39 -31.05 74.56
N ILE G 212 89.40 -32.10 73.74
CA ILE G 212 88.46 -33.22 73.95
C ILE G 212 88.52 -33.75 75.39
N THR G 213 89.73 -33.93 75.90
CA THR G 213 89.92 -34.57 77.19
C THR G 213 89.40 -33.71 78.33
N GLU G 214 89.74 -32.43 78.31
CA GLU G 214 89.35 -31.51 79.38
C GLU G 214 87.83 -31.26 79.35
N VAL G 215 87.22 -31.13 78.17
CA VAL G 215 85.77 -30.97 78.15
C VAL G 215 85.10 -32.23 78.67
N MET G 216 85.50 -33.37 78.13
CA MET G 216 84.85 -34.62 78.52
C MET G 216 85.10 -34.97 79.98
N THR G 217 86.29 -34.62 80.51
CA THR G 217 86.62 -34.91 81.90
C THR G 217 85.78 -34.05 82.83
N HIS G 218 85.51 -32.82 82.42
CA HIS G 218 84.71 -31.91 83.26
C HIS G 218 83.28 -32.43 83.50
N TYR G 219 82.73 -33.09 82.48
CA TYR G 219 81.42 -33.75 82.56
C TYR G 219 81.45 -35.26 82.79
N LYS G 220 82.65 -35.80 83.03
CA LYS G 220 82.87 -37.24 83.01
C LYS G 220 81.84 -38.07 83.81
N GLY G 221 81.32 -39.11 83.19
CA GLY G 221 80.32 -39.96 83.82
C GLY G 221 78.88 -39.45 83.75
N LYS G 222 78.70 -38.17 83.42
CA LYS G 222 77.36 -37.56 83.43
C LYS G 222 76.69 -37.48 82.05
N ILE G 223 77.39 -37.93 81.03
CA ILE G 223 76.87 -37.80 79.69
C ILE G 223 76.59 -39.18 79.08
N TYR G 224 75.35 -39.40 78.64
CA TYR G 224 75.01 -40.69 78.05
C TYR G 224 75.75 -40.91 76.73
N SER G 225 75.77 -39.88 75.90
CA SER G 225 76.39 -39.97 74.58
C SER G 225 76.95 -38.63 74.14
N TRP G 226 78.01 -38.65 73.33
CA TRP G 226 78.67 -37.43 72.84
C TRP G 226 78.75 -37.43 71.32
N ASP G 227 78.51 -36.30 70.67
CA ASP G 227 78.86 -36.17 69.25
C ASP G 227 80.26 -35.57 69.21
N VAL G 228 81.24 -36.41 68.89
CA VAL G 228 82.64 -36.01 69.01
C VAL G 228 82.99 -35.16 67.81
N LEU G 229 82.47 -35.59 66.65
CA LEU G 229 82.70 -34.92 65.38
C LEU G 229 81.34 -34.76 64.70
N ASN G 230 81.09 -33.58 64.15
CA ASN G 230 79.79 -33.27 63.57
C ASN G 230 79.93 -32.76 62.13
N GLU G 231 79.22 -33.37 61.19
CA GLU G 231 79.10 -32.84 59.83
C GLU G 231 80.49 -32.64 59.20
N ILE G 232 81.24 -33.74 59.04
CA ILE G 232 82.58 -33.64 58.47
C ILE G 232 82.55 -33.64 56.94
N PHE G 233 81.50 -34.18 56.34
CA PHE G 233 81.36 -34.18 54.88
C PHE G 233 80.38 -33.11 54.38
N PRO G 234 80.81 -32.32 53.38
CA PRO G 234 79.93 -31.31 52.77
C PRO G 234 78.78 -31.93 51.97
N ASP G 235 79.06 -33.05 51.30
CA ASP G 235 78.09 -33.69 50.41
C ASP G 235 78.39 -35.18 50.17
N GLY G 236 77.73 -35.75 49.17
CA GLY G 236 77.98 -37.13 48.76
C GLY G 236 78.83 -37.29 47.50
N ARG G 237 79.41 -36.18 47.03
CA ARG G 237 80.25 -36.17 45.83
C ARG G 237 81.43 -37.15 45.91
N GLY G 238 82.05 -37.20 47.09
CA GLY G 238 83.29 -37.92 47.28
C GLY G 238 83.24 -39.43 47.07
N ASP G 239 84.23 -39.93 46.33
CA ASP G 239 84.44 -41.36 46.19
C ASP G 239 85.53 -41.87 47.13
N ASN G 240 86.18 -40.96 47.84
CA ASN G 240 87.13 -41.34 48.88
C ASN G 240 87.03 -40.46 50.13
N TRP G 241 86.86 -41.06 51.29
CA TRP G 241 86.47 -40.28 52.45
C TRP G 241 87.62 -39.44 52.95
N THR G 242 88.80 -40.04 53.01
CA THR G 242 89.98 -39.36 53.55
C THR G 242 90.25 -38.00 52.90
N THR G 243 89.94 -37.88 51.61
CA THR G 243 90.05 -36.59 50.92
C THR G 243 88.70 -35.85 50.78
N ALA G 244 87.65 -36.46 51.33
CA ALA G 244 86.29 -35.93 51.18
C ALA G 244 85.94 -34.79 52.14
N MET G 245 86.58 -34.81 53.31
CA MET G 245 86.16 -34.01 54.45
C MET G 245 86.27 -32.50 54.25
N ARG G 246 85.57 -31.74 55.09
CA ARG G 246 85.52 -30.30 54.93
C ARG G 246 86.89 -29.73 55.22
N PRO G 247 87.37 -28.90 54.30
CA PRO G 247 88.59 -28.14 54.55
C PRO G 247 88.30 -27.05 55.55
N GLU G 248 87.03 -26.69 55.64
CA GLU G 248 86.57 -25.65 56.56
C GLU G 248 86.66 -26.11 58.02
N ASN G 249 86.77 -27.42 58.22
CA ASN G 249 86.98 -27.95 59.55
C ASN G 249 88.45 -27.78 59.92
N PRO G 250 88.71 -27.10 61.05
CA PRO G 250 90.08 -26.78 61.49
C PRO G 250 90.94 -28.01 61.75
N TRP G 251 90.37 -29.03 62.40
CA TRP G 251 91.11 -30.23 62.77
C TRP G 251 91.50 -31.09 61.56
N PHE G 252 90.70 -31.05 60.51
CA PHE G 252 91.06 -31.76 59.28
C PHE G 252 92.15 -31.04 58.48
N LYS G 253 92.00 -29.73 58.33
CA LYS G 253 92.93 -28.93 57.53
C LYS G 253 94.34 -29.04 58.12
N SER G 254 94.45 -28.92 59.44
CA SER G 254 95.75 -29.00 60.11
C SER G 254 96.32 -30.43 60.10
N ILE G 255 95.49 -31.39 60.47
CA ILE G 255 95.92 -32.77 60.63
C ILE G 255 95.70 -33.65 59.41
N GLY G 256 94.43 -33.81 59.03
CA GLY G 256 94.06 -34.76 57.99
C GLY G 256 93.35 -35.94 58.61
N SER G 257 92.99 -36.93 57.79
CA SER G 257 92.05 -37.97 58.19
C SER G 257 92.48 -38.81 59.39
N ASP G 258 93.72 -38.65 59.82
CA ASP G 258 94.22 -39.28 61.01
C ASP G 258 93.48 -38.79 62.24
N PHE G 259 92.96 -37.58 62.14
CA PHE G 259 92.36 -36.90 63.29
C PHE G 259 91.15 -37.62 63.87
N VAL G 260 90.32 -38.18 62.99
CA VAL G 260 89.07 -38.83 63.39
C VAL G 260 89.33 -39.92 64.42
N TYR G 261 90.16 -40.89 64.03
CA TYR G 261 90.61 -41.96 64.93
C TYR G 261 91.17 -41.40 66.24
N GLU G 262 92.08 -40.43 66.15
CA GLU G 262 92.70 -39.88 67.36
C GLU G 262 91.68 -39.19 68.27
N ALA G 263 90.75 -38.48 67.65
CA ALA G 263 89.71 -37.78 68.38
C ALA G 263 88.87 -38.73 69.22
N TYR G 264 88.37 -39.78 68.59
CA TYR G 264 87.54 -40.74 69.31
C TYR G 264 88.37 -41.54 70.30
N LEU G 265 89.59 -41.89 69.90
CA LEU G 265 90.53 -42.51 70.83
C LEU G 265 90.66 -41.64 72.07
N ALA G 266 90.95 -40.37 71.85
CA ALA G 266 91.04 -39.36 72.91
C ALA G 266 89.77 -39.36 73.75
N ALA G 267 88.64 -39.30 73.06
CA ALA G 267 87.35 -39.27 73.70
C ALA G 267 87.17 -40.52 74.55
N ARG G 268 87.40 -41.68 73.91
CA ARG G 268 87.27 -42.94 74.61
C ARG G 268 88.12 -42.98 75.86
N GLN G 269 89.34 -42.47 75.76
CA GLN G 269 90.23 -42.44 76.91
C GLN G 269 89.66 -41.56 78.00
N ALA G 270 89.08 -40.44 77.59
CA ALA G 270 88.64 -39.41 78.52
C ALA G 270 87.41 -39.82 79.34
N ASP G 271 86.38 -40.35 78.69
CA ASP G 271 85.20 -40.82 79.42
C ASP G 271 84.63 -42.12 78.84
N PRO G 272 85.18 -43.26 79.28
CA PRO G 272 84.72 -44.60 78.85
C PRO G 272 83.20 -44.80 78.95
N ASN G 273 82.58 -44.15 79.91
CA ASN G 273 81.15 -44.36 80.10
C ASN G 273 80.28 -43.82 78.95
N ALA G 274 80.77 -42.80 78.27
CA ALA G 274 79.99 -42.14 77.25
C ALA G 274 80.04 -42.86 75.90
N ILE G 275 78.90 -42.91 75.23
CA ILE G 275 78.81 -43.53 73.92
C ILE G 275 79.23 -42.58 72.80
N LEU G 276 80.21 -43.01 72.02
CA LEU G 276 80.84 -42.13 71.05
C LEU G 276 80.13 -42.13 69.71
N TYR G 277 79.68 -40.95 69.31
CA TYR G 277 78.82 -40.79 68.15
C TYR G 277 79.45 -39.93 67.07
N TYR G 278 79.26 -40.34 65.83
CA TYR G 278 79.40 -39.41 64.71
C TYR G 278 78.00 -38.95 64.35
N ASN G 279 77.87 -37.68 63.95
CA ASN G 279 76.55 -37.07 63.72
C ASN G 279 76.59 -36.21 62.46
N ASP G 280 75.59 -36.37 61.59
CA ASP G 280 75.58 -35.61 60.34
C ASP G 280 74.16 -35.56 59.77
N TYR G 281 73.91 -34.62 58.85
CA TYR G 281 72.61 -34.55 58.23
C TYR G 281 72.65 -35.15 56.83
N ASN G 282 71.50 -35.16 56.16
CA ASN G 282 71.36 -35.67 54.80
C ASN G 282 71.87 -37.10 54.59
N MET G 283 71.73 -37.94 55.59
CA MET G 283 72.15 -39.35 55.45
C MET G 283 71.18 -40.17 54.60
N ASP G 284 70.06 -39.56 54.20
CA ASP G 284 69.15 -40.15 53.21
C ASP G 284 69.80 -40.18 51.84
N GLN G 285 70.81 -39.31 51.67
CA GLN G 285 71.53 -39.24 50.41
C GLN G 285 72.57 -40.35 50.35
N ALA G 286 72.48 -41.15 49.28
CA ALA G 286 73.30 -42.36 49.10
C ALA G 286 74.79 -42.11 49.23
N GLY G 287 75.30 -41.17 48.43
CA GLY G 287 76.73 -40.92 48.39
C GLY G 287 77.29 -40.47 49.72
N LYS G 288 76.49 -39.74 50.49
CA LYS G 288 76.95 -39.23 51.77
C LYS G 288 77.09 -40.36 52.78
N ALA G 289 76.02 -41.13 52.94
CA ALA G 289 76.01 -42.29 53.83
C ALA G 289 77.10 -43.27 53.49
N ALA G 290 77.45 -43.34 52.20
CA ALA G 290 78.54 -44.20 51.75
C ALA G 290 79.85 -43.71 52.37
N LEU G 291 80.09 -42.40 52.24
CA LEU G 291 81.28 -41.79 52.81
C LEU G 291 81.36 -42.06 54.30
N ILE G 292 80.26 -41.82 55.01
CA ILE G 292 80.19 -42.08 56.43
C ILE G 292 80.52 -43.54 56.74
N ALA G 293 79.91 -44.47 56.02
CA ALA G 293 80.15 -45.88 56.23
C ALA G 293 81.63 -46.23 56.05
N ALA G 294 82.26 -45.63 55.04
CA ALA G 294 83.65 -45.93 54.70
C ALA G 294 84.61 -45.27 55.68
N MET G 295 84.13 -44.24 56.38
CA MET G 295 84.94 -43.66 57.43
C MET G 295 84.85 -44.55 58.66
N VAL G 296 83.63 -44.92 59.02
CA VAL G 296 83.36 -45.67 60.25
C VAL G 296 83.99 -47.06 60.18
N ARG G 297 84.04 -47.60 58.97
CA ARG G 297 84.59 -48.95 58.77
C ARG G 297 86.08 -49.00 59.08
N ASP G 298 86.83 -48.14 58.38
CA ASP G 298 88.28 -48.13 58.46
C ASP G 298 88.81 -47.59 59.81
N VAL G 299 88.05 -46.71 60.45
CA VAL G 299 88.44 -46.18 61.77
C VAL G 299 88.30 -47.27 62.82
N ASN G 300 87.24 -48.07 62.70
CA ASN G 300 86.98 -49.10 63.68
C ASN G 300 87.82 -50.37 63.46
N ALA G 301 88.33 -50.54 62.24
CA ALA G 301 89.26 -51.63 61.97
C ALA G 301 90.63 -51.25 62.50
N LYS G 302 90.94 -49.96 62.41
CA LYS G 302 92.19 -49.41 62.96
C LYS G 302 92.22 -49.59 64.46
N TYR G 303 91.10 -49.28 65.12
CA TYR G 303 90.97 -49.49 66.56
C TYR G 303 91.03 -50.97 66.87
N LYS G 304 90.48 -51.78 65.98
CA LYS G 304 90.51 -53.23 66.16
C LYS G 304 91.93 -53.81 66.03
N GLN G 305 92.62 -53.42 64.97
CA GLN G 305 94.05 -53.62 64.80
C GLN G 305 94.88 -53.22 66.02
N ALA G 306 94.70 -52.00 66.52
CA ALA G 306 95.54 -51.45 67.57
C ALA G 306 95.21 -52.03 68.95
N TYR G 307 93.92 -52.14 69.24
CA TYR G 307 93.45 -52.73 70.50
C TYR G 307 92.52 -53.90 70.21
N PRO G 308 93.12 -55.06 69.86
CA PRO G 308 92.33 -56.25 69.51
C PRO G 308 91.56 -56.86 70.69
N ARG G 309 91.95 -56.53 71.92
CA ARG G 309 91.27 -57.06 73.11
C ARG G 309 89.95 -56.38 73.45
N GLU G 310 89.76 -55.12 73.05
CA GLU G 310 88.64 -54.35 73.58
C GLU G 310 87.24 -54.78 73.14
N THR G 311 86.32 -54.69 74.10
CA THR G 311 84.96 -55.20 73.98
C THR G 311 84.06 -54.34 73.10
N ARG G 312 84.29 -53.02 73.12
CA ARG G 312 83.40 -52.10 72.42
C ARG G 312 83.97 -51.58 71.11
N LEU G 313 83.22 -50.69 70.46
CA LEU G 313 83.66 -50.05 69.23
C LEU G 313 84.28 -48.71 69.59
N LEU G 314 84.86 -48.05 68.60
CA LEU G 314 85.43 -46.73 68.82
C LEU G 314 84.30 -45.72 68.58
N ILE G 315 83.88 -45.59 67.33
CA ILE G 315 82.68 -44.82 67.06
C ILE G 315 81.58 -45.85 67.18
N GLU G 316 80.83 -45.74 68.27
CA GLU G 316 79.84 -46.73 68.63
C GLU G 316 78.48 -46.39 68.04
N GLY G 317 78.32 -45.15 67.55
CA GLY G 317 77.01 -44.73 67.07
C GLY G 317 77.04 -43.69 65.96
N ILE G 318 75.98 -43.70 65.16
CA ILE G 318 75.78 -42.71 64.11
C ILE G 318 74.44 -42.02 64.36
N GLY G 319 74.48 -40.75 64.76
CA GLY G 319 73.27 -39.96 64.79
C GLY G 319 72.88 -39.51 63.40
N MET G 320 71.67 -39.86 62.95
CA MET G 320 71.13 -39.30 61.71
C MET G 320 70.33 -38.09 62.15
N GLN G 321 70.83 -36.90 61.80
CA GLN G 321 70.20 -35.67 62.24
C GLN G 321 68.73 -35.71 61.84
N SER G 322 68.48 -36.17 60.61
CA SER G 322 67.12 -36.31 60.09
C SER G 322 66.41 -34.96 60.00
N HIS G 323 67.07 -33.97 59.40
CA HIS G 323 66.36 -32.73 59.14
C HIS G 323 65.78 -32.88 57.75
N HIS G 324 64.49 -33.16 57.72
CA HIS G 324 63.83 -33.66 56.52
C HIS G 324 62.71 -32.74 56.09
N ASN G 325 62.01 -33.18 55.06
CA ASN G 325 60.93 -32.42 54.46
C ASN G 325 60.06 -33.33 53.61
N MET G 326 59.10 -32.72 52.92
CA MET G 326 58.09 -33.47 52.21
C MET G 326 58.65 -34.24 51.01
N ASP G 327 59.84 -33.87 50.56
CA ASP G 327 60.45 -34.45 49.36
C ASP G 327 61.36 -35.64 49.66
N VAL G 328 61.52 -35.99 50.94
CA VAL G 328 62.45 -37.06 51.34
C VAL G 328 61.76 -38.42 51.45
N PRO G 329 62.12 -39.38 50.59
CA PRO G 329 61.56 -40.73 50.63
C PRO G 329 62.00 -41.52 51.84
N ALA G 330 61.05 -42.18 52.52
CA ALA G 330 61.44 -43.06 53.60
C ALA G 330 62.24 -44.24 53.04
N SER G 331 62.16 -44.44 51.73
CA SER G 331 62.92 -45.48 51.04
C SER G 331 64.42 -45.20 51.13
N ASN G 332 64.81 -43.96 50.86
CA ASN G 332 66.21 -43.57 51.01
C ASN G 332 66.67 -43.73 52.47
N ILE G 333 65.76 -43.48 53.40
CA ILE G 333 66.04 -43.60 54.83
C ILE G 333 66.22 -45.06 55.21
N ARG G 334 65.45 -45.93 54.56
CA ARG G 334 65.52 -47.36 54.80
C ARG G 334 66.89 -47.92 54.37
N ASN G 335 67.33 -47.56 53.17
CA ASN G 335 68.60 -48.04 52.64
C ASN G 335 69.85 -47.48 53.35
N THR G 336 69.68 -46.41 54.12
CA THR G 336 70.77 -45.92 54.96
C THR G 336 70.92 -46.75 56.21
N ILE G 337 69.79 -47.04 56.87
CA ILE G 337 69.80 -47.81 58.11
C ILE G 337 70.33 -49.22 57.86
N ASN G 338 69.96 -49.80 56.73
CA ASN G 338 70.45 -51.14 56.40
C ASN G 338 71.93 -51.09 56.08
N ARG G 339 72.37 -49.98 55.50
CA ARG G 339 73.79 -49.75 55.20
C ARG G 339 74.64 -49.69 56.47
N TYR G 340 74.14 -49.03 57.52
CA TYR G 340 74.87 -48.97 58.79
C TYR G 340 74.66 -50.24 59.61
N ARG G 341 73.67 -51.04 59.22
CA ARG G 341 73.25 -52.20 60.02
C ARG G 341 74.38 -53.23 60.23
N GLU G 342 75.23 -53.40 59.24
CA GLU G 342 76.27 -54.41 59.35
C GLU G 342 77.62 -53.76 59.60
N LEU G 343 77.57 -52.52 60.05
CA LEU G 343 78.73 -51.88 60.65
C LEU G 343 78.69 -52.13 62.16
N GLY G 344 77.57 -52.68 62.64
CA GLY G 344 77.43 -53.02 64.04
C GLY G 344 77.30 -51.80 64.94
N VAL G 345 77.35 -50.62 64.33
CA VAL G 345 77.20 -49.36 65.04
C VAL G 345 75.78 -49.21 65.59
N LYS G 346 75.64 -48.50 66.71
CA LYS G 346 74.32 -48.08 67.16
C LYS G 346 73.78 -46.97 66.26
N ILE G 347 72.47 -46.76 66.29
CA ILE G 347 71.83 -45.72 65.51
C ILE G 347 71.00 -44.79 66.40
N SER G 348 71.11 -43.49 66.16
CA SER G 348 70.22 -42.52 66.79
C SER G 348 69.52 -41.67 65.74
N VAL G 349 68.26 -41.32 65.97
CA VAL G 349 67.66 -40.28 65.15
C VAL G 349 67.78 -39.07 66.07
N SER G 350 68.78 -38.25 65.77
CA SER G 350 69.29 -37.26 66.72
C SER G 350 68.61 -35.88 66.73
N GLU G 351 68.26 -35.41 65.54
CA GLU G 351 67.75 -34.08 65.32
C GLU G 351 66.41 -33.99 64.56
N LEU G 352 65.59 -35.04 64.60
CA LEU G 352 64.45 -35.15 63.67
C LEU G 352 63.50 -33.95 63.65
N ASP G 353 63.27 -33.42 62.44
CA ASP G 353 62.17 -32.50 62.21
C ASP G 353 61.76 -32.58 60.73
N ILE G 354 60.53 -32.16 60.44
CA ILE G 354 60.04 -32.33 59.07
C ILE G 354 59.39 -31.06 58.56
N LEU G 355 60.01 -30.41 57.58
CA LEU G 355 59.40 -29.22 57.01
C LEU G 355 58.08 -29.63 56.36
N CYS G 356 57.10 -28.74 56.40
CA CYS G 356 55.77 -29.03 55.85
C CYS G 356 55.75 -28.81 54.35
N MET G 357 56.90 -28.54 53.78
CA MET G 357 57.02 -28.24 52.37
C MET G 357 58.36 -28.77 51.92
N GLY G 358 58.76 -28.41 50.70
CA GLY G 358 60.06 -28.79 50.19
C GLY G 358 61.10 -27.73 50.48
N TRP G 359 62.37 -28.14 50.53
CA TRP G 359 63.44 -27.27 50.91
C TRP G 359 63.47 -25.91 50.18
N SER G 360 63.22 -25.89 48.87
CA SER G 360 63.33 -24.62 48.15
C SER G 360 62.16 -23.65 48.45
N ALA G 361 60.96 -24.19 48.60
CA ALA G 361 59.80 -23.38 48.98
C ALA G 361 59.95 -22.81 50.40
N PHE G 362 60.67 -23.54 51.25
CA PHE G 362 60.96 -23.07 52.61
C PHE G 362 61.94 -21.90 52.56
N ARG G 363 63.07 -22.13 51.88
CA ARG G 363 64.09 -21.11 51.73
C ARG G 363 63.57 -19.92 50.95
N GLY G 364 62.73 -20.20 49.96
CA GLY G 364 62.13 -19.13 49.17
C GLY G 364 61.11 -18.28 49.93
N SER G 365 60.56 -18.80 51.02
CA SER G 365 59.55 -18.02 51.74
C SER G 365 60.09 -17.36 53.01
N THR G 366 60.19 -18.14 54.10
CA THR G 366 60.69 -17.64 55.39
C THR G 366 62.21 -17.63 55.56
N GLY G 367 62.86 -18.62 55.00
CA GLY G 367 64.25 -18.90 55.33
C GLY G 367 64.35 -19.47 56.73
N GLN G 368 65.58 -19.72 57.19
CA GLN G 368 65.80 -20.30 58.50
C GLN G 368 65.57 -19.31 59.66
N GLY G 369 65.43 -19.87 60.86
CA GLY G 369 65.26 -19.08 62.08
C GLY G 369 63.93 -19.24 62.82
N ALA G 370 63.98 -18.85 64.09
CA ALA G 370 62.86 -18.94 65.01
C ALA G 370 61.83 -17.83 64.84
N ASP G 371 60.62 -18.09 65.31
CA ASP G 371 59.53 -17.11 65.32
C ASP G 371 59.11 -16.69 63.91
N LYS G 372 59.43 -17.54 62.94
CA LYS G 372 58.98 -17.35 61.57
C LYS G 372 57.79 -18.23 61.25
N ASP G 373 57.29 -18.95 62.26
CA ASP G 373 56.07 -19.75 62.12
C ASP G 373 54.92 -18.85 61.70
N ASP G 374 54.95 -17.61 62.15
CA ASP G 374 53.87 -16.66 61.92
C ASP G 374 53.88 -16.21 60.46
N MET G 375 54.97 -16.55 59.76
CA MET G 375 55.13 -16.25 58.34
C MET G 375 54.88 -17.41 57.37
N THR G 376 54.47 -18.57 57.89
CA THR G 376 54.48 -19.78 57.07
C THR G 376 53.50 -19.81 55.89
N ILE G 377 53.93 -20.44 54.82
CA ILE G 377 53.09 -20.65 53.64
C ILE G 377 52.47 -22.03 53.64
N ALA G 378 52.70 -22.78 54.71
CA ALA G 378 52.16 -24.14 54.86
C ALA G 378 50.65 -24.19 54.64
N THR G 379 50.18 -25.13 53.82
CA THR G 379 48.74 -25.30 53.64
C THR G 379 48.21 -26.37 54.58
N ASN G 380 46.89 -26.51 54.60
CA ASN G 380 46.24 -27.51 55.46
C ASN G 380 46.60 -28.91 55.00
N ARG G 381 46.72 -29.08 53.68
CA ARG G 381 47.18 -30.36 53.15
C ARG G 381 48.64 -30.64 53.55
N ASN G 382 49.48 -29.61 53.56
CA ASN G 382 50.87 -29.78 53.99
C ASN G 382 50.92 -30.35 55.38
N ILE G 383 50.10 -29.80 56.27
CA ILE G 383 50.10 -30.25 57.65
C ILE G 383 49.70 -31.72 57.78
N LEU G 384 48.68 -32.14 57.05
CA LEU G 384 48.29 -33.54 57.09
C LEU G 384 49.36 -34.43 56.47
N ASP G 385 49.96 -33.99 55.38
CA ASP G 385 51.03 -34.76 54.76
C ASP G 385 52.18 -34.90 55.75
N GLN G 386 52.51 -33.83 56.48
CA GLN G 386 53.58 -33.88 57.46
C GLN G 386 53.36 -35.01 58.46
N ALA G 387 52.14 -35.09 58.98
CA ALA G 387 51.75 -36.14 59.91
C ALA G 387 51.96 -37.53 59.31
N TYR G 388 51.60 -37.72 58.05
CA TYR G 388 51.78 -39.01 57.39
C TYR G 388 53.26 -39.37 57.36
N LYS G 389 54.09 -38.40 56.98
CA LYS G 389 55.54 -38.60 56.97
C LYS G 389 56.11 -38.88 58.36
N PHE G 390 55.58 -38.25 59.41
CA PHE G 390 56.03 -38.55 60.75
C PHE G 390 55.70 -40.01 61.04
N ASN G 391 54.48 -40.42 60.69
CA ASN G 391 54.04 -41.79 60.95
C ASN G 391 54.84 -42.82 60.16
N GLU G 392 55.04 -42.56 58.87
CA GLU G 392 55.85 -43.44 58.04
C GLU G 392 57.28 -43.57 58.58
N TYR G 393 57.93 -42.43 58.81
CA TYR G 393 59.28 -42.44 59.39
C TYR G 393 59.31 -43.26 60.70
N MET G 394 58.41 -42.95 61.62
CA MET G 394 58.39 -43.63 62.91
C MET G 394 58.15 -45.13 62.77
N LYS G 395 57.36 -45.56 61.80
CA LYS G 395 57.23 -46.98 61.56
C LYS G 395 58.58 -47.54 61.17
N LEU G 396 59.24 -46.89 60.22
CA LEU G 396 60.55 -47.32 59.76
C LEU G 396 61.61 -47.29 60.86
N TYR G 397 61.45 -46.41 61.84
CA TYR G 397 62.37 -46.35 62.98
C TYR G 397 62.04 -47.49 63.95
N LEU G 398 60.76 -47.86 63.97
CA LEU G 398 60.31 -48.92 64.85
C LEU G 398 60.76 -50.30 64.35
N GLU G 399 60.78 -50.51 63.04
CA GLU G 399 61.22 -51.78 62.45
C GLU G 399 62.67 -52.04 62.84
N ASN G 400 63.42 -50.95 62.94
CA ASN G 400 64.84 -51.01 63.18
C ASN G 400 65.26 -50.84 64.64
N SER G 401 64.29 -50.89 65.55
CA SER G 401 64.52 -50.60 66.96
C SER G 401 65.55 -51.49 67.67
N ASP G 402 65.96 -52.58 67.03
CA ASP G 402 67.06 -53.38 67.59
C ASP G 402 68.36 -52.55 67.66
N ILE G 403 68.74 -51.91 66.55
CA ILE G 403 69.94 -51.08 66.51
C ILE G 403 69.72 -49.58 66.80
N ILE G 404 68.46 -49.14 66.90
CA ILE G 404 68.19 -47.72 67.11
C ILE G 404 67.86 -47.43 68.56
N GLU G 405 68.81 -46.79 69.25
CA GLU G 405 68.69 -46.51 70.66
C GLU G 405 67.91 -45.26 71.00
N ARG G 406 67.90 -44.29 70.08
CA ARG G 406 67.35 -42.98 70.40
C ARG G 406 66.65 -42.31 69.21
N VAL G 407 65.47 -41.75 69.48
CA VAL G 407 64.79 -40.92 68.52
C VAL G 407 64.56 -39.58 69.19
N SER G 408 65.31 -38.58 68.75
CA SER G 408 65.25 -37.27 69.36
C SER G 408 64.85 -36.23 68.34
N MET G 409 64.00 -35.30 68.74
CA MET G 409 63.51 -34.28 67.82
C MET G 409 64.15 -32.92 68.11
N TRP G 410 64.29 -32.09 67.09
CA TRP G 410 64.99 -30.83 67.21
C TRP G 410 64.07 -29.67 67.59
N GLY G 411 63.17 -29.93 68.52
CA GLY G 411 62.48 -28.90 69.27
C GLY G 411 61.12 -29.36 69.74
N VAL G 412 60.47 -28.52 70.57
CA VAL G 412 59.14 -28.82 71.09
C VAL G 412 58.05 -28.10 70.30
N SER G 413 58.07 -26.77 70.34
CA SER G 413 57.08 -25.91 69.68
C SER G 413 57.58 -25.35 68.34
N ASP G 414 56.72 -25.34 67.34
CA ASP G 414 57.08 -24.79 66.03
C ASP G 414 57.67 -23.39 66.12
N ARG G 415 57.23 -22.61 67.10
CA ARG G 415 57.59 -21.19 67.14
C ARG G 415 59.09 -21.04 67.38
N TYR G 416 59.64 -21.95 68.18
CA TYR G 416 61.03 -21.84 68.57
C TYR G 416 61.95 -22.77 67.78
N SER G 417 61.38 -23.47 66.81
CA SER G 417 62.18 -24.32 65.92
C SER G 417 63.21 -23.48 65.15
N TRP G 418 64.42 -23.98 65.01
CA TRP G 418 65.44 -23.33 64.19
C TRP G 418 64.97 -23.12 62.76
N ARG G 419 63.96 -23.88 62.38
CA ARG G 419 63.37 -23.76 61.07
C ARG G 419 61.87 -23.52 61.11
N SER G 420 61.46 -22.66 62.04
CA SER G 420 60.05 -22.37 62.36
C SER G 420 59.10 -22.10 61.19
N GLY G 421 59.61 -21.42 60.15
CA GLY G 421 58.82 -21.15 58.96
C GLY G 421 58.31 -22.39 58.22
N GLY G 422 58.86 -23.56 58.57
CA GLY G 422 58.42 -24.79 57.95
C GLY G 422 57.49 -25.61 58.84
N LEU G 423 57.09 -25.04 59.99
CA LEU G 423 56.27 -25.74 61.00
C LEU G 423 56.75 -27.19 61.22
N PRO G 424 58.05 -27.37 61.53
CA PRO G 424 58.74 -28.65 61.48
C PRO G 424 58.39 -29.67 62.58
N LEU G 425 57.65 -29.28 63.62
CA LEU G 425 57.57 -30.11 64.83
C LEU G 425 56.20 -30.75 65.18
N LEU G 426 56.16 -31.43 66.34
CA LEU G 426 54.93 -32.07 66.80
C LEU G 426 53.91 -31.08 67.39
N PHE G 427 54.39 -30.00 68.01
CA PHE G 427 53.51 -29.03 68.68
C PHE G 427 53.52 -27.64 68.04
N ASP G 428 52.39 -26.92 68.15
CA ASP G 428 52.30 -25.62 67.50
C ASP G 428 52.89 -24.47 68.32
N ALA G 429 52.68 -23.25 67.86
CA ALA G 429 53.24 -22.06 68.53
C ALA G 429 52.61 -21.83 69.91
N ASP G 430 51.44 -22.41 70.13
CA ASP G 430 50.72 -22.34 71.40
C ASP G 430 50.93 -23.53 72.35
N ASN G 431 51.88 -24.41 72.00
CA ASN G 431 52.13 -25.66 72.72
C ASN G 431 50.99 -26.70 72.62
N LYS G 432 50.23 -26.66 71.53
CA LYS G 432 49.16 -27.64 71.30
C LYS G 432 49.61 -28.73 70.33
N ALA G 433 49.09 -29.94 70.50
CA ALA G 433 49.44 -31.04 69.60
C ALA G 433 48.87 -30.87 68.19
N LYS G 434 49.77 -30.85 67.21
CA LYS G 434 49.39 -30.85 65.81
C LYS G 434 48.95 -32.25 65.39
N PRO G 435 48.34 -32.38 64.20
CA PRO G 435 48.09 -33.74 63.69
C PRO G 435 49.35 -34.61 63.72
N ALA G 436 50.52 -34.03 63.42
CA ALA G 436 51.79 -34.79 63.50
C ALA G 436 51.97 -35.54 64.82
N TYR G 437 51.55 -34.93 65.94
CA TYR G 437 51.64 -35.59 67.26
C TYR G 437 50.94 -36.94 67.29
N TYR G 438 49.63 -36.94 66.99
CA TYR G 438 48.85 -38.17 67.01
C TYR G 438 49.38 -39.20 66.03
N SER G 439 49.86 -38.74 64.88
CA SER G 439 50.42 -39.66 63.90
C SER G 439 51.74 -40.26 64.42
N PHE G 440 52.44 -39.50 65.25
CA PHE G 440 53.74 -39.89 65.81
C PHE G 440 53.52 -40.99 66.85
N VAL G 441 52.61 -40.74 67.77
CA VAL G 441 52.25 -41.69 68.81
C VAL G 441 51.69 -42.99 68.26
N ARG G 442 50.71 -42.89 67.36
CA ARG G 442 50.03 -44.08 66.84
C ARG G 442 50.90 -44.92 65.90
N ALA G 443 52.10 -44.40 65.58
CA ALA G 443 53.04 -45.17 64.79
C ALA G 443 53.36 -46.51 65.48
N ARG G 444 53.28 -46.50 66.80
CA ARG G 444 53.50 -47.69 67.62
C ARG G 444 52.37 -48.72 67.39
N GLU G 445 51.14 -48.23 67.44
CA GLU G 445 49.96 -49.07 67.22
C GLU G 445 49.98 -49.68 65.84
N ASP G 446 50.19 -48.84 64.84
CA ASP G 446 50.29 -49.32 63.47
C ASP G 446 51.38 -50.38 63.33
N TYR G 447 52.52 -50.18 64.00
CA TYR G 447 53.61 -51.14 63.93
C TYR G 447 53.26 -52.45 64.64
N GLU G 448 52.77 -52.34 65.88
CA GLU G 448 52.40 -53.51 66.67
C GLU G 448 51.38 -54.40 65.95
N ALA G 449 50.36 -53.76 65.38
CA ALA G 449 49.27 -54.50 64.76
C ALA G 449 49.66 -55.10 63.41
N ALA G 450 50.59 -54.46 62.71
CA ALA G 450 51.03 -55.01 61.42
C ALA G 450 51.93 -56.23 61.62
N LYS G 451 52.57 -56.31 62.78
CA LYS G 451 53.38 -57.47 63.15
C LYS G 451 52.55 -58.65 63.66
N ALA G 452 51.56 -58.35 64.49
CA ALA G 452 50.69 -59.38 65.04
C ALA G 452 49.75 -59.93 63.97
N ALA G 453 49.57 -59.16 62.91
CA ALA G 453 48.80 -59.66 61.77
C ALA G 453 49.71 -60.63 61.05
N LYS G 454 51.01 -60.29 61.06
CA LYS G 454 52.05 -61.00 60.31
C LYS G 454 51.85 -60.86 58.80
N ASN H 3 -20.68 -9.68 5.43
CA ASN H 3 -19.92 -8.97 6.47
C ASN H 3 -18.59 -8.39 5.97
N GLU H 4 -18.26 -8.63 4.71
CA GLU H 4 -17.02 -8.14 4.14
C GLU H 4 -17.10 -6.70 3.69
N ILE H 5 -16.01 -6.19 3.16
CA ILE H 5 -16.03 -4.96 2.37
C ILE H 5 -14.87 -5.00 1.37
N THR H 6 -15.13 -4.52 0.15
CA THR H 6 -14.17 -4.57 -0.94
C THR H 6 -13.60 -3.19 -1.18
N LEU H 7 -12.28 -3.05 -1.10
CA LEU H 7 -11.62 -1.76 -1.27
C LEU H 7 -10.71 -1.81 -2.51
N THR H 8 -10.72 -0.73 -3.29
CA THR H 8 -9.78 -0.63 -4.41
C THR H 8 -8.39 -0.38 -3.83
N ILE H 9 -7.37 -0.97 -4.44
CA ILE H 9 -6.02 -0.77 -3.94
C ILE H 9 -5.68 0.73 -4.00
N GLY H 10 -5.18 1.27 -2.89
CA GLY H 10 -4.92 2.71 -2.77
C GLY H 10 -6.00 3.46 -1.98
N GLN H 11 -7.19 2.89 -1.93
CA GLN H 11 -8.30 3.49 -1.19
C GLN H 11 -8.11 3.43 0.32
N GLN H 12 -8.44 4.52 1.01
CA GLN H 12 -8.51 4.54 2.47
C GLN H 12 -9.97 4.59 2.91
N LYS H 13 -10.32 3.78 3.90
CA LYS H 13 -11.71 3.59 4.29
C LYS H 13 -11.93 3.56 5.80
N ASP H 14 -12.73 4.48 6.30
CA ASP H 14 -13.11 4.49 7.72
C ASP H 14 -14.08 3.35 7.97
N LEU H 15 -13.69 2.46 8.88
CA LEU H 15 -14.50 1.27 9.21
C LEU H 15 -15.45 1.53 10.39
N ALA H 16 -15.56 2.80 10.79
CA ALA H 16 -16.37 3.13 11.97
C ALA H 16 -17.79 2.60 11.87
N SER H 17 -18.36 2.58 10.67
CA SER H 17 -19.71 2.08 10.48
C SER H 17 -19.83 0.57 10.67
N MET H 18 -18.70 -0.14 10.67
CA MET H 18 -18.74 -1.60 10.85
C MET H 18 -18.51 -2.04 12.31
N VAL H 19 -18.22 -1.09 13.18
CA VAL H 19 -18.05 -1.37 14.59
C VAL H 19 -19.43 -1.61 15.18
N PRO H 20 -19.59 -2.71 15.95
CA PRO H 20 -20.86 -3.02 16.61
C PRO H 20 -21.41 -1.84 17.40
N ALA H 21 -22.69 -1.53 17.23
CA ALA H 21 -23.27 -0.40 17.96
C ALA H 21 -22.96 -0.54 19.46
N LYS H 22 -23.00 -1.77 19.97
CA LYS H 22 -22.78 -2.00 21.41
C LYS H 22 -21.38 -1.60 21.91
N PHE H 23 -20.48 -1.34 20.97
CA PHE H 23 -19.13 -0.91 21.33
C PHE H 23 -19.05 0.60 21.57
N ALA H 24 -20.06 1.34 21.13
CA ALA H 24 -20.06 2.80 21.30
C ALA H 24 -19.83 3.17 22.76
N GLY H 25 -18.95 4.15 23.00
CA GLY H 25 -18.61 4.55 24.36
C GLY H 25 -17.32 3.93 24.88
N GLN H 26 -16.89 2.84 24.26
CA GLN H 26 -15.76 2.06 24.75
C GLN H 26 -14.53 2.33 23.92
N GLU H 27 -13.37 2.18 24.56
CA GLU H 27 -12.08 2.32 23.89
C GLU H 27 -11.86 1.18 22.89
N LEU H 28 -11.52 1.56 21.65
CA LEU H 28 -11.33 0.57 20.59
C LEU H 28 -9.86 0.43 20.22
N SER H 29 -9.44 -0.79 19.92
CA SER H 29 -8.16 -1.00 19.27
C SER H 29 -8.37 -1.86 18.03
N TRP H 30 -7.46 -1.73 17.08
CA TRP H 30 -7.64 -2.30 15.76
C TRP H 30 -6.43 -3.12 15.38
N THR H 31 -6.65 -4.23 14.67
CA THR H 31 -5.55 -5.01 14.10
C THR H 31 -5.90 -5.51 12.69
N SER H 32 -4.85 -5.84 11.92
CA SER H 32 -5.03 -6.50 10.63
C SER H 32 -4.25 -7.80 10.61
N SER H 33 -4.90 -8.86 10.13
CA SER H 33 -4.27 -10.16 10.01
C SER H 33 -3.12 -10.13 8.99
N ASP H 34 -3.21 -9.24 7.99
CA ASP H 34 -2.11 -8.97 7.06
C ASP H 34 -1.95 -7.48 6.78
N PRO H 35 -1.12 -6.79 7.59
CA PRO H 35 -0.90 -5.35 7.43
C PRO H 35 -0.22 -4.96 6.13
N GLU H 36 0.44 -5.90 5.45
CA GLU H 36 1.01 -5.58 4.15
C GLU H 36 -0.04 -5.63 3.04
N THR H 37 -1.12 -6.37 3.25
CA THR H 37 -2.26 -6.37 2.32
C THR H 37 -3.26 -5.23 2.55
N ALA H 38 -3.66 -5.05 3.80
CA ALA H 38 -4.46 -3.88 4.18
C ALA H 38 -4.03 -3.47 5.56
N SER H 39 -3.69 -2.20 5.73
CA SER H 39 -3.24 -1.73 7.04
C SER H 39 -4.36 -0.94 7.70
N VAL H 40 -4.41 -0.94 9.02
CA VAL H 40 -5.45 -0.19 9.73
C VAL H 40 -4.81 0.65 10.85
N THR H 41 -5.25 1.90 10.97
CA THR H 41 -4.73 2.75 12.05
C THR H 41 -5.49 2.45 13.34
N ASP H 42 -5.08 3.05 14.45
CA ASP H 42 -5.76 2.83 15.71
C ASP H 42 -7.14 3.53 15.72
N LYS H 43 -7.41 4.25 14.64
CA LYS H 43 -8.69 4.92 14.49
C LYS H 43 -9.62 4.23 13.51
N GLY H 44 -9.24 3.06 13.07
CA GLY H 44 -10.06 2.28 12.18
C GLY H 44 -10.04 2.67 10.72
N ILE H 45 -9.01 3.41 10.30
CA ILE H 45 -8.88 3.74 8.88
C ILE H 45 -8.06 2.65 8.18
N VAL H 46 -8.68 1.97 7.22
CA VAL H 46 -8.02 0.89 6.46
C VAL H 46 -7.55 1.43 5.12
N THR H 47 -6.33 1.06 4.73
CA THR H 47 -5.83 1.34 3.39
C THR H 47 -5.59 0.00 2.71
N ALA H 48 -6.15 -0.20 1.51
CA ALA H 48 -5.88 -1.41 0.74
C ALA H 48 -4.55 -1.21 0.01
N LEU H 49 -3.56 -2.04 0.33
CA LEU H 49 -2.22 -1.99 -0.25
C LEU H 49 -1.90 -2.81 -1.52
N LYS H 50 -2.40 -4.04 -1.57
CA LYS H 50 -1.99 -4.92 -2.66
C LYS H 50 -2.91 -6.10 -2.84
N PHE H 51 -2.62 -6.89 -3.88
CA PHE H 51 -3.27 -8.19 -4.08
C PHE H 51 -2.31 -9.32 -3.74
N SER H 52 -2.77 -10.56 -3.77
CA SER H 52 -1.90 -11.68 -3.47
C SER H 52 -1.26 -12.27 -4.74
N SER H 53 -2.06 -12.95 -5.54
CA SER H 53 -1.56 -13.63 -6.71
C SER H 53 -2.14 -12.98 -7.96
N GLY H 54 -1.71 -13.43 -9.14
CA GLY H 54 -2.33 -13.04 -10.39
C GLY H 54 -1.79 -11.80 -11.09
N GLY H 55 -0.67 -11.29 -10.59
CA GLY H 55 -0.03 -10.13 -11.21
C GLY H 55 0.16 -10.27 -12.70
N ALA H 56 0.47 -11.49 -13.14
CA ALA H 56 0.73 -11.76 -14.55
C ALA H 56 -0.56 -12.01 -15.36
N ASN H 57 -1.70 -12.17 -14.69
CA ASN H 57 -2.93 -12.48 -15.42
C ASN H 57 -3.53 -11.28 -16.12
N LEU H 58 -4.37 -11.52 -17.13
CA LEU H 58 -5.10 -10.45 -17.79
C LEU H 58 -6.11 -9.81 -16.87
N PHE H 59 -6.02 -8.50 -16.73
CA PHE H 59 -6.92 -7.75 -15.88
C PHE H 59 -8.38 -8.03 -16.22
N LEU H 60 -8.69 -8.05 -17.52
CA LEU H 60 -10.07 -8.28 -17.99
C LEU H 60 -10.55 -9.72 -17.79
N LYS H 61 -9.61 -10.67 -17.76
CA LYS H 61 -9.95 -12.09 -17.57
C LYS H 61 -10.12 -12.54 -16.11
N ALA H 62 -9.15 -12.19 -15.27
CA ALA H 62 -9.18 -12.56 -13.86
C ALA H 62 -8.56 -11.46 -13.01
N PRO H 63 -9.30 -10.38 -12.76
CA PRO H 63 -8.78 -9.26 -11.95
C PRO H 63 -8.23 -9.75 -10.62
N ALA H 64 -7.06 -9.26 -10.22
CA ALA H 64 -6.40 -9.74 -9.00
C ALA H 64 -6.98 -9.14 -7.73
N THR H 65 -6.98 -9.95 -6.67
CA THR H 65 -7.48 -9.53 -5.37
C THR H 65 -6.57 -10.02 -4.24
N GLY H 66 -6.78 -9.46 -3.05
CA GLY H 66 -6.10 -9.89 -1.85
C GLY H 66 -7.12 -9.75 -0.74
N GLU H 67 -6.79 -10.25 0.45
CA GLU H 67 -7.70 -10.14 1.60
C GLU H 67 -6.95 -10.00 2.92
N ALA H 68 -7.64 -9.43 3.89
CA ALA H 68 -7.12 -9.31 5.24
C ALA H 68 -8.33 -9.28 6.17
N ILE H 69 -8.18 -9.84 7.37
CA ILE H 69 -9.26 -9.77 8.35
C ILE H 69 -8.91 -8.63 9.29
N ILE H 70 -9.74 -7.60 9.34
CA ILE H 70 -9.52 -6.53 10.33
C ILE H 70 -10.43 -6.77 11.52
N THR H 71 -9.87 -6.78 12.72
CA THR H 71 -10.69 -6.98 13.92
C THR H 71 -10.66 -5.75 14.84
N VAL H 72 -11.84 -5.33 15.26
CA VAL H 72 -11.94 -4.23 16.22
C VAL H 72 -12.27 -4.78 17.60
N THR H 73 -11.52 -4.33 18.61
CA THR H 73 -11.64 -4.91 19.94
C THR H 73 -12.11 -3.89 20.98
N ALA H 74 -13.09 -4.30 21.76
CA ALA H 74 -13.48 -3.56 22.96
C ALA H 74 -13.51 -4.56 24.11
N GLY H 75 -12.57 -4.43 25.04
CA GLY H 75 -12.58 -5.19 26.28
C GLY H 75 -12.85 -6.69 26.22
N LYS H 76 -12.07 -7.42 25.42
CA LYS H 76 -12.27 -8.87 25.24
C LYS H 76 -13.64 -9.21 24.64
N GLN H 77 -14.21 -8.22 23.96
CA GLN H 77 -15.23 -8.46 22.96
C GLN H 77 -14.55 -8.01 21.66
N SER H 78 -14.78 -8.77 20.59
CA SER H 78 -14.14 -8.48 19.31
C SER H 78 -15.12 -8.62 18.16
N HIS H 79 -14.95 -7.80 17.13
CA HIS H 79 -15.69 -8.02 15.89
C HIS H 79 -14.73 -7.96 14.72
N SER H 80 -14.91 -8.86 13.76
CA SER H 80 -13.98 -8.96 12.62
C SER H 80 -14.65 -8.67 11.30
N VAL H 81 -13.96 -7.95 10.42
CA VAL H 81 -14.48 -7.66 9.09
C VAL H 81 -13.49 -8.15 8.03
N LYS H 82 -13.98 -8.91 7.05
CA LYS H 82 -13.13 -9.35 5.94
C LYS H 82 -12.97 -8.24 4.92
N VAL H 83 -11.74 -7.81 4.68
CA VAL H 83 -11.47 -6.75 3.72
C VAL H 83 -10.83 -7.32 2.45
N ILE H 84 -11.54 -7.17 1.33
CA ILE H 84 -11.06 -7.64 0.05
C ILE H 84 -10.45 -6.48 -0.70
N THR H 85 -9.21 -6.64 -1.12
CA THR H 85 -8.54 -5.61 -1.89
C THR H 85 -8.60 -5.99 -3.36
N THR H 86 -8.76 -5.00 -4.25
CA THR H 86 -8.94 -5.30 -5.68
C THR H 86 -8.34 -4.27 -6.62
N VAL H 87 -7.95 -4.73 -7.81
CA VAL H 87 -7.47 -3.81 -8.84
C VAL H 87 -8.67 -3.05 -9.45
N LYS H 88 -9.88 -3.55 -9.27
CA LYS H 88 -11.07 -2.92 -9.86
C LYS H 88 -11.55 -1.72 -9.07
N GLY H 89 -12.09 -0.73 -9.79
CA GLY H 89 -12.61 0.48 -9.17
C GLY H 89 -13.89 0.24 -8.40
N LYS H 90 -14.01 0.89 -7.25
CA LYS H 90 -15.19 0.78 -6.37
C LYS H 90 -15.95 2.11 -6.31
N GLU H 91 -15.19 3.17 -6.06
CA GLU H 91 -15.76 4.52 -5.92
C GLU H 91 -16.11 5.32 -7.18
N ASP H 92 -17.37 5.76 -7.26
CA ASP H 92 -17.77 6.62 -8.37
C ASP H 92 -17.12 8.00 -8.29
N ILE H 93 -16.79 8.52 -9.45
CA ILE H 93 -16.13 9.82 -9.58
C ILE H 93 -16.83 10.95 -8.83
N GLU H 94 -18.15 10.90 -8.76
CA GLU H 94 -18.92 12.00 -8.13
C GLU H 94 -18.92 11.92 -6.60
N LYS H 95 -18.50 10.78 -6.07
CA LYS H 95 -18.41 10.58 -4.62
C LYS H 95 -17.03 10.98 -4.09
N LEU H 96 -16.22 11.57 -4.95
CA LEU H 96 -14.86 11.87 -4.53
C LEU H 96 -14.63 13.38 -4.42
N PRO H 97 -13.72 13.78 -3.51
CA PRO H 97 -13.47 15.21 -3.34
C PRO H 97 -12.76 15.77 -4.56
N PRO H 98 -12.98 17.07 -4.82
CA PRO H 98 -12.45 17.70 -6.03
C PRO H 98 -10.94 17.54 -6.16
N LEU H 99 -10.53 17.00 -7.29
CA LEU H 99 -9.11 16.89 -7.63
C LEU H 99 -8.48 18.27 -7.64
N LYS H 100 -9.22 19.24 -8.19
CA LYS H 100 -8.70 20.59 -8.30
C LYS H 100 -8.43 21.25 -6.93
N ASP H 101 -9.24 20.96 -5.92
CA ASP H 101 -9.01 21.50 -4.57
C ASP H 101 -7.74 20.93 -3.92
N HIS H 102 -7.45 19.67 -4.21
CA HIS H 102 -6.28 19.00 -3.64
C HIS H 102 -4.98 19.67 -4.08
N PHE H 103 -4.90 20.00 -5.37
CA PHE H 103 -3.72 20.63 -5.97
C PHE H 103 -3.75 22.15 -6.15
N LYS H 104 -4.76 22.78 -5.57
CA LYS H 104 -5.03 24.21 -5.79
C LYS H 104 -3.85 25.15 -5.53
N ASP H 105 -2.95 24.77 -4.63
CA ASP H 105 -1.83 25.67 -4.30
C ASP H 105 -0.64 25.48 -5.24
N TYR H 106 -0.79 24.54 -6.17
CA TYR H 106 0.32 24.04 -6.99
C TYR H 106 0.14 24.42 -8.46
N PHE H 107 -1.02 24.06 -9.00
CA PHE H 107 -1.31 24.25 -10.41
C PHE H 107 -2.78 23.96 -10.69
N LEU H 108 -3.29 24.41 -11.82
CA LEU H 108 -4.65 24.10 -12.24
C LEU H 108 -4.72 22.61 -12.55
N ILE H 109 -5.78 21.96 -12.07
CA ILE H 109 -6.04 20.57 -12.46
C ILE H 109 -7.04 20.58 -13.60
N GLY H 110 -6.59 20.20 -14.79
CA GLY H 110 -7.43 20.25 -15.98
C GLY H 110 -7.86 18.89 -16.52
N ASN H 111 -8.78 18.92 -17.48
CA ASN H 111 -9.13 17.73 -18.26
C ASN H 111 -9.72 18.15 -19.63
N ILE H 112 -10.35 17.22 -20.35
CA ILE H 112 -10.92 17.60 -21.65
C ILE H 112 -12.44 17.51 -21.65
N PHE H 113 -13.08 18.20 -22.60
CA PHE H 113 -14.50 18.01 -22.79
C PHE H 113 -14.99 18.05 -24.22
N ASN H 114 -16.22 17.63 -24.40
CA ASN H 114 -16.75 17.48 -25.73
C ASN H 114 -18.16 18.03 -25.84
N ASN H 115 -18.62 18.13 -27.08
CA ASN H 115 -19.96 18.61 -27.38
C ASN H 115 -21.05 17.88 -26.56
N ARG H 116 -20.91 16.57 -26.37
CA ARG H 116 -21.89 15.82 -25.59
C ARG H 116 -21.92 16.22 -24.09
N ASP H 117 -20.89 16.91 -23.62
CA ASP H 117 -20.86 17.33 -22.23
C ASP H 117 -21.66 18.61 -21.97
N VAL H 118 -22.22 19.20 -23.02
CA VAL H 118 -23.04 20.40 -22.84
C VAL H 118 -24.45 20.20 -23.38
N SER H 119 -25.42 20.81 -22.70
CA SER H 119 -26.80 20.88 -23.19
C SER H 119 -27.08 22.35 -23.41
N GLY H 120 -27.28 22.75 -24.67
CA GLY H 120 -27.34 24.14 -25.05
C GLY H 120 -26.06 24.89 -24.69
N SER H 121 -26.23 25.94 -23.90
CA SER H 121 -25.13 26.71 -23.33
C SER H 121 -24.75 26.27 -21.90
N MET H 122 -25.31 25.15 -21.43
CA MET H 122 -25.09 24.70 -20.06
C MET H 122 -24.33 23.37 -20.02
N MET H 123 -23.68 23.08 -18.89
CA MET H 123 -22.90 21.84 -18.76
C MET H 123 -23.80 20.65 -18.44
N ASP H 124 -23.59 19.55 -19.18
CA ASP H 124 -24.46 18.36 -19.10
C ASP H 124 -24.07 17.26 -18.08
N ASN H 125 -22.83 17.26 -17.59
CA ASN H 125 -22.43 16.28 -16.57
C ASN H 125 -21.54 16.84 -15.46
N ASP H 126 -21.94 16.58 -14.22
CA ASP H 126 -21.42 17.29 -13.04
C ASP H 126 -19.95 17.06 -12.68
N TRP H 127 -19.41 15.88 -13.01
CA TRP H 127 -18.03 15.54 -12.64
C TRP H 127 -16.96 16.46 -13.23
N LEU H 128 -17.19 17.00 -14.42
CA LEU H 128 -16.19 17.89 -15.01
C LEU H 128 -15.97 19.13 -14.14
N ALA H 129 -17.04 19.88 -13.89
CA ALA H 129 -16.92 21.07 -13.06
C ALA H 129 -16.48 20.72 -11.66
N HIS H 130 -16.89 19.54 -11.19
CA HIS H 130 -16.62 19.14 -9.81
C HIS H 130 -15.12 18.97 -9.58
N HIS H 131 -14.49 18.22 -10.47
CA HIS H 131 -13.05 17.95 -10.37
C HIS H 131 -12.06 18.93 -10.99
N TYR H 132 -12.45 19.59 -12.08
CA TYR H 132 -11.46 20.27 -12.91
C TYR H 132 -11.65 21.77 -12.94
N ALA H 133 -10.53 22.49 -12.83
CA ALA H 133 -10.50 23.95 -12.88
C ALA H 133 -10.46 24.53 -14.29
N ILE H 134 -9.88 23.78 -15.23
CA ILE H 134 -9.74 24.27 -16.60
C ILE H 134 -10.01 23.12 -17.55
N LEU H 135 -10.55 23.41 -18.73
CA LEU H 135 -10.89 22.35 -19.69
C LEU H 135 -10.36 22.63 -21.08
N THR H 136 -9.89 21.58 -21.73
CA THR H 136 -9.49 21.67 -23.12
C THR H 136 -10.51 20.96 -24.00
N PRO H 137 -11.07 21.66 -25.01
CA PRO H 137 -11.92 20.92 -25.94
C PRO H 137 -11.08 19.89 -26.69
N GLU H 138 -11.50 18.64 -26.68
CA GLU H 138 -10.72 17.56 -27.25
C GLU H 138 -10.67 17.69 -28.76
N ASN H 139 -11.77 18.18 -29.32
CA ASN H 139 -12.01 18.19 -30.77
C ASN H 139 -12.45 19.55 -31.31
N HIS H 140 -13.45 20.17 -30.68
CA HIS H 140 -14.21 21.23 -31.35
C HIS H 140 -13.56 22.60 -31.50
N MET H 141 -12.32 22.72 -31.05
CA MET H 141 -11.50 23.88 -31.41
C MET H 141 -10.42 23.61 -32.45
N LYS H 142 -10.39 22.38 -32.97
CA LYS H 142 -9.46 22.04 -34.02
C LYS H 142 -9.79 22.82 -35.30
N PRO H 143 -8.77 23.07 -36.15
CA PRO H 143 -8.95 23.81 -37.41
C PRO H 143 -10.09 23.26 -38.24
N SER H 144 -10.15 21.95 -38.40
CA SER H 144 -11.19 21.31 -39.19
C SER H 144 -12.59 21.53 -38.62
N ASN H 145 -12.69 21.73 -37.30
CA ASN H 145 -14.00 22.01 -36.71
C ASN H 145 -14.27 23.50 -36.50
N LEU H 146 -13.25 24.32 -36.73
CA LEU H 146 -13.39 25.78 -36.72
C LEU H 146 -13.83 26.41 -38.05
N THR H 147 -13.46 25.78 -39.15
CA THR H 147 -13.60 26.35 -40.48
C THR H 147 -13.84 25.23 -41.47
N ASN H 148 -14.91 25.34 -42.25
CA ASN H 148 -15.14 24.42 -43.36
C ASN H 148 -14.88 24.97 -44.78
N ASN H 149 -14.52 26.26 -44.90
CA ASN H 149 -14.26 26.83 -46.23
C ASN H 149 -13.44 28.14 -46.27
N ARG H 150 -12.80 28.40 -47.40
CA ARG H 150 -12.18 29.71 -47.68
C ARG H 150 -12.47 30.17 -49.12
N ASN H 151 -12.95 31.39 -49.25
CA ASN H 151 -13.18 31.96 -50.58
C ASN H 151 -11.86 32.47 -51.15
N GLU H 152 -11.41 31.88 -52.24
CA GLU H 152 -10.11 32.18 -52.80
C GLU H 152 -10.07 33.45 -53.65
N THR H 153 -11.23 34.00 -53.99
CA THR H 153 -11.35 35.28 -54.67
C THR H 153 -11.44 36.49 -53.73
N THR H 154 -12.27 36.37 -52.70
CA THR H 154 -12.48 37.46 -51.75
C THR H 154 -11.63 37.34 -50.46
N GLY H 155 -10.90 36.23 -50.32
CA GLY H 155 -10.15 35.95 -49.11
C GLY H 155 -11.04 35.50 -47.95
N GLU H 156 -12.34 35.44 -48.20
CA GLU H 156 -13.33 35.23 -47.14
C GLU H 156 -13.27 33.82 -46.55
N ILE H 157 -13.08 33.75 -45.24
CA ILE H 157 -13.02 32.47 -44.54
C ILE H 157 -14.34 32.18 -43.82
N THR H 158 -14.88 30.98 -44.02
CA THR H 158 -16.11 30.59 -43.36
C THR H 158 -15.85 29.81 -42.06
N TYR H 159 -16.38 30.32 -40.95
CA TYR H 159 -16.16 29.69 -39.65
C TYR H 159 -17.40 28.93 -39.15
N THR H 160 -17.17 27.77 -38.53
CA THR H 160 -18.19 27.16 -37.71
C THR H 160 -17.78 27.36 -36.26
N PHE H 161 -18.34 28.39 -35.63
CA PHE H 161 -18.06 28.79 -34.24
C PHE H 161 -18.94 28.12 -33.19
N SER H 162 -20.19 27.88 -33.56
CA SER H 162 -21.31 27.72 -32.62
C SER H 162 -21.16 26.60 -31.60
N THR H 163 -20.60 25.47 -32.01
CA THR H 163 -20.45 24.35 -31.07
C THR H 163 -19.48 24.75 -29.97
N ALA H 164 -18.32 25.27 -30.36
CA ALA H 164 -17.28 25.66 -29.41
C ALA H 164 -17.74 26.86 -28.62
N ASP H 165 -18.43 27.81 -29.28
CA ASP H 165 -19.00 28.95 -28.58
C ASP H 165 -19.88 28.47 -27.40
N ARG H 166 -20.76 27.50 -27.66
CA ARG H 166 -21.61 26.93 -26.60
C ARG H 166 -20.82 26.19 -25.50
N MET H 167 -19.79 25.44 -25.90
CA MET H 167 -18.91 24.76 -24.96
C MET H 167 -18.15 25.75 -24.06
N VAL H 168 -17.51 26.74 -24.68
CA VAL H 168 -16.79 27.80 -23.94
C VAL H 168 -17.68 28.54 -22.93
N ASN H 169 -18.83 29.02 -23.39
CA ASN H 169 -19.71 29.76 -22.49
C ASN H 169 -20.28 28.88 -21.36
N ALA H 170 -20.56 27.63 -21.67
CA ALA H 170 -21.00 26.68 -20.63
C ALA H 170 -19.96 26.55 -19.53
N ALA H 171 -18.69 26.45 -19.93
CA ALA H 171 -17.60 26.28 -18.97
C ALA H 171 -17.41 27.52 -18.11
N ILE H 172 -17.37 28.68 -18.77
CA ILE H 172 -17.26 29.98 -18.09
C ILE H 172 -18.40 30.15 -17.11
N ALA H 173 -19.60 29.72 -17.50
CA ALA H 173 -20.76 29.79 -16.62
C ALA H 173 -20.57 29.02 -15.30
N GLU H 174 -19.73 27.98 -15.32
CA GLU H 174 -19.41 27.18 -14.13
C GLU H 174 -18.13 27.66 -13.44
N GLY H 175 -17.60 28.78 -13.91
CA GLY H 175 -16.39 29.37 -13.34
C GLY H 175 -15.13 28.67 -13.80
N LEU H 176 -15.27 27.76 -14.74
CA LEU H 176 -14.12 27.02 -15.27
C LEU H 176 -13.39 27.87 -16.26
N LYS H 177 -12.11 27.58 -16.46
CA LYS H 177 -11.34 28.28 -17.48
C LYS H 177 -11.30 27.40 -18.72
N ILE H 178 -10.75 27.97 -19.79
CA ILE H 178 -10.68 27.30 -21.08
C ILE H 178 -9.27 27.38 -21.64
N HIS H 179 -8.74 26.26 -22.09
CA HIS H 179 -7.53 26.23 -22.90
C HIS H 179 -7.88 25.83 -24.34
N GLY H 180 -7.69 26.76 -25.27
CA GLY H 180 -8.00 26.55 -26.69
C GLY H 180 -7.00 25.68 -27.46
N HIS H 181 -7.48 24.69 -28.18
CA HIS H 181 -6.64 23.72 -28.88
C HIS H 181 -7.25 23.36 -30.24
N THR H 182 -6.57 23.61 -31.37
CA THR H 182 -5.40 24.47 -31.52
C THR H 182 -5.45 25.15 -32.91
N LEU H 183 -4.71 26.24 -33.09
CA LEU H 183 -4.84 27.02 -34.33
C LEU H 183 -4.10 26.47 -35.56
N LEU H 184 -2.82 26.11 -35.40
CA LEU H 184 -2.00 25.66 -36.53
C LEU H 184 -1.55 24.22 -36.37
N TRP H 185 -1.75 23.43 -37.42
CA TRP H 185 -1.45 22.02 -37.36
C TRP H 185 -1.23 21.43 -38.75
N HIS H 186 -0.60 20.25 -38.80
CA HIS H 186 -0.37 19.54 -40.05
C HIS H 186 -1.43 18.48 -40.29
N GLN H 187 -2.40 18.40 -39.38
CA GLN H 187 -3.47 17.42 -39.50
C GLN H 187 -4.78 17.93 -38.91
N GLN H 188 -5.88 17.25 -39.25
CA GLN H 188 -7.21 17.69 -38.85
C GLN H 188 -7.43 19.15 -39.21
N ILE H 189 -7.08 19.46 -40.45
CA ILE H 189 -7.26 20.79 -41.03
C ILE H 189 -8.22 20.72 -42.22
N PRO H 190 -8.96 21.81 -42.47
CA PRO H 190 -9.87 21.77 -43.62
C PRO H 190 -9.06 21.84 -44.91
N PRO H 191 -9.59 21.25 -46.01
CA PRO H 191 -8.86 21.18 -47.28
C PRO H 191 -8.28 22.50 -47.76
N TRP H 192 -8.89 23.63 -47.41
CA TRP H 192 -8.34 24.92 -47.83
C TRP H 192 -7.02 25.25 -47.15
N GLN H 193 -6.87 24.82 -45.90
CA GLN H 193 -5.60 25.01 -45.21
C GLN H 193 -4.55 24.07 -45.79
N ARG H 194 -5.01 22.89 -46.21
CA ARG H 194 -4.15 21.93 -46.87
C ARG H 194 -3.60 22.46 -48.20
N SER H 195 -4.43 23.18 -48.95
CA SER H 195 -4.05 23.65 -50.29
C SER H 195 -3.12 24.85 -50.17
N MET H 196 -2.99 25.39 -48.97
CA MET H 196 -2.09 26.50 -48.72
C MET H 196 -0.61 26.10 -48.83
N GLU H 197 -0.35 24.79 -48.88
CA GLU H 197 1.02 24.29 -48.92
C GLU H 197 1.72 24.62 -50.24
N SER H 198 0.92 24.90 -51.27
CA SER H 198 1.44 25.30 -52.58
C SER H 198 1.47 26.81 -52.73
N ALA H 199 1.05 27.52 -51.69
CA ALA H 199 1.02 28.99 -51.74
C ALA H 199 2.42 29.57 -51.71
N ALA H 200 2.56 30.78 -52.23
CA ALA H 200 3.85 31.48 -52.24
C ALA H 200 3.88 32.50 -51.11
N LYS H 201 5.06 32.68 -50.51
CA LYS H 201 5.18 33.04 -49.09
C LYS H 201 4.24 34.10 -48.50
N ASP H 202 4.36 35.36 -48.91
CA ASP H 202 3.64 36.45 -48.24
C ASP H 202 2.12 36.30 -48.27
N ALA H 203 1.61 35.60 -49.30
CA ALA H 203 0.18 35.33 -49.37
C ALA H 203 -0.23 34.38 -48.25
N ALA H 204 0.60 33.37 -48.00
CA ALA H 204 0.31 32.39 -46.95
C ALA H 204 0.38 33.07 -45.59
N LEU H 205 1.40 33.90 -45.41
CA LEU H 205 1.51 34.80 -44.28
C LEU H 205 0.19 35.52 -44.03
N SER H 206 -0.21 36.31 -45.01
CA SER H 206 -1.42 37.12 -44.91
C SER H 206 -2.63 36.29 -44.47
N VAL H 207 -2.81 35.13 -45.12
CA VAL H 207 -3.88 34.19 -44.78
C VAL H 207 -3.74 33.70 -43.35
N MET H 208 -2.51 33.34 -42.98
CA MET H 208 -2.23 32.83 -41.64
C MET H 208 -2.55 33.89 -40.58
N LYS H 209 -2.16 35.13 -40.86
CA LYS H 209 -2.38 36.22 -39.93
C LYS H 209 -3.86 36.52 -39.78
N LYS H 210 -4.62 36.34 -40.86
CA LYS H 210 -6.04 36.63 -40.84
C LYS H 210 -6.82 35.54 -40.07
N TYR H 211 -6.49 34.27 -40.33
CA TYR H 211 -7.12 33.14 -39.64
C TYR H 211 -6.96 33.26 -38.13
N ILE H 212 -5.71 33.34 -37.68
CA ILE H 212 -5.40 33.43 -36.26
C ILE H 212 -6.10 34.62 -35.62
N THR H 213 -6.00 35.78 -36.28
CA THR H 213 -6.65 37.00 -35.78
C THR H 213 -8.14 36.81 -35.53
N GLU H 214 -8.83 36.31 -36.55
CA GLU H 214 -10.29 36.23 -36.54
C GLU H 214 -10.83 35.19 -35.57
N VAL H 215 -10.17 34.03 -35.48
CA VAL H 215 -10.57 33.05 -34.49
C VAL H 215 -10.44 33.62 -33.08
N MET H 216 -9.27 34.17 -32.79
CA MET H 216 -8.96 34.66 -31.43
C MET H 216 -9.75 35.91 -31.07
N THR H 217 -10.18 36.66 -32.08
CA THR H 217 -11.02 37.83 -31.85
C THR H 217 -12.40 37.40 -31.33
N HIS H 218 -12.92 36.34 -31.93
CA HIS H 218 -14.26 35.84 -31.60
C HIS H 218 -14.33 35.31 -30.17
N TYR H 219 -13.23 34.70 -29.75
CA TYR H 219 -13.09 34.17 -28.39
C TYR H 219 -12.39 35.12 -27.40
N LYS H 220 -12.17 36.36 -27.82
CA LYS H 220 -11.41 37.34 -27.05
C LYS H 220 -11.82 37.50 -25.58
N GLY H 221 -10.84 37.38 -24.67
CA GLY H 221 -11.11 37.49 -23.26
C GLY H 221 -11.61 36.20 -22.60
N LYS H 222 -12.03 35.22 -23.40
CA LYS H 222 -12.64 34.01 -22.86
C LYS H 222 -11.66 32.84 -22.72
N ILE H 223 -10.42 33.03 -23.15
CA ILE H 223 -9.49 31.91 -23.17
C ILE H 223 -8.26 32.17 -22.30
N TYR H 224 -8.06 31.32 -21.29
CA TYR H 224 -6.91 31.48 -20.39
C TYR H 224 -5.63 31.30 -21.16
N SER H 225 -5.56 30.23 -21.95
CA SER H 225 -4.37 29.93 -22.74
C SER H 225 -4.73 29.26 -24.07
N TRP H 226 -3.85 29.44 -25.06
CA TRP H 226 -4.07 28.98 -26.43
C TRP H 226 -2.87 28.17 -26.91
N ASP H 227 -3.11 27.02 -27.53
CA ASP H 227 -2.03 26.38 -28.30
C ASP H 227 -2.13 26.93 -29.72
N VAL H 228 -1.18 27.79 -30.08
CA VAL H 228 -1.15 28.42 -31.39
C VAL H 228 -0.62 27.45 -32.43
N LEU H 229 0.50 26.82 -32.08
CA LEU H 229 1.12 25.80 -32.92
C LEU H 229 1.19 24.46 -32.18
N ASN H 230 0.85 23.39 -32.90
CA ASN H 230 0.88 22.04 -32.36
C ASN H 230 1.75 21.11 -33.18
N GLU H 231 2.67 20.40 -32.51
CA GLU H 231 3.38 19.27 -33.10
C GLU H 231 4.15 19.64 -34.38
N ILE H 232 5.02 20.65 -34.30
CA ILE H 232 5.76 21.09 -35.50
C ILE H 232 7.02 20.26 -35.82
N PHE H 233 7.53 19.52 -34.83
CA PHE H 233 8.67 18.63 -35.06
C PHE H 233 8.25 17.17 -35.09
N PRO H 234 8.60 16.44 -36.18
CA PRO H 234 8.29 15.02 -36.35
C PRO H 234 9.07 14.11 -35.46
N ASP H 235 10.26 14.55 -35.04
CA ASP H 235 11.14 13.75 -34.17
C ASP H 235 12.26 14.66 -33.69
N GLY H 236 13.21 14.11 -32.92
CA GLY H 236 14.30 14.92 -32.39
C GLY H 236 15.58 14.90 -33.22
N ARG H 237 15.45 14.59 -34.51
CA ARG H 237 16.61 14.30 -35.37
C ARG H 237 17.33 15.49 -36.01
N GLY H 238 16.72 16.68 -36.00
CA GLY H 238 17.32 17.83 -36.64
C GLY H 238 18.37 18.58 -35.84
N ASP H 239 19.40 19.08 -36.52
CA ASP H 239 20.47 19.86 -35.88
C ASP H 239 20.14 21.36 -35.86
N ASN H 240 19.09 21.73 -36.59
CA ASN H 240 18.55 23.07 -36.52
C ASN H 240 17.04 23.08 -36.68
N TRP H 241 16.37 23.93 -35.91
CA TRP H 241 14.91 23.90 -35.85
C TRP H 241 14.23 24.55 -37.04
N THR H 242 14.93 25.47 -37.71
CA THR H 242 14.40 26.09 -38.92
C THR H 242 14.29 25.05 -40.02
N THR H 243 15.14 24.04 -39.94
CA THR H 243 14.97 22.83 -40.73
C THR H 243 14.37 21.76 -39.82
N ALA H 244 14.16 20.56 -40.35
CA ALA H 244 13.60 19.44 -39.57
C ALA H 244 12.14 19.60 -39.09
N MET H 245 11.55 20.76 -39.31
CA MET H 245 10.12 20.95 -39.08
C MET H 245 9.29 20.14 -40.07
N ARG H 246 8.04 19.83 -39.73
CA ARG H 246 7.19 19.02 -40.61
C ARG H 246 6.85 19.74 -41.92
N PRO H 247 7.29 19.14 -43.05
CA PRO H 247 6.94 19.68 -44.38
C PRO H 247 5.44 19.57 -44.59
N GLU H 248 4.82 18.60 -43.93
CA GLU H 248 3.38 18.40 -44.07
C GLU H 248 2.57 19.43 -43.30
N ASN H 249 3.23 20.26 -42.51
CA ASN H 249 2.56 21.45 -42.02
C ASN H 249 2.53 22.47 -43.14
N PRO H 250 1.32 22.84 -43.61
CA PRO H 250 1.14 23.70 -44.80
C PRO H 250 1.72 25.11 -44.62
N TRP H 251 1.70 25.62 -43.39
CA TRP H 251 2.24 26.93 -43.11
C TRP H 251 3.75 26.91 -43.20
N PHE H 252 4.36 25.82 -42.74
CA PHE H 252 5.81 25.71 -42.81
C PHE H 252 6.24 25.49 -44.24
N LYS H 253 5.40 24.83 -45.00
CA LYS H 253 5.72 24.49 -46.37
C LYS H 253 5.90 25.78 -47.14
N SER H 254 4.86 26.60 -47.16
CA SER H 254 4.86 27.82 -47.93
C SER H 254 5.83 28.86 -47.35
N ILE H 255 5.66 29.17 -46.07
CA ILE H 255 6.33 30.32 -45.45
C ILE H 255 7.78 30.07 -45.00
N GLY H 256 8.08 28.85 -44.59
CA GLY H 256 9.35 28.57 -43.94
C GLY H 256 9.26 28.98 -42.48
N SER H 257 10.38 29.01 -41.78
CA SER H 257 10.36 29.09 -40.32
C SER H 257 10.08 30.49 -39.78
N ASP H 258 9.91 31.47 -40.68
CA ASP H 258 9.47 32.79 -40.25
C ASP H 258 8.05 32.71 -39.69
N PHE H 259 7.34 31.66 -40.09
CA PHE H 259 5.92 31.54 -39.80
C PHE H 259 5.64 31.48 -38.31
N VAL H 260 6.55 30.89 -37.54
CA VAL H 260 6.37 30.72 -36.10
C VAL H 260 6.30 32.07 -35.39
N TYR H 261 7.27 32.93 -35.67
CA TYR H 261 7.29 34.27 -35.07
C TYR H 261 6.05 35.08 -35.47
N GLU H 262 5.68 35.02 -36.73
CA GLU H 262 4.56 35.80 -37.23
C GLU H 262 3.22 35.39 -36.60
N ALA H 263 3.02 34.09 -36.41
CA ALA H 263 1.79 33.57 -35.78
C ALA H 263 1.65 34.05 -34.36
N TYR H 264 2.69 33.86 -33.57
CA TYR H 264 2.61 34.22 -32.16
C TYR H 264 2.40 35.73 -32.00
N LEU H 265 3.08 36.50 -32.83
CA LEU H 265 2.91 37.95 -32.81
C LEU H 265 1.46 38.34 -33.09
N ALA H 266 0.89 37.71 -34.11
CA ALA H 266 -0.51 37.96 -34.48
C ALA H 266 -1.46 37.57 -33.34
N ALA H 267 -1.19 36.44 -32.71
CA ALA H 267 -2.00 35.99 -31.58
C ALA H 267 -1.97 37.01 -30.44
N ARG H 268 -0.78 37.55 -30.15
CA ARG H 268 -0.60 38.56 -29.10
C ARG H 268 -1.46 39.80 -29.36
N GLN H 269 -1.54 40.18 -30.63
CA GLN H 269 -2.37 41.31 -31.07
C GLN H 269 -3.86 41.02 -30.85
N ALA H 270 -4.31 39.87 -31.36
CA ALA H 270 -5.70 39.45 -31.26
C ALA H 270 -6.20 39.35 -29.82
N ASP H 271 -5.52 38.54 -29.01
CA ASP H 271 -5.93 38.37 -27.61
C ASP H 271 -4.76 38.40 -26.63
N PRO H 272 -4.36 39.62 -26.23
CA PRO H 272 -3.31 39.82 -25.22
C PRO H 272 -3.67 39.21 -23.87
N ASN H 273 -4.94 38.90 -23.64
CA ASN H 273 -5.35 38.25 -22.40
C ASN H 273 -4.93 36.78 -22.37
N ALA H 274 -4.78 36.18 -23.56
CA ALA H 274 -4.48 34.77 -23.64
C ALA H 274 -3.00 34.51 -23.43
N ILE H 275 -2.69 33.46 -22.68
CA ILE H 275 -1.31 33.00 -22.55
C ILE H 275 -0.99 32.10 -23.73
N LEU H 276 0.13 32.37 -24.39
CA LEU H 276 0.45 31.69 -25.64
C LEU H 276 1.39 30.49 -25.42
N TYR H 277 0.95 29.33 -25.90
CA TYR H 277 1.69 28.09 -25.72
C TYR H 277 2.09 27.49 -27.06
N TYR H 278 3.18 26.71 -27.02
CA TYR H 278 3.48 25.73 -28.05
C TYR H 278 3.29 24.36 -27.42
N ASN H 279 2.69 23.43 -28.15
CA ASN H 279 2.31 22.12 -27.61
C ASN H 279 2.87 20.96 -28.45
N ASP H 280 3.45 19.94 -27.80
CA ASP H 280 4.01 18.79 -28.51
C ASP H 280 4.13 17.59 -27.58
N TYR H 281 4.25 16.39 -28.17
CA TYR H 281 4.51 15.17 -27.41
C TYR H 281 5.95 14.73 -27.55
N ASN H 282 6.27 13.63 -26.87
CA ASN H 282 7.60 13.05 -26.83
C ASN H 282 8.70 14.03 -26.43
N MET H 283 8.34 15.01 -25.61
CA MET H 283 9.30 16.00 -25.12
C MET H 283 10.26 15.41 -24.08
N ASP H 284 9.96 14.21 -23.60
CA ASP H 284 10.88 13.45 -22.75
C ASP H 284 12.09 12.93 -23.55
N GLN H 285 12.03 13.06 -24.86
CA GLN H 285 13.19 12.72 -25.68
C GLN H 285 14.04 13.96 -25.85
N ALA H 286 15.26 13.90 -25.29
CA ALA H 286 16.16 15.05 -25.24
C ALA H 286 16.36 15.72 -26.59
N GLY H 287 16.50 14.90 -27.64
CA GLY H 287 16.72 15.42 -28.98
C GLY H 287 15.58 16.33 -29.44
N LYS H 288 14.35 15.91 -29.16
CA LYS H 288 13.20 16.67 -29.62
C LYS H 288 13.08 17.93 -28.79
N ALA H 289 13.28 17.79 -27.48
CA ALA H 289 13.19 18.90 -26.55
C ALA H 289 14.21 20.01 -26.88
N ALA H 290 15.40 19.61 -27.31
CA ALA H 290 16.43 20.59 -27.65
C ALA H 290 15.99 21.48 -28.82
N LEU H 291 15.49 20.86 -29.88
CA LEU H 291 14.88 21.57 -31.01
C LEU H 291 13.83 22.57 -30.55
N ILE H 292 13.03 22.16 -29.56
CA ILE H 292 11.93 23.00 -29.05
C ILE H 292 12.47 24.20 -28.28
N ALA H 293 13.40 23.94 -27.36
CA ALA H 293 14.08 25.03 -26.66
C ALA H 293 14.70 26.04 -27.63
N ALA H 294 15.38 25.53 -28.67
CA ALA H 294 15.98 26.40 -29.68
C ALA H 294 14.95 27.36 -30.28
N MET H 295 13.88 26.80 -30.84
CA MET H 295 12.80 27.59 -31.44
C MET H 295 12.25 28.64 -30.49
N VAL H 296 11.95 28.20 -29.27
CA VAL H 296 11.35 29.09 -28.27
C VAL H 296 12.27 30.26 -27.91
N ARG H 297 13.55 29.96 -27.72
CA ARG H 297 14.51 31.00 -27.39
C ARG H 297 14.69 31.97 -28.56
N ASP H 298 15.02 31.44 -29.74
CA ASP H 298 15.15 32.26 -30.96
C ASP H 298 13.94 33.16 -31.21
N VAL H 299 12.74 32.60 -31.02
CA VAL H 299 11.51 33.38 -31.17
C VAL H 299 11.46 34.50 -30.14
N ASN H 300 11.62 34.13 -28.88
CA ASN H 300 11.56 35.10 -27.80
C ASN H 300 12.71 36.11 -27.85
N ALA H 301 13.85 35.68 -28.38
CA ALA H 301 14.99 36.60 -28.57
C ALA H 301 14.63 37.64 -29.61
N LYS H 302 14.12 37.16 -30.75
CA LYS H 302 13.70 38.01 -31.87
C LYS H 302 12.55 38.93 -31.49
N TYR H 303 11.70 38.48 -30.56
CA TYR H 303 10.60 39.30 -30.09
C TYR H 303 11.10 40.32 -29.09
N LYS H 304 12.20 40.00 -28.42
CA LYS H 304 12.80 40.91 -27.46
C LYS H 304 13.43 42.10 -28.18
N GLN H 305 14.11 41.86 -29.29
CA GLN H 305 14.72 42.93 -30.05
C GLN H 305 13.59 43.77 -30.61
N ALA H 306 12.58 43.08 -31.11
CA ALA H 306 11.44 43.73 -31.74
C ALA H 306 10.76 44.72 -30.81
N TYR H 307 10.50 44.30 -29.57
CA TYR H 307 9.74 45.11 -28.61
C TYR H 307 10.34 45.08 -27.19
N PRO H 308 11.52 45.75 -27.01
CA PRO H 308 12.33 45.65 -25.77
C PRO H 308 11.57 46.13 -24.52
N ARG H 309 10.51 46.90 -24.67
CA ARG H 309 9.74 47.33 -23.52
C ARG H 309 8.66 46.34 -23.06
N GLU H 310 8.63 45.17 -23.68
CA GLU H 310 7.73 44.09 -23.30
C GLU H 310 8.17 43.30 -22.06
N THR H 311 7.30 43.20 -21.06
CA THR H 311 7.53 42.30 -19.94
C THR H 311 7.33 40.85 -20.30
N ARG H 312 6.59 40.63 -21.37
CA ARG H 312 6.15 39.29 -21.75
C ARG H 312 6.99 38.61 -22.82
N LEU H 313 7.11 37.30 -22.69
CA LEU H 313 7.63 36.47 -23.78
C LEU H 313 6.62 36.47 -24.92
N LEU H 314 7.07 36.09 -26.11
CA LEU H 314 6.16 35.88 -27.23
C LEU H 314 5.51 34.52 -27.03
N ILE H 315 6.33 33.49 -27.01
CA ILE H 315 5.84 32.18 -26.61
C ILE H 315 5.99 32.13 -25.10
N GLU H 316 4.86 32.19 -24.40
CA GLU H 316 4.84 32.24 -22.95
C GLU H 316 4.84 30.87 -22.29
N GLY H 317 4.48 29.82 -23.03
CA GLY H 317 4.47 28.52 -22.41
C GLY H 317 4.73 27.32 -23.30
N ILE H 318 5.25 26.27 -22.68
CA ILE H 318 5.43 25.00 -23.35
C ILE H 318 4.52 23.95 -22.72
N GLY H 319 3.47 23.54 -23.44
CA GLY H 319 2.70 22.38 -23.05
C GLY H 319 3.39 21.06 -23.35
N MET H 320 3.65 20.25 -22.33
CA MET H 320 4.19 18.93 -22.62
C MET H 320 2.99 18.00 -22.62
N GLN H 321 2.60 17.51 -23.81
CA GLN H 321 1.42 16.64 -23.94
C GLN H 321 1.52 15.51 -22.92
N SER H 322 2.71 14.92 -22.80
CA SER H 322 2.93 13.80 -21.90
C SER H 322 2.04 12.60 -22.16
N HIS H 323 2.07 12.09 -23.37
CA HIS H 323 1.40 10.83 -23.58
C HIS H 323 2.49 9.81 -23.35
N HIS H 324 2.44 9.23 -22.14
CA HIS H 324 3.54 8.46 -21.63
C HIS H 324 3.07 7.04 -21.56
N ASN H 325 3.96 6.17 -21.08
CA ASN H 325 3.71 4.75 -21.01
C ASN H 325 4.69 4.16 -20.00
N MET H 326 4.64 2.84 -19.83
CA MET H 326 5.46 2.12 -18.84
C MET H 326 6.96 2.32 -19.01
N ASP H 327 7.38 2.64 -20.22
CA ASP H 327 8.81 2.70 -20.50
C ASP H 327 9.39 4.09 -20.43
N VAL H 328 8.56 5.06 -20.06
CA VAL H 328 9.04 6.43 -20.01
C VAL H 328 9.55 6.71 -18.61
N PRO H 329 10.87 6.95 -18.49
CA PRO H 329 11.46 7.23 -17.17
C PRO H 329 11.20 8.67 -16.74
N ALA H 330 11.02 8.87 -15.44
CA ALA H 330 10.80 10.19 -14.87
C ALA H 330 12.03 11.08 -15.06
N SER H 331 13.22 10.46 -15.01
CA SER H 331 14.48 11.18 -15.17
C SER H 331 14.54 11.93 -16.50
N ASN H 332 13.99 11.33 -17.56
CA ASN H 332 13.96 12.01 -18.84
C ASN H 332 13.06 13.27 -18.80
N ILE H 333 11.90 13.14 -18.16
CA ILE H 333 10.99 14.27 -17.97
C ILE H 333 11.67 15.38 -17.17
N ARG H 334 12.39 15.01 -16.11
CA ARG H 334 13.13 15.96 -15.30
C ARG H 334 14.18 16.74 -16.11
N ASN H 335 14.87 16.04 -16.99
CA ASN H 335 15.92 16.70 -17.79
C ASN H 335 15.33 17.73 -18.73
N THR H 336 14.17 17.40 -19.29
CA THR H 336 13.43 18.35 -20.13
C THR H 336 12.94 19.55 -19.33
N ILE H 337 12.34 19.34 -18.16
CA ILE H 337 11.89 20.46 -17.32
C ILE H 337 13.04 21.43 -16.95
N ASN H 338 14.20 20.88 -16.62
CA ASN H 338 15.35 21.72 -16.31
C ASN H 338 15.77 22.54 -17.55
N ARG H 339 15.72 21.90 -18.71
CA ARG H 339 15.97 22.58 -19.97
C ARG H 339 14.98 23.74 -20.13
N TYR H 340 13.69 23.43 -19.99
CA TYR H 340 12.66 24.42 -20.21
C TYR H 340 12.70 25.53 -19.17
N ARG H 341 13.15 25.17 -17.96
CA ARG H 341 13.29 26.15 -16.88
C ARG H 341 14.25 27.30 -17.24
N GLU H 342 15.28 27.00 -18.03
CA GLU H 342 16.22 28.01 -18.52
C GLU H 342 15.56 29.10 -19.38
N LEU H 343 14.57 28.70 -20.17
CA LEU H 343 13.88 29.62 -21.08
C LEU H 343 13.04 30.65 -20.31
N GLY H 344 12.72 30.33 -19.05
CA GLY H 344 11.85 31.18 -18.24
C GLY H 344 10.39 31.11 -18.66
N VAL H 345 10.04 30.14 -19.49
CA VAL H 345 8.65 29.97 -19.96
C VAL H 345 7.76 29.33 -18.90
N LYS H 346 6.47 29.55 -19.02
CA LYS H 346 5.53 28.80 -18.20
C LYS H 346 5.49 27.37 -18.74
N ILE H 347 5.12 26.42 -17.88
CA ILE H 347 4.99 25.02 -18.29
C ILE H 347 3.62 24.44 -17.90
N SER H 348 3.01 23.70 -18.83
CA SER H 348 1.82 22.90 -18.53
C SER H 348 2.10 21.46 -18.88
N VAL H 349 1.56 20.54 -18.07
CA VAL H 349 1.42 19.16 -18.54
C VAL H 349 0.02 19.21 -19.15
N SER H 350 -0.05 19.19 -20.48
CA SER H 350 -1.30 19.42 -21.20
C SER H 350 -2.23 18.22 -21.44
N GLU H 351 -1.66 17.09 -21.77
CA GLU H 351 -2.41 15.99 -22.34
C GLU H 351 -2.08 14.67 -21.66
N LEU H 352 -1.64 14.76 -20.40
CA LEU H 352 -1.14 13.61 -19.67
C LEU H 352 -2.06 12.37 -19.69
N ASP H 353 -1.47 11.26 -20.10
CA ASP H 353 -2.05 9.96 -19.84
C ASP H 353 -0.88 8.97 -19.78
N ILE H 354 -1.10 7.79 -19.24
CA ILE H 354 -0.03 6.79 -19.17
C ILE H 354 -0.57 5.44 -19.57
N LEU H 355 -0.08 4.91 -20.70
CA LEU H 355 -0.47 3.57 -21.10
C LEU H 355 -0.05 2.56 -20.02
N CYS H 356 -0.89 1.57 -19.79
CA CYS H 356 -0.62 0.51 -18.84
C CYS H 356 0.49 -0.43 -19.31
N MET H 357 1.02 -0.19 -20.50
CA MET H 357 2.00 -1.07 -21.11
C MET H 357 2.98 -0.25 -21.93
N GLY H 358 3.88 -0.91 -22.65
CA GLY H 358 4.77 -0.21 -23.56
C GLY H 358 4.06 0.23 -24.83
N TRP H 359 4.66 1.14 -25.59
CA TRP H 359 4.07 1.58 -26.86
C TRP H 359 3.82 0.44 -27.87
N SER H 360 4.79 -0.46 -27.98
CA SER H 360 4.74 -1.51 -29.00
C SER H 360 3.62 -2.50 -28.71
N ALA H 361 3.55 -2.95 -27.45
CA ALA H 361 2.47 -3.82 -26.99
C ALA H 361 1.07 -3.21 -27.21
N PHE H 362 0.93 -1.91 -26.98
CA PHE H 362 -0.33 -1.19 -27.24
C PHE H 362 -0.65 -1.13 -28.73
N ARG H 363 0.32 -0.70 -29.52
CA ARG H 363 0.10 -0.54 -30.95
C ARG H 363 -0.15 -1.92 -31.55
N GLY H 364 0.57 -2.91 -31.01
CA GLY H 364 0.44 -4.28 -31.46
C GLY H 364 -0.86 -4.96 -31.05
N SER H 365 -1.56 -4.44 -30.03
CA SER H 365 -2.78 -5.13 -29.63
C SER H 365 -4.07 -4.43 -30.11
N THR H 366 -4.48 -3.38 -29.39
CA THR H 366 -5.69 -2.67 -29.78
C THR H 366 -5.44 -1.59 -30.85
N GLY H 367 -4.25 -1.00 -30.80
CA GLY H 367 -4.04 0.23 -31.55
C GLY H 367 -4.84 1.35 -30.92
N GLN H 368 -4.88 2.49 -31.59
CA GLN H 368 -5.56 3.66 -31.05
C GLN H 368 -7.07 3.61 -31.29
N GLY H 369 -7.82 4.10 -30.32
CA GLY H 369 -9.22 4.44 -30.53
C GLY H 369 -9.94 4.40 -29.21
N ALA H 370 -11.11 5.03 -29.18
CA ALA H 370 -11.97 5.00 -28.01
C ALA H 370 -12.72 3.68 -27.90
N ASP H 371 -13.16 3.33 -26.71
CA ASP H 371 -14.09 2.24 -26.55
C ASP H 371 -13.45 0.89 -26.94
N LYS H 372 -12.13 0.85 -26.88
CA LYS H 372 -11.35 -0.39 -26.99
C LYS H 372 -10.82 -0.95 -25.66
N ASP H 373 -11.19 -0.35 -24.54
CA ASP H 373 -10.77 -0.87 -23.21
C ASP H 373 -11.12 -2.34 -22.95
N ASP H 374 -12.18 -2.87 -23.56
CA ASP H 374 -12.55 -4.25 -23.30
C ASP H 374 -11.74 -5.21 -24.17
N MET H 375 -10.83 -4.64 -24.95
CA MET H 375 -9.81 -5.41 -25.68
C MET H 375 -8.40 -5.35 -25.08
N THR H 376 -8.27 -4.76 -23.89
CA THR H 376 -6.94 -4.47 -23.37
C THR H 376 -6.19 -5.73 -22.97
N ILE H 377 -4.89 -5.72 -23.24
CA ILE H 377 -4.01 -6.77 -22.77
C ILE H 377 -3.29 -6.43 -21.47
N ALA H 378 -3.69 -5.32 -20.84
CA ALA H 378 -3.16 -4.97 -19.51
C ALA H 378 -3.27 -6.14 -18.53
N THR H 379 -2.23 -6.35 -17.72
CA THR H 379 -2.29 -7.33 -16.65
C THR H 379 -2.61 -6.65 -15.32
N ASN H 380 -2.79 -7.44 -14.28
CA ASN H 380 -3.05 -6.88 -12.97
C ASN H 380 -1.84 -6.09 -12.47
N ARG H 381 -0.64 -6.57 -12.75
CA ARG H 381 0.58 -5.87 -12.34
C ARG H 381 0.69 -4.54 -13.06
N ASN H 382 0.30 -4.50 -14.34
CA ASN H 382 0.38 -3.25 -15.11
C ASN H 382 -0.46 -2.15 -14.44
N ILE H 383 -1.64 -2.52 -13.93
CA ILE H 383 -2.55 -1.54 -13.36
C ILE H 383 -1.95 -0.88 -12.14
N LEU H 384 -1.30 -1.67 -11.30
CA LEU H 384 -0.61 -1.08 -10.16
C LEU H 384 0.67 -0.35 -10.54
N ASP H 385 1.38 -0.87 -11.56
CA ASP H 385 2.56 -0.16 -12.02
C ASP H 385 2.14 1.19 -12.57
N GLN H 386 0.97 1.23 -13.19
CA GLN H 386 0.48 2.51 -13.74
C GLN H 386 0.31 3.52 -12.60
N ALA H 387 -0.25 3.04 -11.48
CA ALA H 387 -0.52 3.90 -10.36
C ALA H 387 0.79 4.42 -9.75
N TYR H 388 1.78 3.54 -9.66
CA TYR H 388 3.10 3.96 -9.22
C TYR H 388 3.64 5.06 -10.13
N LYS H 389 3.44 4.91 -11.44
CA LYS H 389 3.95 5.91 -12.38
C LYS H 389 3.26 7.25 -12.27
N PHE H 390 1.95 7.27 -12.04
CA PHE H 390 1.25 8.54 -11.90
C PHE H 390 1.76 9.27 -10.67
N ASN H 391 1.91 8.54 -9.59
CA ASN H 391 2.45 9.11 -8.37
C ASN H 391 3.87 9.71 -8.56
N GLU H 392 4.74 8.98 -9.24
CA GLU H 392 6.14 9.39 -9.49
C GLU H 392 6.20 10.68 -10.34
N TYR H 393 5.40 10.71 -11.41
CA TYR H 393 5.34 11.88 -12.28
C TYR H 393 4.79 13.07 -11.52
N MET H 394 3.75 12.81 -10.74
CA MET H 394 3.08 13.91 -10.03
C MET H 394 4.01 14.52 -8.99
N LYS H 395 4.80 13.70 -8.31
CA LYS H 395 5.80 14.25 -7.38
C LYS H 395 6.81 15.16 -8.08
N LEU H 396 7.30 14.73 -9.23
CA LEU H 396 8.18 15.58 -10.04
C LEU H 396 7.51 16.91 -10.45
N TYR H 397 6.25 16.86 -10.90
CA TYR H 397 5.54 18.08 -11.28
C TYR H 397 5.41 19.02 -10.08
N LEU H 398 5.04 18.46 -8.94
CA LEU H 398 4.93 19.21 -7.69
C LEU H 398 6.25 19.91 -7.32
N GLU H 399 7.36 19.19 -7.39
CA GLU H 399 8.67 19.77 -7.06
C GLU H 399 8.96 20.96 -7.98
N ASN H 400 8.41 20.92 -9.20
CA ASN H 400 8.55 21.99 -10.18
C ASN H 400 7.37 22.95 -10.27
N SER H 401 6.47 22.88 -9.27
CA SER H 401 5.23 23.63 -9.27
C SER H 401 5.43 25.14 -9.36
N ASP H 402 6.66 25.60 -9.12
CA ASP H 402 6.94 27.02 -9.31
C ASP H 402 6.70 27.39 -10.78
N ILE H 403 7.25 26.62 -11.72
CA ILE H 403 7.05 26.93 -13.14
C ILE H 403 5.96 26.13 -13.88
N ILE H 404 5.37 25.15 -13.22
CA ILE H 404 4.27 24.39 -13.84
C ILE H 404 2.94 24.96 -13.35
N GLU H 405 2.20 25.61 -14.26
CA GLU H 405 0.93 26.23 -13.90
C GLU H 405 -0.28 25.33 -14.13
N ARG H 406 -0.10 24.26 -14.90
CA ARG H 406 -1.23 23.40 -15.24
C ARG H 406 -0.89 21.92 -15.41
N VAL H 407 -1.65 21.05 -14.76
CA VAL H 407 -1.62 19.63 -15.10
C VAL H 407 -3.01 19.18 -15.56
N SER H 408 -3.11 18.91 -16.86
CA SER H 408 -4.35 18.44 -17.49
C SER H 408 -4.14 17.03 -17.97
N MET H 409 -5.15 16.19 -17.80
CA MET H 409 -5.10 14.82 -18.30
C MET H 409 -6.00 14.72 -19.52
N TRP H 410 -5.74 13.78 -20.42
CA TRP H 410 -6.53 13.80 -21.62
C TRP H 410 -7.65 12.79 -21.44
N GLY H 411 -8.73 13.23 -20.83
CA GLY H 411 -9.82 12.31 -20.50
C GLY H 411 -10.03 11.99 -19.03
N VAL H 412 -11.27 11.62 -18.74
CA VAL H 412 -11.68 11.21 -17.43
C VAL H 412 -11.64 9.68 -17.37
N SER H 413 -12.52 9.03 -18.12
CA SER H 413 -12.70 7.59 -18.07
C SER H 413 -11.98 6.87 -19.21
N ASP H 414 -11.37 5.74 -18.86
CA ASP H 414 -10.62 4.89 -19.78
C ASP H 414 -11.44 4.58 -21.02
N ARG H 415 -12.76 4.42 -20.87
CA ARG H 415 -13.59 3.97 -21.99
C ARG H 415 -13.58 4.95 -23.17
N TYR H 416 -13.56 6.24 -22.84
CA TYR H 416 -13.57 7.32 -23.83
C TYR H 416 -12.21 7.93 -24.14
N SER H 417 -11.16 7.35 -23.56
CA SER H 417 -9.80 7.76 -23.92
C SER H 417 -9.55 7.50 -25.42
N TRP H 418 -8.86 8.41 -26.09
CA TRP H 418 -8.37 8.19 -27.47
C TRP H 418 -7.44 7.00 -27.58
N ARG H 419 -6.85 6.62 -26.46
CA ARG H 419 -6.03 5.42 -26.41
C ARG H 419 -6.50 4.38 -25.39
N SER H 420 -7.83 4.26 -25.30
CA SER H 420 -8.54 3.38 -24.36
C SER H 420 -7.99 1.95 -24.21
N GLY H 421 -7.52 1.38 -25.31
CA GLY H 421 -6.92 0.06 -25.29
C GLY H 421 -5.72 -0.07 -24.35
N GLY H 422 -5.20 1.06 -23.90
CA GLY H 422 -4.13 1.05 -22.90
C GLY H 422 -4.54 1.46 -21.49
N LEU H 423 -5.84 1.63 -21.23
CA LEU H 423 -6.36 1.96 -19.89
C LEU H 423 -5.61 3.13 -19.25
N PRO H 424 -5.44 4.21 -20.00
CA PRO H 424 -4.50 5.29 -19.67
C PRO H 424 -4.79 6.29 -18.56
N LEU H 425 -6.02 6.33 -18.06
CA LEU H 425 -6.50 7.39 -17.18
C LEU H 425 -6.77 7.03 -15.70
N LEU H 426 -7.27 7.99 -14.95
CA LEU H 426 -7.51 7.81 -13.53
C LEU H 426 -8.76 7.01 -13.18
N PHE H 427 -9.72 6.94 -14.12
CA PHE H 427 -11.02 6.31 -13.88
C PHE H 427 -11.30 5.25 -14.92
N ASP H 428 -12.02 4.22 -14.52
CA ASP H 428 -12.26 3.06 -15.39
C ASP H 428 -13.46 3.26 -16.31
N ALA H 429 -13.86 2.18 -17.01
CA ALA H 429 -14.88 2.28 -18.04
C ALA H 429 -16.20 2.66 -17.42
N ASP H 430 -16.31 2.35 -16.13
CA ASP H 430 -17.52 2.62 -15.35
C ASP H 430 -17.54 3.91 -14.54
N ASN H 431 -16.55 4.80 -14.77
CA ASN H 431 -16.37 6.05 -14.00
C ASN H 431 -15.98 5.90 -12.51
N LYS H 432 -15.40 4.74 -12.20
CA LYS H 432 -14.92 4.40 -10.87
C LYS H 432 -13.42 4.69 -10.72
N ALA H 433 -12.96 5.10 -9.54
CA ALA H 433 -11.55 5.45 -9.37
C ALA H 433 -10.65 4.21 -9.38
N LYS H 434 -9.65 4.21 -10.26
CA LYS H 434 -8.63 3.16 -10.34
C LYS H 434 -7.55 3.35 -9.27
N PRO H 435 -6.69 2.34 -9.08
CA PRO H 435 -5.53 2.57 -8.20
C PRO H 435 -4.79 3.86 -8.59
N ALA H 436 -4.73 4.17 -9.88
CA ALA H 436 -4.07 5.38 -10.35
C ALA H 436 -4.61 6.64 -9.68
N TYR H 437 -5.90 6.66 -9.39
CA TYR H 437 -6.51 7.85 -8.80
C TYR H 437 -5.93 8.09 -7.43
N TYR H 438 -5.88 7.04 -6.64
CA TYR H 438 -5.43 7.19 -5.26
C TYR H 438 -3.97 7.59 -5.22
N SER H 439 -3.20 7.03 -6.14
CA SER H 439 -1.76 7.35 -6.24
C SER H 439 -1.49 8.78 -6.73
N PHE H 440 -2.28 9.22 -7.70
CA PHE H 440 -2.24 10.58 -8.22
C PHE H 440 -2.43 11.57 -7.10
N VAL H 441 -3.54 11.43 -6.38
CA VAL H 441 -3.87 12.28 -5.25
C VAL H 441 -2.84 12.23 -4.13
N ARG H 442 -2.32 11.04 -3.85
CA ARG H 442 -1.42 10.79 -2.73
C ARG H 442 -0.05 11.47 -2.91
N ALA H 443 0.29 11.75 -4.16
CA ALA H 443 1.51 12.47 -4.49
C ALA H 443 1.61 13.80 -3.74
N ARG H 444 0.48 14.46 -3.48
CA ARG H 444 0.57 15.73 -2.75
C ARG H 444 1.06 15.49 -1.35
N GLU H 445 0.51 14.47 -0.71
CA GLU H 445 0.91 14.12 0.64
C GLU H 445 2.37 13.67 0.76
N ASP H 446 2.83 12.88 -0.22
CA ASP H 446 4.19 12.35 -0.22
C ASP H 446 5.17 13.48 -0.39
N TYR H 447 4.82 14.39 -1.32
CA TYR H 447 5.61 15.59 -1.59
C TYR H 447 5.73 16.47 -0.35
N GLU H 448 4.58 16.80 0.25
CA GLU H 448 4.59 17.70 1.40
C GLU H 448 5.30 17.13 2.62
N ALA H 449 5.13 15.83 2.85
CA ALA H 449 5.82 15.18 3.96
C ALA H 449 7.34 15.18 3.73
N ALA H 450 7.74 14.95 2.49
CA ALA H 450 9.14 14.95 2.12
C ALA H 450 9.73 16.32 2.38
N LYS H 451 8.98 17.35 1.97
CA LYS H 451 9.41 18.73 2.17
C LYS H 451 9.49 19.10 3.67
N ALA H 452 8.47 18.72 4.43
CA ALA H 452 8.43 19.04 5.87
C ALA H 452 9.56 18.38 6.69
N ALA H 453 10.03 17.20 6.26
CA ALA H 453 11.26 16.72 6.84
C ALA H 453 12.30 17.25 5.87
N LYS H 454 13.06 18.26 6.25
CA LYS H 454 13.44 19.27 5.27
C LYS H 454 14.46 18.75 4.26
#